data_7X2A
#
_entry.id   7X2A
#
loop_
_entity.id
_entity.type
_entity.pdbx_description
1 polymer 'MERS-CoV Spike glycoprotein'
2 polymer 'antibody S41 heavy chain'
3 polymer 'antibody S41 light chain'
#
loop_
_entity_poly.entity_id
_entity_poly.type
_entity_poly.pdbx_seq_one_letter_code
_entity_poly.pdbx_strand_id
1 'polypeptide(L)'
;MIHSVFLLMFLLTPTESYVDVGPDSVKSACIEVDIQQTFFDKTWPRPIDVSKADGIIYPQGRTYSNITITYQGLFPYQGD
HGDMYVYSAGHATGTTPQKLFVANYSQDVKQFANGFVVRIGAAANSTGTVIISPSTSATIRKIYPAFMLGSSVGNFSDGK
MGRFFNHTLVLLPDGCGTLLRAFYCILEPRSGNHCPAGNSYTSFATYHTPATDCSDGNYNRNASLNSFKEYFNLRNCTFM
YTYNITEDEILEWFGITQTAQGVHLFSSRYVDLYGGNMFQFATLPVYDTIKYYSIIPHSIRSIQSDRKAWAAFYVYKLQP
LTFLLDFSVDGYIRRAIDCGFNDLSQLHCSYESFDVESGVYSVSSFEAKPSGSVVEQAEGVECDFSPLLSGTPPQVYNFK
RLVFTNCNYNLTKLLSLFSVNDFTCSQISPAAIASNCYSSLILDYFSYPLSMKSDLSVSSAGPISQFNYKQSFSNPTCLI
LATVPHNLTTITKPLKYSYINKCSRLLSDDRTEVPQLVNANQYSPCVSIVPSTVWEDGDYYRKQLSPLEGGGWLVASGST
VAMTEQLQMGFGITVQYGTDTNSVCPKLEFANDTKIASQLGNCVEYSLYGVSGRGVFQNCTAVGVRQQRFVYDAYQNLVG
YYSDDGNYYCLRACVSVPVSVIYDKETKTHATLFGSVACEHISSTMSQYSRSTRSMLKRRDSTYGPLQTPVGCVLGLVNS
SLFVEDCKLPLGQSLCALPDTPSTLTPRSVRSVPGEMRLASIAFNHPIQVDQLNSSYFKLSIPTNFSFGVTQEYIQTTIQ
KVTVDCKQYVCNGFQKCEQLLREYGQFCSKINQALHGANLRQDDSVRNLFASVKSSQSSPIIPGFGGDFNLTLLEPVSIS
TGSRSARSAIEDLLFDKVTIADPGYMQGYDDCMQQGPASARDLICAQYVAGYKVLPPLMDVNMEAAYTSSLLGSIAGVGW
TAGLSSFAAIPFAQSIFYRLNGVGITQQVLSENQKLIANKFNQALGAMQTGFTTTNEAFQKVQDAVNNNAQALSKLASEL
SNTFGAISASIGDIIQRLDPPEQDAQIDRLINGRLTTLNAFVAQQLVRSESAALSAQLAKDKVNECVKAQSKRSGFCGQG
THIVSFVVNAPNGLYFMHVGYYPSNHIEVVSAYGLCDAANPTNCIAPVNGYFIKTNNTRIVDEWSYTGSSFYAPEPITSL
NTKYVAPQVTYQNISTNLPPPLLGNSTGIDFQDELDEFFKNVSTSIPNFGSLTQINTTLLDLTYEMLSLQQVVKALNESY
IDLKELGNYTSRENLYFQGGGSAGSGYIPEAPRDGQAYVRKDGEWVLLSTFLGHHHHHHWSHPQFEK
;
A,B,C
2 'polypeptide(L)'
;QVQLVQSGAEVKKPGSSVKVSCKASGGTFSSYGITWVRQAPGQGLEWMGRIIPILGISRSVQKFQGRITITADKSTSTAY
MDLSGLTSDDTAVYYCAREGGSGYDFFDYWGQGTLVTVSSASTKGPSVFPLAPSSKSTSGGTAALGCLVKDYFPEPVTVS
WNSGALTSGVHTFPAVLQSSGLYSLSSVVTVPSSSLGTQTYICNVNHKPSNTKVDKRVEPK
;
H
3 'polypeptide(L)'
;EIVLTQSPGTLSLSPGERATLSCRASQSVSSSYLAWYQQRPGQAPRLLIYGASSRATGIPDRFSGSGSGTDFTLTIGRLE
PEDSAVYYCQQYGSSPWTFGQGTKVEIKRTVAAPSVFIFPPSDEQLKSGTASVVCLLNNFYPREAKVQWKVDNALQSGNS
QESVTEQDSKDSTYSLSSTLTLSKADYEKHKVYACEVTHQGLSSPVTKSFNR
;
K
#
# COMPACT_ATOMS: atom_id res chain seq x y z
N TYR A 18 -2.97 -33.61 -41.43
CA TYR A 18 -3.92 -34.62 -40.90
C TYR A 18 -3.20 -35.97 -40.77
N VAL A 19 -2.90 -36.38 -39.54
CA VAL A 19 -2.23 -37.70 -39.30
C VAL A 19 -3.18 -38.82 -39.76
N ASP A 20 -2.64 -39.84 -40.43
CA ASP A 20 -3.49 -40.94 -40.94
C ASP A 20 -3.47 -42.09 -39.93
N VAL A 21 -4.65 -42.50 -39.46
CA VAL A 21 -4.75 -43.62 -38.46
C VAL A 21 -5.00 -44.93 -39.22
N GLY A 22 -5.02 -44.87 -40.55
CA GLY A 22 -5.35 -46.06 -41.35
C GLY A 22 -6.86 -46.16 -41.56
N PRO A 23 -7.38 -47.22 -42.22
CA PRO A 23 -8.81 -47.31 -42.51
C PRO A 23 -9.67 -47.40 -41.24
N ASP A 24 -10.77 -46.65 -41.18
CA ASP A 24 -11.69 -46.74 -40.02
C ASP A 24 -12.47 -48.05 -40.12
N SER A 25 -13.00 -48.55 -39.00
CA SER A 25 -13.69 -49.87 -39.03
C SER A 25 -14.88 -49.80 -39.99
N VAL A 26 -15.08 -50.86 -40.79
CA VAL A 26 -16.16 -50.85 -41.82
C VAL A 26 -17.40 -51.57 -41.28
N LYS A 27 -17.40 -51.96 -40.00
CA LYS A 27 -18.55 -52.74 -39.46
C LYS A 27 -19.83 -51.92 -39.61
N SER A 28 -20.91 -52.53 -40.13
CA SER A 28 -22.17 -51.79 -40.37
C SER A 28 -22.76 -51.28 -39.05
N ALA A 29 -22.72 -52.11 -38.00
CA ALA A 29 -23.36 -51.71 -36.71
C ALA A 29 -22.37 -51.87 -35.56
N CYS A 30 -22.43 -50.96 -34.57
CA CYS A 30 -21.57 -51.08 -33.36
C CYS A 30 -22.09 -52.22 -32.49
N ILE A 31 -21.23 -52.82 -31.67
CA ILE A 31 -21.65 -53.92 -30.75
C ILE A 31 -22.67 -53.38 -29.74
N GLU A 32 -23.69 -54.16 -29.39
CA GLU A 32 -24.74 -53.70 -28.45
C GLU A 32 -24.11 -53.42 -27.09
N VAL A 33 -24.55 -52.35 -26.41
CA VAL A 33 -23.96 -51.95 -25.10
C VAL A 33 -25.06 -51.96 -24.02
N ASP A 34 -24.78 -52.57 -22.86
CA ASP A 34 -25.76 -52.59 -21.74
C ASP A 34 -25.16 -51.85 -20.54
N ILE A 35 -25.92 -50.94 -19.93
CA ILE A 35 -25.43 -50.23 -18.71
C ILE A 35 -26.29 -50.64 -17.51
N GLN A 36 -25.68 -51.22 -16.47
CA GLN A 36 -26.43 -51.53 -15.23
C GLN A 36 -25.70 -50.85 -14.06
N GLN A 37 -26.30 -49.81 -13.50
CA GLN A 37 -25.64 -49.03 -12.41
C GLN A 37 -25.45 -49.89 -11.16
N THR A 38 -26.45 -50.71 -10.80
CA THR A 38 -26.39 -51.49 -9.54
C THR A 38 -25.20 -52.45 -9.57
N PHE A 39 -24.96 -53.09 -10.72
CA PHE A 39 -23.83 -54.04 -10.86
C PHE A 39 -22.50 -53.28 -10.65
N PHE A 40 -22.41 -52.05 -11.18
CA PHE A 40 -21.17 -51.25 -11.07
C PHE A 40 -21.13 -50.50 -9.73
N ASP A 41 -22.20 -50.59 -8.94
CA ASP A 41 -22.27 -49.86 -7.64
C ASP A 41 -21.55 -50.66 -6.56
N LYS A 42 -20.21 -50.69 -6.61
CA LYS A 42 -19.42 -51.39 -5.55
C LYS A 42 -18.58 -50.32 -4.85
N THR A 43 -18.61 -50.28 -3.51
CA THR A 43 -17.91 -49.18 -2.81
C THR A 43 -16.54 -49.65 -2.30
N TRP A 44 -15.45 -49.10 -2.84
CA TRP A 44 -14.09 -49.44 -2.36
C TRP A 44 -13.31 -48.14 -2.17
N PRO A 45 -13.57 -47.32 -1.13
CA PRO A 45 -12.90 -46.01 -1.00
C PRO A 45 -11.39 -46.15 -0.83
N ARG A 46 -10.62 -45.34 -1.56
CA ARG A 46 -9.13 -45.35 -1.43
C ARG A 46 -8.63 -43.92 -1.25
N PRO A 47 -8.66 -43.35 -0.03
CA PRO A 47 -8.25 -41.95 0.19
C PRO A 47 -6.75 -41.77 -0.13
N ILE A 48 -6.40 -40.63 -0.72
CA ILE A 48 -4.97 -40.34 -1.07
C ILE A 48 -4.18 -40.32 0.24
N ASP A 49 -3.03 -41.00 0.28
CA ASP A 49 -2.17 -40.89 1.48
C ASP A 49 -0.90 -40.15 1.10
N VAL A 50 -0.77 -38.89 1.53
CA VAL A 50 0.44 -38.07 1.23
C VAL A 50 1.64 -38.69 1.95
N SER A 51 1.41 -39.25 3.15
CA SER A 51 2.51 -39.89 3.92
C SER A 51 2.96 -41.17 3.23
N LYS A 52 2.09 -41.76 2.39
CA LYS A 52 2.44 -43.01 1.66
C LYS A 52 2.94 -42.64 0.26
N ALA A 53 3.11 -41.34 -0.02
CA ALA A 53 3.57 -40.87 -1.34
C ALA A 53 2.61 -41.34 -2.44
N ASP A 54 1.31 -41.27 -2.18
CA ASP A 54 0.30 -41.69 -3.20
C ASP A 54 -0.12 -40.45 -4.00
N GLY A 55 0.08 -40.46 -5.32
CA GLY A 55 -0.35 -39.34 -6.18
C GLY A 55 0.68 -38.21 -6.19
N ILE A 56 1.79 -38.39 -5.49
CA ILE A 56 2.87 -37.35 -5.50
C ILE A 56 3.51 -37.34 -6.89
N ILE A 57 3.71 -36.15 -7.46
CA ILE A 57 4.37 -36.02 -8.79
C ILE A 57 5.76 -35.44 -8.55
N TYR A 58 6.81 -36.15 -8.98
CA TYR A 58 8.18 -35.60 -8.85
C TYR A 58 8.34 -34.44 -9.83
N PRO A 59 9.07 -33.35 -9.48
CA PRO A 59 9.31 -32.26 -10.43
C PRO A 59 10.03 -32.79 -11.68
N GLN A 60 9.63 -32.31 -12.86
CA GLN A 60 10.22 -32.81 -14.14
C GLN A 60 11.72 -32.49 -14.16
N GLY A 61 12.10 -31.29 -13.70
CA GLY A 61 13.52 -30.88 -13.74
C GLY A 61 14.08 -30.63 -12.36
N ARG A 62 15.28 -31.16 -12.06
CA ARG A 62 15.99 -30.94 -10.76
C ARG A 62 15.59 -31.98 -9.71
N THR A 63 16.48 -32.24 -8.75
CA THR A 63 16.21 -33.24 -7.68
C THR A 63 16.73 -32.70 -6.35
N TYR A 64 16.21 -33.21 -5.23
CA TYR A 64 16.70 -32.80 -3.89
C TYR A 64 17.14 -34.06 -3.15
N SER A 65 18.26 -34.02 -2.43
CA SER A 65 18.77 -35.26 -1.78
C SER A 65 18.89 -35.11 -0.27
N ASN A 66 18.30 -36.05 0.49
CA ASN A 66 18.44 -36.06 1.98
C ASN A 66 18.00 -34.74 2.62
N ILE A 67 16.93 -34.12 2.10
CA ILE A 67 16.40 -32.86 2.69
C ILE A 67 14.87 -32.91 2.73
N THR A 68 14.23 -32.15 3.61
CA THR A 68 12.76 -32.06 3.62
C THR A 68 12.36 -30.59 3.42
N ILE A 69 11.58 -30.29 2.38
CA ILE A 69 11.23 -28.87 2.07
C ILE A 69 9.77 -28.77 1.62
N THR A 70 9.15 -27.60 1.79
CA THR A 70 7.76 -27.38 1.29
C THR A 70 7.85 -27.03 -0.20
N TYR A 71 7.08 -27.73 -1.05
CA TYR A 71 7.15 -27.49 -2.51
C TYR A 71 5.75 -27.21 -3.06
N GLN A 72 5.61 -26.20 -3.92
CA GLN A 72 4.30 -25.88 -4.53
C GLN A 72 4.20 -26.61 -5.88
N GLY A 73 3.22 -27.51 -6.01
CA GLY A 73 3.01 -28.26 -7.27
C GLY A 73 1.58 -28.74 -7.37
N LEU A 74 1.16 -29.19 -8.56
CA LEU A 74 -0.21 -29.76 -8.71
C LEU A 74 -0.25 -31.09 -7.93
N PHE A 75 -1.00 -31.14 -6.83
CA PHE A 75 -1.01 -32.36 -5.99
C PHE A 75 -2.45 -32.74 -5.60
N PRO A 76 -2.77 -34.04 -5.43
CA PRO A 76 -4.11 -34.45 -4.96
C PRO A 76 -4.33 -34.16 -3.47
N TYR A 77 -5.59 -33.95 -3.07
CA TYR A 77 -5.90 -33.64 -1.65
C TYR A 77 -5.63 -34.86 -0.77
N GLN A 78 -5.12 -34.65 0.45
CA GLN A 78 -4.91 -35.77 1.40
C GLN A 78 -6.27 -36.35 1.78
N GLY A 79 -6.36 -37.68 1.95
CA GLY A 79 -7.63 -38.31 2.34
C GLY A 79 -8.72 -38.06 1.33
N ASP A 80 -8.37 -38.04 0.04
CA ASP A 80 -9.40 -37.87 -1.03
C ASP A 80 -9.70 -39.24 -1.63
N HIS A 81 -10.94 -39.72 -1.47
CA HIS A 81 -11.34 -41.02 -2.06
C HIS A 81 -11.26 -40.91 -3.59
N GLY A 82 -11.65 -39.75 -4.13
CA GLY A 82 -11.57 -39.53 -5.59
C GLY A 82 -12.74 -40.18 -6.31
N ASP A 83 -12.63 -40.31 -7.63
CA ASP A 83 -13.72 -40.93 -8.43
C ASP A 83 -13.26 -42.34 -8.84
N MET A 84 -14.06 -43.36 -8.53
CA MET A 84 -13.63 -44.75 -8.83
C MET A 84 -14.32 -45.24 -10.11
N TYR A 85 -13.52 -45.65 -11.10
CA TYR A 85 -14.10 -46.21 -12.35
C TYR A 85 -13.56 -47.63 -12.51
N VAL A 86 -14.44 -48.60 -12.74
CA VAL A 86 -14.00 -50.02 -12.83
C VAL A 86 -14.44 -50.59 -14.19
N TYR A 87 -13.61 -51.42 -14.81
CA TYR A 87 -13.95 -52.03 -16.12
C TYR A 87 -14.44 -53.47 -15.89
N SER A 88 -15.51 -53.86 -16.57
CA SER A 88 -16.10 -55.21 -16.32
C SER A 88 -16.20 -56.00 -17.62
N ALA A 89 -16.12 -57.33 -17.54
CA ALA A 89 -16.21 -58.19 -18.74
C ALA A 89 -17.61 -58.05 -19.37
N GLY A 90 -17.68 -58.07 -20.70
CA GLY A 90 -18.97 -57.97 -21.41
C GLY A 90 -19.77 -59.25 -21.26
N HIS A 91 -21.10 -59.16 -21.40
CA HIS A 91 -21.97 -60.36 -21.22
C HIS A 91 -21.55 -61.42 -22.24
N ALA A 92 -21.41 -62.67 -21.79
CA ALA A 92 -21.01 -63.77 -22.70
C ALA A 92 -21.80 -65.02 -22.36
N THR A 93 -22.12 -65.85 -23.36
CA THR A 93 -22.79 -67.14 -23.08
C THR A 93 -21.84 -68.27 -23.49
N GLY A 94 -21.54 -69.18 -22.57
CA GLY A 94 -20.57 -70.26 -22.89
C GLY A 94 -19.24 -69.69 -23.32
N THR A 95 -18.73 -70.14 -24.48
CA THR A 95 -17.41 -69.68 -24.98
C THR A 95 -17.57 -68.50 -25.94
N THR A 96 -18.79 -68.03 -26.16
CA THR A 96 -19.00 -66.95 -27.17
C THR A 96 -19.32 -65.61 -26.49
N PRO A 97 -18.51 -64.53 -26.64
CA PRO A 97 -18.86 -63.22 -26.07
C PRO A 97 -20.01 -62.57 -26.86
N GLN A 98 -20.90 -61.84 -26.16
CA GLN A 98 -22.07 -61.24 -26.84
C GLN A 98 -22.13 -59.73 -26.57
N LYS A 99 -23.23 -59.25 -25.97
CA LYS A 99 -23.41 -57.80 -25.72
C LYS A 99 -22.35 -57.28 -24.75
N LEU A 100 -21.80 -56.08 -25.00
CA LEU A 100 -20.78 -55.48 -24.10
C LEU A 100 -21.45 -55.04 -22.79
N PHE A 101 -20.73 -55.14 -21.67
CA PHE A 101 -21.27 -54.63 -20.37
C PHE A 101 -20.36 -53.50 -19.88
N VAL A 102 -20.93 -52.30 -19.68
CA VAL A 102 -20.12 -51.13 -19.25
C VAL A 102 -21.01 -50.17 -18.46
N ALA A 103 -20.40 -49.23 -17.72
CA ALA A 103 -21.18 -48.24 -16.93
C ALA A 103 -21.50 -47.01 -17.77
N ASN A 104 -21.98 -45.94 -17.12
CA ASN A 104 -22.38 -44.69 -17.83
C ASN A 104 -21.23 -43.68 -17.78
N TYR A 105 -19.99 -44.16 -17.59
CA TYR A 105 -18.83 -43.24 -17.44
C TYR A 105 -18.70 -42.36 -18.68
N SER A 106 -18.97 -42.90 -19.88
CA SER A 106 -18.81 -42.12 -21.13
C SER A 106 -19.76 -40.91 -21.10
N GLN A 107 -21.01 -41.12 -20.67
CA GLN A 107 -21.99 -40.01 -20.57
C GLN A 107 -21.50 -38.99 -19.55
N ASP A 108 -20.94 -39.45 -18.43
CA ASP A 108 -20.48 -38.53 -17.34
C ASP A 108 -19.36 -37.64 -17.87
N VAL A 109 -19.40 -36.34 -17.56
CA VAL A 109 -18.33 -35.40 -17.99
C VAL A 109 -17.80 -34.67 -16.74
N LYS A 110 -16.47 -34.59 -16.59
CA LYS A 110 -15.86 -33.89 -15.43
C LYS A 110 -14.87 -32.85 -15.97
N GLN A 111 -14.70 -31.72 -15.27
CA GLN A 111 -13.79 -30.65 -15.75
C GLN A 111 -12.35 -31.15 -15.73
N PHE A 112 -11.59 -30.95 -16.82
CA PHE A 112 -10.16 -31.35 -16.86
C PHE A 112 -9.36 -30.56 -15.83
N ALA A 113 -9.65 -29.27 -15.71
CA ALA A 113 -8.93 -28.40 -14.73
C ALA A 113 -7.42 -28.44 -14.98
N ASN A 114 -6.63 -28.68 -13.94
CA ASN A 114 -5.15 -28.69 -14.07
C ASN A 114 -4.65 -30.08 -14.46
N GLY A 115 -5.55 -31.05 -14.56
CA GLY A 115 -5.14 -32.44 -14.86
C GLY A 115 -5.54 -33.38 -13.74
N PHE A 116 -5.29 -34.67 -13.91
CA PHE A 116 -5.73 -35.66 -12.88
C PHE A 116 -4.66 -36.75 -12.69
N VAL A 117 -4.58 -37.31 -11.48
CA VAL A 117 -3.62 -38.42 -11.21
C VAL A 117 -4.43 -39.72 -11.07
N VAL A 118 -3.99 -40.80 -11.71
CA VAL A 118 -4.83 -42.04 -11.71
C VAL A 118 -4.10 -43.18 -11.01
N ARG A 119 -4.79 -43.87 -10.09
CA ARG A 119 -4.20 -45.04 -9.39
C ARG A 119 -4.50 -46.27 -10.25
N ILE A 120 -3.46 -46.95 -10.77
CA ILE A 120 -3.69 -48.10 -11.69
C ILE A 120 -3.27 -49.40 -10.99
N GLY A 121 -4.06 -50.47 -11.14
CA GLY A 121 -3.73 -51.77 -10.51
C GLY A 121 -3.65 -51.65 -9.00
N ALA A 122 -4.52 -50.83 -8.39
CA ALA A 122 -4.55 -50.67 -6.92
C ALA A 122 -4.92 -52.00 -6.24
N ALA A 123 -5.91 -52.72 -6.79
CA ALA A 123 -6.38 -53.98 -6.18
C ALA A 123 -5.82 -55.18 -6.93
N ALA A 124 -4.84 -54.97 -7.82
CA ALA A 124 -4.30 -56.08 -8.65
C ALA A 124 -3.64 -57.16 -7.78
N ASN A 125 -3.77 -58.44 -8.18
CA ASN A 125 -3.14 -59.58 -7.45
C ASN A 125 -3.96 -59.98 -6.22
N SER A 126 -5.18 -59.46 -6.07
CA SER A 126 -6.05 -59.88 -4.95
C SER A 126 -7.32 -60.55 -5.51
N THR A 127 -7.66 -61.75 -5.05
CA THR A 127 -8.83 -62.46 -5.63
C THR A 127 -10.11 -61.68 -5.31
N GLY A 128 -10.98 -61.50 -6.31
CA GLY A 128 -12.25 -60.77 -6.09
C GLY A 128 -13.35 -61.29 -6.99
N THR A 129 -14.62 -61.11 -6.60
CA THR A 129 -15.73 -61.51 -7.49
C THR A 129 -15.73 -60.64 -8.74
N VAL A 130 -16.03 -61.21 -9.91
CA VAL A 130 -16.10 -60.42 -11.17
C VAL A 130 -17.28 -59.45 -11.05
N ILE A 131 -17.14 -58.23 -11.58
CA ILE A 131 -18.21 -57.21 -11.40
C ILE A 131 -19.50 -57.69 -12.08
N ILE A 132 -19.39 -58.25 -13.29
CA ILE A 132 -20.61 -58.68 -14.04
C ILE A 132 -21.32 -59.83 -13.31
N SER A 133 -20.57 -60.81 -12.79
CA SER A 133 -21.23 -61.98 -12.15
C SER A 133 -20.78 -62.11 -10.69
N PRO A 134 -21.71 -62.05 -9.71
CA PRO A 134 -21.37 -62.25 -8.30
C PRO A 134 -20.83 -63.67 -8.05
N SER A 135 -21.45 -64.68 -8.67
CA SER A 135 -21.04 -66.09 -8.46
C SER A 135 -19.60 -66.30 -8.94
N THR A 136 -19.23 -65.73 -10.09
CA THR A 136 -17.88 -65.96 -10.66
C THR A 136 -16.85 -65.17 -9.85
N SER A 137 -15.76 -65.83 -9.42
CA SER A 137 -14.67 -65.13 -8.69
C SER A 137 -13.33 -65.44 -9.36
N ALA A 138 -12.52 -64.41 -9.62
CA ALA A 138 -11.19 -64.61 -10.25
C ALA A 138 -10.17 -63.66 -9.61
N THR A 139 -8.88 -64.00 -9.66
CA THR A 139 -7.84 -63.08 -9.13
C THR A 139 -7.88 -61.80 -9.97
N ILE A 140 -7.80 -60.64 -9.32
CA ILE A 140 -7.89 -59.34 -10.05
C ILE A 140 -6.69 -59.22 -10.99
N ARG A 141 -6.92 -58.80 -12.24
CA ARG A 141 -5.82 -58.61 -13.22
C ARG A 141 -5.71 -57.12 -13.54
N LYS A 142 -4.49 -56.57 -13.51
CA LYS A 142 -4.33 -55.11 -13.74
C LYS A 142 -4.82 -54.76 -15.14
N ILE A 143 -5.62 -53.68 -15.25
CA ILE A 143 -6.11 -53.23 -16.59
C ILE A 143 -5.70 -51.76 -16.76
N TYR A 144 -5.80 -51.22 -17.97
CA TYR A 144 -5.33 -49.83 -18.21
C TYR A 144 -6.52 -48.92 -18.56
N PRO A 145 -6.64 -47.75 -17.90
CA PRO A 145 -7.76 -46.83 -18.13
C PRO A 145 -7.77 -46.10 -19.48
N ALA A 146 -8.96 -45.73 -19.97
CA ALA A 146 -9.08 -44.98 -21.24
C ALA A 146 -9.65 -43.59 -20.95
N PHE A 147 -9.04 -42.53 -21.48
CA PHE A 147 -9.49 -41.15 -21.16
C PHE A 147 -9.84 -40.38 -22.44
N MET A 148 -10.99 -39.70 -22.44
CA MET A 148 -11.37 -38.84 -23.60
C MET A 148 -11.42 -37.39 -23.09
N LEU A 149 -10.65 -36.48 -23.69
CA LEU A 149 -10.59 -35.08 -23.18
C LEU A 149 -10.97 -34.12 -24.31
N GLY A 150 -11.93 -33.22 -24.05
CA GLY A 150 -12.40 -32.28 -25.08
C GLY A 150 -12.38 -30.84 -24.61
N SER A 151 -11.94 -29.92 -25.47
CA SER A 151 -11.91 -28.47 -25.13
C SER A 151 -13.35 -27.97 -24.88
N SER A 152 -14.30 -28.42 -25.70
CA SER A 152 -15.71 -27.95 -25.57
C SER A 152 -16.65 -29.16 -25.52
N VAL A 153 -17.84 -28.99 -24.93
CA VAL A 153 -18.83 -30.11 -24.81
C VAL A 153 -19.96 -29.88 -25.82
N GLY A 154 -20.35 -30.93 -26.55
CA GLY A 154 -21.44 -30.81 -27.53
C GLY A 154 -22.46 -31.93 -27.35
N ASN A 155 -23.72 -31.67 -27.69
CA ASN A 155 -24.78 -32.72 -27.61
C ASN A 155 -24.56 -33.76 -28.71
N PHE A 156 -24.93 -35.01 -28.45
CA PHE A 156 -24.81 -36.10 -29.47
C PHE A 156 -25.96 -35.95 -30.48
N SER A 157 -25.91 -36.73 -31.56
CA SER A 157 -27.03 -36.71 -32.55
C SER A 157 -28.31 -37.14 -31.83
N ASP A 158 -28.22 -38.12 -30.92
CA ASP A 158 -29.40 -38.54 -30.12
C ASP A 158 -29.56 -37.63 -28.90
N GLY A 159 -28.64 -36.67 -28.71
CA GLY A 159 -28.75 -35.70 -27.61
C GLY A 159 -28.09 -36.16 -26.31
N LYS A 160 -27.41 -37.31 -26.35
CA LYS A 160 -26.72 -37.84 -25.13
C LYS A 160 -25.47 -37.01 -24.82
N MET A 161 -25.03 -37.00 -23.56
CA MET A 161 -23.80 -36.27 -23.16
C MET A 161 -22.56 -37.15 -23.43
N GLY A 162 -21.37 -36.60 -23.27
CA GLY A 162 -20.12 -37.35 -23.52
C GLY A 162 -19.55 -37.10 -24.91
N ARG A 163 -20.14 -36.17 -25.67
CA ARG A 163 -19.57 -35.80 -26.99
C ARG A 163 -18.77 -34.51 -26.84
N PHE A 164 -17.56 -34.46 -27.40
CA PHE A 164 -16.74 -33.23 -27.34
C PHE A 164 -16.63 -32.62 -28.74
N PHE A 165 -17.03 -31.35 -28.90
CA PHE A 165 -16.95 -30.67 -30.22
C PHE A 165 -15.49 -30.35 -30.57
N ASN A 166 -15.19 -30.24 -31.87
CA ASN A 166 -13.81 -29.92 -32.34
C ASN A 166 -12.86 -31.10 -32.07
N HIS A 167 -11.55 -30.86 -32.11
CA HIS A 167 -10.56 -31.95 -31.87
C HIS A 167 -10.70 -32.47 -30.45
N THR A 168 -10.62 -33.80 -30.28
CA THR A 168 -10.76 -34.41 -28.93
C THR A 168 -9.52 -35.26 -28.65
N LEU A 169 -8.88 -35.04 -27.49
CA LEU A 169 -7.68 -35.83 -27.12
C LEU A 169 -8.14 -37.16 -26.54
N VAL A 170 -7.67 -38.28 -27.11
CA VAL A 170 -8.09 -39.62 -26.61
C VAL A 170 -6.85 -40.42 -26.24
N LEU A 171 -6.80 -40.94 -25.00
CA LEU A 171 -5.68 -41.82 -24.58
C LEU A 171 -6.28 -43.23 -24.53
N LEU A 172 -5.75 -44.16 -25.32
CA LEU A 172 -6.40 -45.49 -25.40
C LEU A 172 -5.41 -46.61 -25.07
N PRO A 173 -5.72 -47.53 -24.13
CA PRO A 173 -4.87 -48.70 -23.88
C PRO A 173 -4.99 -49.57 -25.14
N ASP A 174 -3.87 -50.15 -25.60
CA ASP A 174 -3.92 -50.93 -26.86
C ASP A 174 -3.12 -52.22 -26.70
N GLY A 175 -3.47 -53.25 -27.47
CA GLY A 175 -2.76 -54.55 -27.38
C GLY A 175 -2.79 -55.10 -25.97
N CYS A 176 -3.93 -55.02 -25.29
CA CYS A 176 -4.07 -55.51 -23.88
C CYS A 176 -3.09 -54.77 -22.97
N GLY A 177 -2.90 -53.46 -23.19
CA GLY A 177 -2.03 -52.66 -22.30
C GLY A 177 -0.56 -52.75 -22.66
N THR A 178 -0.21 -53.44 -23.76
CA THR A 178 1.21 -53.46 -24.21
C THR A 178 1.65 -52.05 -24.59
N LEU A 179 0.75 -51.27 -25.20
CA LEU A 179 1.11 -49.89 -25.64
C LEU A 179 -0.03 -48.91 -25.30
N LEU A 180 0.30 -47.62 -25.17
CA LEU A 180 -0.74 -46.60 -24.93
C LEU A 180 -0.72 -45.63 -26.11
N ARG A 181 -1.88 -45.38 -26.72
CA ARG A 181 -1.92 -44.51 -27.94
C ARG A 181 -2.62 -43.18 -27.59
N ALA A 182 -1.93 -42.06 -27.83
CA ALA A 182 -2.51 -40.72 -27.53
C ALA A 182 -2.65 -39.94 -28.83
N PHE A 183 -3.86 -39.41 -29.11
CA PHE A 183 -4.08 -38.62 -30.34
C PHE A 183 -5.10 -37.51 -30.10
N TYR A 184 -4.90 -36.34 -30.73
CA TYR A 184 -5.89 -35.24 -30.64
C TYR A 184 -6.66 -35.27 -31.96
N CYS A 185 -7.90 -35.79 -31.97
CA CYS A 185 -8.61 -35.97 -33.26
C CYS A 185 -10.09 -35.58 -33.15
N ILE A 186 -10.65 -34.98 -34.21
CA ILE A 186 -12.11 -34.70 -34.22
C ILE A 186 -12.84 -36.04 -34.24
N LEU A 187 -13.92 -36.18 -33.49
CA LEU A 187 -14.63 -37.48 -33.41
C LEU A 187 -16.00 -37.36 -34.08
N GLU A 188 -16.30 -38.27 -35.02
CA GLU A 188 -17.59 -38.21 -35.76
C GLU A 188 -18.45 -39.42 -35.35
N PRO A 189 -19.67 -39.25 -34.77
CA PRO A 189 -20.52 -40.41 -34.46
C PRO A 189 -20.98 -41.18 -35.71
N ARG A 190 -20.72 -42.49 -35.75
CA ARG A 190 -21.18 -43.33 -36.89
C ARG A 190 -22.71 -43.51 -36.82
N SER A 191 -23.37 -43.69 -37.96
CA SER A 191 -24.85 -43.79 -38.00
C SER A 191 -25.31 -45.24 -37.82
N GLY A 192 -24.39 -46.17 -37.61
CA GLY A 192 -24.73 -47.60 -37.46
C GLY A 192 -25.49 -47.88 -36.17
N ASN A 193 -26.22 -49.00 -36.11
CA ASN A 193 -27.03 -49.33 -34.91
C ASN A 193 -26.09 -49.49 -33.71
N HIS A 194 -26.47 -48.94 -32.54
CA HIS A 194 -25.67 -49.04 -31.27
C HIS A 194 -24.50 -48.05 -31.30
N CYS A 195 -24.38 -47.24 -32.35
CA CYS A 195 -23.33 -46.19 -32.42
C CYS A 195 -23.98 -44.88 -31.94
N PRO A 196 -23.24 -43.85 -31.50
CA PRO A 196 -23.88 -42.65 -30.93
C PRO A 196 -24.85 -41.91 -31.87
N ALA A 197 -24.51 -41.71 -33.14
CA ALA A 197 -25.48 -41.11 -34.09
C ALA A 197 -26.65 -42.08 -34.29
N GLY A 198 -26.36 -43.38 -34.33
CA GLY A 198 -27.41 -44.40 -34.57
C GLY A 198 -28.36 -44.58 -33.40
N ASN A 199 -29.55 -45.12 -33.66
CA ASN A 199 -30.58 -45.34 -32.60
C ASN A 199 -30.19 -46.54 -31.73
N SER A 200 -30.88 -46.72 -30.59
CA SER A 200 -30.60 -47.85 -29.67
C SER A 200 -29.16 -47.81 -29.16
N TYR A 201 -28.65 -46.61 -28.87
CA TYR A 201 -27.26 -46.45 -28.34
C TYR A 201 -27.35 -46.02 -26.88
N THR A 202 -26.67 -46.75 -25.98
CA THR A 202 -26.64 -46.33 -24.55
C THR A 202 -25.30 -45.66 -24.24
N SER A 203 -24.18 -46.28 -24.64
CA SER A 203 -22.84 -45.73 -24.31
C SER A 203 -21.82 -46.16 -25.38
N PHE A 204 -20.72 -45.42 -25.51
CA PHE A 204 -19.66 -45.87 -26.46
C PHE A 204 -18.58 -46.60 -25.64
N ALA A 205 -18.33 -47.87 -25.99
CA ALA A 205 -17.37 -48.65 -25.17
C ALA A 205 -16.27 -49.24 -26.06
N THR A 206 -15.01 -48.92 -25.75
CA THR A 206 -13.89 -49.57 -26.51
C THR A 206 -13.80 -51.01 -26.03
N TYR A 207 -13.56 -51.96 -26.93
CA TYR A 207 -13.59 -53.39 -26.50
C TYR A 207 -12.40 -54.17 -27.06
N HIS A 208 -11.95 -55.19 -26.32
CA HIS A 208 -10.86 -56.07 -26.83
C HIS A 208 -11.21 -57.51 -26.42
N THR A 209 -10.70 -58.50 -27.17
CA THR A 209 -10.97 -59.92 -26.82
C THR A 209 -9.68 -60.55 -26.29
N PRO A 210 -9.66 -61.11 -25.06
CA PRO A 210 -8.48 -61.80 -24.54
C PRO A 210 -8.15 -63.02 -25.39
N ALA A 211 -9.18 -63.74 -25.86
CA ALA A 211 -8.97 -64.99 -26.62
C ALA A 211 -8.19 -64.71 -27.92
N THR A 212 -8.46 -63.59 -28.60
CA THR A 212 -7.79 -63.33 -29.91
C THR A 212 -6.76 -62.21 -29.82
N ASP A 213 -7.14 -61.03 -29.34
CA ASP A 213 -6.22 -59.86 -29.31
C ASP A 213 -5.03 -60.14 -28.38
N CYS A 214 -5.26 -60.81 -27.24
CA CYS A 214 -4.18 -61.01 -26.24
C CYS A 214 -3.47 -62.36 -26.45
N SER A 215 -3.75 -63.05 -27.57
CA SER A 215 -3.05 -64.33 -27.86
C SER A 215 -1.55 -64.08 -27.95
N ASP A 216 -0.74 -64.99 -27.41
CA ASP A 216 0.73 -64.85 -27.51
C ASP A 216 1.12 -64.92 -29.00
N GLY A 217 0.48 -65.82 -29.75
CA GLY A 217 0.75 -65.93 -31.20
C GLY A 217 0.35 -64.67 -31.96
N ASN A 218 -0.81 -64.09 -31.65
CA ASN A 218 -1.29 -62.92 -32.43
C ASN A 218 -1.58 -61.73 -31.51
N TYR A 219 -0.91 -60.59 -31.74
CA TYR A 219 -1.20 -59.35 -30.97
C TYR A 219 -1.54 -58.26 -31.98
N ASN A 220 -2.66 -57.55 -31.77
CA ASN A 220 -2.98 -56.40 -32.68
C ASN A 220 -2.85 -55.09 -31.90
N ARG A 221 -1.94 -54.21 -32.33
CA ARG A 221 -1.78 -52.89 -31.69
C ARG A 221 -3.04 -52.05 -31.90
N ASN A 222 -3.66 -52.15 -33.07
CA ASN A 222 -4.84 -51.29 -33.40
C ASN A 222 -6.16 -51.98 -33.06
N ALA A 223 -6.14 -53.16 -32.42
CA ALA A 223 -7.42 -53.87 -32.19
C ALA A 223 -8.36 -53.01 -31.32
N SER A 224 -7.84 -52.42 -30.24
CA SER A 224 -8.66 -51.50 -29.41
C SER A 224 -9.03 -50.26 -30.23
N LEU A 225 -8.08 -49.76 -31.03
CA LEU A 225 -8.34 -48.56 -31.88
C LEU A 225 -9.45 -48.88 -32.88
N ASN A 226 -9.46 -50.09 -33.44
CA ASN A 226 -10.49 -50.49 -34.44
C ASN A 226 -11.87 -50.48 -33.77
N SER A 227 -11.97 -50.97 -32.52
CA SER A 227 -13.25 -50.93 -31.79
C SER A 227 -13.65 -49.46 -31.58
N PHE A 228 -12.67 -48.61 -31.23
CA PHE A 228 -12.94 -47.16 -31.06
C PHE A 228 -13.41 -46.58 -32.39
N LYS A 229 -12.85 -47.04 -33.51
CA LYS A 229 -13.21 -46.51 -34.85
C LYS A 229 -14.69 -46.78 -35.14
N GLU A 230 -15.21 -47.94 -34.73
CA GLU A 230 -16.66 -48.23 -34.93
C GLU A 230 -17.49 -47.20 -34.16
N TYR A 231 -17.13 -46.95 -32.90
CA TYR A 231 -17.91 -45.98 -32.08
C TYR A 231 -17.73 -44.54 -32.59
N PHE A 232 -16.48 -44.16 -32.90
CA PHE A 232 -16.20 -42.77 -33.37
C PHE A 232 -15.30 -42.78 -34.61
N ASN A 233 -15.73 -42.11 -35.68
CA ASN A 233 -14.84 -41.97 -36.87
C ASN A 233 -13.74 -40.97 -36.50
N LEU A 234 -12.52 -41.19 -37.00
CA LEU A 234 -11.39 -40.29 -36.66
C LEU A 234 -11.16 -39.34 -37.84
N ARG A 235 -11.28 -38.02 -37.60
CA ARG A 235 -11.16 -37.03 -38.71
C ARG A 235 -10.10 -35.97 -38.40
N ASN A 236 -9.15 -35.75 -39.31
CA ASN A 236 -8.14 -34.67 -39.14
C ASN A 236 -7.42 -34.76 -37.79
N CYS A 237 -6.93 -35.94 -37.40
CA CYS A 237 -6.16 -36.05 -36.14
C CYS A 237 -4.89 -35.19 -36.26
N THR A 238 -4.64 -34.33 -35.26
CA THR A 238 -3.44 -33.45 -35.28
C THR A 238 -2.14 -34.27 -35.14
N PHE A 239 -2.13 -35.26 -34.25
CA PHE A 239 -0.86 -36.04 -34.01
C PHE A 239 -1.19 -37.47 -33.56
N MET A 240 -0.26 -38.40 -33.76
CA MET A 240 -0.44 -39.77 -33.22
C MET A 240 0.83 -40.16 -32.45
N TYR A 241 0.69 -40.58 -31.19
CA TYR A 241 1.86 -41.02 -30.40
C TYR A 241 1.61 -42.42 -29.81
N THR A 242 2.57 -43.33 -29.97
CA THR A 242 2.44 -44.69 -29.37
C THR A 242 3.57 -44.92 -28.37
N TYR A 243 3.24 -45.32 -27.14
CA TYR A 243 4.27 -45.59 -26.10
C TYR A 243 4.14 -47.02 -25.61
N ASN A 244 5.23 -47.79 -25.62
CA ASN A 244 5.18 -49.21 -25.21
C ASN A 244 5.27 -49.30 -23.68
N ILE A 245 4.33 -50.00 -23.05
CA ILE A 245 4.33 -50.17 -21.56
C ILE A 245 4.48 -51.67 -21.25
N THR A 246 5.49 -52.03 -20.46
CA THR A 246 5.67 -53.46 -20.07
C THR A 246 4.45 -53.90 -19.24
N GLU A 247 3.90 -55.09 -19.52
CA GLU A 247 2.76 -55.60 -18.71
C GLU A 247 3.28 -55.94 -17.30
N ASP A 248 2.54 -55.51 -16.27
CA ASP A 248 2.96 -55.77 -14.86
C ASP A 248 1.71 -55.75 -13.97
N GLU A 249 1.79 -56.36 -12.78
CA GLU A 249 0.65 -56.29 -11.82
C GLU A 249 1.00 -55.25 -10.75
N ILE A 250 2.16 -54.60 -10.86
CA ILE A 250 2.62 -53.59 -9.86
C ILE A 250 1.75 -52.33 -9.97
N LEU A 251 1.55 -51.62 -8.86
CA LEU A 251 0.74 -50.37 -8.87
C LEU A 251 1.41 -49.35 -9.80
N GLU A 252 0.61 -48.64 -10.60
CA GLU A 252 1.17 -47.63 -11.55
C GLU A 252 0.39 -46.31 -11.37
N TRP A 253 1.02 -45.18 -11.69
CA TRP A 253 0.32 -43.87 -11.60
C TRP A 253 0.36 -43.16 -12.95
N PHE A 254 -0.78 -42.68 -13.44
CA PHE A 254 -0.78 -41.89 -14.71
C PHE A 254 -1.26 -40.47 -14.39
N GLY A 255 -0.48 -39.46 -14.76
CA GLY A 255 -0.84 -38.07 -14.39
C GLY A 255 -0.74 -37.11 -15.55
N ILE A 256 -1.70 -37.14 -16.47
CA ILE A 256 -1.70 -36.12 -17.57
C ILE A 256 -1.93 -34.75 -16.94
N THR A 257 -1.12 -33.75 -17.31
CA THR A 257 -1.24 -32.39 -16.69
C THR A 257 -1.26 -31.31 -17.76
N GLN A 258 -2.20 -30.36 -17.67
CA GLN A 258 -2.27 -29.24 -18.65
C GLN A 258 -0.92 -28.54 -18.68
N THR A 259 -0.26 -28.42 -17.51
CA THR A 259 1.04 -27.70 -17.42
C THR A 259 0.86 -26.27 -17.94
N ALA A 260 1.75 -25.81 -18.83
CA ALA A 260 1.58 -24.47 -19.43
C ALA A 260 1.86 -24.52 -20.94
N GLN A 261 3.13 -24.72 -21.33
CA GLN A 261 3.50 -24.71 -22.77
C GLN A 261 2.82 -25.86 -23.50
N GLY A 262 2.80 -27.05 -22.90
CA GLY A 262 2.19 -28.23 -23.55
C GLY A 262 1.69 -29.25 -22.55
N VAL A 263 0.73 -30.09 -22.96
CA VAL A 263 0.23 -31.18 -22.06
C VAL A 263 1.35 -32.22 -21.90
N HIS A 264 1.49 -32.81 -20.71
CA HIS A 264 2.59 -33.78 -20.46
C HIS A 264 2.02 -35.09 -19.91
N LEU A 265 2.66 -36.22 -20.21
CA LEU A 265 2.17 -37.55 -19.76
C LEU A 265 3.15 -38.13 -18.73
N PHE A 266 2.66 -38.55 -17.57
CA PHE A 266 3.55 -39.06 -16.49
C PHE A 266 3.19 -40.52 -16.17
N SER A 267 4.18 -41.42 -16.16
CA SER A 267 3.92 -42.84 -15.77
C SER A 267 4.94 -43.28 -14.71
N SER A 268 4.46 -43.87 -13.61
CA SER A 268 5.35 -44.36 -12.53
C SER A 268 6.25 -45.50 -13.02
N ARG A 269 5.73 -46.39 -13.88
CA ARG A 269 6.50 -47.60 -14.29
C ARG A 269 7.81 -47.25 -14.99
N TYR A 270 7.85 -46.19 -15.80
CA TYR A 270 9.07 -45.90 -16.60
C TYR A 270 10.30 -45.66 -15.72
N VAL A 271 10.19 -44.88 -14.65
CA VAL A 271 11.42 -44.56 -13.85
C VAL A 271 11.36 -45.18 -12.45
N ASP A 272 10.26 -45.00 -11.71
CA ASP A 272 10.22 -45.49 -10.30
C ASP A 272 8.93 -46.30 -10.10
N LEU A 273 8.87 -47.50 -10.69
CA LEU A 273 7.65 -48.34 -10.58
C LEU A 273 7.42 -48.76 -9.12
N TYR A 274 8.48 -49.21 -8.44
CA TYR A 274 8.34 -49.66 -7.02
C TYR A 274 7.99 -48.47 -6.13
N GLY A 275 8.63 -47.32 -6.34
CA GLY A 275 8.34 -46.11 -5.55
C GLY A 275 6.93 -45.61 -5.80
N GLY A 276 6.45 -45.68 -7.05
CA GLY A 276 5.13 -45.15 -7.39
C GLY A 276 5.22 -43.67 -7.71
N ASN A 277 6.43 -43.11 -7.66
CA ASN A 277 6.64 -41.69 -8.01
C ASN A 277 6.35 -41.51 -9.51
N MET A 278 5.69 -40.41 -9.89
CA MET A 278 5.31 -40.22 -11.31
C MET A 278 6.44 -39.48 -12.04
N PHE A 279 6.93 -40.04 -13.14
CA PHE A 279 8.01 -39.39 -13.93
C PHE A 279 7.53 -39.21 -15.37
N GLN A 280 7.73 -38.01 -15.94
CA GLN A 280 7.23 -37.74 -17.31
C GLN A 280 7.93 -38.67 -18.30
N PHE A 281 7.16 -39.35 -19.15
CA PHE A 281 7.74 -40.26 -20.17
C PHE A 281 7.34 -39.76 -21.55
N ALA A 282 6.37 -38.83 -21.61
CA ALA A 282 5.86 -38.40 -22.93
C ALA A 282 5.52 -36.91 -22.94
N THR A 283 5.58 -36.27 -24.11
CA THR A 283 5.18 -34.84 -24.25
C THR A 283 4.10 -34.77 -25.33
N LEU A 284 2.99 -34.08 -25.07
CA LEU A 284 1.88 -34.02 -26.06
C LEU A 284 1.90 -32.65 -26.74
N PRO A 285 1.90 -32.58 -28.09
CA PRO A 285 1.86 -31.32 -28.80
C PRO A 285 0.40 -30.83 -28.94
N VAL A 286 -0.23 -30.49 -27.82
CA VAL A 286 -1.61 -29.93 -27.87
C VAL A 286 -1.52 -28.46 -27.46
N TYR A 287 -1.92 -27.54 -28.35
CA TYR A 287 -1.79 -26.09 -28.04
C TYR A 287 -3.17 -25.52 -27.68
N ASP A 288 -4.17 -26.39 -27.55
CA ASP A 288 -5.53 -25.93 -27.17
C ASP A 288 -5.83 -26.43 -25.75
N THR A 289 -6.19 -25.51 -24.85
CA THR A 289 -6.52 -25.89 -23.45
C THR A 289 -7.77 -26.78 -23.45
N ILE A 290 -7.78 -27.83 -22.64
CA ILE A 290 -8.95 -28.76 -22.57
C ILE A 290 -9.71 -28.46 -21.28
N LYS A 291 -11.01 -28.19 -21.36
CA LYS A 291 -11.78 -27.80 -20.16
C LYS A 291 -12.59 -28.99 -19.62
N TYR A 292 -12.78 -30.05 -20.41
CA TYR A 292 -13.66 -31.16 -19.96
C TYR A 292 -13.05 -32.51 -20.31
N TYR A 293 -13.27 -33.54 -19.48
CA TYR A 293 -12.80 -34.90 -19.82
C TYR A 293 -13.90 -35.93 -19.49
N SER A 294 -14.05 -36.97 -20.32
CA SER A 294 -15.02 -38.04 -20.00
C SER A 294 -14.27 -39.38 -20.00
N ILE A 295 -14.42 -40.17 -18.94
CA ILE A 295 -13.77 -41.52 -18.89
C ILE A 295 -14.40 -42.39 -19.97
N ILE A 296 -13.60 -43.15 -20.71
CA ILE A 296 -14.19 -44.10 -21.70
C ILE A 296 -14.30 -45.46 -21.01
N PRO A 297 -15.51 -46.01 -20.80
CA PRO A 297 -15.65 -47.34 -20.21
C PRO A 297 -15.11 -48.37 -21.21
N HIS A 298 -14.38 -49.38 -20.70
CA HIS A 298 -13.84 -50.44 -21.58
C HIS A 298 -14.52 -51.76 -21.24
N SER A 299 -15.05 -52.45 -22.26
CA SER A 299 -15.70 -53.76 -22.03
C SER A 299 -14.79 -54.86 -22.56
N ILE A 300 -14.52 -55.88 -21.75
CA ILE A 300 -13.55 -56.95 -22.16
C ILE A 300 -14.38 -58.15 -22.63
N ARG A 301 -14.14 -58.62 -23.85
CA ARG A 301 -14.98 -59.74 -24.37
C ARG A 301 -14.43 -61.07 -23.86
N SER A 302 -14.39 -61.25 -22.54
CA SER A 302 -13.96 -62.55 -21.96
C SER A 302 -15.10 -63.57 -22.14
N ILE A 303 -14.77 -64.85 -22.29
CA ILE A 303 -15.84 -65.88 -22.36
C ILE A 303 -16.42 -66.02 -20.94
N GLN A 304 -17.64 -66.55 -20.81
CA GLN A 304 -18.30 -66.65 -19.48
C GLN A 304 -17.36 -67.36 -18.50
N SER A 305 -16.79 -68.48 -18.91
CA SER A 305 -15.85 -69.25 -18.04
C SER A 305 -14.60 -68.43 -17.73
N ASP A 306 -14.09 -67.66 -18.69
CA ASP A 306 -12.81 -66.92 -18.51
C ASP A 306 -13.05 -65.50 -18.01
N ARG A 307 -14.27 -65.16 -17.57
CA ARG A 307 -14.49 -63.80 -16.99
C ARG A 307 -13.54 -63.62 -15.81
N LYS A 308 -12.87 -62.47 -15.74
CA LYS A 308 -11.88 -62.22 -14.66
C LYS A 308 -12.17 -60.86 -14.00
N ALA A 309 -11.88 -60.73 -12.71
CA ALA A 309 -12.04 -59.41 -12.03
C ALA A 309 -10.99 -58.44 -12.59
N TRP A 310 -11.35 -57.17 -12.74
CA TRP A 310 -10.42 -56.16 -13.29
C TRP A 310 -10.16 -55.06 -12.26
N ALA A 311 -8.91 -54.63 -12.11
CA ALA A 311 -8.57 -53.64 -11.05
C ALA A 311 -9.32 -52.32 -11.30
N ALA A 312 -9.92 -51.76 -10.24
CA ALA A 312 -10.58 -50.44 -10.36
C ALA A 312 -9.50 -49.37 -10.48
N PHE A 313 -9.76 -48.32 -11.28
CA PHE A 313 -8.79 -47.20 -11.36
C PHE A 313 -9.41 -45.95 -10.71
N TYR A 314 -8.64 -45.27 -9.88
CA TYR A 314 -9.19 -44.10 -9.14
C TYR A 314 -8.60 -42.81 -9.73
N VAL A 315 -9.47 -41.87 -10.12
CA VAL A 315 -8.98 -40.60 -10.73
C VAL A 315 -9.08 -39.49 -9.67
N TYR A 316 -7.98 -38.80 -9.42
CA TYR A 316 -7.96 -37.71 -8.41
C TYR A 316 -7.59 -36.40 -9.10
N LYS A 317 -8.39 -35.36 -8.88
CA LYS A 317 -8.16 -34.06 -9.56
C LYS A 317 -6.87 -33.41 -9.02
N LEU A 318 -6.17 -32.65 -9.87
CA LEU A 318 -4.89 -32.01 -9.46
C LEU A 318 -5.12 -30.51 -9.26
N GLN A 319 -4.69 -29.98 -8.12
CA GLN A 319 -4.82 -28.53 -7.83
C GLN A 319 -3.48 -28.08 -7.21
N PRO A 320 -3.04 -26.81 -7.35
CA PRO A 320 -1.75 -26.43 -6.81
C PRO A 320 -1.82 -26.63 -5.29
N LEU A 321 -0.84 -27.31 -4.71
CA LEU A 321 -0.87 -27.62 -3.25
C LEU A 321 0.56 -27.51 -2.70
N THR A 322 0.69 -27.25 -1.40
CA THR A 322 2.03 -27.24 -0.77
C THR A 322 2.23 -28.59 -0.08
N PHE A 323 3.27 -29.33 -0.48
CA PHE A 323 3.52 -30.68 0.10
C PHE A 323 4.86 -30.65 0.83
N LEU A 324 4.91 -31.20 2.05
CA LEU A 324 6.20 -31.27 2.79
C LEU A 324 6.93 -32.52 2.28
N LEU A 325 7.44 -32.46 1.05
CA LEU A 325 8.07 -33.67 0.44
C LEU A 325 9.31 -34.07 1.25
N ASP A 326 9.48 -35.37 1.48
CA ASP A 326 10.69 -35.87 2.19
C ASP A 326 11.58 -36.55 1.16
N PHE A 327 12.83 -36.10 1.03
CA PHE A 327 13.75 -36.67 0.02
C PHE A 327 14.79 -37.54 0.73
N SER A 328 14.99 -38.77 0.25
CA SER A 328 16.01 -39.67 0.85
C SER A 328 17.37 -39.44 0.17
N VAL A 329 18.37 -40.26 0.51
CA VAL A 329 19.70 -40.15 -0.17
C VAL A 329 19.46 -40.43 -1.66
N ASP A 330 18.58 -41.39 -1.98
CA ASP A 330 18.23 -41.67 -3.40
C ASP A 330 17.56 -40.43 -4.00
N GLY A 331 16.84 -39.66 -3.17
CA GLY A 331 16.16 -38.43 -3.65
C GLY A 331 14.72 -38.69 -4.03
N TYR A 332 14.29 -39.96 -4.03
CA TYR A 332 12.87 -40.30 -4.32
C TYR A 332 12.01 -39.95 -3.09
N ILE A 333 10.72 -39.70 -3.30
CA ILE A 333 9.83 -39.27 -2.17
C ILE A 333 9.00 -40.48 -1.70
N ARG A 334 9.13 -40.84 -0.42
CA ARG A 334 8.32 -41.95 0.14
C ARG A 334 7.29 -41.40 1.14
N ARG A 335 7.50 -40.18 1.63
CA ARG A 335 6.58 -39.59 2.65
C ARG A 335 6.42 -38.09 2.42
N ALA A 336 5.22 -37.55 2.70
CA ALA A 336 4.99 -36.09 2.59
C ALA A 336 3.77 -35.70 3.44
N ILE A 337 3.55 -34.41 3.67
CA ILE A 337 2.35 -33.94 4.43
C ILE A 337 1.56 -32.94 3.57
N ASP A 338 0.24 -33.10 3.46
CA ASP A 338 -0.58 -32.10 2.74
C ASP A 338 -1.19 -31.14 3.77
N CYS A 339 -0.78 -29.87 3.74
CA CYS A 339 -1.24 -28.88 4.76
C CYS A 339 -2.75 -28.65 4.68
N GLY A 340 -3.34 -28.65 3.48
CA GLY A 340 -4.77 -28.31 3.33
C GLY A 340 -5.72 -29.22 4.07
N PHE A 341 -5.45 -30.52 4.16
CA PHE A 341 -6.45 -31.46 4.75
C PHE A 341 -6.78 -31.14 6.21
N ASN A 342 -5.80 -30.84 7.06
CA ASN A 342 -6.11 -30.65 8.51
C ASN A 342 -5.15 -29.66 9.19
N ASP A 343 -5.52 -29.15 10.37
CA ASP A 343 -4.68 -28.18 11.11
C ASP A 343 -3.35 -28.80 11.52
N LEU A 344 -3.35 -30.08 11.92
CA LEU A 344 -2.08 -30.77 12.31
C LEU A 344 -1.16 -30.80 11.09
N SER A 345 -1.73 -31.05 9.90
CA SER A 345 -0.93 -31.05 8.66
C SER A 345 -0.37 -29.65 8.40
N GLN A 346 -1.15 -28.59 8.68
CA GLN A 346 -0.65 -27.20 8.51
C GLN A 346 0.54 -26.99 9.45
N LEU A 347 0.45 -27.50 10.68
CA LEU A 347 1.55 -27.34 11.66
C LEU A 347 2.81 -28.03 11.14
N HIS A 348 2.65 -29.24 10.58
CA HIS A 348 3.82 -30.00 10.06
C HIS A 348 4.44 -29.21 8.90
N CYS A 349 3.62 -28.67 8.00
CA CYS A 349 4.13 -27.89 6.84
C CYS A 349 4.86 -26.64 7.34
N SER A 350 4.27 -25.92 8.29
CA SER A 350 4.89 -24.66 8.79
C SER A 350 6.25 -24.96 9.41
N TYR A 351 6.31 -25.94 10.33
CA TYR A 351 7.58 -26.34 10.96
C TYR A 351 8.54 -26.93 9.92
N GLU A 352 8.01 -27.65 8.93
CA GLU A 352 8.83 -28.31 7.86
C GLU A 352 9.42 -29.61 8.41
N SER A 353 8.96 -30.04 9.59
CA SER A 353 9.43 -31.32 10.17
C SER A 353 8.24 -32.24 10.44
N PHE A 354 8.32 -33.50 10.03
CA PHE A 354 7.23 -34.48 10.31
C PHE A 354 7.12 -34.68 11.82
N ASP A 355 8.27 -34.71 12.52
CA ASP A 355 8.26 -34.87 14.00
C ASP A 355 8.40 -33.49 14.63
N VAL A 356 7.41 -33.08 15.44
CA VAL A 356 7.43 -31.74 16.07
C VAL A 356 7.52 -31.92 17.59
N GLU A 357 8.38 -31.16 18.27
CA GLU A 357 8.56 -31.29 19.74
C GLU A 357 7.24 -30.88 20.42
N SER A 358 6.98 -31.41 21.61
CA SER A 358 5.68 -31.12 22.28
C SER A 358 5.59 -29.62 22.55
N GLY A 359 4.51 -28.97 22.09
CA GLY A 359 4.33 -27.52 22.33
C GLY A 359 2.95 -27.06 21.92
N VAL A 360 2.57 -25.83 22.26
CA VAL A 360 1.28 -25.27 21.77
C VAL A 360 1.64 -24.24 20.69
N TYR A 361 1.20 -24.46 19.45
CA TYR A 361 1.62 -23.55 18.34
C TYR A 361 0.41 -22.96 17.63
N SER A 362 0.36 -21.64 17.50
CA SER A 362 -0.74 -21.01 16.71
C SER A 362 -0.52 -21.28 15.22
N VAL A 363 -1.61 -21.49 14.47
CA VAL A 363 -1.51 -21.75 13.00
C VAL A 363 -2.50 -20.81 12.29
N SER A 364 -2.53 -20.82 10.96
CA SER A 364 -3.40 -19.85 10.24
C SER A 364 -4.84 -19.98 10.74
N SER A 365 -5.48 -18.85 11.03
CA SER A 365 -6.86 -18.86 11.58
C SER A 365 -7.85 -19.32 10.51
N PHE A 366 -8.91 -20.05 10.91
CA PHE A 366 -9.96 -20.43 9.94
C PHE A 366 -10.62 -19.15 9.43
N GLU A 367 -10.90 -19.07 8.13
CA GLU A 367 -11.46 -17.82 7.55
C GLU A 367 -12.92 -18.05 7.16
N ALA A 368 -13.81 -17.15 7.59
CA ALA A 368 -15.24 -17.27 7.22
C ALA A 368 -15.38 -17.12 5.70
N LYS A 369 -16.24 -17.92 5.08
CA LYS A 369 -16.37 -17.89 3.60
C LYS A 369 -17.71 -17.28 3.19
N PRO A 370 -17.74 -16.30 2.26
CA PRO A 370 -18.99 -15.64 1.89
C PRO A 370 -20.01 -16.60 1.30
N SER A 371 -21.27 -16.53 1.75
CA SER A 371 -22.33 -17.43 1.23
C SER A 371 -23.10 -16.72 0.10
N GLY A 372 -22.84 -15.43 -0.12
CA GLY A 372 -23.60 -14.68 -1.14
C GLY A 372 -22.86 -13.45 -1.62
N SER A 373 -23.35 -12.79 -2.67
CA SER A 373 -22.74 -11.53 -3.17
C SER A 373 -23.79 -10.43 -3.20
N VAL A 374 -23.52 -9.30 -2.55
CA VAL A 374 -24.53 -8.18 -2.50
C VAL A 374 -24.01 -7.00 -3.33
N VAL A 375 -24.81 -6.54 -4.29
CA VAL A 375 -24.45 -5.34 -5.09
C VAL A 375 -25.55 -4.31 -4.87
N GLU A 376 -25.21 -3.08 -4.47
CA GLU A 376 -26.25 -2.03 -4.33
C GLU A 376 -25.95 -0.85 -5.26
N GLN A 377 -26.90 -0.51 -6.14
CA GLN A 377 -26.75 0.66 -7.04
C GLN A 377 -28.13 1.31 -7.14
N ALA A 378 -28.19 2.64 -7.26
CA ALA A 378 -29.50 3.33 -7.28
C ALA A 378 -30.28 2.92 -8.53
N GLU A 379 -31.57 2.62 -8.39
CA GLU A 379 -32.42 2.28 -9.57
C GLU A 379 -33.53 3.33 -9.64
N GLY A 380 -33.66 4.03 -10.76
CA GLY A 380 -34.68 5.10 -10.84
C GLY A 380 -35.14 5.38 -12.26
N VAL A 381 -36.35 5.96 -12.43
CA VAL A 381 -36.90 6.37 -13.76
C VAL A 381 -37.60 5.16 -14.42
N GLU A 382 -38.69 5.41 -15.16
CA GLU A 382 -39.39 4.34 -15.91
C GLU A 382 -39.80 4.88 -17.28
N CYS A 383 -39.75 4.05 -18.33
CA CYS A 383 -40.22 4.50 -19.65
C CYS A 383 -41.74 4.64 -19.59
N ASP A 384 -42.31 5.66 -20.25
CA ASP A 384 -43.77 5.91 -20.10
C ASP A 384 -44.53 5.47 -21.36
N PHE A 385 -45.52 4.58 -21.19
CA PHE A 385 -46.36 4.15 -22.33
C PHE A 385 -47.69 4.93 -22.26
N SER A 386 -47.79 5.85 -21.29
CA SER A 386 -49.03 6.67 -21.12
C SER A 386 -49.30 7.56 -22.35
N PRO A 387 -48.32 8.21 -23.02
CA PRO A 387 -48.60 8.99 -24.23
C PRO A 387 -49.19 8.09 -25.34
N LEU A 388 -48.70 6.85 -25.45
CA LEU A 388 -49.23 5.91 -26.47
C LEU A 388 -50.72 5.67 -26.17
N LEU A 389 -51.07 5.45 -24.90
CA LEU A 389 -52.48 5.20 -24.49
C LEU A 389 -53.34 6.45 -24.74
N SER A 390 -52.82 7.64 -24.41
CA SER A 390 -53.62 8.88 -24.51
C SER A 390 -53.87 9.27 -25.98
N GLY A 391 -55.02 9.87 -26.27
CA GLY A 391 -55.31 10.36 -27.63
C GLY A 391 -55.72 9.25 -28.58
N THR A 392 -55.67 9.52 -29.88
CA THR A 392 -56.05 8.52 -30.90
C THR A 392 -54.80 8.06 -31.66
N PRO A 393 -54.58 6.74 -31.84
CA PRO A 393 -53.43 6.26 -32.61
C PRO A 393 -53.50 6.74 -34.07
N PRO A 394 -52.37 7.19 -34.66
CA PRO A 394 -52.36 7.69 -36.04
C PRO A 394 -52.38 6.57 -37.07
N GLN A 395 -52.58 6.92 -38.35
CA GLN A 395 -52.58 5.91 -39.44
C GLN A 395 -51.14 5.44 -39.68
N VAL A 396 -50.97 4.33 -40.39
CA VAL A 396 -49.61 3.73 -40.62
C VAL A 396 -48.66 4.76 -41.24
N TYR A 397 -49.11 5.50 -42.25
CA TYR A 397 -48.27 6.56 -42.90
C TYR A 397 -47.94 7.67 -41.90
N ASN A 398 -48.90 8.03 -41.04
CA ASN A 398 -48.71 9.17 -40.11
C ASN A 398 -48.25 8.65 -38.74
N PHE A 399 -47.66 7.45 -38.68
CA PHE A 399 -47.29 6.81 -37.39
C PHE A 399 -46.44 7.76 -36.54
N LYS A 400 -46.78 7.89 -35.25
CA LYS A 400 -45.97 8.72 -34.32
C LYS A 400 -44.81 7.89 -33.80
N ARG A 401 -43.72 8.54 -33.38
CA ARG A 401 -42.52 7.80 -32.91
C ARG A 401 -42.28 8.09 -31.42
N LEU A 402 -42.16 7.04 -30.61
CA LEU A 402 -41.85 7.21 -29.16
C LEU A 402 -40.46 6.61 -28.92
N VAL A 403 -39.51 7.40 -28.41
CA VAL A 403 -38.12 6.89 -28.25
C VAL A 403 -37.75 6.91 -26.75
N PHE A 404 -37.28 5.78 -26.23
CA PHE A 404 -36.85 5.72 -24.81
C PHE A 404 -35.35 5.39 -24.78
N THR A 405 -34.52 6.28 -24.23
CA THR A 405 -33.06 6.04 -24.27
C THR A 405 -32.53 5.55 -22.91
N ASN A 406 -32.89 6.22 -21.81
CA ASN A 406 -32.31 5.86 -20.49
C ASN A 406 -33.43 5.73 -19.44
N CYS A 407 -34.23 4.67 -19.52
CA CYS A 407 -35.29 4.45 -18.50
C CYS A 407 -35.52 2.94 -18.31
N ASN A 408 -35.98 2.53 -17.12
CA ASN A 408 -36.33 1.09 -16.93
C ASN A 408 -37.59 0.82 -17.77
N TYR A 409 -37.66 -0.32 -18.46
CA TYR A 409 -38.81 -0.55 -19.36
C TYR A 409 -39.62 -1.76 -18.89
N ASN A 410 -40.95 -1.70 -19.07
CA ASN A 410 -41.81 -2.85 -18.69
C ASN A 410 -42.66 -3.21 -19.93
N LEU A 411 -42.04 -3.87 -20.90
CA LEU A 411 -42.76 -4.26 -22.15
C LEU A 411 -43.91 -5.20 -21.78
N THR A 412 -43.69 -6.08 -20.81
CA THR A 412 -44.73 -7.08 -20.43
C THR A 412 -46.00 -6.37 -19.97
N LYS A 413 -45.87 -5.28 -19.21
CA LYS A 413 -47.05 -4.53 -18.72
C LYS A 413 -47.85 -3.98 -19.90
N LEU A 414 -47.17 -3.40 -20.90
CA LEU A 414 -47.85 -2.89 -22.11
C LEU A 414 -48.51 -4.07 -22.85
N LEU A 415 -47.81 -5.20 -22.93
CA LEU A 415 -48.36 -6.40 -23.62
C LEU A 415 -49.60 -6.89 -22.85
N SER A 416 -49.58 -6.82 -21.52
CA SER A 416 -50.76 -7.21 -20.71
C SER A 416 -51.95 -6.27 -20.99
N LEU A 417 -51.69 -4.96 -21.13
CA LEU A 417 -52.80 -3.97 -21.31
C LEU A 417 -53.58 -4.26 -22.59
N PHE A 418 -52.90 -4.60 -23.68
CA PHE A 418 -53.58 -4.85 -24.98
C PHE A 418 -53.67 -6.37 -25.23
N SER A 419 -54.57 -6.80 -26.11
CA SER A 419 -54.60 -8.24 -26.48
C SER A 419 -53.84 -8.42 -27.79
N VAL A 420 -52.64 -9.00 -27.74
CA VAL A 420 -51.80 -9.09 -28.97
C VAL A 420 -52.20 -10.31 -29.78
N ASN A 421 -52.91 -10.09 -30.89
CA ASN A 421 -53.30 -11.21 -31.79
C ASN A 421 -52.06 -11.79 -32.48
N ASP A 422 -51.14 -10.95 -32.95
CA ASP A 422 -49.96 -11.44 -33.72
C ASP A 422 -48.67 -10.93 -33.09
N PHE A 423 -47.73 -11.84 -32.79
CA PHE A 423 -46.40 -11.42 -32.26
C PHE A 423 -45.31 -12.01 -33.16
N THR A 424 -44.41 -11.17 -33.68
CA THR A 424 -43.26 -11.67 -34.49
C THR A 424 -42.02 -10.82 -34.21
N CYS A 425 -40.83 -11.37 -34.41
CA CYS A 425 -39.60 -10.55 -34.24
C CYS A 425 -38.54 -10.95 -35.28
N SER A 426 -37.64 -10.03 -35.62
CA SER A 426 -36.56 -10.31 -36.60
C SER A 426 -35.18 -10.05 -35.98
N GLN A 427 -34.25 -11.01 -36.07
CA GLN A 427 -32.84 -10.84 -35.61
C GLN A 427 -32.72 -11.02 -34.09
N ILE A 428 -33.82 -11.25 -33.37
CA ILE A 428 -33.73 -11.54 -31.91
C ILE A 428 -34.97 -12.29 -31.45
N SER A 429 -34.88 -13.03 -30.34
CA SER A 429 -36.05 -13.75 -29.78
C SER A 429 -37.00 -12.77 -29.11
N PRO A 430 -38.34 -12.98 -29.14
CA PRO A 430 -39.28 -12.12 -28.43
C PRO A 430 -39.04 -12.15 -26.91
N ALA A 431 -38.74 -13.32 -26.36
CA ALA A 431 -38.45 -13.44 -24.91
C ALA A 431 -37.18 -12.63 -24.59
N ALA A 432 -36.18 -12.69 -25.46
CA ALA A 432 -34.93 -11.93 -25.24
C ALA A 432 -35.24 -10.43 -25.24
N ILE A 433 -36.09 -9.96 -26.16
CA ILE A 433 -36.43 -8.51 -26.24
C ILE A 433 -37.14 -8.08 -24.95
N ALA A 434 -37.97 -8.97 -24.38
CA ALA A 434 -38.70 -8.65 -23.13
C ALA A 434 -37.72 -8.37 -21.99
N SER A 435 -36.61 -9.12 -21.90
CA SER A 435 -35.68 -8.95 -20.75
C SER A 435 -34.22 -8.81 -21.20
N ASN A 436 -33.84 -7.64 -21.73
CA ASN A 436 -32.41 -7.40 -22.11
C ASN A 436 -32.06 -5.91 -21.97
N CYS A 437 -30.77 -5.60 -21.83
CA CYS A 437 -30.32 -4.19 -21.77
C CYS A 437 -29.76 -3.77 -23.12
N TYR A 438 -30.22 -2.65 -23.68
CA TYR A 438 -29.70 -2.13 -24.97
C TYR A 438 -29.47 -0.62 -24.84
N SER A 439 -28.68 -0.03 -25.74
CA SER A 439 -28.35 1.41 -25.63
C SER A 439 -29.63 2.26 -25.75
N SER A 440 -30.52 1.94 -26.69
CA SER A 440 -31.74 2.76 -26.89
C SER A 440 -32.94 1.90 -27.30
N LEU A 441 -34.16 2.38 -27.05
CA LEU A 441 -35.39 1.66 -27.45
C LEU A 441 -36.19 2.58 -28.38
N ILE A 442 -36.59 2.11 -29.56
CA ILE A 442 -37.45 2.95 -30.46
C ILE A 442 -38.79 2.24 -30.65
N LEU A 443 -39.89 2.91 -30.33
CA LEU A 443 -41.25 2.32 -30.47
C LEU A 443 -42.07 3.16 -31.45
N ASP A 444 -42.69 2.53 -32.45
CA ASP A 444 -43.56 3.27 -33.40
C ASP A 444 -44.99 2.75 -33.22
N TYR A 445 -45.96 3.64 -32.99
CA TYR A 445 -47.34 3.17 -32.73
C TYR A 445 -48.30 3.74 -33.80
N PHE A 446 -49.13 2.87 -34.38
CA PHE A 446 -50.09 3.30 -35.44
C PHE A 446 -51.29 2.34 -35.42
N SER A 447 -52.40 2.74 -36.03
CA SER A 447 -53.57 1.81 -36.12
C SER A 447 -53.43 0.94 -37.37
N TYR A 448 -53.18 -0.35 -37.19
CA TYR A 448 -53.05 -1.28 -38.34
C TYR A 448 -53.99 -2.47 -38.17
N PRO A 449 -54.86 -2.78 -39.16
CA PRO A 449 -55.73 -3.96 -39.08
C PRO A 449 -54.98 -5.29 -39.25
N LEU A 450 -55.49 -6.35 -38.62
CA LEU A 450 -54.85 -7.69 -38.69
C LEU A 450 -54.83 -8.23 -40.12
N SER A 451 -55.87 -7.94 -40.91
CA SER A 451 -55.99 -8.52 -42.27
C SER A 451 -54.82 -8.12 -43.18
N MET A 452 -54.34 -6.89 -43.10
CA MET A 452 -53.28 -6.42 -44.05
C MET A 452 -51.88 -6.50 -43.41
N LYS A 453 -51.73 -7.23 -42.29
CA LYS A 453 -50.43 -7.29 -41.58
C LYS A 453 -49.35 -7.85 -42.52
N SER A 454 -49.70 -8.83 -43.35
CA SER A 454 -48.71 -9.45 -44.28
C SER A 454 -48.16 -8.40 -45.23
N ASP A 455 -49.01 -7.47 -45.69
CA ASP A 455 -48.57 -6.43 -46.67
C ASP A 455 -47.46 -5.57 -46.06
N LEU A 456 -47.56 -5.24 -44.77
CA LEU A 456 -46.54 -4.36 -44.12
C LEU A 456 -45.35 -5.20 -43.67
N SER A 457 -44.53 -5.69 -44.61
CA SER A 457 -43.29 -6.42 -44.24
C SER A 457 -42.17 -5.97 -45.17
N VAL A 458 -40.93 -5.90 -44.67
CA VAL A 458 -39.77 -5.54 -45.55
C VAL A 458 -39.62 -6.61 -46.63
N SER A 459 -39.76 -7.88 -46.26
CA SER A 459 -39.70 -8.99 -47.25
C SER A 459 -40.86 -8.88 -48.24
N SER A 460 -42.05 -8.50 -47.75
CA SER A 460 -43.25 -8.41 -48.62
C SER A 460 -43.09 -7.32 -49.67
N ALA A 461 -43.65 -7.54 -50.87
CA ALA A 461 -43.60 -6.53 -51.95
C ALA A 461 -44.88 -5.70 -51.92
N GLY A 462 -45.67 -5.85 -50.84
CA GLY A 462 -46.96 -5.14 -50.76
C GLY A 462 -46.81 -3.63 -50.78
N PRO A 463 -47.76 -2.88 -51.38
CA PRO A 463 -47.63 -1.43 -51.53
C PRO A 463 -47.54 -0.69 -50.19
N ILE A 464 -48.27 -1.15 -49.17
CA ILE A 464 -48.30 -0.41 -47.87
C ILE A 464 -46.88 -0.35 -47.30
N SER A 465 -46.16 -1.47 -47.23
CA SER A 465 -44.77 -1.44 -46.74
C SER A 465 -43.91 -0.59 -47.69
N GLN A 466 -44.15 -0.69 -48.99
CA GLN A 466 -43.33 0.03 -50.00
C GLN A 466 -43.48 1.56 -49.87
N PHE A 467 -44.69 2.08 -49.64
CA PHE A 467 -44.87 3.55 -49.66
C PHE A 467 -45.25 4.15 -48.30
N ASN A 468 -45.50 3.34 -47.26
CA ASN A 468 -45.98 3.93 -45.98
C ASN A 468 -44.92 3.80 -44.87
N TYR A 469 -44.78 2.62 -44.28
CA TYR A 469 -43.85 2.45 -43.13
C TYR A 469 -42.77 1.42 -43.46
N LYS A 470 -41.51 1.76 -43.17
CA LYS A 470 -40.39 0.82 -43.39
C LYS A 470 -39.58 0.70 -42.09
N GLN A 471 -39.12 -0.51 -41.76
CA GLN A 471 -38.36 -0.73 -40.51
C GLN A 471 -36.91 -1.11 -40.86
N SER A 472 -35.92 -0.50 -40.20
CA SER A 472 -34.51 -0.76 -40.57
C SER A 472 -34.14 -2.23 -40.35
N PHE A 473 -33.54 -2.87 -41.35
CA PHE A 473 -33.10 -4.29 -41.23
C PHE A 473 -31.92 -4.42 -40.27
N SER A 474 -30.98 -3.47 -40.29
CA SER A 474 -29.72 -3.63 -39.49
C SER A 474 -29.98 -3.74 -37.99
N ASN A 475 -30.83 -2.90 -37.41
CA ASN A 475 -31.17 -3.03 -35.97
C ASN A 475 -32.16 -4.19 -35.79
N PRO A 476 -32.12 -4.95 -34.67
CA PRO A 476 -33.11 -6.00 -34.45
C PRO A 476 -34.51 -5.35 -34.39
N THR A 477 -35.48 -5.95 -35.09
CA THR A 477 -36.83 -5.33 -35.16
C THR A 477 -37.88 -6.32 -34.64
N CYS A 478 -38.71 -5.90 -33.68
CA CYS A 478 -39.80 -6.77 -33.17
C CYS A 478 -41.13 -6.14 -33.61
N LEU A 479 -41.99 -6.89 -34.29
CA LEU A 479 -43.26 -6.31 -34.81
C LEU A 479 -44.45 -6.91 -34.04
N ILE A 480 -45.27 -6.08 -33.42
CA ILE A 480 -46.40 -6.59 -32.59
C ILE A 480 -47.72 -6.01 -33.10
N LEU A 481 -48.73 -6.85 -33.34
CA LEU A 481 -50.07 -6.34 -33.72
C LEU A 481 -51.05 -6.69 -32.59
N ALA A 482 -51.76 -5.69 -32.07
CA ALA A 482 -52.65 -5.94 -30.91
C ALA A 482 -54.04 -5.35 -31.15
N THR A 483 -55.06 -5.91 -30.49
CA THR A 483 -56.44 -5.38 -30.61
C THR A 483 -56.84 -4.80 -29.25
N VAL A 484 -57.35 -3.56 -29.22
CA VAL A 484 -57.66 -2.93 -27.90
C VAL A 484 -58.79 -3.70 -27.22
N PRO A 485 -58.67 -4.05 -25.92
CA PRO A 485 -59.76 -4.69 -25.19
C PRO A 485 -60.89 -3.69 -24.89
N HIS A 486 -62.12 -4.18 -24.69
CA HIS A 486 -63.25 -3.29 -24.31
C HIS A 486 -62.95 -2.63 -22.97
N ASN A 487 -62.32 -3.38 -22.05
CA ASN A 487 -62.02 -2.85 -20.68
C ASN A 487 -61.08 -1.64 -20.80
N LEU A 488 -60.11 -1.69 -21.72
CA LEU A 488 -59.15 -0.57 -21.88
C LEU A 488 -59.91 0.68 -22.32
N THR A 489 -59.58 1.84 -21.75
CA THR A 489 -60.33 3.10 -22.03
C THR A 489 -59.34 4.20 -22.43
N THR A 490 -59.85 5.32 -22.99
CA THR A 490 -59.02 6.49 -23.41
C THR A 490 -58.32 6.21 -24.74
N ILE A 491 -58.68 5.11 -25.41
CA ILE A 491 -58.12 4.85 -26.77
C ILE A 491 -59.17 5.31 -27.79
N THR A 492 -58.94 6.46 -28.42
CA THR A 492 -59.90 6.99 -29.42
C THR A 492 -59.80 6.17 -30.71
N LYS A 493 -60.90 6.01 -31.44
CA LYS A 493 -60.90 5.16 -32.66
C LYS A 493 -61.04 6.03 -33.91
N PRO A 494 -60.16 5.88 -34.93
CA PRO A 494 -60.31 6.64 -36.18
C PRO A 494 -61.53 6.12 -36.95
N LEU A 495 -62.09 6.91 -37.86
CA LEU A 495 -63.34 6.50 -38.55
C LEU A 495 -63.09 5.20 -39.32
N LYS A 496 -61.95 5.09 -40.01
CA LYS A 496 -61.59 3.83 -40.70
C LYS A 496 -60.07 3.75 -40.83
N TYR A 497 -59.51 2.54 -40.95
CA TYR A 497 -58.05 2.43 -41.20
C TYR A 497 -57.76 2.89 -42.63
N SER A 498 -56.69 3.66 -42.83
CA SER A 498 -56.37 4.19 -44.18
C SER A 498 -54.87 4.08 -44.46
N TYR A 499 -54.49 3.92 -45.73
CA TYR A 499 -53.05 3.80 -46.11
C TYR A 499 -52.82 4.49 -47.45
N ILE A 500 -51.57 4.84 -47.76
CA ILE A 500 -51.24 5.45 -49.08
C ILE A 500 -51.08 4.30 -50.08
N ASN A 501 -51.98 4.18 -51.05
CA ASN A 501 -51.92 3.05 -52.01
C ASN A 501 -50.64 3.15 -52.84
N LYS A 502 -50.30 4.35 -53.33
CA LYS A 502 -49.10 4.53 -54.18
C LYS A 502 -48.45 5.89 -53.94
N CYS A 503 -47.12 5.96 -53.98
CA CYS A 503 -46.42 7.28 -53.87
C CYS A 503 -45.49 7.40 -55.08
N SER A 504 -45.64 8.44 -55.89
CA SER A 504 -44.80 8.59 -57.12
C SER A 504 -44.53 10.06 -57.40
N ARG A 505 -43.47 10.38 -58.13
CA ARG A 505 -43.23 11.79 -58.52
C ARG A 505 -43.08 11.88 -60.05
N LEU A 506 -43.87 12.72 -60.70
CA LEU A 506 -43.72 12.94 -62.16
C LEU A 506 -42.38 13.65 -62.39
N LEU A 507 -41.64 13.24 -63.41
CA LEU A 507 -40.36 13.92 -63.75
C LEU A 507 -40.65 15.20 -64.53
N SER A 508 -39.63 16.03 -64.75
CA SER A 508 -39.82 17.27 -65.53
C SER A 508 -40.31 16.90 -66.93
N ASP A 509 -39.78 15.80 -67.50
CA ASP A 509 -40.27 15.33 -68.82
C ASP A 509 -41.76 14.95 -68.68
N ASP A 510 -42.60 15.35 -69.63
CA ASP A 510 -44.06 15.11 -69.53
C ASP A 510 -44.36 13.60 -69.53
N ARG A 511 -43.67 12.82 -70.37
CA ARG A 511 -44.01 11.38 -70.51
C ARG A 511 -43.21 10.51 -69.52
N THR A 512 -42.48 11.13 -68.59
CA THR A 512 -41.62 10.32 -67.69
C THR A 512 -42.09 10.45 -66.24
N GLU A 513 -42.35 9.32 -65.57
CA GLU A 513 -42.78 9.32 -64.14
C GLU A 513 -41.87 8.37 -63.36
N VAL A 514 -41.38 8.80 -62.19
CA VAL A 514 -40.55 7.90 -61.34
C VAL A 514 -41.28 7.62 -60.02
N PRO A 515 -41.53 6.35 -59.64
CA PRO A 515 -42.15 6.03 -58.35
C PRO A 515 -41.23 6.37 -57.17
N GLN A 516 -41.80 6.82 -56.06
CA GLN A 516 -40.98 7.14 -54.86
C GLN A 516 -41.22 6.06 -53.80
N LEU A 517 -40.15 5.42 -53.32
CA LEU A 517 -40.29 4.32 -52.33
C LEU A 517 -39.85 4.83 -50.96
N VAL A 518 -40.64 4.56 -49.92
CA VAL A 518 -40.32 5.13 -48.58
C VAL A 518 -38.98 4.57 -48.09
N ASN A 519 -38.13 5.43 -47.52
CA ASN A 519 -36.85 4.96 -46.90
C ASN A 519 -37.21 4.46 -45.50
N ALA A 520 -36.27 3.85 -44.77
CA ALA A 520 -36.68 3.31 -43.45
C ALA A 520 -37.29 4.45 -42.63
N ASN A 521 -38.48 4.22 -42.04
CA ASN A 521 -39.18 5.27 -41.26
C ASN A 521 -39.42 6.50 -42.15
N GLN A 522 -39.13 7.71 -41.65
CA GLN A 522 -39.22 8.98 -42.44
C GLN A 522 -40.67 9.47 -42.54
N TYR A 523 -41.64 8.74 -41.99
CA TYR A 523 -43.07 9.17 -41.95
C TYR A 523 -43.69 9.14 -43.35
N SER A 524 -43.02 8.57 -44.36
CA SER A 524 -43.55 8.45 -45.75
C SER A 524 -43.23 9.70 -46.59
N PRO A 525 -42.81 9.57 -47.87
CA PRO A 525 -42.57 10.73 -48.75
C PRO A 525 -43.85 11.48 -49.16
N CYS A 526 -44.94 10.75 -49.42
CA CYS A 526 -46.19 11.39 -49.93
C CYS A 526 -47.18 11.70 -48.80
N VAL A 527 -46.73 11.60 -47.54
CA VAL A 527 -47.65 11.80 -46.38
C VAL A 527 -48.24 13.21 -46.41
N SER A 528 -47.48 14.22 -46.84
CA SER A 528 -47.99 15.62 -46.76
C SER A 528 -49.26 15.81 -47.59
N ILE A 529 -49.30 15.28 -48.82
CA ILE A 529 -50.49 15.45 -49.70
C ILE A 529 -51.69 14.73 -49.07
N VAL A 530 -51.45 13.52 -48.54
CA VAL A 530 -52.56 12.70 -47.96
C VAL A 530 -53.03 13.31 -46.64
N PRO A 531 -54.34 13.38 -46.36
CA PRO A 531 -54.84 13.86 -45.06
C PRO A 531 -54.62 12.78 -43.99
N SER A 532 -54.80 13.11 -42.70
CA SER A 532 -54.51 12.14 -41.63
C SER A 532 -55.37 10.89 -41.84
N THR A 533 -56.64 11.07 -42.23
CA THR A 533 -57.49 9.89 -42.58
C THR A 533 -57.96 10.07 -44.03
N VAL A 534 -57.74 9.07 -44.88
CA VAL A 534 -58.11 9.20 -46.33
C VAL A 534 -59.63 9.37 -46.43
N TRP A 535 -60.08 10.42 -47.12
CA TRP A 535 -61.54 10.73 -47.19
C TRP A 535 -62.33 9.61 -47.89
N GLU A 536 -61.80 9.05 -48.99
CA GLU A 536 -62.58 8.03 -49.76
C GLU A 536 -61.70 6.81 -50.05
N ASP A 537 -62.34 5.67 -50.34
CA ASP A 537 -61.58 4.43 -50.66
C ASP A 537 -60.73 4.71 -51.92
N GLY A 538 -61.28 5.42 -52.89
CA GLY A 538 -60.47 5.81 -54.06
C GLY A 538 -60.24 7.32 -54.05
N ASP A 539 -58.98 7.76 -53.97
CA ASP A 539 -58.69 9.21 -53.87
C ASP A 539 -57.47 9.55 -54.75
N TYR A 540 -57.45 10.76 -55.32
CA TYR A 540 -56.30 11.22 -56.13
C TYR A 540 -55.67 12.45 -55.48
N TYR A 541 -54.37 12.40 -55.20
CA TYR A 541 -53.67 13.56 -54.58
C TYR A 541 -52.51 13.99 -55.48
N ARG A 542 -52.43 15.28 -55.81
CA ARG A 542 -51.27 15.76 -56.61
C ARG A 542 -50.80 17.12 -56.07
N LYS A 543 -49.48 17.35 -56.07
CA LYS A 543 -48.92 18.66 -55.64
C LYS A 543 -47.68 18.92 -56.51
N GLN A 544 -47.24 20.16 -56.64
CA GLN A 544 -46.09 20.44 -57.56
C GLN A 544 -44.87 20.85 -56.75
N LEU A 545 -43.74 20.16 -56.96
CA LEU A 545 -42.47 20.55 -56.27
C LEU A 545 -41.99 21.88 -56.84
N SER A 546 -41.33 22.71 -56.02
CA SER A 546 -40.79 23.99 -56.52
C SER A 546 -39.73 23.70 -57.61
N PRO A 547 -39.73 24.41 -58.75
CA PRO A 547 -38.78 24.17 -59.83
C PRO A 547 -37.35 24.53 -59.40
N LEU A 548 -36.35 23.75 -59.85
CA LEU A 548 -34.94 24.06 -59.51
C LEU A 548 -34.80 24.16 -57.99
N GLU A 549 -35.38 23.20 -57.26
CA GLU A 549 -35.73 21.86 -57.82
C GLU A 549 -37.00 21.34 -57.12
N GLY A 550 -37.64 20.33 -57.72
CA GLY A 550 -37.27 19.83 -59.06
C GLY A 550 -38.27 20.23 -60.12
N GLY A 551 -39.29 21.02 -59.75
CA GLY A 551 -40.35 21.41 -60.70
C GLY A 551 -41.08 20.19 -61.24
N GLY A 552 -41.24 19.16 -60.42
CA GLY A 552 -41.93 17.93 -60.85
C GLY A 552 -43.11 17.61 -59.96
N TRP A 553 -44.26 17.29 -60.56
CA TRP A 553 -45.50 17.01 -59.76
C TRP A 553 -45.30 15.78 -58.88
N LEU A 554 -45.82 15.81 -57.65
CA LEU A 554 -45.76 14.61 -56.76
C LEU A 554 -47.18 14.03 -56.70
N VAL A 555 -47.34 12.75 -57.03
CA VAL A 555 -48.72 12.17 -57.12
C VAL A 555 -48.87 11.05 -56.07
N ALA A 556 -49.98 11.08 -55.31
CA ALA A 556 -50.20 10.06 -54.25
C ALA A 556 -51.59 9.44 -54.40
N SER A 557 -51.77 8.20 -53.91
CA SER A 557 -53.09 7.54 -53.96
C SER A 557 -53.59 7.30 -52.53
N GLY A 558 -54.91 7.37 -52.32
CA GLY A 558 -55.47 7.10 -50.99
C GLY A 558 -56.39 5.90 -51.00
N SER A 559 -56.19 4.95 -50.07
CA SER A 559 -57.05 3.75 -49.98
C SER A 559 -57.47 3.53 -48.53
N THR A 560 -58.67 2.95 -48.31
CA THR A 560 -59.20 2.76 -46.93
C THR A 560 -59.70 1.33 -46.76
N VAL A 561 -59.79 0.84 -45.52
CA VAL A 561 -60.36 -0.52 -45.25
C VAL A 561 -61.44 -0.38 -44.19
N ALA A 562 -62.39 -1.31 -44.13
CA ALA A 562 -63.52 -1.20 -43.18
C ALA A 562 -62.99 -1.22 -41.74
N MET A 563 -63.54 -0.36 -40.88
CA MET A 563 -63.09 -0.28 -39.46
C MET A 563 -63.56 -1.53 -38.71
N THR A 564 -62.66 -2.16 -37.94
CA THR A 564 -63.04 -3.33 -37.11
C THR A 564 -63.83 -2.86 -35.89
N GLU A 565 -64.72 -3.70 -35.35
CA GLU A 565 -65.54 -3.31 -34.17
C GLU A 565 -64.60 -2.99 -33.02
N GLN A 566 -63.52 -3.76 -32.86
CA GLN A 566 -62.50 -3.44 -31.81
C GLN A 566 -61.28 -2.86 -32.54
N LEU A 567 -60.78 -1.71 -32.10
CA LEU A 567 -59.66 -1.05 -32.83
C LEU A 567 -58.43 -1.97 -32.83
N GLN A 568 -57.75 -2.08 -33.97
CA GLN A 568 -56.53 -2.91 -34.07
C GLN A 568 -55.33 -1.98 -34.29
N MET A 569 -54.29 -2.12 -33.46
CA MET A 569 -53.12 -1.20 -33.56
C MET A 569 -51.84 -2.01 -33.84
N GLY A 570 -51.03 -1.54 -34.80
CA GLY A 570 -49.77 -2.23 -35.12
C GLY A 570 -48.58 -1.46 -34.55
N PHE A 571 -47.67 -2.16 -33.86
CA PHE A 571 -46.52 -1.47 -33.22
C PHE A 571 -45.22 -1.98 -33.84
N GLY A 572 -44.36 -1.06 -34.31
CA GLY A 572 -43.05 -1.47 -34.85
C GLY A 572 -41.94 -1.04 -33.92
N ILE A 573 -41.11 -1.99 -33.47
CA ILE A 573 -40.05 -1.66 -32.47
C ILE A 573 -38.68 -1.88 -33.13
N THR A 574 -37.80 -0.88 -33.07
CA THR A 574 -36.45 -0.99 -33.69
C THR A 574 -35.41 -0.60 -32.64
N VAL A 575 -35.20 -1.46 -31.63
CA VAL A 575 -34.22 -1.16 -30.55
C VAL A 575 -32.80 -1.14 -31.13
N GLN A 576 -31.94 -0.25 -30.64
CA GLN A 576 -30.53 -0.24 -31.11
C GLN A 576 -29.65 -0.75 -29.96
N TYR A 577 -28.94 -1.86 -30.18
CA TYR A 577 -28.04 -2.43 -29.14
C TYR A 577 -26.74 -1.62 -29.10
N GLY A 578 -26.17 -1.44 -27.91
CA GLY A 578 -24.88 -0.74 -27.80
C GLY A 578 -23.81 -1.68 -27.25
N THR A 579 -22.68 -1.80 -27.94
CA THR A 579 -21.62 -2.75 -27.51
C THR A 579 -21.07 -2.30 -26.15
N ASP A 580 -20.86 -0.99 -25.97
CA ASP A 580 -20.28 -0.49 -24.69
C ASP A 580 -21.37 0.21 -23.86
N THR A 581 -22.49 0.59 -24.48
CA THR A 581 -23.53 1.37 -23.74
C THR A 581 -24.84 0.60 -23.66
N ASN A 582 -25.41 0.46 -22.46
CA ASN A 582 -26.76 -0.19 -22.30
C ASN A 582 -27.61 0.72 -21.42
N SER A 583 -28.02 1.88 -21.93
CA SER A 583 -28.77 2.87 -21.09
C SER A 583 -30.13 2.34 -20.63
N VAL A 584 -30.89 1.66 -21.49
CA VAL A 584 -32.26 1.22 -21.09
C VAL A 584 -32.22 -0.25 -20.68
N CYS A 585 -32.75 -0.58 -19.48
CA CYS A 585 -32.68 -1.97 -18.96
C CYS A 585 -34.08 -2.39 -18.46
N PRO A 586 -34.41 -3.70 -18.40
CA PRO A 586 -35.75 -4.14 -18.01
C PRO A 586 -36.13 -3.87 -16.54
N LYS A 587 -37.42 -3.69 -16.26
CA LYS A 587 -37.89 -3.45 -14.88
C LYS A 587 -38.40 -4.77 -14.30
N LEU A 588 -37.85 -5.20 -13.15
CA LEU A 588 -36.80 -4.43 -12.45
C LEU A 588 -35.47 -5.18 -12.57
N GLU A 589 -34.41 -4.49 -12.99
CA GLU A 589 -33.09 -5.15 -13.21
C GLU A 589 -32.57 -5.73 -11.89
N PHE A 590 -32.74 -4.99 -10.78
CA PHE A 590 -32.21 -5.45 -9.47
C PHE A 590 -32.99 -6.67 -8.95
N ALA A 591 -32.34 -7.51 -8.15
CA ALA A 591 -32.98 -8.74 -7.64
C ALA A 591 -32.80 -8.83 -6.12
N ASN A 592 -33.56 -9.70 -5.45
CA ASN A 592 -33.53 -9.80 -3.97
C ASN A 592 -32.12 -10.16 -3.48
N ASP A 593 -31.41 -11.05 -4.19
CA ASP A 593 -30.06 -11.49 -3.73
C ASP A 593 -29.12 -10.29 -3.67
N THR A 594 -29.22 -9.37 -4.64
CA THR A 594 -28.36 -8.16 -4.64
C THR A 594 -28.67 -7.31 -3.40
N LYS A 595 -29.94 -7.26 -2.99
CA LYS A 595 -30.33 -6.43 -1.82
C LYS A 595 -29.64 -6.96 -0.56
N ILE A 596 -29.16 -6.05 0.30
CA ILE A 596 -28.46 -6.43 1.56
C ILE A 596 -29.42 -7.17 2.51
N ALA A 597 -30.70 -6.80 2.53
CA ALA A 597 -31.66 -7.38 3.50
C ALA A 597 -31.71 -8.91 3.36
N SER A 598 -31.67 -9.43 2.14
CA SER A 598 -31.68 -10.90 1.92
C SER A 598 -30.45 -11.55 2.55
N GLN A 599 -29.28 -10.90 2.48
CA GLN A 599 -28.02 -11.50 2.97
C GLN A 599 -27.65 -10.98 4.37
N LEU A 600 -28.60 -10.35 5.07
CA LEU A 600 -28.30 -9.76 6.40
C LEU A 600 -27.84 -10.84 7.37
N GLY A 601 -26.81 -10.56 8.18
CA GLY A 601 -26.34 -11.53 9.20
C GLY A 601 -25.44 -12.59 8.61
N ASN A 602 -25.04 -12.46 7.35
CA ASN A 602 -24.22 -13.50 6.68
C ASN A 602 -22.94 -12.87 6.14
N CYS A 603 -21.79 -13.54 6.32
CA CYS A 603 -20.52 -13.04 5.71
C CYS A 603 -20.73 -13.02 4.20
N VAL A 604 -20.68 -11.84 3.57
CA VAL A 604 -20.97 -11.76 2.10
C VAL A 604 -19.99 -10.81 1.42
N GLU A 605 -19.75 -10.99 0.11
CA GLU A 605 -18.89 -10.04 -0.63
C GLU A 605 -19.76 -8.86 -1.06
N TYR A 606 -19.32 -7.63 -0.81
CA TYR A 606 -20.15 -6.45 -1.14
C TYR A 606 -19.50 -5.63 -2.25
N SER A 607 -20.28 -5.27 -3.27
CA SER A 607 -19.75 -4.41 -4.37
C SER A 607 -20.74 -3.27 -4.58
N LEU A 608 -20.76 -2.30 -3.65
CA LEU A 608 -21.78 -1.22 -3.73
C LEU A 608 -21.11 0.12 -4.05
N TYR A 609 -21.57 0.79 -5.13
CA TYR A 609 -21.05 2.14 -5.48
C TYR A 609 -19.53 2.18 -5.60
N GLY A 610 -18.93 1.18 -6.23
CA GLY A 610 -17.47 1.22 -6.48
C GLY A 610 -16.61 0.78 -5.30
N VAL A 611 -17.22 0.21 -4.26
CA VAL A 611 -16.42 -0.33 -3.11
C VAL A 611 -16.56 -1.86 -3.10
N SER A 612 -15.43 -2.57 -3.16
CA SER A 612 -15.46 -4.06 -3.12
C SER A 612 -14.75 -4.58 -1.87
N GLY A 613 -15.44 -5.39 -1.06
CA GLY A 613 -14.85 -5.94 0.18
C GLY A 613 -15.64 -7.13 0.69
N ARG A 614 -15.12 -7.86 1.68
CA ARG A 614 -15.89 -8.97 2.30
C ARG A 614 -16.36 -8.50 3.68
N GLY A 615 -17.68 -8.53 3.93
CA GLY A 615 -18.19 -8.00 5.21
C GLY A 615 -19.53 -8.60 5.62
N VAL A 616 -19.86 -8.49 6.92
CA VAL A 616 -21.17 -9.00 7.43
C VAL A 616 -22.02 -7.78 7.78
N PHE A 617 -23.26 -7.72 7.28
CA PHE A 617 -24.12 -6.54 7.53
C PHE A 617 -25.09 -6.85 8.68
N GLN A 618 -25.12 -5.99 9.70
CA GLN A 618 -26.04 -6.19 10.85
C GLN A 618 -26.93 -4.95 10.95
N ASN A 619 -28.26 -5.16 11.05
CA ASN A 619 -29.19 -4.01 11.19
C ASN A 619 -28.90 -3.31 12.53
N CYS A 620 -28.84 -1.97 12.52
CA CYS A 620 -28.52 -1.20 13.76
C CYS A 620 -29.04 0.23 13.62
N THR A 621 -29.07 0.99 14.71
CA THR A 621 -29.56 2.39 14.68
C THR A 621 -28.68 3.22 13.74
N ALA A 622 -29.28 4.09 12.92
CA ALA A 622 -28.50 4.86 11.92
C ALA A 622 -27.52 5.81 12.62
N VAL A 623 -26.28 5.89 12.12
CA VAL A 623 -25.28 6.85 12.68
C VAL A 623 -24.51 7.48 11.51
N GLY A 624 -23.97 8.69 11.70
CA GLY A 624 -23.25 9.39 10.62
C GLY A 624 -24.21 10.16 9.72
N VAL A 625 -23.68 10.80 8.67
CA VAL A 625 -24.54 11.64 7.77
C VAL A 625 -25.20 10.72 6.74
N ARG A 626 -26.53 10.75 6.64
CA ARG A 626 -27.27 9.86 5.69
C ARG A 626 -26.93 10.24 4.25
N GLN A 627 -26.76 11.54 3.98
CA GLN A 627 -26.50 12.00 2.60
C GLN A 627 -25.18 11.40 2.10
N GLN A 628 -24.16 11.35 2.97
CA GLN A 628 -22.85 10.75 2.60
C GLN A 628 -23.03 9.25 2.34
N ARG A 629 -23.88 8.57 3.10
CA ARG A 629 -24.19 7.11 2.90
C ARG A 629 -23.07 6.21 3.47
N PHE A 630 -21.81 6.42 3.07
CA PHE A 630 -20.72 5.51 3.52
C PHE A 630 -20.12 6.04 4.83
N VAL A 631 -20.19 5.26 5.90
CA VAL A 631 -19.67 5.72 7.23
C VAL A 631 -18.38 4.96 7.55
N TYR A 632 -17.32 5.66 7.93
CA TYR A 632 -16.01 4.98 8.15
C TYR A 632 -15.47 5.29 9.55
N ASP A 633 -14.76 4.34 10.15
CA ASP A 633 -14.15 4.55 11.50
C ASP A 633 -12.82 5.27 11.37
N ALA A 634 -12.15 5.57 12.49
CA ALA A 634 -10.87 6.29 12.47
C ALA A 634 -9.82 5.47 11.71
N TYR A 635 -9.89 4.13 11.83
CA TYR A 635 -8.97 3.24 11.08
C TYR A 635 -9.26 3.36 9.58
N GLN A 636 -10.40 3.95 9.18
CA GLN A 636 -10.79 4.14 7.76
C GLN A 636 -11.47 2.87 7.22
N ASN A 637 -11.72 1.89 8.09
CA ASN A 637 -12.48 0.67 7.66
C ASN A 637 -13.95 1.07 7.51
N LEU A 638 -14.69 0.37 6.66
CA LEU A 638 -16.12 0.72 6.43
C LEU A 638 -16.94 0.07 7.54
N VAL A 639 -17.40 0.88 8.51
CA VAL A 639 -18.14 0.31 9.69
C VAL A 639 -19.64 0.56 9.54
N GLY A 640 -20.05 1.37 8.57
CA GLY A 640 -21.49 1.60 8.35
C GLY A 640 -21.85 1.88 6.91
N TYR A 641 -23.05 1.49 6.50
CA TYR A 641 -23.51 1.80 5.12
C TYR A 641 -25.01 2.15 5.15
N TYR A 642 -25.45 3.09 4.31
CA TYR A 642 -26.90 3.39 4.22
C TYR A 642 -27.44 2.68 2.97
N SER A 643 -28.46 1.84 3.12
CA SER A 643 -28.97 1.06 1.97
C SER A 643 -29.78 1.93 1.01
N ASP A 644 -30.03 1.44 -0.21
CA ASP A 644 -30.85 2.20 -1.20
C ASP A 644 -32.25 2.38 -0.60
N ASP A 645 -32.76 1.37 0.11
CA ASP A 645 -34.08 1.47 0.79
C ASP A 645 -34.01 2.54 1.88
N GLY A 646 -32.81 2.85 2.39
CA GLY A 646 -32.65 3.86 3.45
C GLY A 646 -32.53 3.25 4.84
N ASN A 647 -32.44 1.92 4.93
CA ASN A 647 -32.23 1.27 6.25
C ASN A 647 -30.72 1.14 6.49
N TYR A 648 -30.21 1.76 7.56
CA TYR A 648 -28.75 1.73 7.82
C TYR A 648 -28.33 0.35 8.33
N TYR A 649 -27.24 -0.20 7.80
CA TYR A 649 -26.72 -1.51 8.26
C TYR A 649 -25.26 -1.37 8.69
N CYS A 650 -24.96 -1.68 9.96
CA CYS A 650 -23.55 -1.64 10.42
C CYS A 650 -22.76 -2.69 9.65
N LEU A 651 -21.54 -2.36 9.22
CA LEU A 651 -20.75 -3.31 8.41
C LEU A 651 -19.56 -3.79 9.24
N ARG A 652 -19.46 -5.09 9.47
CA ARG A 652 -18.30 -5.67 10.20
C ARG A 652 -17.62 -6.65 9.25
N ALA A 653 -16.31 -6.53 9.04
CA ALA A 653 -15.62 -7.42 8.07
C ALA A 653 -15.73 -8.85 8.57
N CYS A 654 -15.79 -9.83 7.65
CA CYS A 654 -16.00 -11.24 8.10
C CYS A 654 -14.91 -11.55 9.13
N VAL A 655 -15.27 -12.13 10.27
CA VAL A 655 -14.27 -12.34 11.36
C VAL A 655 -13.71 -13.76 11.30
N SER A 656 -12.38 -13.88 11.16
CA SER A 656 -11.74 -15.22 11.13
C SER A 656 -11.79 -15.83 12.54
N VAL A 657 -11.91 -17.16 12.62
CA VAL A 657 -11.91 -17.87 13.94
C VAL A 657 -10.47 -18.29 14.23
N PRO A 658 -9.83 -17.82 15.33
CA PRO A 658 -8.43 -18.15 15.60
C PRO A 658 -8.26 -19.66 15.81
N VAL A 659 -7.21 -20.23 15.23
CA VAL A 659 -6.95 -21.70 15.39
C VAL A 659 -5.55 -21.90 16.01
N SER A 660 -5.46 -22.70 17.07
CA SER A 660 -4.15 -23.01 17.69
C SER A 660 -4.05 -24.53 17.85
N VAL A 661 -2.85 -25.10 17.72
CA VAL A 661 -2.72 -26.58 17.78
C VAL A 661 -1.96 -26.97 19.05
N ILE A 662 -2.56 -27.86 19.85
CA ILE A 662 -1.84 -28.38 21.06
C ILE A 662 -1.32 -29.76 20.66
N TYR A 663 0.01 -29.95 20.61
CA TYR A 663 0.54 -31.24 20.10
C TYR A 663 1.54 -31.84 21.09
N ASP A 664 1.46 -33.16 21.31
CA ASP A 664 2.47 -33.84 22.17
C ASP A 664 3.22 -34.84 21.27
N LYS A 665 4.55 -34.74 21.22
CA LYS A 665 5.35 -35.60 20.31
C LYS A 665 5.19 -37.08 20.69
N GLU A 666 5.23 -37.40 22.00
CA GLU A 666 5.19 -38.82 22.41
C GLU A 666 3.86 -39.45 21.99
N THR A 667 2.74 -38.75 22.22
CA THR A 667 1.42 -39.26 21.78
C THR A 667 1.33 -39.28 20.25
N LYS A 668 1.91 -38.27 19.57
CA LYS A 668 1.78 -38.14 18.10
C LYS A 668 0.31 -37.81 17.78
N THR A 669 -0.39 -37.20 18.74
CA THR A 669 -1.81 -36.80 18.55
C THR A 669 -1.96 -35.32 18.90
N HIS A 670 -2.96 -34.64 18.34
CA HIS A 670 -3.08 -33.18 18.57
C HIS A 670 -4.51 -32.81 19.01
N ALA A 671 -4.66 -31.68 19.71
CA ALA A 671 -6.00 -31.19 20.10
C ALA A 671 -6.21 -29.81 19.46
N THR A 672 -7.37 -29.60 18.81
CA THR A 672 -7.60 -28.31 18.11
C THR A 672 -8.16 -27.28 19.09
N LEU A 673 -7.53 -26.10 19.17
CA LEU A 673 -7.96 -25.06 20.15
C LEU A 673 -8.41 -23.80 19.38
N PHE A 674 -9.55 -23.23 19.76
CA PHE A 674 -10.03 -21.98 19.12
C PHE A 674 -9.99 -20.87 20.18
N GLY A 675 -9.35 -19.74 19.89
CA GLY A 675 -9.18 -18.69 20.91
C GLY A 675 -10.34 -17.72 21.00
N SER A 676 -10.88 -17.53 22.21
CA SER A 676 -11.97 -16.53 22.45
C SER A 676 -13.23 -16.81 21.63
N VAL A 677 -13.47 -18.07 21.27
CA VAL A 677 -14.64 -18.37 20.39
C VAL A 677 -15.64 -19.22 21.18
N ALA A 678 -16.91 -18.81 21.21
CA ALA A 678 -17.93 -19.66 21.85
C ALA A 678 -18.12 -20.90 20.96
N CYS A 679 -18.10 -22.09 21.57
CA CYS A 679 -18.23 -23.34 20.81
C CYS A 679 -19.46 -23.41 19.93
N GLU A 680 -20.34 -22.45 20.01
CA GLU A 680 -21.52 -22.41 19.17
C GLU A 680 -21.13 -22.27 17.69
N HIS A 681 -19.89 -21.82 17.44
CA HIS A 681 -19.39 -21.65 16.08
C HIS A 681 -18.55 -22.82 15.62
N ILE A 682 -18.36 -23.81 16.48
CA ILE A 682 -17.48 -24.89 16.12
C ILE A 682 -18.26 -26.21 16.08
N TYR A 704 -16.01 -37.22 21.41
CA TYR A 704 -16.52 -36.09 22.17
C TYR A 704 -16.72 -34.87 21.28
N GLY A 705 -17.66 -34.02 21.66
CA GLY A 705 -17.93 -32.80 20.93
C GLY A 705 -16.95 -31.75 21.42
N PRO A 706 -17.08 -30.44 21.07
CA PRO A 706 -16.19 -29.42 21.63
C PRO A 706 -16.49 -29.13 23.11
N LEU A 707 -15.48 -28.67 23.85
CA LEU A 707 -15.68 -28.37 25.29
C LEU A 707 -15.53 -26.86 25.50
N GLN A 708 -16.52 -26.22 26.15
CA GLN A 708 -16.41 -24.77 26.44
C GLN A 708 -15.49 -24.58 27.65
N THR A 709 -14.48 -23.72 27.53
CA THR A 709 -13.51 -23.48 28.64
C THR A 709 -13.33 -21.97 28.78
N PRO A 710 -12.82 -21.45 29.92
CA PRO A 710 -12.57 -20.02 30.07
C PRO A 710 -11.56 -19.50 29.02
N VAL A 711 -10.53 -20.29 28.71
CA VAL A 711 -9.53 -19.88 27.68
C VAL A 711 -10.20 -19.76 26.30
N GLY A 712 -11.14 -20.66 25.96
CA GLY A 712 -11.74 -20.66 24.62
C GLY A 712 -12.49 -21.94 24.33
N CYS A 713 -12.65 -22.30 23.05
CA CYS A 713 -13.32 -23.58 22.69
C CYS A 713 -12.26 -24.61 22.28
N VAL A 714 -12.26 -25.79 22.92
CA VAL A 714 -11.31 -26.86 22.51
C VAL A 714 -12.13 -28.02 21.91
N LEU A 715 -11.86 -28.38 20.66
CA LEU A 715 -12.64 -29.44 19.96
C LEU A 715 -12.27 -30.83 20.49
N GLY A 716 -13.27 -31.73 20.60
CA GLY A 716 -13.01 -33.12 21.02
C GLY A 716 -12.20 -33.20 22.30
N LEU A 717 -12.63 -32.49 23.34
CA LEU A 717 -11.87 -32.47 24.62
C LEU A 717 -12.74 -32.99 25.76
N VAL A 718 -12.20 -33.89 26.59
CA VAL A 718 -12.96 -34.41 27.76
C VAL A 718 -12.29 -33.87 29.02
N ASN A 719 -13.07 -33.27 29.93
CA ASN A 719 -12.49 -32.68 31.16
C ASN A 719 -11.87 -33.80 31.99
N SER A 720 -10.64 -33.61 32.48
CA SER A 720 -9.99 -34.63 33.35
C SER A 720 -10.76 -34.75 34.66
N SER A 721 -11.29 -33.63 35.20
CA SER A 721 -11.98 -33.63 36.51
C SER A 721 -10.97 -34.00 37.60
N LEU A 722 -9.69 -33.70 37.36
CA LEU A 722 -8.62 -34.00 38.34
C LEU A 722 -7.66 -32.81 38.36
N PHE A 723 -6.97 -32.59 39.49
CA PHE A 723 -6.04 -31.44 39.61
C PHE A 723 -4.60 -31.95 39.65
N VAL A 724 -3.76 -31.46 38.73
CA VAL A 724 -2.31 -31.85 38.73
C VAL A 724 -1.46 -30.59 38.83
N GLU A 725 -0.52 -30.55 39.79
CA GLU A 725 0.38 -29.38 39.93
C GLU A 725 1.26 -29.25 38.68
N ASP A 726 1.78 -30.38 38.17
CA ASP A 726 2.63 -30.36 36.95
C ASP A 726 1.76 -30.06 35.72
N CYS A 727 2.29 -29.28 34.78
CA CYS A 727 1.54 -29.03 33.52
C CYS A 727 2.41 -29.40 32.31
N LYS A 728 2.01 -30.42 31.54
CA LYS A 728 2.76 -30.81 30.32
C LYS A 728 2.63 -29.76 29.22
N LEU A 729 1.42 -29.22 29.00
CA LEU A 729 1.20 -28.26 27.88
C LEU A 729 0.32 -27.09 28.39
N PRO A 730 0.79 -25.82 28.51
CA PRO A 730 -0.06 -24.78 29.09
C PRO A 730 -1.19 -24.34 28.15
N LEU A 731 -2.43 -24.31 28.65
CA LEU A 731 -3.57 -23.82 27.81
C LEU A 731 -3.91 -22.37 28.17
N GLY A 732 -3.19 -21.79 29.13
CA GLY A 732 -3.51 -20.41 29.58
C GLY A 732 -4.43 -20.42 30.79
N GLN A 733 -4.63 -19.27 31.44
CA GLN A 733 -5.45 -19.21 32.67
C GLN A 733 -4.95 -20.27 33.66
N SER A 734 -5.85 -21.09 34.22
CA SER A 734 -5.42 -22.17 35.14
C SER A 734 -5.46 -23.50 34.38
N LEU A 735 -5.50 -23.45 33.05
CA LEU A 735 -5.69 -24.72 32.27
C LEU A 735 -4.39 -25.30 31.71
N CYS A 736 -4.39 -26.62 31.47
CA CYS A 736 -3.28 -27.36 30.87
C CYS A 736 -3.74 -28.55 30.06
N ALA A 737 -3.13 -28.79 28.90
CA ALA A 737 -3.46 -30.01 28.16
C ALA A 737 -2.54 -31.13 28.67
N LEU A 738 -3.15 -32.24 29.03
CA LEU A 738 -2.40 -33.35 29.57
C LEU A 738 -2.58 -34.60 28.73
N PRO A 739 -1.58 -35.11 28.03
CA PRO A 739 -1.72 -36.25 27.16
C PRO A 739 -2.07 -37.48 27.97
N ASP A 740 -2.81 -38.38 27.34
CA ASP A 740 -3.21 -39.67 27.93
C ASP A 740 -2.21 -40.73 27.52
N THR A 741 -1.27 -41.03 28.42
CA THR A 741 -0.17 -41.92 28.16
C THR A 741 0.54 -42.35 29.42
N PRO A 754 -1.90 -44.10 22.31
CA PRO A 754 -2.20 -42.92 23.13
C PRO A 754 -3.65 -42.53 22.98
N GLY A 755 -4.17 -41.85 23.98
CA GLY A 755 -5.58 -41.42 23.93
C GLY A 755 -5.71 -39.94 23.61
N GLU A 756 -6.81 -39.36 24.03
CA GLU A 756 -7.07 -37.95 23.81
C GLU A 756 -6.39 -37.16 24.89
N MET A 757 -6.07 -35.91 24.63
CA MET A 757 -5.49 -35.12 25.70
C MET A 757 -6.60 -34.75 26.67
N ARG A 758 -6.26 -34.73 27.92
CA ARG A 758 -7.17 -34.33 28.98
C ARG A 758 -7.06 -32.84 29.26
N LEU A 759 -8.17 -32.23 29.68
CA LEU A 759 -8.12 -30.82 30.13
C LEU A 759 -7.91 -30.85 31.64
N ALA A 760 -6.69 -30.64 32.11
CA ALA A 760 -6.42 -30.77 33.57
C ALA A 760 -6.18 -29.39 34.19
N SER A 761 -6.95 -29.04 35.23
CA SER A 761 -6.73 -27.75 35.92
C SER A 761 -5.42 -27.83 36.73
N ILE A 762 -4.60 -26.79 36.64
CA ILE A 762 -3.33 -26.75 37.42
C ILE A 762 -3.69 -26.66 38.91
N ALA A 763 -2.96 -27.35 39.78
CA ALA A 763 -3.30 -27.39 41.21
C ALA A 763 -2.34 -26.51 42.03
N PHE A 764 -2.87 -25.55 42.78
CA PHE A 764 -2.02 -24.70 43.65
C PHE A 764 -1.51 -25.53 44.82
N ASN A 765 -0.20 -25.75 44.90
CA ASN A 765 0.37 -26.49 46.05
C ASN A 765 0.11 -25.66 47.31
N HIS A 766 -0.30 -26.32 48.41
CA HIS A 766 -0.66 -25.55 49.64
C HIS A 766 0.50 -25.60 50.64
N PRO A 767 0.94 -24.44 51.17
CA PRO A 767 2.01 -24.41 52.17
C PRO A 767 1.56 -25.05 53.49
N ILE A 768 2.52 -25.59 54.25
CA ILE A 768 2.17 -26.17 55.59
C ILE A 768 1.58 -25.05 56.42
N GLN A 769 0.47 -25.32 57.14
CA GLN A 769 -0.20 -24.22 57.88
C GLN A 769 0.12 -24.33 59.37
N VAL A 770 0.68 -23.27 59.95
CA VAL A 770 0.98 -23.25 61.41
C VAL A 770 0.02 -22.24 62.05
N ASP A 771 -0.76 -22.68 63.04
CA ASP A 771 -1.78 -21.78 63.64
C ASP A 771 -1.13 -20.88 64.69
N GLN A 772 -1.36 -19.57 64.62
CA GLN A 772 -0.83 -18.63 65.63
C GLN A 772 -1.56 -18.88 66.96
N LEU A 773 -0.86 -18.71 68.08
CA LEU A 773 -1.47 -18.99 69.42
C LEU A 773 -1.73 -17.65 70.11
N ASN A 774 -2.93 -17.47 70.68
CA ASN A 774 -3.26 -16.23 71.42
C ASN A 774 -2.63 -16.33 72.81
N SER A 775 -1.38 -16.77 72.88
CA SER A 775 -0.67 -16.94 74.18
C SER A 775 0.77 -16.45 74.03
N SER A 776 1.47 -16.27 75.14
CA SER A 776 2.90 -15.88 75.09
C SER A 776 3.68 -16.97 74.33
N TYR A 777 3.33 -18.23 74.56
CA TYR A 777 3.97 -19.35 73.81
C TYR A 777 3.56 -19.27 72.33
N PHE A 778 4.49 -19.58 71.43
CA PHE A 778 4.20 -19.53 69.97
C PHE A 778 4.51 -20.90 69.34
N LYS A 779 3.64 -21.37 68.44
CA LYS A 779 3.90 -22.66 67.73
C LYS A 779 5.07 -22.47 66.76
N LEU A 780 5.96 -23.47 66.68
CA LEU A 780 7.10 -23.42 65.73
C LEU A 780 7.09 -24.67 64.86
N SER A 781 7.17 -24.51 63.53
CA SER A 781 7.29 -25.71 62.65
C SER A 781 8.75 -25.90 62.29
N ILE A 782 9.37 -26.98 62.77
CA ILE A 782 10.83 -27.19 62.55
C ILE A 782 11.08 -28.61 62.01
N PRO A 783 11.90 -28.78 60.95
CA PRO A 783 12.13 -30.09 60.35
C PRO A 783 12.90 -31.08 61.22
N THR A 784 12.46 -32.35 61.26
CA THR A 784 13.21 -33.40 62.02
C THR A 784 14.09 -34.19 61.05
N ASN A 785 14.04 -33.88 59.76
CA ASN A 785 14.84 -34.60 58.74
C ASN A 785 15.44 -33.59 57.77
N PHE A 786 16.57 -33.92 57.14
CA PHE A 786 17.23 -33.00 56.19
C PHE A 786 17.62 -33.74 54.91
N SER A 787 17.72 -33.02 53.79
CA SER A 787 18.15 -33.65 52.51
C SER A 787 19.08 -32.68 51.76
N PHE A 788 19.94 -33.20 50.90
CA PHE A 788 20.82 -32.33 50.07
C PHE A 788 20.39 -32.42 48.61
N GLY A 789 20.21 -31.27 47.96
CA GLY A 789 19.83 -31.26 46.53
C GLY A 789 20.70 -30.30 45.75
N VAL A 790 20.95 -30.60 44.47
CA VAL A 790 21.83 -29.73 43.65
C VAL A 790 20.97 -28.95 42.65
N THR A 791 21.10 -27.62 42.63
CA THR A 791 20.34 -26.79 41.66
C THR A 791 21.29 -26.42 40.52
N GLN A 792 20.89 -26.71 39.28
CA GLN A 792 21.80 -26.47 38.13
C GLN A 792 21.37 -25.18 37.43
N GLU A 793 22.33 -24.27 37.17
CA GLU A 793 22.02 -22.98 36.50
C GLU A 793 23.00 -22.76 35.35
N TYR A 794 22.55 -22.18 34.24
CA TYR A 794 23.47 -21.85 33.12
C TYR A 794 23.43 -20.35 32.85
N ILE A 795 24.61 -19.71 32.76
CA ILE A 795 24.67 -18.27 32.40
C ILE A 795 25.53 -18.14 31.14
N GLN A 796 25.04 -17.43 30.12
CA GLN A 796 25.79 -17.33 28.83
C GLN A 796 26.73 -16.13 28.88
N THR A 797 28.00 -16.36 29.24
CA THR A 797 28.96 -15.24 29.40
C THR A 797 29.36 -14.69 28.02
N THR A 798 29.39 -15.52 26.99
CA THR A 798 29.88 -15.06 25.66
C THR A 798 29.04 -15.63 24.52
N ILE A 799 29.07 -14.98 23.35
CA ILE A 799 28.35 -15.50 22.15
C ILE A 799 29.41 -15.78 21.08
N GLN A 800 29.12 -16.67 20.12
CA GLN A 800 30.09 -16.88 19.02
C GLN A 800 30.28 -15.55 18.29
N LYS A 801 31.53 -15.20 17.99
CA LYS A 801 31.80 -13.89 17.34
C LYS A 801 31.72 -14.09 15.82
N VAL A 802 30.92 -13.29 15.13
CA VAL A 802 30.74 -13.51 13.66
C VAL A 802 31.13 -12.24 12.90
N THR A 803 31.97 -12.36 11.87
CA THR A 803 32.31 -11.20 11.01
C THR A 803 31.86 -11.51 9.59
N VAL A 804 31.12 -10.60 8.95
CA VAL A 804 30.55 -10.90 7.60
C VAL A 804 31.19 -9.97 6.56
N ASP A 805 31.59 -10.52 5.41
CA ASP A 805 32.10 -9.65 4.33
C ASP A 805 30.88 -9.13 3.57
N CYS A 806 30.54 -7.86 3.76
CA CYS A 806 29.31 -7.30 3.14
C CYS A 806 29.40 -7.32 1.61
N LYS A 807 30.57 -6.97 1.05
CA LYS A 807 30.67 -6.86 -0.42
C LYS A 807 30.39 -8.23 -1.06
N GLN A 808 30.99 -9.29 -0.53
CA GLN A 808 30.78 -10.65 -1.10
C GLN A 808 29.31 -11.06 -0.93
N TYR A 809 28.74 -10.83 0.25
CA TYR A 809 27.35 -11.30 0.51
C TYR A 809 26.35 -10.55 -0.39
N VAL A 810 26.43 -9.22 -0.42
CA VAL A 810 25.42 -8.42 -1.18
C VAL A 810 25.59 -8.55 -2.69
N CYS A 811 26.82 -8.49 -3.19
CA CYS A 811 27.01 -8.47 -4.67
C CYS A 811 27.39 -9.83 -5.25
N ASN A 812 27.71 -10.81 -4.41
CA ASN A 812 28.19 -12.13 -4.92
C ASN A 812 29.41 -11.88 -5.81
N GLY A 813 30.29 -10.95 -5.43
CA GLY A 813 31.47 -10.60 -6.25
C GLY A 813 31.11 -10.11 -7.64
N PHE A 814 30.06 -9.29 -7.79
CA PHE A 814 29.72 -8.71 -9.11
C PHE A 814 29.97 -7.20 -9.11
N GLN A 815 30.75 -6.70 -10.07
CA GLN A 815 31.13 -5.26 -10.12
C GLN A 815 29.90 -4.35 -10.30
N LYS A 816 28.94 -4.77 -11.13
CA LYS A 816 27.77 -3.89 -11.42
C LYS A 816 27.00 -3.63 -10.11
N CYS A 817 26.84 -4.66 -9.28
CA CYS A 817 26.15 -4.49 -7.98
C CYS A 817 26.94 -3.49 -7.12
N GLU A 818 28.26 -3.57 -7.13
CA GLU A 818 29.11 -2.68 -6.30
C GLU A 818 28.88 -1.23 -6.73
N GLN A 819 28.79 -0.98 -8.04
CA GLN A 819 28.56 0.40 -8.55
C GLN A 819 27.22 0.92 -8.04
N LEU A 820 26.16 0.11 -8.15
CA LEU A 820 24.82 0.52 -7.63
C LEU A 820 24.89 0.70 -6.11
N LEU A 821 25.61 -0.18 -5.42
CA LEU A 821 25.76 -0.09 -3.95
C LEU A 821 26.51 1.20 -3.59
N ARG A 822 27.50 1.58 -4.38
CA ARG A 822 28.30 2.81 -4.12
C ARG A 822 27.38 4.04 -4.16
N GLU A 823 26.41 4.04 -5.07
CA GLU A 823 25.45 5.18 -5.16
C GLU A 823 24.69 5.30 -3.83
N TYR A 824 24.29 4.16 -3.25
CA TYR A 824 23.62 4.19 -1.92
C TYR A 824 24.60 4.71 -0.86
N GLY A 825 25.86 4.27 -0.92
CA GLY A 825 26.88 4.73 0.04
C GLY A 825 27.89 3.63 0.36
N GLN A 826 28.87 3.90 1.24
CA GLN A 826 29.82 2.85 1.65
C GLN A 826 29.22 2.06 2.83
N PHE A 827 28.06 1.45 2.62
CA PHE A 827 27.36 0.67 3.68
C PHE A 827 28.21 -0.55 4.04
N CYS A 828 28.80 -1.21 3.04
CA CYS A 828 29.56 -2.47 3.28
C CYS A 828 30.79 -2.25 4.18
N SER A 829 31.53 -1.16 3.97
CA SER A 829 32.74 -0.89 4.79
C SER A 829 32.31 -0.73 6.25
N LYS A 830 31.21 -0.02 6.49
CA LYS A 830 30.70 0.19 7.87
C LYS A 830 30.33 -1.15 8.48
N ILE A 831 29.73 -2.05 7.69
CA ILE A 831 29.26 -3.36 8.23
C ILE A 831 30.45 -4.14 8.79
N ASN A 832 31.57 -4.17 8.07
CA ASN A 832 32.74 -4.97 8.52
C ASN A 832 33.26 -4.39 9.85
N GLN A 833 33.34 -3.06 9.95
CA GLN A 833 33.85 -2.41 11.19
C GLN A 833 32.89 -2.70 12.36
N ALA A 834 31.59 -2.64 12.12
CA ALA A 834 30.61 -2.83 13.23
C ALA A 834 30.75 -4.24 13.81
N LEU A 835 30.90 -5.24 12.94
CA LEU A 835 31.02 -6.65 13.39
C LEU A 835 32.31 -6.81 14.20
N HIS A 836 33.40 -6.18 13.77
CA HIS A 836 34.67 -6.26 14.53
C HIS A 836 34.47 -5.66 15.93
N GLY A 837 33.75 -4.54 16.03
CA GLY A 837 33.58 -3.88 17.33
C GLY A 837 32.85 -4.76 18.33
N ALA A 838 31.78 -5.42 17.88
CA ALA A 838 31.02 -6.33 18.78
C ALA A 838 31.93 -7.47 19.22
N ASN A 839 32.72 -8.00 18.29
CA ASN A 839 33.62 -9.15 18.60
C ASN A 839 34.70 -8.72 19.61
N LEU A 840 35.27 -7.52 19.44
CA LEU A 840 36.27 -7.00 20.41
C LEU A 840 35.60 -6.80 21.77
N ARG A 841 34.35 -6.32 21.78
CA ARG A 841 33.60 -6.10 23.05
C ARG A 841 33.44 -7.46 23.76
N GLN A 842 33.14 -8.51 22.99
CA GLN A 842 33.00 -9.87 23.58
C GLN A 842 34.34 -10.29 24.18
N ASP A 843 35.45 -9.98 23.49
CA ASP A 843 36.80 -10.33 24.00
C ASP A 843 37.02 -9.67 25.37
N ASP A 844 36.74 -8.38 25.48
CA ASP A 844 36.99 -7.65 26.76
C ASP A 844 36.13 -8.26 27.88
N SER A 845 34.88 -8.60 27.57
CA SER A 845 33.95 -9.15 28.60
C SER A 845 34.50 -10.47 29.14
N VAL A 846 35.01 -11.35 28.27
CA VAL A 846 35.54 -12.67 28.71
C VAL A 846 36.73 -12.44 29.63
N ARG A 847 37.61 -11.49 29.28
CA ARG A 847 38.84 -11.25 30.08
C ARG A 847 38.44 -10.78 31.48
N ASN A 848 37.46 -9.87 31.58
CA ASN A 848 37.03 -9.35 32.90
C ASN A 848 36.42 -10.49 33.72
N LEU A 849 35.59 -11.33 33.09
CA LEU A 849 34.90 -12.41 33.84
C LEU A 849 35.95 -13.36 34.42
N PHE A 850 36.94 -13.77 33.61
CA PHE A 850 37.96 -14.74 34.08
C PHE A 850 38.85 -14.14 35.16
N ALA A 851 39.19 -12.85 35.05
CA ALA A 851 40.00 -12.20 36.10
C ALA A 851 39.23 -12.25 37.42
N SER A 852 37.91 -12.01 37.38
CA SER A 852 37.08 -12.06 38.61
C SER A 852 37.04 -13.47 39.20
N VAL A 853 36.89 -14.51 38.35
CA VAL A 853 36.81 -15.92 38.84
C VAL A 853 38.14 -16.33 39.47
N LYS A 854 39.26 -15.85 38.92
CA LYS A 854 40.60 -16.28 39.42
C LYS A 854 40.75 -15.89 40.90
N SER A 855 41.34 -16.78 41.71
CA SER A 855 41.51 -16.51 43.16
C SER A 855 43.00 -16.28 43.47
N SER A 856 43.31 -15.34 44.36
CA SER A 856 44.72 -15.01 44.67
C SER A 856 45.44 -16.21 45.29
N GLN A 857 44.78 -16.94 46.19
CA GLN A 857 45.41 -18.11 46.86
C GLN A 857 44.51 -19.34 46.70
N SER A 858 45.09 -20.50 46.38
CA SER A 858 44.30 -21.74 46.15
C SER A 858 45.01 -22.95 46.76
N SER A 859 44.27 -24.03 47.01
CA SER A 859 44.89 -25.29 47.52
C SER A 859 45.00 -26.28 46.36
N PRO A 860 46.16 -26.94 46.14
CA PRO A 860 46.33 -27.83 44.99
C PRO A 860 45.34 -28.99 45.02
N ILE A 861 44.70 -29.28 43.87
CA ILE A 861 43.71 -30.40 43.80
C ILE A 861 44.48 -31.73 43.89
N ILE A 862 43.97 -32.67 44.67
CA ILE A 862 44.64 -34.00 44.84
C ILE A 862 43.57 -35.08 44.64
N PRO A 863 43.93 -36.33 44.27
CA PRO A 863 42.93 -37.40 44.19
C PRO A 863 42.34 -37.63 45.59
N GLY A 864 41.03 -37.89 45.67
CA GLY A 864 40.38 -38.04 46.99
C GLY A 864 40.18 -36.69 47.67
N PHE A 865 40.18 -35.60 46.90
CA PHE A 865 39.97 -34.25 47.46
C PHE A 865 38.57 -34.19 48.09
N GLY A 866 38.43 -33.53 49.24
CA GLY A 866 37.13 -33.43 49.91
C GLY A 866 36.87 -34.60 50.85
N GLY A 867 37.83 -35.54 50.97
CA GLY A 867 37.66 -36.65 51.91
C GLY A 867 36.43 -37.48 51.62
N ASP A 868 35.57 -37.68 52.63
CA ASP A 868 34.34 -38.51 52.45
C ASP A 868 33.46 -37.88 51.37
N PHE A 869 33.33 -36.55 51.39
CA PHE A 869 32.57 -35.84 50.33
C PHE A 869 33.23 -36.15 48.98
N ASN A 870 32.52 -36.86 48.09
CA ASN A 870 33.15 -37.30 46.82
C ASN A 870 33.14 -36.13 45.82
N LEU A 871 34.32 -35.60 45.50
CA LEU A 871 34.45 -34.48 44.53
C LEU A 871 35.14 -34.99 43.26
N THR A 872 35.20 -36.31 43.05
CA THR A 872 35.96 -36.88 41.90
C THR A 872 35.38 -36.35 40.58
N LEU A 873 34.06 -36.21 40.48
CA LEU A 873 33.44 -35.67 39.25
C LEU A 873 33.95 -34.25 39.01
N LEU A 874 34.06 -33.45 40.08
CA LEU A 874 34.52 -32.04 39.94
C LEU A 874 36.04 -32.01 39.75
N GLU A 875 36.75 -33.06 40.17
CA GLU A 875 38.22 -33.13 40.02
C GLU A 875 38.58 -33.22 38.52
N PRO A 876 39.65 -32.52 38.06
CA PRO A 876 40.07 -32.60 36.66
C PRO A 876 40.50 -34.01 36.27
N VAL A 877 40.13 -34.45 35.06
CA VAL A 877 40.52 -35.81 34.58
C VAL A 877 42.05 -35.88 34.46
N ALA A 886 43.44 -31.64 32.67
CA ALA A 886 42.39 -31.60 31.63
C ALA A 886 41.09 -31.07 32.23
N ARG A 887 40.01 -31.07 31.45
CA ARG A 887 38.69 -30.60 31.94
C ARG A 887 38.11 -31.62 32.93
N SER A 888 37.23 -31.17 33.83
CA SER A 888 36.62 -32.07 34.84
C SER A 888 35.66 -33.04 34.15
N ALA A 889 35.39 -34.19 34.77
CA ALA A 889 34.54 -35.23 34.13
C ALA A 889 33.13 -34.68 33.89
N ILE A 890 32.59 -33.91 34.84
CA ILE A 890 31.23 -33.31 34.66
C ILE A 890 31.24 -32.36 33.46
N GLU A 891 32.31 -31.56 33.33
CA GLU A 891 32.42 -30.60 32.20
C GLU A 891 32.48 -31.39 30.88
N ASP A 892 33.23 -32.48 30.85
CA ASP A 892 33.35 -33.31 29.62
C ASP A 892 31.96 -33.88 29.28
N LEU A 893 31.23 -34.34 30.29
CA LEU A 893 29.89 -34.93 30.06
C LEU A 893 28.95 -33.86 29.50
N LEU A 894 29.01 -32.64 30.04
CA LEU A 894 28.10 -31.56 29.58
C LEU A 894 28.37 -31.25 28.11
N PHE A 895 29.66 -31.17 27.73
CA PHE A 895 30.02 -30.84 26.32
C PHE A 895 29.52 -31.96 25.40
N ASP A 896 29.68 -33.22 25.81
CA ASP A 896 29.22 -34.38 25.00
C ASP A 896 27.69 -34.34 24.87
N LYS A 897 26.97 -34.10 25.98
CA LYS A 897 25.49 -34.11 25.96
C LYS A 897 24.98 -33.09 24.93
N VAL A 898 25.44 -31.84 25.03
CA VAL A 898 25.01 -30.77 24.07
C VAL A 898 25.53 -31.15 22.68
N THR A 899 24.73 -30.92 21.63
CA THR A 899 25.22 -31.18 20.26
C THR A 899 25.88 -29.91 19.72
N ILE A 900 27.21 -29.94 19.55
CA ILE A 900 27.94 -28.72 19.09
C ILE A 900 28.72 -29.07 17.82
N ALA A 901 28.59 -28.25 16.76
CA ALA A 901 29.38 -28.47 15.53
C ALA A 901 30.85 -28.15 15.85
N ASP A 902 31.79 -28.89 15.25
CA ASP A 902 33.23 -28.67 15.54
C ASP A 902 33.75 -27.55 14.62
N PRO A 903 34.25 -26.43 15.16
CA PRO A 903 34.81 -25.36 14.34
C PRO A 903 36.05 -25.82 13.56
N GLY A 904 36.95 -26.56 14.21
CA GLY A 904 38.14 -27.10 13.52
C GLY A 904 38.88 -26.01 12.76
N TYR A 905 39.18 -24.88 13.41
CA TYR A 905 39.78 -23.73 12.68
C TYR A 905 41.13 -24.10 12.06
N MET A 906 41.97 -24.88 12.75
CA MET A 906 43.34 -25.16 12.23
C MET A 906 43.28 -25.89 10.87
N GLN A 907 42.42 -26.90 10.73
CA GLN A 907 42.39 -27.71 9.49
C GLN A 907 41.01 -27.64 8.81
N GLY A 908 40.19 -26.65 9.13
CA GLY A 908 38.81 -26.60 8.61
C GLY A 908 38.72 -26.52 7.09
N TYR A 909 39.56 -25.70 6.46
CA TYR A 909 39.43 -25.52 4.99
C TYR A 909 39.68 -26.85 4.29
N ASP A 910 40.74 -27.58 4.71
CA ASP A 910 41.06 -28.88 4.08
C ASP A 910 39.94 -29.89 4.37
N ASP A 911 39.42 -29.90 5.59
CA ASP A 911 38.38 -30.90 5.95
C ASP A 911 37.12 -30.66 5.10
N CYS A 912 36.73 -29.39 4.93
CA CYS A 912 35.49 -29.09 4.17
C CYS A 912 35.62 -29.49 2.71
N MET A 913 36.80 -29.28 2.09
CA MET A 913 36.90 -29.54 0.63
C MET A 913 37.58 -30.89 0.33
N GLN A 914 38.86 -31.05 0.70
CA GLN A 914 39.58 -32.30 0.31
C GLN A 914 38.94 -33.52 0.98
N GLN A 915 38.67 -33.46 2.29
CA GLN A 915 37.97 -34.56 2.98
C GLN A 915 36.50 -34.60 2.52
N GLY A 916 35.90 -33.44 2.31
CA GLY A 916 34.46 -33.37 1.95
C GLY A 916 33.64 -33.05 3.19
N PRO A 917 32.40 -32.52 3.07
CA PRO A 917 31.64 -32.10 4.25
C PRO A 917 31.35 -33.28 5.19
N ALA A 918 31.53 -33.09 6.50
CA ALA A 918 31.27 -34.17 7.48
C ALA A 918 29.78 -34.54 7.45
N SER A 919 28.91 -33.54 7.34
CA SER A 919 27.45 -33.78 7.32
C SER A 919 26.81 -32.99 6.17
N ALA A 920 25.65 -33.42 5.69
CA ALA A 920 24.94 -32.67 4.62
C ALA A 920 24.58 -31.28 5.15
N ARG A 921 24.68 -30.25 4.30
CA ARG A 921 24.34 -28.86 4.70
C ARG A 921 25.19 -28.46 5.91
N ASP A 922 26.48 -28.83 5.92
CA ASP A 922 27.37 -28.51 7.06
C ASP A 922 27.49 -26.98 7.18
N LEU A 923 27.32 -26.45 8.39
CA LEU A 923 27.40 -24.98 8.61
C LEU A 923 28.81 -24.47 8.33
N ILE A 924 29.85 -25.20 8.76
CA ILE A 924 31.25 -24.69 8.62
C ILE A 924 31.58 -24.53 7.13
N CYS A 925 31.23 -25.53 6.31
CA CYS A 925 31.47 -25.43 4.85
C CYS A 925 30.62 -24.30 4.26
N ALA A 926 29.38 -24.15 4.73
CA ALA A 926 28.49 -23.08 4.23
C ALA A 926 29.10 -21.71 4.56
N GLN A 927 29.72 -21.57 5.73
CA GLN A 927 30.33 -20.28 6.14
C GLN A 927 31.40 -19.91 5.12
N TYR A 928 32.20 -20.89 4.70
CA TYR A 928 33.27 -20.63 3.70
C TYR A 928 32.65 -20.17 2.37
N VAL A 929 31.57 -20.82 1.94
CA VAL A 929 30.94 -20.48 0.63
C VAL A 929 30.42 -19.04 0.69
N ALA A 930 29.73 -18.68 1.77
CA ALA A 930 29.24 -17.29 1.93
C ALA A 930 30.42 -16.33 2.11
N GLY A 931 31.47 -16.79 2.81
CA GLY A 931 32.64 -15.93 3.07
C GLY A 931 32.61 -15.31 4.45
N TYR A 932 31.51 -15.46 5.18
CA TYR A 932 31.48 -14.95 6.58
C TYR A 932 32.34 -15.87 7.46
N LYS A 933 33.03 -15.31 8.45
CA LYS A 933 33.94 -16.11 9.30
C LYS A 933 33.49 -16.03 10.77
N VAL A 934 33.43 -17.18 11.45
CA VAL A 934 33.08 -17.18 12.90
C VAL A 934 34.38 -17.12 13.70
N LEU A 935 34.65 -15.99 14.36
CA LEU A 935 35.92 -15.81 15.12
C LEU A 935 35.91 -16.67 16.39
N PRO A 936 37.08 -17.19 16.83
CA PRO A 936 37.19 -17.98 18.07
C PRO A 936 37.09 -17.14 19.36
N PRO A 937 36.78 -17.77 20.52
CA PRO A 937 36.64 -17.03 21.80
C PRO A 937 37.96 -16.46 22.33
N LEU A 938 37.89 -15.44 23.20
CA LEU A 938 39.12 -14.77 23.69
C LEU A 938 40.05 -15.73 24.44
N MET A 939 39.50 -16.70 25.19
CA MET A 939 40.34 -17.63 25.99
C MET A 939 40.12 -19.08 25.53
N ASP A 940 41.21 -19.84 25.40
CA ASP A 940 41.12 -21.26 24.97
C ASP A 940 40.54 -22.12 26.10
N VAL A 941 39.91 -23.25 25.78
CA VAL A 941 39.23 -24.09 26.80
C VAL A 941 40.22 -24.60 27.86
N ASN A 942 41.43 -24.98 27.45
CA ASN A 942 42.41 -25.55 28.42
C ASN A 942 42.76 -24.51 29.48
N MET A 943 42.95 -23.25 29.06
CA MET A 943 43.23 -22.16 30.05
C MET A 943 42.02 -21.99 30.96
N GLU A 944 40.80 -22.07 30.39
CA GLU A 944 39.56 -21.92 31.19
C GLU A 944 39.47 -23.05 32.22
N ALA A 945 39.89 -24.27 31.83
CA ALA A 945 39.86 -25.42 32.78
C ALA A 945 40.79 -25.13 33.96
N ALA A 946 41.94 -24.51 33.71
CA ALA A 946 42.88 -24.17 34.80
C ALA A 946 42.21 -23.18 35.76
N TYR A 947 41.46 -22.20 35.23
CA TYR A 947 40.77 -21.21 36.09
C TYR A 947 39.76 -21.92 37.00
N THR A 948 38.99 -22.85 36.44
CA THR A 948 37.98 -23.59 37.25
C THR A 948 38.68 -24.45 38.31
N SER A 949 39.80 -25.09 37.95
CA SER A 949 40.52 -25.97 38.91
C SER A 949 41.04 -25.14 40.09
N SER A 950 41.60 -23.95 39.79
CA SER A 950 42.10 -23.07 40.88
C SER A 950 40.92 -22.62 41.76
N LEU A 951 39.78 -22.33 41.13
CA LEU A 951 38.58 -21.90 41.89
C LEU A 951 38.15 -23.03 42.84
N LEU A 952 38.19 -24.28 42.37
CA LEU A 952 37.74 -25.44 43.21
C LEU A 952 38.64 -25.54 44.44
N GLY A 953 39.95 -25.37 44.26
CA GLY A 953 40.88 -25.42 45.41
C GLY A 953 40.61 -24.30 46.39
N SER A 954 40.31 -23.10 45.88
CA SER A 954 39.97 -21.95 46.77
C SER A 954 38.65 -22.24 47.52
N ILE A 955 37.68 -22.90 46.88
CA ILE A 955 36.34 -23.10 47.50
C ILE A 955 36.50 -23.84 48.83
N ALA A 956 37.41 -24.82 48.91
CA ALA A 956 37.51 -25.64 50.15
C ALA A 956 37.84 -24.76 51.36
N GLY A 957 38.77 -23.80 51.23
CA GLY A 957 39.18 -23.01 52.41
C GLY A 957 38.82 -21.53 52.36
N VAL A 958 38.15 -21.06 51.31
CA VAL A 958 37.89 -19.60 51.18
C VAL A 958 36.98 -19.12 52.31
N GLY A 959 35.95 -19.90 52.67
CA GLY A 959 34.98 -19.45 53.69
C GLY A 959 35.42 -19.78 55.11
N TRP A 960 36.52 -19.20 55.58
CA TRP A 960 36.92 -19.38 57.00
C TRP A 960 36.52 -18.14 57.80
N THR A 961 36.81 -16.95 57.25
CA THR A 961 36.48 -15.67 57.93
C THR A 961 36.28 -14.59 56.87
N ALA A 962 35.68 -13.46 57.25
CA ALA A 962 35.40 -12.37 56.28
C ALA A 962 36.71 -11.80 55.72
N GLY A 963 36.71 -11.44 54.43
CA GLY A 963 37.91 -10.86 53.78
C GLY A 963 38.64 -11.87 52.92
N LEU A 964 39.29 -11.41 51.85
CA LEU A 964 40.02 -12.31 50.92
C LEU A 964 41.53 -12.21 51.20
N SER A 965 41.93 -11.39 52.16
CA SER A 965 43.38 -11.16 52.42
C SER A 965 44.05 -12.46 52.85
N SER A 966 43.42 -13.22 53.75
CA SER A 966 44.05 -14.46 54.26
C SER A 966 43.31 -15.69 53.73
N PHE A 967 44.07 -16.70 53.28
CA PHE A 967 43.44 -17.96 52.80
C PHE A 967 43.87 -19.10 53.73
N ALA A 968 42.91 -19.87 54.20
CA ALA A 968 43.21 -20.99 55.13
C ALA A 968 43.09 -22.30 54.36
N ALA A 969 44.11 -23.15 54.42
CA ALA A 969 44.02 -24.47 53.76
C ALA A 969 43.38 -25.45 54.74
N ILE A 970 42.11 -25.79 54.51
CA ILE A 970 41.37 -26.68 55.46
C ILE A 970 40.71 -27.79 54.62
N PRO A 971 40.40 -28.98 55.21
CA PRO A 971 39.69 -30.03 54.47
C PRO A 971 38.29 -29.53 54.07
N PHE A 972 37.81 -29.98 52.90
CA PHE A 972 36.48 -29.55 52.40
C PHE A 972 35.42 -29.99 53.41
N ALA A 973 35.60 -31.17 54.01
CA ALA A 973 34.61 -31.70 54.98
C ALA A 973 34.49 -30.74 56.17
N GLN A 974 35.63 -30.21 56.66
CA GLN A 974 35.60 -29.27 57.81
C GLN A 974 34.83 -28.02 57.43
N SER A 975 35.04 -27.52 56.20
CA SER A 975 34.33 -26.30 55.74
C SER A 975 32.82 -26.56 55.68
N ILE A 976 32.43 -27.75 55.21
CA ILE A 976 30.97 -28.07 55.07
C ILE A 976 30.34 -28.05 56.47
N PHE A 977 31.03 -28.62 57.46
CA PHE A 977 30.47 -28.67 58.85
C PHE A 977 30.30 -27.25 59.38
N TYR A 978 31.26 -26.37 59.10
CA TYR A 978 31.15 -24.95 59.54
C TYR A 978 29.95 -24.27 58.85
N ARG A 979 29.75 -24.55 57.56
CA ARG A 979 28.60 -23.97 56.82
C ARG A 979 27.30 -24.47 57.42
N LEU A 980 27.23 -25.77 57.76
CA LEU A 980 26.01 -26.35 58.38
C LEU A 980 25.78 -25.73 59.77
N ASN A 981 26.85 -25.47 60.52
CA ASN A 981 26.70 -24.80 61.84
C ASN A 981 26.10 -23.41 61.61
N GLY A 982 26.53 -22.73 60.54
CA GLY A 982 26.00 -21.39 60.21
C GLY A 982 24.52 -21.42 59.89
N VAL A 983 24.05 -22.43 59.15
CA VAL A 983 22.60 -22.57 58.83
C VAL A 983 21.80 -22.76 60.11
N GLY A 984 22.40 -23.39 61.14
CA GLY A 984 21.71 -23.53 62.43
C GLY A 984 21.74 -24.95 62.98
N ILE A 985 22.24 -25.93 62.23
CA ILE A 985 22.38 -27.30 62.80
C ILE A 985 23.38 -27.25 63.95
N THR A 986 23.07 -27.91 65.07
CA THR A 986 23.97 -27.87 66.26
C THR A 986 25.25 -28.66 65.99
N GLN A 987 26.36 -28.29 66.63
CA GLN A 987 27.66 -28.98 66.41
C GLN A 987 27.55 -30.44 66.83
N GLN A 988 26.84 -30.72 67.93
CA GLN A 988 26.72 -32.10 68.44
C GLN A 988 26.03 -32.98 67.38
N VAL A 989 24.95 -32.47 66.78
CA VAL A 989 24.21 -33.23 65.74
C VAL A 989 25.18 -33.51 64.57
N LEU A 990 25.99 -32.51 64.20
CA LEU A 990 26.89 -32.68 63.03
C LEU A 990 27.88 -33.82 63.31
N SER A 991 28.44 -33.86 64.53
CA SER A 991 29.46 -34.90 64.87
C SER A 991 28.82 -36.28 64.81
N GLU A 992 27.60 -36.43 65.35
CA GLU A 992 26.89 -37.73 65.34
C GLU A 992 26.55 -38.16 63.91
N ASN A 993 26.17 -37.20 63.05
CA ASN A 993 25.70 -37.54 61.68
C ASN A 993 26.78 -37.26 60.62
N GLN A 994 28.06 -37.20 61.00
CA GLN A 994 29.10 -36.81 60.01
C GLN A 994 29.08 -37.77 58.82
N LYS A 995 28.99 -39.07 59.07
CA LYS A 995 28.93 -40.07 57.96
C LYS A 995 27.64 -39.87 57.16
N LEU A 996 26.51 -39.64 57.85
CA LEU A 996 25.21 -39.48 57.16
C LEU A 996 25.26 -38.25 56.26
N ILE A 997 25.84 -37.15 56.74
CA ILE A 997 25.89 -35.88 55.95
C ILE A 997 26.71 -36.14 54.69
N ALA A 998 27.84 -36.84 54.81
CA ALA A 998 28.70 -37.12 53.65
C ALA A 998 27.94 -37.98 52.64
N ASN A 999 27.20 -38.99 53.12
CA ASN A 999 26.47 -39.91 52.21
C ASN A 999 25.41 -39.13 51.43
N LYS A 1000 24.66 -38.25 52.11
CA LYS A 1000 23.58 -37.49 51.46
C LYS A 1000 24.18 -36.55 50.39
N PHE A 1001 25.32 -35.92 50.70
CA PHE A 1001 25.98 -35.01 49.73
C PHE A 1001 26.42 -35.82 48.51
N ASN A 1002 26.97 -37.02 48.74
CA ASN A 1002 27.45 -37.88 47.62
C ASN A 1002 26.26 -38.28 46.74
N GLN A 1003 25.12 -38.60 47.36
CA GLN A 1003 23.91 -39.00 46.59
C GLN A 1003 23.46 -37.82 45.71
N ALA A 1004 23.48 -36.60 46.25
CA ALA A 1004 23.06 -35.41 45.48
C ALA A 1004 23.97 -35.20 44.27
N LEU A 1005 25.29 -35.35 44.47
CA LEU A 1005 26.26 -35.19 43.36
C LEU A 1005 26.07 -36.29 42.32
N GLY A 1006 25.79 -37.53 42.76
CA GLY A 1006 25.51 -38.62 41.81
C GLY A 1006 24.27 -38.31 40.97
N ALA A 1007 23.23 -37.75 41.60
CA ALA A 1007 22.02 -37.35 40.86
C ALA A 1007 22.38 -36.26 39.85
N MET A 1008 23.28 -35.34 40.22
CA MET A 1008 23.72 -34.25 39.30
C MET A 1008 24.41 -34.86 38.08
N GLN A 1009 25.20 -35.93 38.27
CA GLN A 1009 25.91 -36.58 37.14
C GLN A 1009 24.88 -37.13 36.15
N THR A 1010 23.78 -37.71 36.66
CA THR A 1010 22.70 -38.21 35.77
C THR A 1010 21.70 -37.09 35.52
N GLY A 1011 21.97 -35.90 36.05
CA GLY A 1011 21.02 -34.76 35.93
C GLY A 1011 20.76 -34.32 34.51
N PHE A 1012 21.78 -34.36 33.64
CA PHE A 1012 21.62 -33.86 32.24
C PHE A 1012 20.56 -34.68 31.50
N THR A 1013 19.40 -34.06 31.24
CA THR A 1013 18.28 -34.75 30.55
C THR A 1013 17.40 -33.70 29.87
N THR A 1014 16.49 -34.12 28.99
CA THR A 1014 15.59 -33.18 28.27
C THR A 1014 14.75 -32.43 29.30
N THR A 1015 14.33 -33.11 30.36
CA THR A 1015 13.50 -32.48 31.43
C THR A 1015 14.30 -31.34 32.08
N ASN A 1016 15.61 -31.50 32.30
CA ASN A 1016 16.39 -30.47 33.02
C ASN A 1016 16.36 -29.17 32.22
N GLU A 1017 15.92 -28.07 32.86
CA GLU A 1017 15.85 -26.74 32.18
C GLU A 1017 17.25 -26.22 31.87
N ALA A 1018 18.19 -26.35 32.81
CA ALA A 1018 19.53 -25.76 32.63
C ALA A 1018 20.26 -26.38 31.43
N PHE A 1019 20.17 -27.70 31.27
CA PHE A 1019 20.82 -28.37 30.13
C PHE A 1019 20.18 -27.87 28.82
N GLN A 1020 18.86 -27.69 28.83
CA GLN A 1020 18.15 -27.19 27.63
C GLN A 1020 18.62 -25.78 27.29
N LYS A 1021 18.85 -24.95 28.31
CA LYS A 1021 19.31 -23.54 28.09
C LYS A 1021 20.66 -23.57 27.38
N VAL A 1022 21.56 -24.48 27.78
CA VAL A 1022 22.89 -24.59 27.13
C VAL A 1022 22.68 -24.97 25.65
N GLN A 1023 21.79 -25.92 25.39
CA GLN A 1023 21.52 -26.36 23.99
C GLN A 1023 20.93 -25.18 23.21
N ASP A 1024 20.03 -24.41 23.84
CA ASP A 1024 19.37 -23.27 23.15
C ASP A 1024 20.41 -22.23 22.73
N ALA A 1025 21.39 -21.97 23.59
CA ALA A 1025 22.43 -20.96 23.28
C ALA A 1025 23.23 -21.41 22.05
N VAL A 1026 23.59 -22.70 22.00
CA VAL A 1026 24.33 -23.24 20.82
C VAL A 1026 23.42 -23.14 19.59
N ASN A 1027 22.13 -23.45 19.76
CA ASN A 1027 21.17 -23.40 18.62
C ASN A 1027 21.06 -21.96 18.11
N ASN A 1028 21.04 -20.97 19.02
CA ASN A 1028 20.86 -19.55 18.60
C ASN A 1028 22.05 -19.13 17.73
N ASN A 1029 23.26 -19.54 18.09
CA ASN A 1029 24.46 -19.22 17.26
C ASN A 1029 24.29 -19.88 15.89
N ALA A 1030 23.85 -21.14 15.87
CA ALA A 1030 23.68 -21.88 14.60
C ALA A 1030 22.59 -21.22 13.75
N GLN A 1031 21.51 -20.74 14.38
CA GLN A 1031 20.39 -20.12 13.63
C GLN A 1031 20.89 -18.87 12.90
N ALA A 1032 21.73 -18.07 13.56
CA ALA A 1032 22.21 -16.81 12.94
C ALA A 1032 23.02 -17.17 11.68
N LEU A 1033 23.87 -18.18 11.78
CA LEU A 1033 24.70 -18.61 10.62
C LEU A 1033 23.78 -19.11 9.50
N SER A 1034 22.75 -19.88 9.83
CA SER A 1034 21.83 -20.46 8.81
C SER A 1034 21.08 -19.33 8.09
N LYS A 1035 20.68 -18.28 8.81
CA LYS A 1035 19.87 -17.20 8.19
C LYS A 1035 20.62 -16.60 6.99
N LEU A 1036 21.93 -16.37 7.12
CA LEU A 1036 22.67 -15.68 6.03
C LEU A 1036 22.62 -16.49 4.74
N ALA A 1037 22.85 -17.81 4.83
CA ALA A 1037 22.88 -18.67 3.62
C ALA A 1037 21.49 -18.71 2.97
N SER A 1038 20.43 -18.83 3.77
CA SER A 1038 19.05 -18.89 3.22
C SER A 1038 18.69 -17.58 2.52
N GLU A 1039 19.08 -16.43 3.10
CA GLU A 1039 18.71 -15.12 2.51
C GLU A 1039 19.35 -14.95 1.12
N LEU A 1040 20.57 -15.47 0.94
CA LEU A 1040 21.27 -15.35 -0.36
C LEU A 1040 20.42 -16.05 -1.43
N SER A 1041 19.85 -17.21 -1.12
CA SER A 1041 18.98 -17.94 -2.07
C SER A 1041 17.72 -17.14 -2.38
N ASN A 1042 17.17 -16.41 -1.39
CA ASN A 1042 15.88 -15.70 -1.60
C ASN A 1042 16.00 -14.70 -2.75
N THR A 1043 15.03 -14.72 -3.68
CA THR A 1043 15.01 -13.79 -4.84
C THR A 1043 14.79 -12.34 -4.38
N PHE A 1044 13.98 -12.12 -3.35
CA PHE A 1044 13.62 -10.74 -2.91
C PHE A 1044 12.83 -10.05 -4.02
N GLY A 1045 12.10 -10.83 -4.83
CA GLY A 1045 11.29 -10.25 -5.93
C GLY A 1045 12.09 -10.05 -7.20
N ALA A 1046 13.39 -10.37 -7.18
CA ALA A 1046 14.23 -10.24 -8.39
C ALA A 1046 13.93 -11.40 -9.36
N ILE A 1047 14.21 -11.20 -10.65
CA ILE A 1047 13.97 -12.27 -11.67
C ILE A 1047 14.85 -13.48 -11.34
N SER A 1048 16.11 -13.25 -10.94
CA SER A 1048 17.03 -14.36 -10.57
C SER A 1048 17.70 -14.05 -9.23
N ALA A 1049 17.93 -15.08 -8.41
CA ALA A 1049 18.61 -14.90 -7.10
C ALA A 1049 20.04 -14.40 -7.32
N SER A 1050 20.74 -14.95 -8.33
CA SER A 1050 22.13 -14.50 -8.63
C SER A 1050 22.11 -13.11 -9.29
N ILE A 1051 23.00 -12.22 -8.83
CA ILE A 1051 23.12 -10.85 -9.44
C ILE A 1051 23.56 -11.01 -10.91
N GLY A 1052 24.51 -11.91 -11.17
CA GLY A 1052 25.07 -12.08 -12.53
C GLY A 1052 24.05 -12.52 -13.56
N ASP A 1053 23.13 -13.41 -13.19
CA ASP A 1053 22.17 -13.95 -14.18
C ASP A 1053 21.34 -12.80 -14.74
N ILE A 1054 20.95 -11.86 -13.87
CA ILE A 1054 20.13 -10.69 -14.32
C ILE A 1054 20.94 -9.86 -15.32
N ILE A 1055 22.22 -9.63 -15.02
CA ILE A 1055 23.11 -8.86 -15.95
C ILE A 1055 23.27 -9.63 -17.26
N GLN A 1056 23.44 -10.96 -17.16
CA GLN A 1056 23.71 -11.78 -18.38
C GLN A 1056 22.53 -11.74 -19.35
N ARG A 1057 21.29 -11.86 -18.88
CA ARG A 1057 20.15 -11.95 -19.83
C ARG A 1057 19.00 -11.02 -19.47
N LEU A 1058 19.21 -9.70 -19.53
CA LEU A 1058 18.11 -8.73 -19.29
C LEU A 1058 18.53 -7.35 -19.80
N ASP A 1059 17.57 -6.52 -20.22
CA ASP A 1059 17.89 -5.14 -20.65
C ASP A 1059 18.44 -4.40 -19.42
N PRO A 1060 19.42 -3.49 -19.56
CA PRO A 1060 20.05 -2.85 -18.39
C PRO A 1060 19.15 -2.08 -17.41
N PRO A 1061 18.17 -1.23 -17.80
CA PRO A 1061 17.33 -0.55 -16.80
C PRO A 1061 16.53 -1.55 -15.96
N GLU A 1062 15.90 -2.54 -16.61
CA GLU A 1062 15.15 -3.60 -15.86
C GLU A 1062 16.14 -4.40 -15.02
N GLN A 1063 17.32 -4.70 -15.58
CA GLN A 1063 18.33 -5.52 -14.86
C GLN A 1063 18.75 -4.79 -13.58
N ASP A 1064 18.95 -3.47 -13.67
CA ASP A 1064 19.41 -2.69 -12.49
C ASP A 1064 18.33 -2.75 -11.40
N ALA A 1065 17.06 -2.65 -11.78
CA ALA A 1065 15.95 -2.69 -10.79
C ALA A 1065 15.92 -4.05 -10.08
N GLN A 1066 16.08 -5.15 -10.82
CA GLN A 1066 16.09 -6.50 -10.21
C GLN A 1066 17.31 -6.64 -9.29
N ILE A 1067 18.46 -6.14 -9.72
CA ILE A 1067 19.69 -6.19 -8.87
C ILE A 1067 19.41 -5.37 -7.61
N ASP A 1068 18.74 -4.22 -7.76
CA ASP A 1068 18.44 -3.34 -6.60
C ASP A 1068 17.55 -4.08 -5.60
N ARG A 1069 16.59 -4.87 -6.09
CA ARG A 1069 15.70 -5.64 -5.19
C ARG A 1069 16.55 -6.60 -4.36
N LEU A 1070 17.49 -7.29 -5.00
CA LEU A 1070 18.42 -8.19 -4.24
C LEU A 1070 19.27 -7.35 -3.29
N ILE A 1071 19.77 -6.21 -3.76
CA ILE A 1071 20.66 -5.36 -2.92
C ILE A 1071 19.87 -4.90 -1.69
N ASN A 1072 18.63 -4.44 -1.89
CA ASN A 1072 17.85 -3.88 -0.75
C ASN A 1072 17.60 -4.99 0.29
N GLY A 1073 17.21 -6.18 -0.17
CA GLY A 1073 16.96 -7.30 0.76
C GLY A 1073 18.23 -7.71 1.48
N ARG A 1074 19.35 -7.82 0.74
CA ARG A 1074 20.64 -8.22 1.34
C ARG A 1074 21.15 -7.14 2.31
N LEU A 1075 21.00 -5.86 1.95
CA LEU A 1075 21.42 -4.76 2.86
C LEU A 1075 20.60 -4.85 4.14
N THR A 1076 19.29 -5.06 4.00
CA THR A 1076 18.40 -5.13 5.19
C THR A 1076 18.83 -6.34 6.03
N THR A 1077 19.09 -7.48 5.39
CA THR A 1077 19.46 -8.71 6.15
C THR A 1077 20.77 -8.49 6.89
N LEU A 1078 21.77 -7.91 6.22
CA LEU A 1078 23.09 -7.68 6.84
C LEU A 1078 22.98 -6.65 7.97
N ASN A 1079 22.22 -5.58 7.75
CA ASN A 1079 22.02 -4.57 8.82
C ASN A 1079 21.30 -5.24 9.99
N ALA A 1080 20.29 -6.08 9.70
CA ALA A 1080 19.55 -6.79 10.75
C ALA A 1080 20.50 -7.76 11.47
N PHE A 1081 21.38 -8.42 10.72
CA PHE A 1081 22.33 -9.41 11.31
C PHE A 1081 23.33 -8.69 12.21
N VAL A 1082 23.87 -7.57 11.75
CA VAL A 1082 24.83 -6.78 12.57
C VAL A 1082 24.09 -6.30 13.82
N ALA A 1083 22.85 -5.82 13.66
CA ALA A 1083 22.04 -5.38 14.82
C ALA A 1083 21.79 -6.57 15.75
N GLN A 1084 21.49 -7.75 15.17
CA GLN A 1084 21.23 -8.96 15.99
C GLN A 1084 22.50 -9.31 16.78
N GLN A 1085 23.66 -9.26 16.12
CA GLN A 1085 24.94 -9.59 16.81
C GLN A 1085 25.17 -8.56 17.92
N LEU A 1086 24.90 -7.28 17.66
CA LEU A 1086 25.08 -6.23 18.69
C LEU A 1086 24.16 -6.50 19.88
N VAL A 1087 22.89 -6.85 19.61
CA VAL A 1087 21.92 -7.13 20.70
C VAL A 1087 22.39 -8.36 21.49
N ARG A 1088 22.81 -9.42 20.80
CA ARG A 1088 23.28 -10.65 21.47
C ARG A 1088 24.54 -10.36 22.28
N SER A 1089 25.45 -9.56 21.73
CA SER A 1089 26.71 -9.21 22.44
C SER A 1089 26.37 -8.40 23.70
N GLU A 1090 25.43 -7.46 23.60
CA GLU A 1090 25.02 -6.64 24.77
C GLU A 1090 24.43 -7.57 25.83
N SER A 1091 23.58 -8.52 25.43
CA SER A 1091 22.96 -9.46 26.38
C SER A 1091 24.04 -10.32 27.03
N ALA A 1092 25.00 -10.80 26.24
CA ALA A 1092 26.08 -11.66 26.77
C ALA A 1092 26.91 -10.89 27.79
N ALA A 1093 27.21 -9.62 27.52
CA ALA A 1093 28.04 -8.81 28.44
C ALA A 1093 27.30 -8.63 29.77
N LEU A 1094 26.00 -8.36 29.73
CA LEU A 1094 25.20 -8.22 30.98
C LEU A 1094 25.19 -9.57 31.71
N SER A 1095 25.03 -10.67 30.96
CA SER A 1095 25.01 -12.02 31.56
C SER A 1095 26.37 -12.32 32.21
N ALA A 1096 27.46 -11.91 31.56
CA ALA A 1096 28.82 -12.16 32.10
C ALA A 1096 28.99 -11.44 33.44
N GLN A 1097 28.47 -10.20 33.54
CA GLN A 1097 28.54 -9.46 34.82
C GLN A 1097 27.74 -10.21 35.89
N LEU A 1098 26.57 -10.76 35.53
CA LEU A 1098 25.76 -11.54 36.48
C LEU A 1098 26.56 -12.78 36.92
N ALA A 1099 27.24 -13.44 35.97
CA ALA A 1099 28.04 -14.64 36.30
C ALA A 1099 29.14 -14.27 37.29
N LYS A 1100 29.79 -13.12 37.10
CA LYS A 1100 30.87 -12.68 38.01
C LYS A 1100 30.29 -12.48 39.42
N ASP A 1101 29.10 -11.85 39.50
CA ASP A 1101 28.46 -11.60 40.81
C ASP A 1101 28.11 -12.95 41.46
N LYS A 1102 27.58 -13.88 40.67
CA LYS A 1102 27.18 -15.21 41.22
C LYS A 1102 28.42 -15.96 41.72
N VAL A 1103 29.53 -15.88 40.98
CA VAL A 1103 30.75 -16.64 41.39
C VAL A 1103 31.22 -16.12 42.76
N ASN A 1104 31.27 -14.80 42.92
CA ASN A 1104 31.75 -14.22 44.20
C ASN A 1104 30.75 -14.55 45.32
N GLU A 1105 29.46 -14.22 45.11
CA GLU A 1105 28.44 -14.42 46.18
C GLU A 1105 28.22 -15.89 46.54
N CYS A 1106 28.13 -16.79 45.56
CA CYS A 1106 27.78 -18.21 45.89
C CYS A 1106 29.01 -19.13 45.87
N VAL A 1107 29.79 -19.11 44.78
CA VAL A 1107 30.95 -20.05 44.65
C VAL A 1107 32.04 -19.71 45.68
N LYS A 1108 32.32 -18.43 45.89
CA LYS A 1108 33.44 -18.05 46.80
C LYS A 1108 32.98 -17.80 48.23
N ALA A 1109 31.67 -17.81 48.51
CA ALA A 1109 31.21 -17.66 49.90
C ALA A 1109 29.82 -18.28 50.09
N GLN A 1110 29.47 -18.66 51.32
CA GLN A 1110 28.08 -19.14 51.56
C GLN A 1110 27.15 -17.93 51.41
N SER A 1111 25.97 -18.09 50.81
CA SER A 1111 25.10 -16.91 50.55
C SER A 1111 23.89 -16.88 51.49
N LYS A 1112 23.77 -15.81 52.29
CA LYS A 1112 22.59 -15.64 53.16
C LYS A 1112 21.35 -15.43 52.29
N ARG A 1113 21.52 -14.73 51.15
CA ARG A 1113 20.37 -14.40 50.26
C ARG A 1113 19.68 -15.69 49.81
N SER A 1114 18.35 -15.68 49.72
CA SER A 1114 17.59 -16.91 49.36
C SER A 1114 17.19 -16.88 47.88
N GLY A 1115 17.54 -17.93 47.13
CA GLY A 1115 17.13 -18.04 45.72
C GLY A 1115 18.12 -17.37 44.78
N PHE A 1116 19.09 -16.61 45.30
CA PHE A 1116 20.14 -16.04 44.42
C PHE A 1116 20.97 -17.20 43.84
N CYS A 1117 21.29 -18.18 44.68
CA CYS A 1117 22.04 -19.37 44.20
C CYS A 1117 21.09 -20.57 44.12
N GLY A 1118 21.29 -21.56 44.98
CA GLY A 1118 20.43 -22.76 45.00
C GLY A 1118 19.12 -22.52 45.75
N GLN A 1119 18.09 -23.31 45.45
CA GLN A 1119 16.82 -23.22 46.22
C GLN A 1119 17.06 -23.75 47.63
N GLY A 1120 16.33 -23.25 48.63
CA GLY A 1120 16.60 -23.66 50.02
C GLY A 1120 17.81 -22.94 50.57
N THR A 1121 18.43 -23.46 51.62
CA THR A 1121 19.59 -22.76 52.24
C THR A 1121 20.87 -23.18 51.53
N HIS A 1122 21.53 -22.24 50.84
CA HIS A 1122 22.75 -22.58 50.06
C HIS A 1122 23.86 -23.04 50.99
N ILE A 1123 24.57 -24.12 50.62
CA ILE A 1123 25.73 -24.59 51.44
C ILE A 1123 27.02 -24.30 50.68
N VAL A 1124 27.12 -24.79 49.44
CA VAL A 1124 28.37 -24.62 48.63
C VAL A 1124 27.99 -24.58 47.14
N SER A 1125 28.81 -23.94 46.31
CA SER A 1125 28.55 -23.90 44.84
C SER A 1125 29.81 -24.25 44.06
N PHE A 1126 29.65 -24.86 42.88
CA PHE A 1126 30.82 -25.23 42.04
C PHE A 1126 30.58 -24.72 40.62
N VAL A 1127 31.66 -24.33 39.92
CA VAL A 1127 31.53 -23.77 38.54
C VAL A 1127 32.36 -24.60 37.57
N VAL A 1128 31.76 -25.02 36.45
CA VAL A 1128 32.53 -25.74 35.39
C VAL A 1128 32.26 -25.01 34.07
N ASN A 1129 33.21 -25.03 33.15
CA ASN A 1129 33.04 -24.26 31.89
C ASN A 1129 31.90 -24.87 31.06
N ALA A 1130 31.17 -24.03 30.32
CA ALA A 1130 30.07 -24.51 29.45
C ALA A 1130 30.40 -24.01 28.04
N PRO A 1131 29.80 -24.55 26.95
CA PRO A 1131 30.20 -24.15 25.61
C PRO A 1131 30.09 -22.64 25.31
N ASN A 1132 29.00 -21.99 25.71
CA ASN A 1132 28.85 -20.53 25.50
C ASN A 1132 28.85 -19.77 26.83
N GLY A 1133 29.18 -20.42 27.95
CA GLY A 1133 29.06 -19.72 29.24
C GLY A 1133 29.64 -20.49 30.40
N LEU A 1134 29.21 -20.17 31.63
CA LEU A 1134 29.67 -20.93 32.83
C LEU A 1134 28.49 -21.72 33.38
N TYR A 1135 28.72 -23.00 33.72
CA TYR A 1135 27.64 -23.84 34.30
C TYR A 1135 27.78 -23.81 35.83
N PHE A 1136 26.70 -23.48 36.54
CA PHE A 1136 26.78 -23.33 38.01
C PHE A 1136 25.99 -24.46 38.69
N MET A 1137 26.62 -25.20 39.60
CA MET A 1137 25.88 -26.24 40.36
C MET A 1137 25.86 -25.81 41.82
N HIS A 1138 24.67 -25.66 42.41
CA HIS A 1138 24.59 -25.15 43.81
C HIS A 1138 24.04 -26.25 44.72
N VAL A 1139 24.81 -26.62 45.75
CA VAL A 1139 24.29 -27.63 46.73
C VAL A 1139 23.46 -26.87 47.77
N GLY A 1140 22.26 -27.37 48.08
CA GLY A 1140 21.37 -26.65 49.01
C GLY A 1140 20.85 -27.55 50.11
N TYR A 1141 20.47 -26.96 51.25
CA TYR A 1141 19.93 -27.75 52.40
C TYR A 1141 18.41 -27.69 52.31
N TYR A 1142 17.75 -28.85 52.26
CA TYR A 1142 16.28 -28.88 52.11
C TYR A 1142 15.64 -29.47 53.36
N PRO A 1143 14.77 -28.73 54.06
CA PRO A 1143 14.08 -29.24 55.25
C PRO A 1143 12.99 -30.27 54.91
N SER A 1144 12.79 -31.26 55.78
CA SER A 1144 11.75 -32.30 55.55
C SER A 1144 11.18 -32.81 56.88
N ASN A 1145 10.01 -33.44 56.87
CA ASN A 1145 9.40 -34.02 58.10
C ASN A 1145 9.23 -32.94 59.18
N HIS A 1146 8.69 -31.77 58.82
CA HIS A 1146 8.49 -30.66 59.79
C HIS A 1146 7.51 -31.09 60.89
N ILE A 1147 7.77 -30.69 62.14
CA ILE A 1147 6.85 -30.99 63.27
C ILE A 1147 6.59 -29.68 64.02
N GLU A 1148 5.46 -29.59 64.74
CA GLU A 1148 5.11 -28.32 65.44
C GLU A 1148 5.36 -28.48 66.95
N VAL A 1149 6.13 -27.56 67.54
CA VAL A 1149 6.47 -27.65 69.00
C VAL A 1149 6.21 -26.29 69.65
N VAL A 1150 5.83 -26.28 70.93
CA VAL A 1150 5.56 -25.02 71.68
C VAL A 1150 6.90 -24.33 71.96
N SER A 1151 6.98 -23.02 71.74
CA SER A 1151 8.27 -22.29 71.92
C SER A 1151 8.07 -20.99 72.70
N ALA A 1152 9.13 -20.48 73.34
CA ALA A 1152 9.05 -19.20 74.08
C ALA A 1152 10.05 -18.20 73.49
N TYR A 1153 9.66 -16.93 73.41
CA TYR A 1153 10.56 -15.88 72.86
C TYR A 1153 11.80 -15.76 73.75
N GLY A 1154 11.60 -15.81 75.07
CA GLY A 1154 12.72 -15.69 76.02
C GLY A 1154 12.39 -16.31 77.37
N LEU A 1155 13.41 -16.59 78.18
CA LEU A 1155 13.17 -17.12 79.55
C LEU A 1155 13.74 -16.14 80.58
N CYS A 1156 12.94 -15.78 81.60
CA CYS A 1156 13.43 -14.88 82.67
C CYS A 1156 13.27 -15.57 84.03
N ASP A 1157 14.24 -15.41 84.92
CA ASP A 1157 14.14 -16.01 86.28
C ASP A 1157 12.93 -15.38 86.99
N ALA A 1158 12.12 -16.20 87.67
CA ALA A 1158 11.00 -15.62 88.45
C ALA A 1158 11.56 -14.77 89.59
N ALA A 1159 12.61 -15.26 90.28
CA ALA A 1159 13.20 -14.52 91.42
C ALA A 1159 13.81 -13.20 90.93
N ASN A 1160 14.54 -13.22 89.81
CA ASN A 1160 15.13 -11.98 89.26
C ASN A 1160 14.50 -11.68 87.89
N PRO A 1161 13.61 -10.67 87.78
CA PRO A 1161 12.94 -10.36 86.51
C PRO A 1161 13.94 -9.90 85.43
N THR A 1162 14.94 -9.09 85.81
CA THR A 1162 15.91 -8.55 84.83
C THR A 1162 16.72 -9.69 84.19
N ASN A 1163 17.12 -10.69 84.98
CA ASN A 1163 17.95 -11.81 84.46
C ASN A 1163 17.14 -12.58 83.40
N CYS A 1164 17.41 -12.31 82.11
CA CYS A 1164 16.64 -12.97 81.02
C CYS A 1164 17.63 -13.44 79.94
N ILE A 1165 17.22 -14.39 79.09
CA ILE A 1165 18.10 -14.84 77.97
C ILE A 1165 17.29 -14.91 76.67
N ALA A 1166 17.98 -14.85 75.54
CA ALA A 1166 17.31 -15.02 74.24
C ALA A 1166 18.09 -16.08 73.43
N PRO A 1167 17.49 -16.91 72.54
CA PRO A 1167 18.27 -17.87 71.82
C PRO A 1167 19.08 -17.20 70.73
N VAL A 1168 20.20 -17.81 70.40
CA VAL A 1168 21.01 -17.35 69.29
C VAL A 1168 21.02 -18.33 68.16
N ASN A 1169 20.50 -17.90 67.00
CA ASN A 1169 20.39 -18.71 65.79
C ASN A 1169 19.63 -20.02 66.01
N GLY A 1170 18.70 -19.99 66.97
CA GLY A 1170 17.94 -21.21 67.32
C GLY A 1170 16.68 -20.88 68.10
N TYR A 1171 16.12 -21.85 68.83
CA TYR A 1171 14.82 -21.63 69.54
C TYR A 1171 14.78 -22.32 70.90
N PHE A 1172 13.90 -21.87 71.80
CA PHE A 1172 13.71 -22.55 73.10
C PHE A 1172 12.45 -23.40 72.99
N ILE A 1173 12.54 -24.71 73.25
CA ILE A 1173 11.37 -25.61 73.07
C ILE A 1173 11.18 -26.47 74.32
N LYS A 1174 9.97 -26.96 74.55
CA LYS A 1174 9.73 -27.89 75.70
C LYS A 1174 9.50 -29.29 75.11
N THR A 1175 10.31 -30.28 75.51
CA THR A 1175 10.18 -31.64 74.91
C THR A 1175 8.80 -32.23 75.26
N GLU A 1183 12.45 -28.77 81.90
CA GLU A 1183 11.31 -27.85 81.66
C GLU A 1183 11.48 -27.18 80.29
N TRP A 1184 12.71 -26.76 79.98
CA TRP A 1184 13.00 -26.09 78.68
C TRP A 1184 14.26 -26.67 78.05
N SER A 1185 14.30 -26.73 76.71
CA SER A 1185 15.49 -27.27 75.99
C SER A 1185 15.78 -26.38 74.77
N TYR A 1186 17.00 -26.43 74.24
CA TYR A 1186 17.38 -25.56 73.10
C TYR A 1186 17.52 -26.41 71.83
N THR A 1187 16.98 -25.91 70.72
CA THR A 1187 17.13 -26.63 69.42
C THR A 1187 17.70 -25.69 68.37
N GLY A 1188 18.54 -26.18 67.47
CA GLY A 1188 19.06 -25.35 66.37
C GLY A 1188 17.95 -25.01 65.40
N SER A 1189 17.97 -23.83 64.78
CA SER A 1189 16.84 -23.42 63.90
C SER A 1189 16.69 -24.36 62.70
N SER A 1190 17.80 -24.73 62.06
CA SER A 1190 17.73 -25.59 60.84
C SER A 1190 17.28 -27.02 61.15
N PHE A 1191 17.74 -27.62 62.24
CA PHE A 1191 17.42 -29.05 62.50
C PHE A 1191 16.86 -29.21 63.92
N TYR A 1192 15.83 -30.04 64.09
CA TYR A 1192 15.19 -30.15 65.42
C TYR A 1192 15.89 -31.19 66.28
N ALA A 1193 16.64 -30.76 67.29
CA ALA A 1193 17.30 -31.72 68.21
C ALA A 1193 17.40 -31.08 69.60
N PRO A 1194 16.52 -31.43 70.57
CA PRO A 1194 16.53 -30.79 71.88
C PRO A 1194 17.87 -31.05 72.60
N GLU A 1195 18.45 -30.01 73.20
CA GLU A 1195 19.73 -30.14 73.93
C GLU A 1195 19.66 -29.26 75.19
N PRO A 1196 20.45 -29.53 76.25
CA PRO A 1196 20.35 -28.75 77.47
C PRO A 1196 20.69 -27.28 77.18
N ILE A 1197 19.92 -26.34 77.75
CA ILE A 1197 20.20 -24.90 77.55
C ILE A 1197 21.54 -24.57 78.20
N THR A 1198 22.39 -23.79 77.53
CA THR A 1198 23.74 -23.46 78.05
C THR A 1198 24.02 -21.96 77.86
N SER A 1199 25.01 -21.43 78.55
CA SER A 1199 25.40 -20.00 78.38
C SER A 1199 25.84 -19.78 76.92
N LEU A 1200 26.50 -20.77 76.31
CA LEU A 1200 27.02 -20.64 74.93
C LEU A 1200 25.87 -20.39 73.94
N ASN A 1201 24.73 -21.06 74.11
CA ASN A 1201 23.63 -20.94 73.11
C ASN A 1201 22.65 -19.80 73.47
N THR A 1202 22.92 -19.06 74.55
CA THR A 1202 21.94 -18.01 74.98
C THR A 1202 22.61 -16.65 75.16
N LYS A 1203 21.86 -15.56 74.98
CA LYS A 1203 22.41 -14.19 75.19
C LYS A 1203 21.51 -13.44 76.17
N TYR A 1204 22.10 -12.78 77.17
CA TYR A 1204 21.30 -12.02 78.17
C TYR A 1204 20.56 -10.87 77.48
N VAL A 1205 19.30 -10.64 77.83
CA VAL A 1205 18.47 -9.60 77.17
C VAL A 1205 17.60 -8.88 78.19
N ALA A 1206 17.10 -7.68 77.86
CA ALA A 1206 16.19 -6.94 78.76
C ALA A 1206 14.86 -7.67 78.90
N PRO A 1207 14.20 -7.65 80.08
CA PRO A 1207 12.94 -8.38 80.29
C PRO A 1207 11.76 -7.94 79.42
N GLN A 1208 10.93 -8.89 78.98
CA GLN A 1208 9.72 -8.56 78.17
C GLN A 1208 8.51 -9.27 78.77
N VAL A 1209 7.30 -8.74 78.55
CA VAL A 1209 6.05 -9.37 79.06
C VAL A 1209 5.90 -10.76 78.43
N THR A 1210 6.22 -10.88 77.14
CA THR A 1210 6.09 -12.19 76.43
C THR A 1210 7.01 -13.23 77.06
N TYR A 1211 8.20 -12.82 77.51
CA TYR A 1211 9.18 -13.80 78.07
C TYR A 1211 8.56 -14.50 79.27
N GLN A 1212 8.69 -15.83 79.33
CA GLN A 1212 8.09 -16.63 80.43
C GLN A 1212 8.88 -16.42 81.73
N ASN A 1213 8.21 -16.48 82.88
CA ASN A 1213 8.93 -16.40 84.19
C ASN A 1213 8.98 -17.82 84.76
N ILE A 1214 10.17 -18.35 85.02
CA ILE A 1214 10.27 -19.76 85.48
C ILE A 1214 10.88 -19.82 86.89
N SER A 1215 10.21 -20.52 87.81
CA SER A 1215 10.72 -20.66 89.21
C SER A 1215 11.17 -22.10 89.47
N THR A 1216 11.18 -22.95 88.44
CA THR A 1216 11.51 -24.39 88.65
C THR A 1216 12.90 -24.71 88.10
N ASN A 1217 12.97 -25.39 86.94
CA ASN A 1217 14.28 -25.82 86.37
C ASN A 1217 14.90 -24.63 85.64
N LEU A 1218 15.60 -23.76 86.38
CA LEU A 1218 16.24 -22.56 85.78
C LEU A 1218 17.42 -23.01 84.90
N PRO A 1219 17.62 -22.43 83.70
CA PRO A 1219 18.80 -22.75 82.88
C PRO A 1219 20.07 -22.15 83.51
N PRO A 1220 21.27 -22.71 83.26
CA PRO A 1220 22.49 -22.22 83.90
C PRO A 1220 22.86 -20.73 83.72
N PRO A 1221 22.73 -20.08 82.54
CA PRO A 1221 23.01 -18.64 82.43
C PRO A 1221 22.19 -17.86 83.47
N LEU A 1222 20.89 -18.13 83.59
CA LEU A 1222 20.02 -17.45 84.56
C LEU A 1222 20.31 -17.84 86.00
N LEU A 1223 21.13 -18.87 86.23
CA LEU A 1223 21.43 -19.25 87.62
C LEU A 1223 22.49 -18.36 88.20
N GLY A 1224 22.09 -17.13 88.50
CA GLY A 1224 23.00 -16.10 88.99
C GLY A 1224 22.53 -15.58 90.32
N TYR B 18 -26.75 27.17 -27.13
CA TYR B 18 -26.89 28.38 -26.29
C TYR B 18 -28.29 28.41 -25.67
N VAL B 19 -28.40 28.18 -24.36
CA VAL B 19 -29.71 28.20 -23.66
C VAL B 19 -30.28 29.63 -23.74
N ASP B 20 -31.57 29.76 -24.07
CA ASP B 20 -32.20 31.10 -24.16
C ASP B 20 -32.47 31.61 -22.75
N VAL B 21 -32.08 32.87 -22.47
CA VAL B 21 -32.33 33.49 -21.14
C VAL B 21 -33.56 34.39 -21.24
N GLY B 22 -34.22 34.39 -22.40
CA GLY B 22 -35.36 35.30 -22.62
C GLY B 22 -34.88 36.65 -23.12
N PRO B 23 -35.78 37.63 -23.39
CA PRO B 23 -35.36 38.91 -23.95
C PRO B 23 -34.48 39.72 -22.99
N ASP B 24 -33.41 40.34 -23.52
CA ASP B 24 -32.55 41.21 -22.67
C ASP B 24 -33.29 42.52 -22.40
N SER B 25 -32.94 43.22 -21.32
CA SER B 25 -33.67 44.46 -20.94
C SER B 25 -33.57 45.49 -22.08
N VAL B 26 -34.68 46.17 -22.38
CA VAL B 26 -34.70 47.13 -23.53
C VAL B 26 -34.47 48.55 -23.02
N LYS B 27 -34.18 48.72 -21.73
CA LYS B 27 -34.05 50.10 -21.18
C LYS B 27 -32.92 50.83 -21.91
N SER B 28 -33.17 52.08 -22.35
CA SER B 28 -32.17 52.83 -23.13
C SER B 28 -30.93 53.12 -22.28
N ALA B 29 -31.12 53.47 -21.00
CA ALA B 29 -29.96 53.84 -20.15
C ALA B 29 -29.98 53.07 -18.84
N CYS B 30 -28.80 52.68 -18.33
CA CYS B 30 -28.71 51.98 -17.02
C CYS B 30 -28.99 52.99 -15.90
N ILE B 31 -29.48 52.51 -14.75
CA ILE B 31 -29.73 53.41 -13.58
C ILE B 31 -28.38 54.00 -13.11
N GLU B 32 -28.36 55.28 -12.73
CA GLU B 32 -27.10 55.93 -12.30
C GLU B 32 -26.57 55.26 -11.03
N VAL B 33 -25.25 55.08 -10.94
CA VAL B 33 -24.62 54.44 -9.74
C VAL B 33 -23.67 55.44 -9.09
N ASP B 34 -23.74 55.60 -7.76
CA ASP B 34 -22.84 56.54 -7.04
C ASP B 34 -21.95 55.77 -6.08
N ILE B 35 -20.64 56.04 -6.09
CA ILE B 35 -19.73 55.38 -5.12
C ILE B 35 -19.22 56.45 -4.14
N GLN B 36 -19.49 56.29 -2.85
CA GLN B 36 -18.92 57.23 -1.84
C GLN B 36 -18.03 56.43 -0.90
N GLN B 37 -16.72 56.68 -0.93
CA GLN B 37 -15.77 55.88 -0.12
C GLN B 37 -16.02 56.12 1.37
N THR B 38 -16.22 57.37 1.79
CA THR B 38 -16.38 57.68 3.24
C THR B 38 -17.62 56.98 3.79
N PHE B 39 -18.73 57.01 3.05
CA PHE B 39 -20.00 56.40 3.50
C PHE B 39 -19.81 54.88 3.66
N PHE B 40 -19.06 54.26 2.74
CA PHE B 40 -18.88 52.79 2.77
C PHE B 40 -17.67 52.40 3.62
N ASP B 41 -16.95 53.37 4.19
CA ASP B 41 -15.72 53.05 4.96
C ASP B 41 -16.08 52.66 6.39
N LYS B 42 -16.83 51.57 6.55
CA LYS B 42 -17.17 51.05 7.91
C LYS B 42 -16.68 49.60 7.95
N THR B 43 -15.83 49.24 8.91
CA THR B 43 -15.26 47.86 8.89
C THR B 43 -15.57 47.11 10.19
N TRP B 44 -16.17 45.91 10.07
CA TRP B 44 -16.41 45.05 11.26
C TRP B 44 -15.93 43.64 10.91
N PRO B 45 -14.61 43.37 10.79
CA PRO B 45 -14.13 42.06 10.34
C PRO B 45 -14.37 40.91 11.34
N ARG B 46 -14.69 39.72 10.83
CA ARG B 46 -14.84 38.54 11.72
C ARG B 46 -13.74 37.53 11.40
N PRO B 47 -12.88 37.14 12.36
CA PRO B 47 -11.87 36.10 12.11
C PRO B 47 -12.52 34.72 11.95
N ILE B 48 -11.99 33.88 11.08
CA ILE B 48 -12.53 32.49 10.96
C ILE B 48 -12.27 31.78 12.28
N ASP B 49 -13.28 31.08 12.82
CA ASP B 49 -13.03 30.27 14.04
C ASP B 49 -13.13 28.79 13.66
N VAL B 50 -11.99 28.11 13.57
CA VAL B 50 -11.96 26.67 13.21
C VAL B 50 -12.63 25.87 14.35
N SER B 51 -12.45 26.31 15.60
CA SER B 51 -13.09 25.63 16.76
C SER B 51 -14.61 25.80 16.69
N LYS B 52 -15.07 26.84 16.00
CA LYS B 52 -16.53 27.08 15.84
C LYS B 52 -17.01 26.44 14.54
N ALA B 53 -16.11 25.73 13.85
CA ALA B 53 -16.45 25.08 12.56
C ALA B 53 -16.91 26.12 11.54
N ASP B 54 -16.27 27.29 11.52
CA ASP B 54 -16.63 28.36 10.54
C ASP B 54 -15.86 28.12 9.23
N GLY B 55 -16.57 28.09 8.10
CA GLY B 55 -15.92 27.93 6.80
C GLY B 55 -15.60 26.47 6.50
N ILE B 56 -16.06 25.56 7.35
CA ILE B 56 -15.73 24.11 7.16
C ILE B 56 -16.70 23.48 6.16
N ILE B 57 -16.16 22.79 5.15
CA ILE B 57 -17.02 22.07 4.17
C ILE B 57 -16.87 20.58 4.46
N TYR B 58 -17.99 19.88 4.66
CA TYR B 58 -17.94 18.42 4.93
C TYR B 58 -17.41 17.69 3.69
N PRO B 59 -16.53 16.67 3.84
CA PRO B 59 -16.04 15.92 2.67
C PRO B 59 -17.17 15.22 1.91
N GLN B 60 -17.20 15.38 0.60
CA GLN B 60 -18.26 14.76 -0.25
C GLN B 60 -18.14 13.23 -0.25
N GLY B 61 -16.91 12.70 -0.26
CA GLY B 61 -16.72 11.24 -0.39
C GLY B 61 -17.30 10.39 0.71
N ARG B 62 -17.15 10.78 1.98
CA ARG B 62 -17.61 9.88 3.08
C ARG B 62 -17.93 10.65 4.36
N THR B 63 -18.62 10.00 5.31
CA THR B 63 -18.93 10.63 6.61
C THR B 63 -18.20 9.89 7.74
N TYR B 64 -17.78 10.62 8.77
CA TYR B 64 -17.12 10.00 9.94
C TYR B 64 -17.99 10.26 11.17
N SER B 65 -18.21 9.25 12.02
CA SER B 65 -19.13 9.42 13.17
C SER B 65 -18.43 9.17 14.50
N ASN B 66 -18.55 10.10 15.46
CA ASN B 66 -18.01 9.91 16.85
C ASN B 66 -16.51 9.58 16.82
N ILE B 67 -15.73 10.23 15.96
CA ILE B 67 -14.25 9.99 15.90
C ILE B 67 -13.52 11.32 15.70
N THR B 68 -12.24 11.39 16.07
CA THR B 68 -11.44 12.62 15.79
C THR B 68 -10.25 12.22 14.92
N ILE B 69 -10.14 12.81 13.72
CA ILE B 69 -9.03 12.47 12.77
C ILE B 69 -8.65 13.70 11.94
N THR B 70 -7.39 13.77 11.50
CA THR B 70 -6.95 14.89 10.62
C THR B 70 -7.46 14.64 9.19
N TYR B 71 -8.01 15.67 8.54
CA TYR B 71 -8.46 15.53 7.12
C TYR B 71 -7.87 16.68 6.30
N GLN B 72 -7.40 16.37 5.08
CA GLN B 72 -6.81 17.42 4.20
C GLN B 72 -7.90 17.90 3.23
N GLY B 73 -8.22 19.20 3.27
CA GLY B 73 -9.24 19.76 2.36
C GLY B 73 -9.02 21.25 2.18
N LEU B 74 -9.69 21.86 1.20
CA LEU B 74 -9.60 23.34 1.02
C LEU B 74 -10.30 24.01 2.21
N PHE B 75 -9.56 24.71 3.06
CA PHE B 75 -10.16 25.31 4.27
C PHE B 75 -9.65 26.75 4.46
N PRO B 76 -10.45 27.67 5.06
CA PRO B 76 -9.98 29.03 5.34
C PRO B 76 -8.97 29.08 6.50
N TYR B 77 -8.07 30.07 6.50
CA TYR B 77 -7.06 30.20 7.58
C TYR B 77 -7.74 30.56 8.90
N GLN B 78 -7.27 29.99 10.01
CA GLN B 78 -7.82 30.35 11.35
C GLN B 78 -7.46 31.81 11.65
N GLY B 79 -8.40 32.57 12.22
CA GLY B 79 -8.12 33.97 12.61
C GLY B 79 -8.04 34.88 11.39
N ASP B 80 -8.60 34.44 10.26
CA ASP B 80 -8.53 35.25 9.02
C ASP B 80 -9.76 36.14 8.94
N HIS B 81 -9.57 37.46 8.99
CA HIS B 81 -10.70 38.41 8.86
C HIS B 81 -11.31 38.26 7.47
N GLY B 82 -10.47 38.07 6.45
CA GLY B 82 -10.97 37.86 5.07
C GLY B 82 -11.35 39.17 4.40
N ASP B 83 -12.07 39.08 3.28
CA ASP B 83 -12.50 40.31 2.55
C ASP B 83 -13.97 40.55 2.86
N MET B 84 -14.33 41.75 3.33
CA MET B 84 -15.73 41.99 3.75
C MET B 84 -16.41 42.91 2.73
N TYR B 85 -17.54 42.46 2.17
CA TYR B 85 -18.31 43.30 1.21
C TYR B 85 -19.72 43.47 1.78
N VAL B 86 -20.22 44.70 1.81
CA VAL B 86 -21.56 44.97 2.41
C VAL B 86 -22.44 45.67 1.37
N TYR B 87 -23.73 45.33 1.32
CA TYR B 87 -24.66 45.95 0.34
C TYR B 87 -25.50 47.01 1.06
N SER B 88 -25.67 48.18 0.43
CA SER B 88 -26.40 49.30 1.08
C SER B 88 -27.54 49.79 0.18
N ALA B 89 -28.58 50.36 0.80
CA ALA B 89 -29.75 50.87 0.02
C ALA B 89 -29.31 52.02 -0.88
N GLY B 90 -29.87 52.10 -2.09
CA GLY B 90 -29.56 53.20 -3.02
C GLY B 90 -30.17 54.52 -2.57
N HIS B 91 -29.61 55.64 -3.01
CA HIS B 91 -30.12 56.97 -2.56
C HIS B 91 -31.59 57.09 -2.97
N ALA B 92 -32.44 57.55 -2.05
CA ALA B 92 -33.88 57.69 -2.34
C ALA B 92 -34.40 58.98 -1.70
N THR B 93 -35.39 59.63 -2.33
CA THR B 93 -36.01 60.83 -1.71
C THR B 93 -37.48 60.52 -1.43
N GLY B 94 -37.92 60.69 -0.19
CA GLY B 94 -39.32 60.38 0.17
C GLY B 94 -39.66 58.93 -0.14
N THR B 95 -40.75 58.71 -0.86
CA THR B 95 -41.20 57.32 -1.19
C THR B 95 -40.64 56.88 -2.55
N THR B 96 -39.84 57.72 -3.21
CA THR B 96 -39.37 57.37 -4.58
C THR B 96 -37.88 57.00 -4.56
N PRO B 97 -37.44 55.78 -4.95
CA PRO B 97 -36.00 55.48 -5.04
C PRO B 97 -35.37 56.16 -6.26
N GLN B 98 -34.13 56.62 -6.13
CA GLN B 98 -33.47 57.36 -7.24
C GLN B 98 -32.13 56.69 -7.62
N LYS B 99 -31.04 57.45 -7.54
CA LYS B 99 -29.70 56.93 -7.96
C LYS B 99 -29.27 55.78 -7.04
N LEU B 100 -28.68 54.73 -7.62
CA LEU B 100 -28.18 53.58 -6.82
C LEU B 100 -26.95 54.00 -6.01
N PHE B 101 -26.78 53.47 -4.80
CA PHE B 101 -25.56 53.75 -4.00
C PHE B 101 -24.86 52.45 -3.63
N VAL B 102 -23.61 52.26 -4.09
CA VAL B 102 -22.83 51.03 -3.73
C VAL B 102 -21.33 51.32 -3.88
N ALA B 103 -20.48 50.54 -3.23
CA ALA B 103 -19.02 50.69 -3.39
C ALA B 103 -18.60 50.01 -4.70
N ASN B 104 -17.38 50.29 -5.18
CA ASN B 104 -16.93 49.73 -6.48
C ASN B 104 -16.41 48.30 -6.29
N TYR B 105 -17.29 47.38 -5.85
CA TYR B 105 -16.90 45.96 -5.71
C TYR B 105 -16.57 45.39 -7.10
N SER B 106 -17.33 45.80 -8.12
CA SER B 106 -17.13 45.28 -9.49
C SER B 106 -15.74 45.64 -10.00
N GLN B 107 -15.28 46.87 -9.74
CA GLN B 107 -13.94 47.32 -10.19
C GLN B 107 -12.87 46.44 -9.53
N ASP B 108 -13.06 46.14 -8.23
CA ASP B 108 -12.10 45.27 -7.50
C ASP B 108 -12.10 43.88 -8.14
N VAL B 109 -10.91 43.32 -8.39
CA VAL B 109 -10.81 41.94 -8.95
C VAL B 109 -9.94 41.10 -8.02
N LYS B 110 -10.41 39.91 -7.63
CA LYS B 110 -9.64 39.03 -6.72
C LYS B 110 -9.40 37.68 -7.43
N GLN B 111 -8.22 37.08 -7.25
CA GLN B 111 -7.92 35.78 -7.90
C GLN B 111 -8.87 34.71 -7.34
N PHE B 112 -9.48 33.90 -8.23
CA PHE B 112 -10.37 32.81 -7.78
C PHE B 112 -9.57 31.77 -6.99
N ALA B 113 -8.35 31.47 -7.45
CA ALA B 113 -7.47 30.49 -6.76
C ALA B 113 -8.20 29.14 -6.63
N ASN B 114 -8.24 28.58 -5.42
CA ASN B 114 -8.88 27.25 -5.20
C ASN B 114 -10.37 27.44 -4.91
N GLY B 115 -10.84 28.69 -4.83
CA GLY B 115 -12.25 28.95 -4.49
C GLY B 115 -12.36 29.73 -3.20
N PHE B 116 -13.59 30.11 -2.81
CA PHE B 116 -13.78 30.94 -1.59
C PHE B 116 -15.03 30.50 -0.82
N VAL B 117 -15.05 30.73 0.50
CA VAL B 117 -16.24 30.40 1.34
C VAL B 117 -16.84 31.72 1.83
N VAL B 118 -18.16 31.85 1.80
CA VAL B 118 -18.79 33.16 2.14
C VAL B 118 -19.68 33.03 3.39
N ARG B 119 -19.52 33.94 4.35
CA ARG B 119 -20.40 33.95 5.55
C ARG B 119 -21.64 34.78 5.20
N ILE B 120 -22.84 34.19 5.26
CA ILE B 120 -24.08 34.92 4.86
C ILE B 120 -24.92 35.24 6.09
N GLY B 121 -25.46 36.46 6.18
CA GLY B 121 -26.32 36.85 7.32
C GLY B 121 -25.60 36.75 8.66
N ALA B 122 -24.31 37.10 8.70
CA ALA B 122 -23.54 37.09 9.96
C ALA B 122 -24.12 38.10 10.96
N ALA B 123 -24.50 39.29 10.47
CA ALA B 123 -25.01 40.37 11.36
C ALA B 123 -26.54 40.40 11.33
N ALA B 124 -27.19 39.42 10.71
CA ALA B 124 -28.66 39.44 10.56
C ALA B 124 -29.37 39.38 11.92
N ASN B 125 -30.57 39.98 12.01
CA ASN B 125 -31.36 39.98 13.27
C ASN B 125 -30.58 40.66 14.41
N SER B 126 -29.88 41.77 14.10
CA SER B 126 -29.17 42.52 15.16
C SER B 126 -29.52 44.01 15.04
N THR B 127 -29.41 44.77 16.13
CA THR B 127 -29.65 46.24 16.05
C THR B 127 -28.57 46.85 15.15
N GLY B 128 -28.95 47.77 14.25
CA GLY B 128 -27.96 48.32 13.31
C GLY B 128 -28.38 49.68 12.76
N THR B 129 -27.44 50.39 12.12
CA THR B 129 -27.76 51.68 11.47
C THR B 129 -27.54 51.52 9.96
N VAL B 130 -28.41 52.08 9.13
CA VAL B 130 -28.29 51.89 7.65
C VAL B 130 -26.96 52.48 7.19
N ILE B 131 -26.25 51.80 6.30
CA ILE B 131 -24.90 52.26 5.87
C ILE B 131 -25.02 53.62 5.16
N ILE B 132 -26.03 53.78 4.30
CA ILE B 132 -26.16 55.04 3.51
C ILE B 132 -26.41 56.23 4.45
N SER B 133 -27.28 56.08 5.45
CA SER B 133 -27.60 57.22 6.34
C SER B 133 -27.27 56.88 7.80
N PRO B 134 -26.34 57.61 8.46
CA PRO B 134 -26.03 57.36 9.87
C PRO B 134 -27.24 57.63 10.76
N SER B 135 -27.99 58.70 10.48
CA SER B 135 -29.16 59.08 11.31
C SER B 135 -30.22 57.96 11.26
N THR B 136 -30.45 57.39 10.08
CA THR B 136 -31.49 56.34 9.93
C THR B 136 -30.98 55.03 10.57
N SER B 137 -31.78 54.41 11.43
CA SER B 137 -31.39 53.11 12.05
C SER B 137 -32.48 52.07 11.82
N ALA B 138 -32.11 50.89 11.32
CA ALA B 138 -33.10 49.81 11.11
C ALA B 138 -32.49 48.46 11.51
N THR B 139 -33.33 47.49 11.90
CA THR B 139 -32.81 46.15 12.29
C THR B 139 -32.11 45.53 11.08
N ILE B 140 -30.96 44.89 11.30
CA ILE B 140 -30.18 44.30 10.18
C ILE B 140 -30.97 43.13 9.58
N ARG B 141 -31.02 43.03 8.26
CA ARG B 141 -31.79 41.95 7.58
C ARG B 141 -30.83 41.13 6.72
N LYS B 142 -30.97 39.79 6.74
CA LYS B 142 -30.06 38.91 5.97
C LYS B 142 -30.20 39.23 4.47
N ILE B 143 -29.08 39.33 3.76
CA ILE B 143 -29.11 39.62 2.30
C ILE B 143 -28.27 38.56 1.58
N TYR B 144 -28.39 38.46 0.25
CA TYR B 144 -27.67 37.40 -0.49
C TYR B 144 -26.62 38.02 -1.42
N PRO B 145 -25.35 37.55 -1.38
CA PRO B 145 -24.28 38.08 -2.22
C PRO B 145 -24.35 37.75 -3.72
N ALA B 146 -23.78 38.62 -4.57
CA ALA B 146 -23.74 38.37 -6.03
C ALA B 146 -22.29 38.18 -6.47
N PHE B 147 -22.00 37.13 -7.25
CA PHE B 147 -20.60 36.83 -7.62
C PHE B 147 -20.44 36.76 -9.15
N MET B 148 -19.40 37.40 -9.69
CA MET B 148 -19.12 37.29 -11.15
C MET B 148 -17.72 36.68 -11.29
N LEU B 149 -17.60 35.55 -12.02
CA LEU B 149 -16.29 34.85 -12.11
C LEU B 149 -15.90 34.69 -13.58
N GLY B 150 -14.70 35.14 -13.95
CA GLY B 150 -14.25 35.06 -15.36
C GLY B 150 -12.87 34.46 -15.51
N SER B 151 -12.66 33.63 -16.53
CA SER B 151 -11.33 33.01 -16.77
C SER B 151 -10.30 34.11 -17.08
N SER B 152 -10.69 35.12 -17.87
CA SER B 152 -9.76 36.22 -18.24
C SER B 152 -10.46 37.57 -18.02
N VAL B 153 -9.69 38.65 -17.83
CA VAL B 153 -10.31 39.98 -17.54
C VAL B 153 -10.45 40.77 -18.85
N GLY B 154 -11.68 41.16 -19.18
CA GLY B 154 -11.93 41.97 -20.39
C GLY B 154 -11.61 43.44 -20.15
N ASN B 155 -11.42 44.22 -21.22
CA ASN B 155 -11.19 45.68 -21.07
C ASN B 155 -12.45 46.44 -21.48
N PHE B 156 -12.92 47.35 -20.63
CA PHE B 156 -14.15 48.15 -20.92
C PHE B 156 -13.83 49.23 -21.95
N SER B 157 -14.86 49.83 -22.55
CA SER B 157 -14.66 50.94 -23.52
C SER B 157 -13.96 52.10 -22.80
N ASP B 158 -14.34 52.36 -21.55
CA ASP B 158 -13.68 53.42 -20.74
C ASP B 158 -12.40 52.88 -20.09
N GLY B 159 -12.14 51.58 -20.25
CA GLY B 159 -10.89 50.98 -19.71
C GLY B 159 -11.02 50.56 -18.26
N LYS B 160 -12.24 50.61 -17.70
CA LYS B 160 -12.46 50.25 -16.27
C LYS B 160 -12.29 48.74 -16.08
N MET B 161 -11.91 48.33 -14.87
CA MET B 161 -11.71 46.87 -14.55
C MET B 161 -13.05 46.22 -14.23
N GLY B 162 -13.07 44.88 -14.11
CA GLY B 162 -14.30 44.14 -13.74
C GLY B 162 -14.96 43.45 -14.92
N ARG B 163 -14.60 43.80 -16.15
CA ARG B 163 -15.14 43.06 -17.32
C ARG B 163 -14.46 41.70 -17.37
N PHE B 164 -15.17 40.65 -17.83
CA PHE B 164 -14.51 39.33 -17.99
C PHE B 164 -14.64 38.87 -19.46
N PHE B 165 -13.51 38.54 -20.09
CA PHE B 165 -13.53 38.10 -21.51
C PHE B 165 -14.08 36.68 -21.64
N ASN B 166 -14.71 36.36 -22.77
CA ASN B 166 -15.26 35.00 -23.03
C ASN B 166 -16.42 34.71 -22.07
N HIS B 167 -16.77 33.42 -21.91
CA HIS B 167 -17.90 33.05 -21.04
C HIS B 167 -17.58 33.44 -19.59
N THR B 168 -18.58 34.00 -18.88
CA THR B 168 -18.37 34.44 -17.48
C THR B 168 -19.41 33.76 -16.59
N LEU B 169 -18.98 33.13 -15.50
CA LEU B 169 -19.92 32.42 -14.59
C LEU B 169 -20.50 33.46 -13.63
N VAL B 170 -21.82 33.64 -13.64
CA VAL B 170 -22.44 34.69 -12.77
C VAL B 170 -23.43 34.02 -11.82
N LEU B 171 -23.26 34.24 -10.51
CA LEU B 171 -24.25 33.71 -9.53
C LEU B 171 -25.04 34.93 -9.05
N LEU B 172 -26.35 34.96 -9.29
CA LEU B 172 -27.11 36.19 -8.95
C LEU B 172 -28.27 35.86 -8.02
N PRO B 173 -28.41 36.56 -6.86
CA PRO B 173 -29.58 36.37 -6.01
C PRO B 173 -30.79 36.89 -6.78
N ASP B 174 -31.90 36.17 -6.76
CA ASP B 174 -33.09 36.58 -7.58
C ASP B 174 -34.35 36.46 -6.72
N GLY B 175 -35.38 37.24 -7.05
CA GLY B 175 -36.65 37.20 -6.28
C GLY B 175 -36.42 37.44 -4.81
N CYS B 176 -35.57 38.42 -4.46
CA CYS B 176 -35.27 38.75 -3.05
C CYS B 176 -34.66 37.54 -2.32
N GLY B 177 -33.81 36.77 -3.01
CA GLY B 177 -33.13 35.63 -2.38
C GLY B 177 -33.98 34.37 -2.34
N THR B 178 -35.16 34.39 -2.94
CA THR B 178 -35.99 33.15 -3.02
C THR B 178 -35.24 32.10 -3.84
N LEU B 179 -34.56 32.53 -4.91
CA LEU B 179 -33.81 31.57 -5.78
C LEU B 179 -32.43 32.12 -6.11
N LEU B 180 -31.48 31.24 -6.44
CA LEU B 180 -30.13 31.68 -6.87
C LEU B 180 -29.95 31.25 -8.32
N ARG B 181 -29.56 32.16 -9.21
CA ARG B 181 -29.46 31.81 -10.65
C ARG B 181 -27.98 31.73 -11.05
N ALA B 182 -27.55 30.58 -11.58
CA ALA B 182 -26.14 30.39 -11.98
C ALA B 182 -26.06 30.13 -13.49
N PHE B 183 -25.26 30.91 -14.20
CA PHE B 183 -25.10 30.71 -15.67
C PHE B 183 -23.67 31.04 -16.12
N TYR B 184 -23.15 30.29 -17.10
CA TYR B 184 -21.82 30.62 -17.67
C TYR B 184 -22.10 31.33 -18.99
N CYS B 185 -21.86 32.64 -19.06
CA CYS B 185 -22.28 33.39 -20.28
C CYS B 185 -21.30 34.49 -20.68
N ILE B 186 -21.10 34.69 -22.00
CA ILE B 186 -20.25 35.83 -22.44
C ILE B 186 -21.00 37.12 -22.09
N LEU B 187 -20.29 38.15 -21.61
CA LEU B 187 -20.98 39.39 -21.16
C LEU B 187 -20.59 40.55 -22.08
N GLU B 188 -21.59 41.27 -22.61
CA GLU B 188 -21.33 42.40 -23.53
C GLU B 188 -21.75 43.71 -22.85
N PRO B 189 -20.87 44.74 -22.66
CA PRO B 189 -21.32 45.99 -22.04
C PRO B 189 -22.29 46.77 -22.94
N ARG B 190 -23.44 47.18 -22.39
CA ARG B 190 -24.42 47.99 -23.17
C ARG B 190 -23.87 49.41 -23.37
N SER B 191 -24.23 50.08 -24.46
CA SER B 191 -23.69 51.42 -24.78
C SER B 191 -24.52 52.52 -24.09
N GLY B 192 -25.56 52.14 -23.35
CA GLY B 192 -26.43 53.12 -22.68
C GLY B 192 -25.72 53.87 -21.56
N ASN B 193 -26.23 55.05 -21.19
CA ASN B 193 -25.57 55.87 -20.14
C ASN B 193 -25.58 55.12 -18.82
N HIS B 194 -24.49 55.19 -18.04
CA HIS B 194 -24.38 54.53 -16.70
C HIS B 194 -24.13 53.02 -16.86
N CYS B 195 -23.86 52.55 -18.08
CA CYS B 195 -23.51 51.12 -18.30
C CYS B 195 -21.99 51.06 -18.52
N PRO B 196 -21.30 49.91 -18.38
CA PRO B 196 -19.84 49.90 -18.47
C PRO B 196 -19.29 50.43 -19.81
N ALA B 197 -19.87 50.05 -20.95
CA ALA B 197 -19.43 50.64 -22.23
C ALA B 197 -19.79 52.12 -22.23
N GLY B 198 -20.96 52.48 -21.69
CA GLY B 198 -21.41 53.88 -21.67
C GLY B 198 -20.52 54.76 -20.80
N ASN B 199 -20.34 56.02 -21.19
CA ASN B 199 -19.45 56.95 -20.45
C ASN B 199 -20.11 57.39 -19.13
N SER B 200 -19.33 57.93 -18.19
CA SER B 200 -19.85 58.43 -16.90
C SER B 200 -20.51 57.32 -16.07
N TYR B 201 -19.98 56.09 -16.13
CA TYR B 201 -20.52 55.01 -15.26
C TYR B 201 -19.48 54.74 -14.16
N THR B 202 -19.81 55.06 -12.90
CA THR B 202 -18.89 54.77 -11.78
C THR B 202 -18.73 53.25 -11.60
N SER B 203 -19.84 52.51 -11.65
CA SER B 203 -19.80 51.03 -11.44
C SER B 203 -21.05 50.39 -12.04
N PHE B 204 -21.03 49.07 -12.24
CA PHE B 204 -22.26 48.38 -12.71
C PHE B 204 -22.85 47.60 -11.52
N ALA B 205 -24.08 47.92 -11.12
CA ALA B 205 -24.65 47.27 -9.92
C ALA B 205 -26.04 46.70 -10.19
N THR B 206 -26.26 45.41 -9.88
CA THR B 206 -27.61 44.81 -10.03
C THR B 206 -28.53 45.42 -8.97
N TYR B 207 -29.80 45.64 -9.30
CA TYR B 207 -30.70 46.33 -8.32
C TYR B 207 -32.07 45.66 -8.24
N HIS B 208 -32.74 45.78 -7.10
CA HIS B 208 -34.13 45.25 -6.96
C HIS B 208 -34.92 46.22 -6.08
N THR B 209 -36.24 46.26 -6.23
CA THR B 209 -37.08 47.14 -5.36
C THR B 209 -37.88 46.25 -4.39
N PRO B 210 -37.71 46.42 -3.06
CA PRO B 210 -38.42 45.59 -2.08
C PRO B 210 -39.94 45.81 -2.15
N ALA B 211 -40.37 47.05 -2.36
CA ALA B 211 -41.83 47.36 -2.34
C ALA B 211 -42.57 46.58 -3.43
N THR B 212 -41.97 46.44 -4.62
CA THR B 212 -42.68 45.80 -5.76
C THR B 212 -42.21 44.35 -5.96
N ASP B 213 -40.90 44.13 -6.13
CA ASP B 213 -40.37 42.78 -6.42
C ASP B 213 -40.65 41.82 -5.26
N CYS B 214 -40.56 42.29 -4.01
CA CYS B 214 -40.71 41.37 -2.85
C CYS B 214 -42.14 41.38 -2.29
N SER B 215 -43.10 41.93 -3.02
CA SER B 215 -44.50 42.02 -2.52
C SER B 215 -45.00 40.61 -2.22
N ASP B 216 -45.74 40.44 -1.12
CA ASP B 216 -46.21 39.08 -0.73
C ASP B 216 -47.13 38.55 -1.84
N GLY B 217 -48.02 39.40 -2.36
CA GLY B 217 -48.92 38.98 -3.44
C GLY B 217 -48.18 38.63 -4.72
N ASN B 218 -47.19 39.44 -5.11
CA ASN B 218 -46.49 39.20 -6.40
C ASN B 218 -44.97 39.20 -6.18
N TYR B 219 -44.28 38.13 -6.58
CA TYR B 219 -42.80 38.09 -6.50
C TYR B 219 -42.24 38.05 -7.92
N ASN B 220 -41.33 38.97 -8.25
CA ASN B 220 -40.70 38.92 -9.60
C ASN B 220 -39.35 38.19 -9.49
N ARG B 221 -39.32 36.94 -9.94
CA ARG B 221 -38.06 36.12 -9.89
C ARG B 221 -37.01 36.72 -10.83
N ASN B 222 -37.42 37.22 -12.00
CA ASN B 222 -36.43 37.69 -13.01
C ASN B 222 -36.14 39.19 -12.86
N ALA B 223 -36.69 39.87 -11.85
CA ALA B 223 -36.50 41.34 -11.76
C ALA B 223 -35.00 41.65 -11.60
N SER B 224 -34.29 40.91 -10.74
CA SER B 224 -32.83 41.10 -10.57
C SER B 224 -32.11 40.75 -11.87
N LEU B 225 -32.54 39.69 -12.55
CA LEU B 225 -31.92 39.27 -13.83
C LEU B 225 -32.10 40.38 -14.87
N ASN B 226 -33.28 41.00 -14.91
CA ASN B 226 -33.56 42.09 -15.89
C ASN B 226 -32.64 43.28 -15.61
N SER B 227 -32.43 43.61 -14.34
CA SER B 227 -31.50 44.72 -13.98
C SER B 227 -30.08 44.35 -14.44
N PHE B 228 -29.69 43.09 -14.26
CA PHE B 228 -28.34 42.62 -14.71
C PHE B 228 -28.27 42.74 -16.23
N LYS B 229 -29.36 42.46 -16.93
CA LYS B 229 -29.38 42.52 -18.42
C LYS B 229 -29.07 43.94 -18.89
N GLU B 230 -29.60 44.96 -18.21
CA GLU B 230 -29.25 46.36 -18.61
C GLU B 230 -27.76 46.59 -18.44
N TYR B 231 -27.19 46.18 -17.29
CA TYR B 231 -25.75 46.44 -17.04
C TYR B 231 -24.86 45.62 -17.98
N PHE B 232 -25.20 44.34 -18.15
CA PHE B 232 -24.41 43.46 -19.07
C PHE B 232 -25.36 42.68 -19.99
N ASN B 233 -25.14 42.76 -21.30
CA ASN B 233 -25.95 41.94 -22.24
C ASN B 233 -25.52 40.47 -22.10
N LEU B 234 -26.47 39.53 -22.21
CA LEU B 234 -26.13 38.10 -22.06
C LEU B 234 -26.01 37.48 -23.46
N ARG B 235 -24.82 36.97 -23.81
CA ARG B 235 -24.60 36.46 -25.19
C ARG B 235 -24.20 34.98 -25.17
N ASN B 236 -24.96 34.12 -25.85
CA ASN B 236 -24.59 32.68 -25.98
C ASN B 236 -24.33 32.04 -24.61
N CYS B 237 -25.24 32.25 -23.64
CA CYS B 237 -25.07 31.58 -22.32
C CYS B 237 -25.12 30.07 -22.52
N THR B 238 -24.13 29.34 -21.97
CA THR B 238 -24.07 27.86 -22.15
C THR B 238 -25.25 27.17 -21.45
N PHE B 239 -25.60 27.60 -20.23
CA PHE B 239 -26.68 26.92 -19.47
C PHE B 239 -27.37 27.89 -18.52
N MET B 240 -28.59 27.59 -18.10
CA MET B 240 -29.27 28.43 -17.07
C MET B 240 -29.74 27.51 -15.94
N TYR B 241 -29.32 27.78 -14.69
CA TYR B 241 -29.70 26.92 -13.55
C TYR B 241 -30.36 27.77 -12.46
N THR B 242 -31.50 27.35 -11.93
CA THR B 242 -32.16 28.08 -10.81
C THR B 242 -32.29 27.15 -9.60
N TYR B 243 -31.83 27.59 -8.43
CA TYR B 243 -31.98 26.77 -7.19
C TYR B 243 -32.78 27.57 -6.16
N ASN B 244 -33.85 26.98 -5.63
CA ASN B 244 -34.72 27.73 -4.67
C ASN B 244 -34.11 27.71 -3.28
N ILE B 245 -33.96 28.88 -2.65
CA ILE B 245 -33.41 28.97 -1.27
C ILE B 245 -34.51 29.55 -0.36
N THR B 246 -34.87 28.84 0.71
CA THR B 246 -35.95 29.32 1.61
C THR B 246 -35.50 30.63 2.26
N GLU B 247 -36.39 31.63 2.34
CA GLU B 247 -36.03 32.90 3.01
C GLU B 247 -35.86 32.63 4.51
N ASP B 248 -34.76 33.12 5.09
CA ASP B 248 -34.48 32.91 6.54
C ASP B 248 -33.53 34.00 7.04
N GLU B 249 -33.49 34.25 8.35
CA GLU B 249 -32.52 35.22 8.91
C GLU B 249 -31.36 34.45 9.56
N ILE B 250 -31.40 33.11 9.48
CA ILE B 250 -30.36 32.25 10.12
C ILE B 250 -29.04 32.41 9.35
N LEU B 251 -27.90 32.26 10.03
CA LEU B 251 -26.57 32.36 9.37
C LEU B 251 -26.45 31.26 8.31
N GLU B 252 -25.89 31.58 7.14
CA GLU B 252 -25.75 30.58 6.04
C GLU B 252 -24.32 30.64 5.51
N TRP B 253 -23.84 29.56 4.88
CA TRP B 253 -22.48 29.57 4.27
C TRP B 253 -22.58 29.19 2.78
N PHE B 254 -21.94 29.97 1.90
CA PHE B 254 -21.91 29.58 0.47
C PHE B 254 -20.46 29.39 0.01
N GLY B 255 -20.15 28.24 -0.57
CA GLY B 255 -18.77 27.98 -1.05
C GLY B 255 -18.76 27.59 -2.52
N ILE B 256 -17.85 28.19 -3.31
CA ILE B 256 -17.73 27.76 -4.73
C ILE B 256 -16.29 27.30 -4.99
N THR B 257 -16.12 26.10 -5.56
CA THR B 257 -14.77 25.57 -5.89
C THR B 257 -14.80 25.02 -7.31
N GLN B 258 -13.64 24.94 -7.98
CA GLN B 258 -13.60 24.35 -9.34
C GLN B 258 -12.92 22.98 -9.29
N THR B 259 -13.57 21.96 -9.87
CA THR B 259 -13.01 20.58 -9.89
C THR B 259 -13.03 20.08 -11.34
N ALA B 260 -12.29 19.01 -11.64
CA ALA B 260 -12.21 18.50 -13.02
C ALA B 260 -13.61 18.11 -13.49
N GLN B 261 -14.41 17.50 -12.62
CA GLN B 261 -15.81 17.13 -12.98
C GLN B 261 -16.58 18.40 -13.30
N GLY B 262 -16.42 19.45 -12.48
CA GLY B 262 -17.08 20.74 -12.75
C GLY B 262 -17.01 21.67 -11.56
N VAL B 263 -17.55 22.89 -11.68
CA VAL B 263 -17.60 23.82 -10.52
C VAL B 263 -18.62 23.26 -9.51
N HIS B 264 -18.32 23.37 -8.21
CA HIS B 264 -19.23 22.82 -7.16
C HIS B 264 -19.76 23.97 -6.29
N LEU B 265 -21.07 24.01 -6.05
CA LEU B 265 -21.67 25.06 -5.17
C LEU B 265 -22.11 24.41 -3.86
N PHE B 266 -21.67 24.97 -2.72
CA PHE B 266 -22.00 24.37 -1.39
C PHE B 266 -22.82 25.35 -0.57
N SER B 267 -23.97 24.91 -0.04
CA SER B 267 -24.76 25.80 0.85
C SER B 267 -25.05 25.09 2.19
N SER B 268 -24.80 25.77 3.30
CA SER B 268 -25.05 25.19 4.64
C SER B 268 -26.54 24.93 4.86
N ARG B 269 -27.41 25.81 4.38
CA ARG B 269 -28.87 25.71 4.66
C ARG B 269 -29.48 24.40 4.17
N TYR B 270 -29.05 23.88 3.02
CA TYR B 270 -29.72 22.69 2.44
C TYR B 270 -29.66 21.48 3.38
N VAL B 271 -28.52 21.20 4.02
CA VAL B 271 -28.43 19.96 4.86
C VAL B 271 -28.27 20.31 6.34
N ASP B 272 -27.33 21.20 6.69
CA ASP B 272 -27.07 21.49 8.13
C ASP B 272 -27.05 23.01 8.35
N LEU B 273 -28.22 23.65 8.29
CA LEU B 273 -28.29 25.13 8.45
C LEU B 273 -27.84 25.52 9.86
N TYR B 274 -28.31 24.80 10.89
CA TYR B 274 -27.93 25.11 12.28
C TYR B 274 -26.44 24.88 12.50
N GLY B 275 -25.91 23.77 11.96
CA GLY B 275 -24.48 23.46 12.08
C GLY B 275 -23.61 24.48 11.37
N GLY B 276 -24.06 24.95 10.20
CA GLY B 276 -23.25 25.89 9.39
C GLY B 276 -22.26 25.15 8.52
N ASN B 277 -22.27 23.81 8.58
CA ASN B 277 -21.39 23.00 7.70
C ASN B 277 -21.89 23.11 6.27
N MET B 278 -21.00 23.35 5.31
CA MET B 278 -21.42 23.54 3.89
C MET B 278 -21.62 22.18 3.23
N PHE B 279 -22.75 22.01 2.53
CA PHE B 279 -23.02 20.74 1.80
C PHE B 279 -23.33 21.07 0.34
N GLN B 280 -22.74 20.33 -0.60
CA GLN B 280 -22.94 20.66 -2.04
C GLN B 280 -24.42 20.50 -2.41
N PHE B 281 -24.99 21.51 -3.06
CA PHE B 281 -26.42 21.46 -3.47
C PHE B 281 -26.51 21.60 -4.99
N ALA B 282 -25.47 22.14 -5.62
CA ALA B 282 -25.52 22.41 -7.07
C ALA B 282 -24.22 22.01 -7.76
N THR B 283 -24.32 21.55 -9.02
CA THR B 283 -23.10 21.21 -9.80
C THR B 283 -23.13 22.00 -11.11
N LEU B 284 -22.03 22.65 -11.47
CA LEU B 284 -21.97 23.47 -12.72
C LEU B 284 -21.06 22.77 -13.72
N PRO B 285 -21.48 22.54 -14.98
CA PRO B 285 -20.61 21.96 -15.99
C PRO B 285 -19.71 23.02 -16.65
N VAL B 286 -18.77 23.57 -15.89
CA VAL B 286 -17.81 24.56 -16.45
C VAL B 286 -16.46 23.86 -16.58
N TYR B 287 -15.93 23.73 -17.79
CA TYR B 287 -14.67 22.98 -18.01
C TYR B 287 -13.51 23.96 -18.26
N ASP B 288 -13.78 25.26 -18.12
CA ASP B 288 -12.71 26.28 -18.29
C ASP B 288 -12.33 26.84 -16.92
N THR B 289 -11.05 26.76 -16.56
CA THR B 289 -10.60 27.22 -15.22
C THR B 289 -10.86 28.72 -15.10
N ILE B 290 -11.37 29.17 -13.94
CA ILE B 290 -11.63 30.62 -13.72
C ILE B 290 -10.49 31.17 -12.87
N LYS B 291 -9.80 32.21 -13.36
CA LYS B 291 -8.61 32.73 -12.61
C LYS B 291 -8.99 34.00 -11.83
N TYR B 292 -10.08 34.67 -12.21
CA TYR B 292 -10.41 35.96 -11.55
C TYR B 292 -11.90 36.03 -11.19
N TYR B 293 -12.22 36.60 -10.03
CA TYR B 293 -13.65 36.80 -9.66
C TYR B 293 -13.86 38.25 -9.20
N SER B 294 -14.94 38.89 -9.64
CA SER B 294 -15.27 40.25 -9.16
C SER B 294 -16.64 40.21 -8.47
N ILE B 295 -16.73 40.70 -7.24
CA ILE B 295 -18.04 40.75 -6.54
C ILE B 295 -18.95 41.71 -7.30
N ILE B 296 -20.21 41.37 -7.50
CA ILE B 296 -21.15 42.33 -8.15
C ILE B 296 -21.80 43.12 -7.03
N PRO B 297 -21.63 44.46 -6.95
CA PRO B 297 -22.29 45.26 -5.93
C PRO B 297 -23.81 45.19 -6.17
N HIS B 298 -24.58 45.02 -5.10
CA HIS B 298 -26.06 45.06 -5.27
C HIS B 298 -26.61 46.28 -4.53
N SER B 299 -27.34 47.13 -5.24
CA SER B 299 -27.95 48.32 -4.59
C SER B 299 -29.45 48.07 -4.45
N ILE B 300 -29.99 48.23 -3.23
CA ILE B 300 -31.42 47.90 -3.00
C ILE B 300 -32.21 49.20 -3.11
N ARG B 301 -33.24 49.24 -3.96
CA ARG B 301 -33.98 50.50 -4.17
C ARG B 301 -35.04 50.64 -3.08
N SER B 302 -34.61 50.70 -1.82
CA SER B 302 -35.56 50.94 -0.70
C SER B 302 -35.98 52.40 -0.72
N ILE B 303 -37.19 52.71 -0.28
CA ILE B 303 -37.60 54.14 -0.16
C ILE B 303 -36.84 54.74 1.04
N GLN B 304 -36.73 56.06 1.13
CA GLN B 304 -35.93 56.68 2.21
C GLN B 304 -36.42 56.16 3.57
N SER B 305 -37.74 56.14 3.78
CA SER B 305 -38.33 55.62 5.04
C SER B 305 -38.04 54.13 5.22
N ASP B 306 -38.06 53.36 4.13
CA ASP B 306 -37.91 51.88 4.23
C ASP B 306 -36.44 51.46 4.11
N ARG B 307 -35.50 52.40 4.12
CA ARG B 307 -34.07 52.00 4.09
C ARG B 307 -33.79 51.11 5.30
N LYS B 308 -33.09 49.99 5.08
CA LYS B 308 -32.83 49.02 6.19
C LYS B 308 -31.36 48.62 6.19
N ALA B 309 -30.80 48.31 7.36
CA ALA B 309 -29.41 47.81 7.41
C ALA B 309 -29.36 46.42 6.76
N TRP B 310 -28.28 46.14 6.01
CA TRP B 310 -28.15 44.82 5.33
C TRP B 310 -26.91 44.10 5.87
N ALA B 311 -27.04 42.80 6.19
CA ALA B 311 -25.91 42.06 6.80
C ALA B 311 -24.71 42.04 5.86
N ALA B 312 -23.51 42.31 6.39
CA ALA B 312 -22.28 42.24 5.57
C ALA B 312 -21.96 40.78 5.25
N PHE B 313 -21.40 40.51 4.08
CA PHE B 313 -20.98 39.12 3.75
C PHE B 313 -19.45 39.06 3.70
N TYR B 314 -18.86 38.06 4.34
CA TYR B 314 -17.38 37.97 4.42
C TYR B 314 -16.90 36.85 3.48
N VAL B 315 -15.97 37.18 2.60
CA VAL B 315 -15.42 36.17 1.64
C VAL B 315 -14.05 35.70 2.17
N TYR B 316 -13.88 34.40 2.37
CA TYR B 316 -12.59 33.86 2.86
C TYR B 316 -12.03 32.92 1.79
N LYS B 317 -10.77 33.12 1.40
CA LYS B 317 -10.15 32.28 0.33
C LYS B 317 -9.94 30.85 0.83
N LEU B 318 -10.02 29.88 -0.09
CA LEU B 318 -9.84 28.45 0.28
C LEU B 318 -8.45 27.98 -0.17
N GLN B 319 -7.69 27.35 0.73
CA GLN B 319 -6.34 26.82 0.38
C GLN B 319 -6.24 25.43 1.00
N PRO B 320 -5.48 24.47 0.42
CA PRO B 320 -5.45 23.12 0.98
C PRO B 320 -4.83 23.21 2.37
N LEU B 321 -5.49 22.63 3.37
CA LEU B 321 -5.00 22.72 4.78
C LEU B 321 -5.27 21.41 5.48
N THR B 322 -4.44 21.05 6.47
CA THR B 322 -4.72 19.84 7.27
C THR B 322 -5.51 20.29 8.50
N PHE B 323 -6.73 19.78 8.66
CA PHE B 323 -7.58 20.23 9.79
C PHE B 323 -7.89 19.06 10.71
N LEU B 324 -7.56 19.16 11.99
CA LEU B 324 -7.99 18.10 12.93
C LEU B 324 -9.50 18.25 13.02
N LEU B 325 -10.27 17.16 12.91
CA LEU B 325 -11.75 17.32 12.86
C LEU B 325 -12.42 16.54 14.00
N ASP B 326 -13.36 17.17 14.71
CA ASP B 326 -14.12 16.45 15.77
C ASP B 326 -15.50 16.10 15.21
N PHE B 327 -15.85 14.82 15.23
CA PHE B 327 -17.16 14.36 14.69
C PHE B 327 -18.05 13.93 15.85
N SER B 328 -19.31 14.39 15.86
CA SER B 328 -20.27 13.99 16.92
C SER B 328 -20.96 12.67 16.53
N VAL B 329 -21.93 12.22 17.34
CA VAL B 329 -22.70 10.99 16.99
C VAL B 329 -23.42 11.26 15.67
N ASP B 330 -23.95 12.47 15.48
CA ASP B 330 -24.60 12.85 14.20
C ASP B 330 -23.56 12.79 13.08
N GLY B 331 -22.29 13.06 13.40
CA GLY B 331 -21.21 13.03 12.40
C GLY B 331 -20.91 14.41 11.85
N TYR B 332 -21.72 15.41 12.23
CA TYR B 332 -21.46 16.81 11.79
C TYR B 332 -20.27 17.38 12.57
N ILE B 333 -19.59 18.37 12.02
CA ILE B 333 -18.36 18.92 12.67
C ILE B 333 -18.74 20.19 13.44
N ARG B 334 -18.50 20.21 14.75
CA ARG B 334 -18.78 21.42 15.57
C ARG B 334 -17.46 22.05 16.03
N ARG B 335 -16.37 21.26 16.07
CA ARG B 335 -15.06 21.78 16.56
C ARG B 335 -13.94 21.27 15.66
N ALA B 336 -12.90 22.11 15.44
CA ALA B 336 -11.74 21.69 14.61
C ALA B 336 -10.52 22.55 14.97
N ILE B 337 -9.32 22.13 14.55
CA ILE B 337 -8.07 22.93 14.80
C ILE B 337 -7.33 23.15 13.48
N ASP B 338 -6.88 24.39 13.21
CA ASP B 338 -6.06 24.66 11.99
C ASP B 338 -4.59 24.71 12.40
N CYS B 339 -3.77 23.75 11.94
CA CYS B 339 -2.35 23.65 12.36
C CYS B 339 -1.55 24.88 11.92
N GLY B 340 -1.82 25.42 10.73
CA GLY B 340 -1.01 26.53 10.19
C GLY B 340 -1.01 27.78 11.04
N PHE B 341 -2.10 28.09 11.75
CA PHE B 341 -2.18 29.39 12.48
C PHE B 341 -1.08 29.55 13.52
N ASN B 342 -0.79 28.54 14.35
CA ASN B 342 0.21 28.74 15.44
C ASN B 342 0.81 27.40 15.91
N ASP B 343 1.88 27.46 16.71
CA ASP B 343 2.57 26.24 17.20
C ASP B 343 1.63 25.39 18.08
N LEU B 344 0.79 26.02 18.89
CA LEU B 344 -0.17 25.28 19.75
C LEU B 344 -1.11 24.48 18.83
N SER B 345 -1.55 25.09 17.73
CA SER B 345 -2.41 24.38 16.75
C SER B 345 -1.65 23.21 16.13
N GLN B 346 -0.35 23.41 15.85
CA GLN B 346 0.48 22.32 15.27
C GLN B 346 0.53 21.15 16.28
N LEU B 347 0.65 21.46 17.57
CA LEU B 347 0.71 20.40 18.62
C LEU B 347 -0.61 19.62 18.60
N HIS B 348 -1.75 20.31 18.51
CA HIS B 348 -3.06 19.61 18.54
C HIS B 348 -3.16 18.70 17.31
N CYS B 349 -2.75 19.18 16.15
CA CYS B 349 -2.80 18.36 14.90
C CYS B 349 -1.85 17.17 15.03
N SER B 350 -0.64 17.38 15.57
CA SER B 350 0.35 16.28 15.66
C SER B 350 -0.23 15.15 16.53
N TYR B 351 -0.60 15.47 17.78
CA TYR B 351 -1.18 14.46 18.70
C TYR B 351 -2.55 13.99 18.20
N GLU B 352 -3.27 14.84 17.44
CA GLU B 352 -4.63 14.51 16.93
C GLU B 352 -5.64 14.59 18.08
N SER B 353 -5.28 15.26 19.18
CA SER B 353 -6.23 15.45 20.30
C SER B 353 -6.37 16.94 20.62
N PHE B 354 -7.61 17.44 20.70
CA PHE B 354 -7.85 18.86 21.06
C PHE B 354 -7.37 19.12 22.49
N ASP B 355 -7.62 18.16 23.38
CA ASP B 355 -7.17 18.29 24.80
C ASP B 355 -6.06 17.27 25.04
N VAL B 356 -4.91 17.71 25.54
CA VAL B 356 -3.75 16.79 25.73
C VAL B 356 -3.22 16.93 27.16
N GLU B 357 -2.59 15.87 27.68
CA GLU B 357 -2.04 15.90 29.07
C GLU B 357 -0.93 16.93 29.15
N SER B 358 -0.75 17.55 30.32
CA SER B 358 0.26 18.64 30.45
C SER B 358 1.65 18.06 30.18
N GLY B 359 2.41 18.70 29.28
CA GLY B 359 3.79 18.25 28.99
C GLY B 359 4.52 19.22 28.08
N VAL B 360 5.83 19.04 27.89
CA VAL B 360 6.56 19.87 26.90
C VAL B 360 6.71 19.00 25.65
N TYR B 361 6.11 19.39 24.52
CA TYR B 361 6.14 18.51 23.32
C TYR B 361 6.81 19.23 22.15
N SER B 362 7.77 18.57 21.50
CA SER B 362 8.43 19.16 20.30
C SER B 362 7.45 19.20 19.13
N VAL B 363 7.53 20.26 18.31
CA VAL B 363 6.63 20.41 17.12
C VAL B 363 7.49 20.81 15.94
N SER B 364 6.93 20.79 14.72
CA SER B 364 7.77 21.09 13.52
C SER B 364 8.42 22.46 13.67
N SER B 365 9.73 22.54 13.40
CA SER B 365 10.48 23.82 13.54
C SER B 365 10.07 24.80 12.42
N PHE B 366 10.06 26.10 12.71
CA PHE B 366 9.79 27.10 11.65
C PHE B 366 10.96 27.05 10.65
N GLU B 367 10.67 27.10 9.35
CA GLU B 367 11.74 26.98 8.33
C GLU B 367 11.84 28.27 7.50
N ALA B 368 13.06 28.80 7.35
CA ALA B 368 13.27 30.03 6.54
C ALA B 368 12.98 29.74 5.06
N LYS B 369 12.38 30.70 4.35
CA LYS B 369 12.04 30.52 2.92
C LYS B 369 12.81 31.55 2.08
N PRO B 370 13.45 31.17 0.94
CA PRO B 370 14.27 32.11 0.17
C PRO B 370 13.48 33.29 -0.40
N SER B 371 14.00 34.50 -0.28
CA SER B 371 13.32 35.71 -0.84
C SER B 371 13.25 35.61 -2.36
N GLY B 372 14.35 35.18 -3.00
CA GLY B 372 14.39 35.11 -4.48
C GLY B 372 15.44 34.11 -4.96
N SER B 373 15.29 33.64 -6.21
CA SER B 373 16.29 32.71 -6.81
C SER B 373 17.59 33.46 -7.10
N VAL B 374 18.74 32.74 -7.07
CA VAL B 374 20.06 33.38 -7.33
C VAL B 374 20.61 32.84 -8.65
N VAL B 375 21.01 33.73 -9.57
CA VAL B 375 21.53 33.31 -10.90
C VAL B 375 22.92 33.93 -11.12
N GLU B 376 23.88 33.12 -11.59
CA GLU B 376 25.25 33.64 -11.88
C GLU B 376 25.44 33.73 -13.39
N GLN B 377 26.70 33.75 -13.87
CA GLN B 377 26.98 33.85 -15.32
C GLN B 377 28.25 33.04 -15.62
N ALA B 378 28.46 32.66 -16.88
CA ALA B 378 29.68 31.92 -17.27
C ALA B 378 30.90 32.79 -17.04
N GLU B 379 30.96 33.97 -17.67
CA GLU B 379 32.08 34.91 -17.48
C GLU B 379 31.59 36.34 -17.73
N ASN B 592 19.32 42.54 -10.29
CA ASN B 592 20.21 42.85 -9.14
C ASN B 592 20.06 41.75 -8.09
N ASP B 593 18.83 41.25 -7.87
CA ASP B 593 18.60 40.16 -6.90
C ASP B 593 19.39 38.91 -7.33
N THR B 594 19.67 38.79 -8.62
CA THR B 594 20.43 37.62 -9.15
C THR B 594 21.85 37.63 -8.57
N LYS B 595 22.45 38.81 -8.41
CA LYS B 595 23.83 38.91 -7.88
C LYS B 595 23.86 38.41 -6.43
N ILE B 596 24.87 37.62 -6.08
CA ILE B 596 25.00 37.08 -4.69
C ILE B 596 25.24 38.24 -3.72
N ALA B 597 26.03 39.25 -4.12
CA ALA B 597 26.39 40.36 -3.21
C ALA B 597 25.14 41.11 -2.74
N SER B 598 24.15 41.28 -3.63
CA SER B 598 22.90 41.99 -3.25
C SER B 598 22.11 41.16 -2.23
N GLN B 599 22.20 39.84 -2.31
CA GLN B 599 21.39 38.95 -1.43
C GLN B 599 22.28 38.26 -0.38
N LEU B 600 23.47 38.81 -0.11
CA LEU B 600 24.40 38.22 0.89
C LEU B 600 23.75 38.21 2.28
N GLY B 601 23.93 37.14 3.05
CA GLY B 601 23.38 37.08 4.42
C GLY B 601 21.88 36.86 4.44
N ASN B 602 21.30 36.42 3.33
CA ASN B 602 19.82 36.25 3.24
C ASN B 602 19.49 34.83 2.78
N CYS B 603 18.38 34.26 3.27
CA CYS B 603 17.96 32.92 2.77
C CYS B 603 17.66 33.09 1.28
N VAL B 604 18.24 32.25 0.42
CA VAL B 604 18.07 32.40 -1.06
C VAL B 604 18.02 31.01 -1.71
N GLU B 605 17.45 30.91 -2.92
CA GLU B 605 17.32 29.61 -3.61
C GLU B 605 18.39 29.53 -4.70
N TYR B 606 19.15 28.43 -4.76
CA TYR B 606 20.29 28.37 -5.74
C TYR B 606 19.77 27.98 -7.13
N SER B 607 19.20 28.94 -7.85
CA SER B 607 18.71 28.68 -9.24
C SER B 607 19.88 28.27 -10.12
N LEU B 608 21.07 28.84 -9.87
CA LEU B 608 22.27 28.51 -10.67
C LEU B 608 22.52 27.00 -10.65
N TYR B 609 22.92 26.41 -11.78
CA TYR B 609 23.25 24.96 -11.87
C TYR B 609 21.97 24.11 -11.72
N GLY B 610 20.80 24.69 -11.96
CA GLY B 610 19.53 23.93 -11.91
C GLY B 610 19.30 23.22 -10.58
N VAL B 611 19.54 23.91 -9.46
CA VAL B 611 19.38 23.28 -8.12
C VAL B 611 18.18 23.91 -7.41
N SER B 612 17.42 23.13 -6.63
CA SER B 612 16.30 23.69 -5.84
C SER B 612 16.55 23.43 -4.35
N GLY B 613 16.52 24.47 -3.53
CA GLY B 613 16.78 24.32 -2.08
C GLY B 613 16.91 25.64 -1.37
N ARG B 614 17.32 25.63 -0.09
CA ARG B 614 17.44 26.87 0.70
C ARG B 614 18.91 27.08 1.11
N GLY B 615 19.48 28.25 0.84
CA GLY B 615 20.91 28.51 1.15
C GLY B 615 21.17 29.95 1.55
N VAL B 616 22.24 30.19 2.33
CA VAL B 616 22.63 31.58 2.73
C VAL B 616 24.13 31.75 2.39
N PHE B 617 24.50 32.87 1.76
CA PHE B 617 25.91 33.10 1.37
C PHE B 617 26.56 34.07 2.35
N GLN B 618 27.72 33.71 2.90
CA GLN B 618 28.47 34.61 3.83
C GLN B 618 29.87 34.84 3.29
N ASN B 619 30.32 36.11 3.23
CA ASN B 619 31.68 36.42 2.72
C ASN B 619 32.72 35.82 3.68
N CYS B 620 33.78 35.20 3.14
CA CYS B 620 34.79 34.51 4.00
C CYS B 620 36.10 34.33 3.22
N THR B 621 37.18 33.96 3.92
CA THR B 621 38.49 33.71 3.28
C THR B 621 38.39 32.54 2.30
N ALA B 622 39.08 32.60 1.16
CA ALA B 622 38.96 31.54 0.12
C ALA B 622 39.48 30.19 0.63
N VAL B 623 38.73 29.11 0.38
CA VAL B 623 39.20 27.74 0.74
C VAL B 623 38.84 26.80 -0.42
N GLY B 624 39.61 25.72 -0.60
CA GLY B 624 39.38 24.81 -1.74
C GLY B 624 40.12 25.26 -2.98
N VAL B 625 40.08 24.47 -4.06
CA VAL B 625 40.87 24.82 -5.28
C VAL B 625 40.27 26.08 -5.90
N ARG B 626 41.11 27.07 -6.20
CA ARG B 626 40.61 28.37 -6.75
C ARG B 626 39.98 28.14 -8.13
N GLN B 627 40.61 27.32 -8.97
CA GLN B 627 40.11 27.08 -10.35
C GLN B 627 38.73 26.43 -10.29
N GLN B 628 38.53 25.48 -9.36
CA GLN B 628 37.24 24.75 -9.24
C GLN B 628 36.16 25.68 -8.66
N ARG B 629 34.88 25.34 -8.87
CA ARG B 629 33.77 26.23 -8.42
C ARG B 629 33.25 25.83 -7.03
N PHE B 630 32.05 25.25 -6.96
CA PHE B 630 31.42 24.95 -5.66
C PHE B 630 32.26 23.99 -4.82
N VAL B 631 32.36 24.24 -3.51
CA VAL B 631 33.19 23.40 -2.60
C VAL B 631 32.26 22.57 -1.69
N TYR B 632 32.56 21.29 -1.50
CA TYR B 632 31.68 20.40 -0.69
C TYR B 632 32.47 19.84 0.49
N ASP B 633 31.79 19.61 1.62
CA ASP B 633 32.46 19.00 2.81
C ASP B 633 32.39 17.47 2.70
N ALA B 634 32.87 16.76 3.73
CA ALA B 634 32.81 15.28 3.74
C ALA B 634 31.35 14.83 3.70
N TYR B 635 30.46 15.55 4.37
CA TYR B 635 29.00 15.23 4.36
C TYR B 635 28.44 15.40 2.94
N GLN B 636 29.14 16.13 2.06
CA GLN B 636 28.71 16.37 0.65
C GLN B 636 27.73 17.54 0.62
N ASN B 637 27.54 18.21 1.75
CA ASN B 637 26.68 19.44 1.77
C ASN B 637 27.47 20.55 1.06
N LEU B 638 26.77 21.50 0.45
CA LEU B 638 27.48 22.56 -0.31
C LEU B 638 27.90 23.65 0.68
N VAL B 639 29.14 23.61 1.15
CA VAL B 639 29.60 24.58 2.20
C VAL B 639 30.39 25.73 1.56
N GLY B 640 30.67 25.66 0.26
CA GLY B 640 31.51 26.69 -0.37
C GLY B 640 31.12 27.00 -1.80
N TYR B 641 31.42 28.21 -2.27
CA TYR B 641 31.15 28.57 -3.69
C TYR B 641 32.25 29.49 -4.21
N TYR B 642 32.57 29.40 -5.51
CA TYR B 642 33.56 30.32 -6.13
C TYR B 642 32.84 31.18 -7.16
N SER B 643 33.16 32.47 -7.23
CA SER B 643 32.42 33.38 -8.15
C SER B 643 33.38 34.16 -9.05
N ASP B 644 32.87 34.70 -10.18
CA ASP B 644 33.72 35.45 -11.14
C ASP B 644 34.34 36.67 -10.45
N ASP B 645 33.62 37.30 -9.52
CA ASP B 645 34.13 38.50 -8.82
C ASP B 645 35.42 38.14 -8.07
N GLY B 646 35.53 36.91 -7.57
CA GLY B 646 36.73 36.48 -6.82
C GLY B 646 36.55 36.65 -5.33
N ASN B 647 35.37 37.09 -4.89
CA ASN B 647 35.10 37.17 -3.43
C ASN B 647 34.52 35.81 -3.01
N TYR B 648 35.24 35.06 -2.18
CA TYR B 648 34.77 33.70 -1.81
C TYR B 648 33.51 33.80 -0.95
N TYR B 649 32.51 32.95 -1.23
CA TYR B 649 31.28 32.95 -0.41
C TYR B 649 31.10 31.56 0.22
N CYS B 650 30.91 31.52 1.54
CA CYS B 650 30.66 30.23 2.24
C CYS B 650 29.15 29.99 2.22
N LEU B 651 28.70 28.82 1.75
CA LEU B 651 27.23 28.60 1.63
C LEU B 651 26.73 27.80 2.83
N ARG B 652 25.79 28.37 3.59
CA ARG B 652 25.19 27.65 4.74
C ARG B 652 23.69 27.53 4.49
N ALA B 653 23.13 26.31 4.60
CA ALA B 653 21.70 26.12 4.31
C ALA B 653 20.86 26.91 5.32
N CYS B 654 19.72 27.45 4.88
CA CYS B 654 18.82 28.24 5.78
C CYS B 654 18.48 27.38 7.00
N VAL B 655 19.16 27.60 8.13
CA VAL B 655 18.94 26.76 9.35
C VAL B 655 17.51 26.96 9.85
N SER B 656 16.82 25.86 10.21
CA SER B 656 15.45 25.97 10.78
C SER B 656 15.54 26.48 12.22
N VAL B 657 14.50 27.18 12.69
CA VAL B 657 14.48 27.64 14.11
C VAL B 657 13.67 26.62 14.91
N PRO B 658 14.27 25.89 15.88
CA PRO B 658 13.55 24.83 16.60
C PRO B 658 12.34 25.38 17.37
N VAL B 659 11.19 24.69 17.28
CA VAL B 659 9.95 25.13 17.99
C VAL B 659 9.44 23.99 18.87
N SER B 660 9.11 24.28 20.13
CA SER B 660 8.51 23.25 21.03
C SER B 660 7.39 23.92 21.82
N VAL B 661 6.41 23.15 22.31
CA VAL B 661 5.25 23.78 23.00
C VAL B 661 5.24 23.37 24.48
N ILE B 662 5.23 24.34 25.38
CA ILE B 662 5.11 24.02 26.84
C ILE B 662 3.65 24.30 27.19
N TYR B 663 2.86 23.25 27.44
CA TYR B 663 1.41 23.47 27.67
C TYR B 663 0.95 22.83 28.98
N ASP B 664 0.17 23.57 29.77
CA ASP B 664 -0.41 22.97 31.01
C ASP B 664 -1.93 22.89 30.80
N LYS B 665 -2.52 21.71 30.99
CA LYS B 665 -3.96 21.53 30.71
C LYS B 665 -4.79 22.42 31.63
N GLU B 666 -4.44 22.51 32.91
CA GLU B 666 -5.25 23.29 33.88
C GLU B 666 -5.27 24.76 33.49
N THR B 667 -4.11 25.32 33.14
CA THR B 667 -4.04 26.74 32.69
C THR B 667 -4.75 26.89 31.34
N LYS B 668 -4.65 25.89 30.46
CA LYS B 668 -5.24 25.98 29.08
C LYS B 668 -4.48 27.07 28.32
N THR B 669 -3.20 27.29 28.67
CA THR B 669 -2.35 28.29 27.98
C THR B 669 -1.05 27.61 27.57
N HIS B 670 -0.36 28.13 26.55
CA HIS B 670 0.87 27.45 26.06
C HIS B 670 2.03 28.44 25.97
N ALA B 671 3.27 27.94 26.10
CA ALA B 671 4.46 28.81 25.96
C ALA B 671 5.31 28.29 24.80
N THR B 672 5.62 29.16 23.82
CA THR B 672 6.47 28.75 22.67
C THR B 672 7.91 28.58 23.14
N LEU B 673 8.60 27.53 22.67
CA LEU B 673 9.99 27.25 23.12
C LEU B 673 10.93 27.18 21.92
N PHE B 674 12.08 27.88 21.99
CA PHE B 674 13.10 27.82 20.91
C PHE B 674 14.39 27.28 21.51
N GLY B 675 15.05 26.33 20.84
CA GLY B 675 16.26 25.72 21.43
C GLY B 675 17.55 26.29 20.89
N SER B 676 18.44 26.79 21.76
CA SER B 676 19.75 27.35 21.35
C SER B 676 19.58 28.53 20.38
N VAL B 677 18.48 29.27 20.52
CA VAL B 677 18.20 30.40 19.59
C VAL B 677 18.27 31.71 20.37
N ALA B 678 19.08 32.67 19.91
CA ALA B 678 19.09 33.99 20.58
C ALA B 678 17.72 34.64 20.34
N CYS B 679 17.21 35.37 21.34
CA CYS B 679 15.87 36.02 21.21
C CYS B 679 15.91 37.07 20.10
N GLU B 680 17.10 37.58 19.77
CA GLU B 680 17.22 38.53 18.64
C GLU B 680 16.41 38.01 17.44
N HIS B 681 16.50 36.70 17.15
CA HIS B 681 15.80 36.19 15.98
C HIS B 681 14.33 35.99 16.20
N ILE B 682 13.85 36.30 17.40
CA ILE B 682 12.46 36.03 17.70
C ILE B 682 11.74 37.34 18.02
N TYR B 704 4.51 40.55 27.62
CA TYR B 704 5.96 40.47 27.74
C TYR B 704 6.60 40.06 26.43
N GLY B 705 7.84 40.49 26.23
CA GLY B 705 8.58 40.15 25.03
C GLY B 705 9.23 38.79 25.27
N PRO B 706 10.12 38.33 24.39
CA PRO B 706 10.81 37.06 24.48
C PRO B 706 11.79 37.08 25.65
N LEU B 707 11.94 35.93 26.32
CA LEU B 707 12.86 35.78 27.44
C LEU B 707 14.07 34.91 27.10
N GLN B 708 15.27 35.40 27.29
CA GLN B 708 16.42 34.56 26.95
C GLN B 708 16.74 33.70 28.14
N THR B 709 16.81 32.38 27.96
CA THR B 709 17.11 31.49 29.07
C THR B 709 18.34 30.67 28.69
N PRO B 710 18.96 29.93 29.61
CA PRO B 710 20.06 29.00 29.39
C PRO B 710 19.81 27.87 28.38
N VAL B 711 18.55 27.68 27.96
CA VAL B 711 18.25 26.56 27.02
C VAL B 711 17.88 27.14 25.64
N GLY B 712 17.60 28.44 25.59
CA GLY B 712 17.23 29.10 24.32
C GLY B 712 16.20 30.19 24.56
N CYS B 713 15.72 30.83 23.50
CA CYS B 713 14.64 31.85 23.67
C CYS B 713 13.33 31.15 24.04
N VAL B 714 12.58 31.72 24.98
CA VAL B 714 11.23 31.15 25.33
C VAL B 714 10.19 32.26 25.26
N LEU B 715 9.00 31.96 24.76
CA LEU B 715 7.90 32.96 24.65
C LEU B 715 6.78 32.55 25.62
N GLY B 716 6.19 33.51 26.33
CA GLY B 716 5.11 33.20 27.30
C GLY B 716 5.66 32.82 28.66
N LEU B 717 6.97 32.92 28.85
CA LEU B 717 7.58 32.65 30.18
C LEU B 717 8.12 33.95 30.76
N VAL B 718 7.80 34.26 32.02
CA VAL B 718 8.38 35.46 32.68
C VAL B 718 9.08 34.99 33.96
N ASN B 719 10.35 35.36 34.17
CA ASN B 719 11.09 34.83 35.34
C ASN B 719 10.40 35.32 36.62
N SER B 720 10.16 34.41 37.57
CA SER B 720 9.51 34.78 38.85
C SER B 720 10.56 35.03 39.93
N SER B 721 11.84 34.84 39.60
CA SER B 721 12.93 34.97 40.61
C SER B 721 12.57 34.14 41.84
N LEU B 722 12.03 32.93 41.63
CA LEU B 722 11.61 32.04 42.75
C LEU B 722 12.21 30.65 42.53
N PHE B 723 12.50 29.93 43.63
CA PHE B 723 13.11 28.59 43.51
C PHE B 723 12.10 27.52 43.96
N VAL B 724 11.86 26.51 43.12
CA VAL B 724 10.93 25.39 43.51
C VAL B 724 11.70 24.07 43.45
N GLU B 725 11.66 23.29 44.53
CA GLU B 725 12.36 21.98 44.58
C GLU B 725 11.76 21.03 43.54
N ASP B 726 10.43 21.02 43.41
CA ASP B 726 9.75 20.08 42.47
C ASP B 726 9.01 20.87 41.38
N CYS B 727 9.17 20.48 40.12
CA CYS B 727 8.54 21.24 39.01
C CYS B 727 7.67 20.33 38.14
N LYS B 728 6.45 20.76 37.82
CA LYS B 728 5.56 19.98 36.92
C LYS B 728 6.16 19.91 35.50
N LEU B 729 6.73 21.01 35.00
CA LEU B 729 7.23 21.03 33.60
C LEU B 729 8.67 21.54 33.55
N PRO B 730 9.70 20.72 33.87
CA PRO B 730 11.09 21.21 33.89
C PRO B 730 11.55 21.69 32.50
N LEU B 731 12.27 22.81 32.45
CA LEU B 731 12.70 23.39 31.15
C LEU B 731 14.13 22.94 30.81
N GLY B 732 14.74 22.10 31.64
CA GLY B 732 16.13 21.66 31.42
C GLY B 732 17.12 22.56 32.13
N GLN B 733 18.38 22.12 32.28
CA GLN B 733 19.41 22.90 33.03
C GLN B 733 18.89 23.16 34.45
N SER B 734 18.97 24.40 34.92
CA SER B 734 18.41 24.74 36.25
C SER B 734 17.05 25.41 36.05
N LEU B 735 16.50 25.33 34.83
CA LEU B 735 15.22 26.01 34.51
C LEU B 735 14.02 25.07 34.67
N CYS B 736 12.84 25.64 34.91
CA CYS B 736 11.59 24.85 35.03
C CYS B 736 10.43 25.77 34.61
N ALA B 737 9.31 25.21 34.16
CA ALA B 737 8.14 26.06 33.85
C ALA B 737 7.07 25.81 34.91
N LEU B 738 6.63 26.87 35.59
CA LEU B 738 5.61 26.72 36.66
C LEU B 738 4.30 27.34 36.16
N PRO B 739 3.18 26.58 36.10
CA PRO B 739 1.93 27.10 35.55
C PRO B 739 1.43 28.28 36.40
N ASP B 740 0.94 29.34 35.75
CA ASP B 740 0.44 30.53 36.47
C ASP B 740 -1.01 30.80 36.05
N THR B 741 -1.88 31.11 37.03
CA THR B 741 -3.30 31.42 36.71
C THR B 741 -3.61 32.85 37.20
N PRO B 754 -5.70 34.74 33.33
CA PRO B 754 -4.55 33.95 33.79
C PRO B 754 -3.22 34.65 33.48
N GLY B 755 -2.33 34.74 34.47
CA GLY B 755 -1.01 35.35 34.28
C GLY B 755 -0.10 34.49 33.43
N GLU B 756 0.89 35.10 32.76
CA GLU B 756 1.85 34.33 31.92
C GLU B 756 2.57 33.30 32.78
N MET B 757 2.96 32.16 32.19
CA MET B 757 3.63 31.09 32.98
C MET B 757 4.90 31.67 33.58
N ARG B 758 5.22 31.33 34.82
CA ARG B 758 6.39 31.94 35.50
C ARG B 758 7.61 31.02 35.37
N LEU B 759 8.70 31.51 34.77
CA LEU B 759 9.94 30.70 34.72
C LEU B 759 10.45 30.56 36.16
N ALA B 760 10.86 29.36 36.56
CA ALA B 760 11.32 29.13 37.94
C ALA B 760 12.65 28.38 37.90
N SER B 761 13.47 28.53 38.94
CA SER B 761 14.78 27.83 39.00
C SER B 761 14.69 26.65 39.96
N ILE B 762 15.11 25.46 39.52
CA ILE B 762 15.04 24.26 40.39
C ILE B 762 15.94 24.50 41.59
N ALA B 763 15.48 24.13 42.80
CA ALA B 763 16.25 24.44 44.02
C ALA B 763 16.87 23.17 44.61
N PHE B 764 18.18 23.17 44.82
CA PHE B 764 18.83 22.02 45.50
C PHE B 764 18.34 22.00 46.95
N ASN B 765 18.01 20.82 47.47
CA ASN B 765 17.59 20.73 48.90
C ASN B 765 18.85 20.48 49.74
N HIS B 766 19.22 21.46 50.58
CA HIS B 766 20.45 21.33 51.38
C HIS B 766 20.25 20.31 52.50
N PRO B 767 21.20 19.38 52.73
CA PRO B 767 21.11 18.43 53.83
C PRO B 767 21.33 19.12 55.18
N ILE B 768 20.82 18.54 56.27
CA ILE B 768 21.07 19.13 57.62
C ILE B 768 22.59 19.12 57.83
N GLN B 769 23.16 20.22 58.33
CA GLN B 769 24.64 20.30 58.44
C GLN B 769 25.06 20.05 59.90
N VAL B 770 25.92 19.05 60.12
CA VAL B 770 26.44 18.77 61.48
C VAL B 770 27.93 19.14 61.46
N ASP B 771 28.36 20.02 62.37
CA ASP B 771 29.77 20.49 62.35
C ASP B 771 30.66 19.50 63.13
N GLN B 772 31.76 19.07 62.51
CA GLN B 772 32.71 18.16 63.20
C GLN B 772 33.40 18.94 64.33
N LEU B 773 33.66 18.28 65.46
CA LEU B 773 34.30 18.96 66.62
C LEU B 773 35.79 18.61 66.63
N ASN B 774 36.66 19.60 66.85
CA ASN B 774 38.11 19.33 66.96
C ASN B 774 38.39 18.88 68.40
N SER B 775 37.85 17.72 68.78
CA SER B 775 37.99 17.21 70.18
C SER B 775 37.73 15.70 70.16
N SER B 776 38.00 15.01 71.28
CA SER B 776 37.67 13.57 71.35
C SER B 776 36.16 13.39 71.19
N TYR B 777 35.38 14.31 71.78
CA TYR B 777 33.89 14.26 71.63
C TYR B 777 33.50 14.56 70.19
N PHE B 778 32.44 13.91 69.69
CA PHE B 778 31.96 14.17 68.30
C PHE B 778 30.47 14.55 68.34
N LYS B 779 30.06 15.50 67.49
CA LYS B 779 28.63 15.92 67.43
C LYS B 779 27.82 14.83 66.70
N LEU B 780 26.62 14.52 67.22
CA LEU B 780 25.75 13.51 66.58
C LEU B 780 24.37 14.12 66.33
N SER B 781 23.82 13.96 65.11
CA SER B 781 22.44 14.43 64.85
C SER B 781 21.51 13.22 64.91
N ILE B 782 20.58 13.19 65.87
CA ILE B 782 19.70 12.00 66.05
C ILE B 782 18.24 12.44 66.15
N PRO B 783 17.29 11.80 65.44
CA PRO B 783 15.89 12.21 65.45
C PRO B 783 15.16 11.98 66.79
N THR B 784 14.37 12.95 67.23
CA THR B 784 13.57 12.77 68.48
C THR B 784 12.14 12.39 68.12
N ASN B 785 11.84 12.31 66.82
CA ASN B 785 10.47 11.96 66.36
C ASN B 785 10.57 10.93 65.22
N PHE B 786 9.54 10.10 65.05
CA PHE B 786 9.57 9.04 64.01
C PHE B 786 8.25 9.06 63.23
N SER B 787 8.30 8.65 61.96
CA SER B 787 7.06 8.56 61.14
C SER B 787 7.12 7.31 60.27
N PHE B 788 5.96 6.78 59.87
CA PHE B 788 5.93 5.60 58.96
C PHE B 788 5.35 6.03 57.61
N GLY B 789 6.04 5.70 56.51
CA GLY B 789 5.54 6.03 55.17
C GLY B 789 5.66 4.84 54.25
N VAL B 790 4.75 4.72 53.28
CA VAL B 790 4.76 3.52 52.38
C VAL B 790 5.27 3.94 50.99
N THR B 791 6.28 3.24 50.48
CA THR B 791 6.79 3.53 49.12
C THR B 791 6.15 2.53 48.15
N GLN B 792 5.50 3.02 47.10
CA GLN B 792 4.79 2.11 46.16
C GLN B 792 5.66 1.89 44.92
N GLU B 793 5.90 0.64 44.57
CA GLU B 793 6.76 0.31 43.40
C GLU B 793 6.01 -0.67 42.49
N TYR B 794 6.14 -0.51 41.17
CA TYR B 794 5.51 -1.49 40.24
C TYR B 794 6.60 -2.17 39.41
N ILE B 795 6.58 -3.50 39.36
CA ILE B 795 7.55 -4.25 38.50
C ILE B 795 6.76 -5.04 37.46
N GLN B 796 7.10 -4.91 36.18
CA GLN B 796 6.33 -5.60 35.10
C GLN B 796 6.97 -6.97 34.84
N THR B 797 6.32 -8.05 35.29
CA THR B 797 6.90 -9.41 35.14
C THR B 797 6.37 -10.08 33.87
N THR B 798 5.30 -9.55 33.28
CA THR B 798 4.66 -10.23 32.11
C THR B 798 4.23 -9.23 31.04
N ILE B 799 4.07 -9.68 29.79
CA ILE B 799 3.53 -8.80 28.72
C ILE B 799 2.35 -9.56 28.11
N GLN B 800 1.41 -8.85 27.47
CA GLN B 800 0.31 -9.58 26.79
C GLN B 800 0.91 -10.45 25.70
N LYS B 801 0.46 -11.71 25.60
CA LYS B 801 1.04 -12.65 24.59
C LYS B 801 0.22 -12.51 23.31
N VAL B 802 0.86 -12.26 22.17
CA VAL B 802 0.09 -12.01 20.91
C VAL B 802 0.55 -12.96 19.81
N THR B 803 -0.40 -13.67 19.18
CA THR B 803 -0.05 -14.54 18.02
C THR B 803 -0.79 -13.98 16.79
N VAL B 804 -0.07 -13.80 15.67
CA VAL B 804 -0.70 -13.14 14.48
C VAL B 804 -0.91 -14.17 13.36
N ASP B 805 -2.09 -14.17 12.74
CA ASP B 805 -2.31 -15.06 11.56
C ASP B 805 -1.74 -14.31 10.35
N CYS B 806 -0.59 -14.75 9.86
CA CYS B 806 0.06 -14.07 8.71
C CYS B 806 -0.78 -14.16 7.44
N LYS B 807 -1.40 -15.31 7.19
CA LYS B 807 -2.13 -15.49 5.90
C LYS B 807 -3.28 -14.49 5.79
N GLN B 808 -4.09 -14.34 6.84
CA GLN B 808 -5.20 -13.35 6.81
C GLN B 808 -4.65 -11.92 6.82
N TYR B 809 -3.67 -11.62 7.67
CA TYR B 809 -3.22 -10.21 7.79
C TYR B 809 -2.52 -9.74 6.51
N VAL B 810 -1.55 -10.50 6.02
CA VAL B 810 -0.75 -10.05 4.83
C VAL B 810 -1.56 -10.13 3.53
N CYS B 811 -2.28 -11.23 3.31
CA CYS B 811 -2.94 -11.41 1.98
C CYS B 811 -4.44 -11.11 2.01
N ASN B 812 -5.04 -10.92 3.19
CA ASN B 812 -6.52 -10.73 3.27
C ASN B 812 -7.19 -11.92 2.59
N GLY B 813 -6.67 -13.14 2.79
CA GLY B 813 -7.22 -14.35 2.15
C GLY B 813 -7.24 -14.26 0.62
N PHE B 814 -6.18 -13.74 0.02
CA PHE B 814 -6.09 -13.70 -1.47
C PHE B 814 -4.98 -14.64 -1.95
N GLN B 815 -5.30 -15.54 -2.89
CA GLN B 815 -4.31 -16.54 -3.39
C GLN B 815 -3.14 -15.86 -4.11
N LYS B 816 -3.41 -14.79 -4.88
CA LYS B 816 -2.33 -14.14 -5.67
C LYS B 816 -1.26 -13.60 -4.72
N CYS B 817 -1.67 -12.98 -3.60
CA CYS B 817 -0.70 -12.46 -2.60
C CYS B 817 0.12 -13.64 -2.05
N GLU B 818 -0.53 -14.77 -1.78
CA GLU B 818 0.16 -15.94 -1.19
C GLU B 818 1.25 -16.42 -2.16
N GLN B 819 0.93 -16.43 -3.46
CA GLN B 819 1.92 -16.88 -4.49
C GLN B 819 3.12 -15.93 -4.49
N LEU B 820 2.88 -14.62 -4.45
CA LEU B 820 3.99 -13.63 -4.43
C LEU B 820 4.79 -13.79 -3.13
N LEU B 821 4.09 -14.01 -2.01
CA LEU B 821 4.76 -14.18 -0.70
C LEU B 821 5.63 -15.43 -0.75
N ARG B 822 5.15 -16.50 -1.41
CA ARG B 822 5.93 -17.76 -1.50
C ARG B 822 7.24 -17.51 -2.24
N GLU B 823 7.22 -16.66 -3.27
CA GLU B 823 8.47 -16.32 -4.01
C GLU B 823 9.45 -15.67 -3.03
N TYR B 824 8.98 -14.77 -2.16
CA TYR B 824 9.87 -14.17 -1.12
C TYR B 824 10.37 -15.26 -0.17
N GLY B 825 9.49 -16.18 0.23
CA GLY B 825 9.86 -17.28 1.16
C GLY B 825 8.70 -17.68 2.05
N GLN B 826 8.93 -18.59 3.00
CA GLN B 826 7.85 -18.99 3.95
C GLN B 826 7.83 -17.99 5.12
N PHE B 827 7.48 -16.72 4.83
CA PHE B 827 7.44 -15.66 5.88
C PHE B 827 6.37 -16.00 6.91
N CYS B 828 5.20 -16.47 6.45
CA CYS B 828 4.07 -16.72 7.38
C CYS B 828 4.43 -17.81 8.40
N SER B 829 5.08 -18.88 7.95
CA SER B 829 5.44 -20.00 8.85
C SER B 829 6.41 -19.48 9.93
N LYS B 830 7.39 -18.66 9.52
CA LYS B 830 8.39 -18.12 10.47
C LYS B 830 7.69 -17.24 11.50
N ILE B 831 6.74 -16.41 11.06
CA ILE B 831 6.07 -15.46 12.01
C ILE B 831 5.32 -16.26 13.08
N ASN B 832 4.59 -17.30 12.68
CA ASN B 832 3.77 -18.06 13.67
C ASN B 832 4.69 -18.71 14.70
N GLN B 833 5.78 -19.33 14.25
CA GLN B 833 6.70 -20.04 15.18
C GLN B 833 7.37 -19.04 16.13
N ALA B 834 7.81 -17.90 15.61
CA ALA B 834 8.53 -16.92 16.46
C ALA B 834 7.61 -16.40 17.57
N LEU B 835 6.36 -16.08 17.21
CA LEU B 835 5.40 -15.54 18.20
C LEU B 835 5.09 -16.60 19.26
N HIS B 836 4.96 -17.86 18.84
CA HIS B 836 4.70 -18.96 19.81
C HIS B 836 5.87 -19.04 20.79
N GLY B 837 7.11 -18.92 20.29
CA GLY B 837 8.29 -19.06 21.16
C GLY B 837 8.34 -17.99 22.23
N ALA B 838 8.04 -16.74 21.87
CA ALA B 838 8.04 -15.64 22.85
C ALA B 838 6.95 -15.90 23.89
N ASN B 839 5.78 -16.36 23.45
CA ASN B 839 4.64 -16.61 24.38
C ASN B 839 4.99 -17.76 25.34
N LEU B 840 5.62 -18.84 24.83
CA LEU B 840 6.04 -19.96 25.71
C LEU B 840 7.11 -19.46 26.70
N ARG B 841 8.01 -18.59 26.24
CA ARG B 841 9.07 -18.03 27.12
C ARG B 841 8.39 -17.23 28.24
N GLN B 842 7.35 -16.47 27.92
CA GLN B 842 6.61 -15.68 28.93
C GLN B 842 6.00 -16.64 29.96
N ASP B 843 5.45 -17.77 29.49
CA ASP B 843 4.84 -18.77 30.40
C ASP B 843 5.91 -19.32 31.34
N ASP B 844 7.11 -19.62 30.80
CA ASP B 844 8.20 -20.19 31.64
C ASP B 844 8.58 -19.17 32.71
N SER B 845 8.67 -17.89 32.33
CA SER B 845 9.06 -16.83 33.29
C SER B 845 8.02 -16.71 34.41
N VAL B 846 6.73 -16.76 34.06
CA VAL B 846 5.64 -16.63 35.08
C VAL B 846 5.73 -17.80 36.06
N ARG B 847 5.96 -19.01 35.55
CA ARG B 847 6.01 -20.21 36.42
C ARG B 847 7.18 -20.09 37.39
N ASN B 848 8.35 -19.66 36.90
CA ASN B 848 9.54 -19.50 37.77
C ASN B 848 9.25 -18.44 38.84
N LEU B 849 8.68 -17.30 38.45
CA LEU B 849 8.46 -16.19 39.42
C LEU B 849 7.51 -16.66 40.54
N PHE B 850 6.41 -17.32 40.17
CA PHE B 850 5.41 -17.75 41.18
C PHE B 850 5.98 -18.82 42.12
N ALA B 851 6.79 -19.73 41.58
CA ALA B 851 7.42 -20.75 42.45
C ALA B 851 8.31 -20.06 43.48
N SER B 852 9.05 -19.03 43.08
CA SER B 852 9.92 -18.28 44.03
C SER B 852 9.08 -17.57 45.10
N VAL B 853 7.96 -16.94 44.71
CA VAL B 853 7.11 -16.19 45.69
C VAL B 853 6.49 -17.16 46.71
N LYS B 854 6.14 -18.38 46.29
CA LYS B 854 5.44 -19.33 47.19
C LYS B 854 6.32 -19.64 48.41
N SER B 855 5.72 -19.72 49.59
CA SER B 855 6.47 -20.02 50.84
C SER B 855 6.14 -21.45 51.29
N SER B 856 7.14 -22.22 51.74
CA SER B 856 6.93 -23.63 52.15
C SER B 856 5.96 -23.71 53.34
N GLN B 857 6.10 -22.80 54.31
CA GLN B 857 5.25 -22.81 55.52
C GLN B 857 4.58 -21.44 55.67
N SER B 858 3.26 -21.41 55.95
CA SER B 858 2.52 -20.13 56.05
C SER B 858 1.53 -20.18 57.22
N SER B 859 1.09 -19.01 57.72
CA SER B 859 0.07 -18.97 58.79
C SER B 859 -1.27 -18.57 58.16
N PRO B 860 -2.40 -19.27 58.45
CA PRO B 860 -3.67 -18.98 57.79
C PRO B 860 -4.15 -17.54 58.07
N ILE B 861 -4.60 -16.85 57.03
CA ILE B 861 -5.12 -15.45 57.19
C ILE B 861 -6.44 -15.51 57.96
N ILE B 862 -6.62 -14.61 58.94
CA ILE B 862 -7.87 -14.57 59.75
C ILE B 862 -8.36 -13.11 59.78
N PRO B 863 -9.66 -12.83 60.00
CA PRO B 863 -10.13 -11.45 60.14
C PRO B 863 -9.45 -10.82 61.37
N GLY B 864 -9.08 -9.55 61.29
CA GLY B 864 -8.35 -8.91 62.40
C GLY B 864 -6.89 -9.34 62.45
N PHE B 865 -6.37 -9.83 61.32
CA PHE B 865 -4.94 -10.25 61.25
C PHE B 865 -4.05 -9.04 61.52
N GLY B 866 -2.95 -9.24 62.24
CA GLY B 866 -2.03 -8.12 62.57
C GLY B 866 -2.40 -7.44 63.88
N GLY B 867 -3.45 -7.90 64.56
CA GLY B 867 -3.81 -7.33 65.87
C GLY B 867 -4.12 -5.83 65.78
N ASP B 868 -3.44 -5.02 66.58
CA ASP B 868 -3.68 -3.55 66.60
C ASP B 868 -3.37 -2.98 65.21
N PHE B 869 -2.29 -3.45 64.58
CA PHE B 869 -1.97 -3.01 63.19
C PHE B 869 -3.10 -3.49 62.28
N ASN B 870 -3.55 -2.65 61.35
CA ASN B 870 -4.72 -3.03 60.51
C ASN B 870 -4.22 -3.54 59.15
N LEU B 871 -4.45 -4.82 58.86
CA LEU B 871 -4.02 -5.41 57.56
C LEU B 871 -5.24 -5.73 56.70
N THR B 872 -6.40 -5.17 57.03
CA THR B 872 -7.67 -5.51 56.31
C THR B 872 -7.54 -5.14 54.82
N LEU B 873 -6.85 -4.04 54.51
CA LEU B 873 -6.64 -3.63 53.10
C LEU B 873 -5.87 -4.72 52.35
N LEU B 874 -4.87 -5.31 53.01
CA LEU B 874 -4.03 -6.36 52.35
C LEU B 874 -4.71 -7.73 52.47
N GLU B 875 -5.72 -7.84 53.34
CA GLU B 875 -6.45 -9.12 53.53
C GLU B 875 -7.26 -9.51 52.27
N PRO B 876 -7.27 -10.79 51.80
CA PRO B 876 -8.13 -11.16 50.69
C PRO B 876 -9.56 -10.82 51.02
N VAL B 877 -10.30 -10.32 50.04
CA VAL B 877 -11.69 -10.00 50.30
C VAL B 877 -12.55 -11.25 50.15
N ALA B 886 -9.42 -14.96 45.83
CA ALA B 886 -9.85 -13.64 46.29
C ALA B 886 -8.70 -12.66 46.32
N ARG B 887 -8.86 -11.53 45.66
CA ARG B 887 -7.84 -10.51 45.68
C ARG B 887 -8.05 -9.63 46.89
N SER B 888 -7.01 -8.93 47.32
CA SER B 888 -7.10 -8.00 48.45
C SER B 888 -7.81 -6.72 48.05
N ALA B 889 -8.20 -5.91 49.01
CA ALA B 889 -8.87 -4.67 48.69
C ALA B 889 -7.98 -3.72 47.90
N ILE B 890 -6.70 -3.63 48.26
CA ILE B 890 -5.78 -2.74 47.50
C ILE B 890 -5.60 -3.31 46.08
N GLU B 891 -5.49 -4.65 45.95
CA GLU B 891 -5.31 -5.28 44.62
C GLU B 891 -6.54 -5.02 43.75
N ASP B 892 -7.74 -5.23 44.31
CA ASP B 892 -9.00 -4.97 43.55
C ASP B 892 -9.05 -3.49 43.16
N LEU B 893 -8.73 -2.59 44.09
CA LEU B 893 -8.81 -1.13 43.82
C LEU B 893 -7.85 -0.76 42.68
N LEU B 894 -6.64 -1.33 42.68
CA LEU B 894 -5.63 -0.96 41.65
C LEU B 894 -6.18 -1.33 40.27
N PHE B 895 -6.76 -2.53 40.15
CA PHE B 895 -7.30 -3.00 38.84
C PHE B 895 -8.45 -2.08 38.41
N ASP B 896 -9.32 -1.69 39.35
CA ASP B 896 -10.45 -0.79 39.03
C ASP B 896 -9.93 0.57 38.57
N LYS B 897 -8.91 1.10 39.25
CA LYS B 897 -8.36 2.44 38.91
C LYS B 897 -7.74 2.42 37.51
N VAL B 898 -7.01 1.36 37.18
CA VAL B 898 -6.38 1.23 35.82
C VAL B 898 -7.48 1.01 34.79
N THR B 899 -7.35 1.60 33.60
CA THR B 899 -8.35 1.35 32.52
C THR B 899 -7.86 0.19 31.65
N ILE B 900 -8.55 -0.94 31.69
CA ILE B 900 -8.13 -2.14 30.91
C ILE B 900 -9.32 -2.58 30.03
N ALA B 901 -9.08 -2.80 28.74
CA ALA B 901 -10.16 -3.32 27.86
C ALA B 901 -10.46 -4.76 28.29
N ASP B 902 -11.74 -5.14 28.31
CA ASP B 902 -12.14 -6.51 28.76
C ASP B 902 -11.62 -7.56 27.78
N PRO B 903 -10.77 -8.52 28.21
CA PRO B 903 -10.30 -9.59 27.32
C PRO B 903 -11.45 -10.49 26.83
N GLY B 904 -12.40 -10.81 27.70
CA GLY B 904 -13.55 -11.66 27.32
C GLY B 904 -13.09 -12.97 26.71
N TYR B 905 -12.17 -13.67 27.36
CA TYR B 905 -11.60 -14.91 26.74
C TYR B 905 -12.69 -15.96 26.50
N MET B 906 -13.65 -16.13 27.42
CA MET B 906 -14.65 -17.22 27.27
C MET B 906 -15.53 -17.02 26.03
N GLN B 907 -16.06 -15.80 25.80
CA GLN B 907 -17.02 -15.60 24.67
C GLN B 907 -16.76 -14.28 23.93
N GLY B 908 -15.51 -13.87 23.78
CA GLY B 908 -15.21 -12.55 23.16
C GLY B 908 -15.69 -12.44 21.72
N TYR B 909 -15.52 -13.50 20.93
CA TYR B 909 -15.88 -13.45 19.49
C TYR B 909 -17.37 -13.17 19.36
N ASP B 910 -18.20 -13.89 20.14
CA ASP B 910 -19.66 -13.67 20.11
C ASP B 910 -19.99 -12.28 20.65
N ASP B 911 -19.33 -11.86 21.73
CA ASP B 911 -19.65 -10.56 22.36
C ASP B 911 -19.37 -9.42 21.37
N CYS B 912 -18.26 -9.51 20.62
CA CYS B 912 -17.91 -8.40 19.69
C CYS B 912 -19.01 -8.27 18.63
N MET B 913 -19.44 -9.39 18.06
CA MET B 913 -20.48 -9.33 16.99
C MET B 913 -21.83 -8.86 17.57
N GLN B 914 -22.25 -9.42 18.71
CA GLN B 914 -23.59 -9.08 19.27
C GLN B 914 -23.66 -7.65 19.79
N GLN B 915 -22.64 -7.18 20.52
CA GLN B 915 -22.72 -5.85 21.17
C GLN B 915 -22.01 -4.78 20.32
N GLY B 916 -21.42 -5.16 19.19
CA GLY B 916 -20.62 -4.19 18.41
C GLY B 916 -19.28 -3.96 19.08
N PRO B 917 -18.52 -2.91 18.71
CA PRO B 917 -17.27 -2.61 19.41
C PRO B 917 -17.57 -2.21 20.87
N ALA B 918 -16.81 -2.77 21.82
CA ALA B 918 -16.99 -2.39 23.25
C ALA B 918 -16.64 -0.91 23.41
N SER B 919 -15.59 -0.46 22.72
CA SER B 919 -15.17 0.97 22.77
C SER B 919 -14.88 1.42 21.34
N ALA B 920 -14.82 2.74 21.10
CA ALA B 920 -14.44 3.20 19.74
C ALA B 920 -13.05 2.66 19.43
N ARG B 921 -12.82 2.13 18.22
CA ARG B 921 -11.52 1.51 17.86
C ARG B 921 -11.20 0.39 18.86
N ASP B 922 -12.17 -0.43 19.22
CA ASP B 922 -11.93 -1.48 20.25
C ASP B 922 -10.85 -2.43 19.74
N LEU B 923 -9.81 -2.66 20.55
CA LEU B 923 -8.70 -3.56 20.15
C LEU B 923 -9.21 -5.01 20.05
N ILE B 924 -10.05 -5.45 20.98
CA ILE B 924 -10.49 -6.87 21.00
C ILE B 924 -11.25 -7.20 19.72
N CYS B 925 -12.22 -6.35 19.34
CA CYS B 925 -12.99 -6.57 18.08
C CYS B 925 -12.04 -6.49 16.89
N ALA B 926 -11.07 -5.56 16.92
CA ALA B 926 -10.12 -5.39 15.81
C ALA B 926 -9.28 -6.67 15.65
N GLN B 927 -8.94 -7.32 16.78
CA GLN B 927 -8.07 -8.53 16.72
C GLN B 927 -8.78 -9.59 15.86
N TYR B 928 -10.08 -9.77 16.07
CA TYR B 928 -10.82 -10.83 15.34
C TYR B 928 -10.85 -10.52 13.84
N VAL B 929 -11.08 -9.25 13.47
CA VAL B 929 -11.14 -8.87 12.03
C VAL B 929 -9.77 -9.11 11.39
N ALA B 930 -8.70 -8.69 12.06
CA ALA B 930 -7.32 -8.91 11.55
C ALA B 930 -6.97 -10.40 11.57
N GLY B 931 -7.46 -11.13 12.58
CA GLY B 931 -7.14 -12.56 12.72
C GLY B 931 -6.07 -12.80 13.78
N TYR B 932 -5.41 -11.75 14.28
CA TYR B 932 -4.45 -11.93 15.40
C TYR B 932 -5.22 -12.17 16.70
N LYS B 933 -4.66 -12.97 17.62
CA LYS B 933 -5.37 -13.30 18.87
C LYS B 933 -4.45 -13.05 20.07
N VAL B 934 -4.98 -12.52 21.18
CA VAL B 934 -4.16 -12.31 22.40
C VAL B 934 -4.38 -13.53 23.32
N LEU B 935 -3.33 -14.31 23.56
CA LEU B 935 -3.46 -15.55 24.38
C LEU B 935 -3.63 -15.23 25.87
N PRO B 936 -4.36 -16.05 26.64
CA PRO B 936 -4.49 -15.84 28.10
C PRO B 936 -3.19 -16.11 28.88
N PRO B 937 -2.99 -15.49 30.06
CA PRO B 937 -1.75 -15.66 30.85
C PRO B 937 -1.57 -17.07 31.44
N LEU B 938 -0.33 -17.44 31.79
CA LEU B 938 -0.04 -18.83 32.28
C LEU B 938 -0.86 -19.17 33.52
N MET B 939 -1.08 -18.21 34.43
CA MET B 939 -1.80 -18.51 35.70
C MET B 939 -3.07 -17.67 35.81
N ASP B 940 -4.17 -18.27 36.28
CA ASP B 940 -5.46 -17.55 36.43
C ASP B 940 -5.41 -16.60 37.62
N VAL B 941 -6.31 -15.62 37.69
CA VAL B 941 -6.27 -14.60 38.77
C VAL B 941 -6.42 -15.26 40.15
N ASN B 942 -7.30 -16.25 40.29
CA ASN B 942 -7.55 -16.86 41.62
C ASN B 942 -6.28 -17.54 42.14
N MET B 943 -5.56 -18.27 41.28
CA MET B 943 -4.29 -18.93 41.70
C MET B 943 -3.26 -17.87 42.10
N GLU B 944 -3.16 -16.79 41.33
CA GLU B 944 -2.19 -15.71 41.64
C GLU B 944 -2.56 -15.08 42.98
N ALA B 945 -3.85 -14.89 43.24
CA ALA B 945 -4.32 -14.32 44.52
C ALA B 945 -3.94 -15.26 45.67
N ALA B 946 -4.06 -16.57 45.45
CA ALA B 946 -3.71 -17.57 46.49
C ALA B 946 -2.22 -17.46 46.84
N TYR B 947 -1.37 -17.27 45.83
CA TYR B 947 0.10 -17.15 46.06
C TYR B 947 0.38 -15.93 46.94
N THR B 948 -0.25 -14.79 46.64
CA THR B 948 0.01 -13.55 47.42
C THR B 948 -0.56 -13.70 48.83
N SER B 949 -1.71 -14.36 48.97
CA SER B 949 -2.35 -14.55 50.30
C SER B 949 -1.44 -15.41 51.20
N SER B 950 -0.87 -16.49 50.65
CA SER B 950 0.05 -17.36 51.42
C SER B 950 1.29 -16.56 51.83
N LEU B 951 1.80 -15.72 50.92
CA LEU B 951 3.00 -14.91 51.21
C LEU B 951 2.69 -13.95 52.36
N LEU B 952 1.50 -13.35 52.36
CA LEU B 952 1.11 -12.37 53.43
C LEU B 952 1.09 -13.09 54.78
N GLY B 953 0.55 -14.31 54.82
CA GLY B 953 0.49 -15.09 56.08
C GLY B 953 1.89 -15.43 56.58
N SER B 954 2.79 -15.76 55.67
CA SER B 954 4.16 -16.19 56.07
C SER B 954 5.09 -15.00 56.38
N ILE B 955 4.67 -13.78 56.09
CA ILE B 955 5.60 -12.61 56.24
C ILE B 955 6.07 -12.49 57.70
N ALA B 956 5.16 -12.57 58.66
CA ALA B 956 5.56 -12.37 60.07
C ALA B 956 6.51 -13.47 60.52
N GLY B 957 6.18 -14.74 60.21
CA GLY B 957 7.00 -15.88 60.66
C GLY B 957 8.37 -15.97 60.02
N VAL B 958 8.48 -15.74 58.70
CA VAL B 958 9.78 -15.94 58.01
C VAL B 958 10.84 -14.97 58.54
N GLY B 959 10.47 -13.70 58.80
CA GLY B 959 11.48 -12.72 59.24
C GLY B 959 11.66 -12.71 60.75
N TRP B 960 11.97 -13.86 61.36
CA TRP B 960 12.27 -13.88 62.81
C TRP B 960 13.65 -14.50 63.06
N THR B 961 14.09 -15.41 62.16
CA THR B 961 15.40 -16.08 62.32
C THR B 961 16.04 -16.28 60.95
N ALA B 962 17.37 -16.45 60.91
CA ALA B 962 18.06 -16.72 59.62
C ALA B 962 17.68 -18.11 59.10
N GLY B 963 17.49 -18.24 57.77
CA GLY B 963 17.14 -19.54 57.17
C GLY B 963 15.64 -19.73 57.00
N LEU B 964 15.24 -20.54 56.02
CA LEU B 964 13.79 -20.79 55.77
C LEU B 964 13.41 -22.16 56.32
N SER B 965 14.36 -22.87 56.94
CA SER B 965 14.09 -24.26 57.42
C SER B 965 12.98 -24.27 58.47
N SER B 966 13.00 -23.31 59.41
CA SER B 966 12.01 -23.32 60.52
C SER B 966 11.08 -22.11 60.41
N PHE B 967 9.76 -22.35 60.52
CA PHE B 967 8.78 -21.23 60.47
C PHE B 967 8.13 -21.10 61.85
N ALA B 968 8.11 -19.88 62.40
CA ALA B 968 7.50 -19.65 63.73
C ALA B 968 6.17 -18.91 63.53
N ALA B 969 5.09 -19.41 64.10
CA ALA B 969 3.80 -18.68 64.01
C ALA B 969 3.78 -17.63 65.11
N ILE B 970 3.90 -16.35 64.75
CA ILE B 970 3.97 -15.25 65.76
C ILE B 970 2.99 -14.16 65.33
N PRO B 971 2.45 -13.29 66.23
CA PRO B 971 1.60 -12.17 65.79
C PRO B 971 2.39 -11.21 64.90
N PHE B 972 1.70 -10.53 63.97
CA PHE B 972 2.35 -9.54 63.08
C PHE B 972 2.92 -8.40 63.94
N ALA B 973 2.20 -8.00 64.98
CA ALA B 973 2.65 -6.89 65.84
C ALA B 973 3.99 -7.26 66.50
N GLN B 974 4.13 -8.49 66.96
CA GLN B 974 5.38 -8.93 67.63
C GLN B 974 6.53 -8.86 66.62
N SER B 975 6.29 -9.29 65.38
CA SER B 975 7.35 -9.26 64.34
C SER B 975 7.78 -7.81 64.08
N ILE B 976 6.80 -6.88 64.02
CA ILE B 976 7.12 -5.45 63.74
C ILE B 976 8.01 -4.90 64.85
N PHE B 977 7.71 -5.23 66.11
CA PHE B 977 8.50 -4.73 67.25
C PHE B 977 9.93 -5.26 67.17
N TYR B 978 10.10 -6.52 66.79
CA TYR B 978 11.46 -7.11 66.62
C TYR B 978 12.20 -6.38 65.51
N ARG B 979 11.51 -6.07 64.41
CA ARG B 979 12.14 -5.34 63.27
C ARG B 979 12.57 -3.95 63.73
N LEU B 980 11.72 -3.27 64.51
CA LEU B 980 12.06 -1.92 65.05
C LEU B 980 13.25 -2.00 65.99
N ASN B 981 13.33 -3.07 66.80
CA ASN B 981 14.51 -3.25 67.70
C ASN B 981 15.76 -3.37 66.82
N GLY B 982 15.65 -4.08 65.69
CA GLY B 982 16.79 -4.24 64.77
C GLY B 982 17.26 -2.91 64.19
N VAL B 983 16.34 -2.03 63.82
CA VAL B 983 16.71 -0.69 63.26
C VAL B 983 17.46 0.12 64.33
N GLY B 984 17.17 -0.11 65.61
CA GLY B 984 17.92 0.58 66.68
C GLY B 984 17.05 1.22 67.74
N ILE B 985 15.72 1.26 67.54
CA ILE B 985 14.84 1.78 68.63
C ILE B 985 14.98 0.84 69.84
N THR B 986 15.09 1.41 71.05
CA THR B 986 15.27 0.59 72.27
C THR B 986 13.97 -0.14 72.62
N GLN B 987 14.07 -1.30 73.28
CA GLN B 987 12.86 -2.10 73.64
C GLN B 987 11.95 -1.29 74.58
N GLN B 988 12.54 -0.55 75.51
CA GLN B 988 11.73 0.22 76.50
C GLN B 988 10.88 1.24 75.76
N VAL B 989 11.46 1.93 74.77
CA VAL B 989 10.71 2.95 73.96
C VAL B 989 9.57 2.23 73.24
N LEU B 990 9.85 1.04 72.67
CA LEU B 990 8.81 0.33 71.89
C LEU B 990 7.62 0.00 72.81
N SER B 991 7.90 -0.47 74.02
CA SER B 991 6.81 -0.86 74.97
C SER B 991 5.97 0.36 75.34
N GLU B 992 6.63 1.50 75.60
CA GLU B 992 5.91 2.75 75.98
C GLU B 992 5.07 3.26 74.79
N ASN B 993 5.58 3.14 73.57
CA ASN B 993 4.88 3.72 72.39
C ASN B 993 4.19 2.64 71.56
N GLN B 994 3.86 1.48 72.16
CA GLN B 994 3.23 0.37 71.40
C GLN B 994 2.03 0.89 70.60
N LYS B 995 1.06 1.51 71.28
CA LYS B 995 -0.17 2.00 70.60
C LYS B 995 0.20 3.08 69.57
N LEU B 996 1.13 3.98 69.90
CA LEU B 996 1.50 5.08 68.98
C LEU B 996 2.10 4.50 67.70
N ILE B 997 2.94 3.47 67.81
CA ILE B 997 3.57 2.84 66.63
C ILE B 997 2.47 2.23 65.76
N ALA B 998 1.50 1.56 66.37
CA ALA B 998 0.41 0.92 65.61
C ALA B 998 -0.40 1.98 64.87
N ASN B 999 -0.69 3.10 65.55
CA ASN B 999 -1.52 4.17 64.94
C ASN B 999 -0.79 4.75 63.72
N LYS B 1000 0.51 5.01 63.85
CA LYS B 1000 1.29 5.61 62.73
C LYS B 1000 1.32 4.66 61.53
N PHE B 1001 1.49 3.36 61.79
CA PHE B 1001 1.51 2.35 60.69
C PHE B 1001 0.14 2.35 60.01
N ASN B 1002 -0.94 2.41 60.79
CA ASN B 1002 -2.31 2.40 60.23
C ASN B 1002 -2.52 3.65 59.36
N GLN B 1003 -2.02 4.80 59.82
CA GLN B 1003 -2.19 6.06 59.05
C GLN B 1003 -1.48 5.93 57.70
N ALA B 1004 -0.29 5.33 57.69
CA ALA B 1004 0.47 5.15 56.42
C ALA B 1004 -0.32 4.26 55.47
N LEU B 1005 -0.90 3.17 55.98
CA LEU B 1005 -1.71 2.25 55.13
C LEU B 1005 -2.97 2.95 54.61
N GLY B 1006 -3.60 3.80 55.44
CA GLY B 1006 -4.76 4.57 54.98
C GLY B 1006 -4.39 5.51 53.85
N ALA B 1007 -3.22 6.15 53.95
CA ALA B 1007 -2.73 7.03 52.86
C ALA B 1007 -2.51 6.18 51.61
N MET B 1008 -2.00 4.95 51.78
CA MET B 1008 -1.75 4.04 50.63
C MET B 1008 -3.08 3.71 49.94
N GLN B 1009 -4.16 3.55 50.70
CA GLN B 1009 -5.50 3.24 50.11
C GLN B 1009 -5.90 4.39 49.19
N THR B 1010 -5.65 5.64 49.58
CA THR B 1010 -5.97 6.81 48.74
C THR B 1010 -4.74 7.14 47.87
N GLY B 1011 -3.70 6.32 47.94
CA GLY B 1011 -2.44 6.58 47.21
C GLY B 1011 -2.60 6.60 45.71
N PHE B 1012 -3.41 5.72 45.13
CA PHE B 1012 -3.47 5.68 43.65
C PHE B 1012 -4.00 7.01 43.13
N THR B 1013 -3.24 7.67 42.24
CA THR B 1013 -3.64 8.99 41.68
C THR B 1013 -2.77 9.27 40.45
N THR B 1014 -3.10 10.31 39.68
CA THR B 1014 -2.28 10.69 38.51
C THR B 1014 -0.87 11.05 38.99
N THR B 1015 -0.76 11.72 40.15
CA THR B 1015 0.56 12.12 40.70
C THR B 1015 1.40 10.88 41.01
N ASN B 1016 0.79 9.80 41.53
CA ASN B 1016 1.60 8.62 41.95
C ASN B 1016 2.34 8.05 40.72
N GLU B 1017 3.66 7.90 40.82
CA GLU B 1017 4.47 7.38 39.68
C GLU B 1017 4.20 5.89 39.48
N ALA B 1018 4.14 5.11 40.56
CA ALA B 1018 3.97 3.65 40.43
C ALA B 1018 2.65 3.30 39.76
N PHE B 1019 1.56 3.99 40.13
CA PHE B 1019 0.24 3.75 39.51
C PHE B 1019 0.31 4.09 38.02
N GLN B 1020 1.00 5.18 37.68
CA GLN B 1020 1.14 5.60 36.27
C GLN B 1020 1.92 4.53 35.49
N LYS B 1021 2.94 3.94 36.10
CA LYS B 1021 3.74 2.88 35.44
C LYS B 1021 2.83 1.69 35.09
N VAL B 1022 1.91 1.34 35.99
CA VAL B 1022 0.95 0.22 35.72
C VAL B 1022 0.11 0.58 34.50
N GLN B 1023 -0.38 1.83 34.45
CA GLN B 1023 -1.22 2.28 33.30
C GLN B 1023 -0.37 2.25 32.03
N ASP B 1024 0.90 2.66 32.12
CA ASP B 1024 1.78 2.72 30.92
C ASP B 1024 1.98 1.31 30.35
N ALA B 1025 2.14 0.31 31.21
CA ALA B 1025 2.35 -1.09 30.75
C ALA B 1025 1.11 -1.55 29.98
N VAL B 1026 -0.08 -1.25 30.49
CA VAL B 1026 -1.35 -1.60 29.78
C VAL B 1026 -1.38 -0.84 28.44
N ASN B 1027 -0.98 0.43 28.45
CA ASN B 1027 -0.99 1.25 27.22
C ASN B 1027 -0.04 0.66 26.18
N ASN B 1028 1.14 0.18 26.61
CA ASN B 1028 2.14 -0.34 25.66
C ASN B 1028 1.57 -1.57 24.94
N ASN B 1029 0.89 -2.44 25.68
CA ASN B 1029 0.23 -3.63 25.05
C ASN B 1029 -0.83 -3.13 24.08
N ALA B 1030 -1.61 -2.12 24.48
CA ALA B 1030 -2.69 -1.58 23.62
C ALA B 1030 -2.09 -0.99 22.34
N GLN B 1031 -0.96 -0.29 22.45
CA GLN B 1031 -0.35 0.36 21.26
C GLN B 1031 0.03 -0.70 20.23
N ALA B 1032 0.59 -1.83 20.70
CA ALA B 1032 1.03 -2.88 19.76
C ALA B 1032 -0.18 -3.42 18.98
N LEU B 1033 -1.29 -3.65 19.67
CA LEU B 1033 -2.52 -4.16 19.02
C LEU B 1033 -3.04 -3.12 18.01
N SER B 1034 -3.01 -1.84 18.38
CA SER B 1034 -3.53 -0.76 17.50
C SER B 1034 -2.70 -0.69 16.21
N LYS B 1035 -1.38 -0.91 16.30
CA LYS B 1035 -0.51 -0.77 15.11
C LYS B 1035 -0.95 -1.74 14.01
N LEU B 1036 -1.30 -2.98 14.37
CA LEU B 1036 -1.62 -3.98 13.31
C LEU B 1036 -2.82 -3.48 12.50
N ALA B 1037 -3.87 -3.00 13.17
CA ALA B 1037 -5.10 -2.56 12.47
C ALA B 1037 -4.80 -1.33 11.59
N SER B 1038 -4.02 -0.38 12.12
CA SER B 1038 -3.72 0.86 11.35
C SER B 1038 -2.91 0.54 10.10
N GLU B 1039 -1.96 -0.38 10.19
CA GLU B 1039 -1.07 -0.70 9.03
C GLU B 1039 -1.89 -1.28 7.87
N LEU B 1040 -2.89 -2.10 8.17
CA LEU B 1040 -3.76 -2.68 7.10
C LEU B 1040 -4.35 -1.54 6.27
N SER B 1041 -4.82 -0.48 6.94
CA SER B 1041 -5.43 0.68 6.24
C SER B 1041 -4.40 1.38 5.35
N ASN B 1042 -3.13 1.46 5.78
CA ASN B 1042 -2.13 2.24 5.01
C ASN B 1042 -2.04 1.71 3.57
N THR B 1043 -2.10 2.61 2.59
CA THR B 1043 -2.04 2.21 1.16
C THR B 1043 -0.67 1.61 0.81
N PHE B 1044 0.42 2.15 1.37
CA PHE B 1044 1.79 1.69 1.01
C PHE B 1044 2.02 1.96 -0.48
N GLY B 1045 1.38 3.00 -1.01
CA GLY B 1045 1.53 3.37 -2.44
C GLY B 1045 0.57 2.61 -3.35
N ALA B 1046 -0.22 1.68 -2.79
CA ALA B 1046 -1.24 0.97 -3.59
C ALA B 1046 -2.44 1.88 -3.84
N ILE B 1047 -3.19 1.63 -4.92
CA ILE B 1047 -4.37 2.49 -5.27
C ILE B 1047 -5.43 2.40 -4.15
N SER B 1048 -5.66 1.21 -3.61
CA SER B 1048 -6.72 1.04 -2.58
C SER B 1048 -6.20 0.22 -1.40
N ALA B 1049 -6.69 0.50 -0.19
CA ALA B 1049 -6.29 -0.28 1.01
C ALA B 1049 -6.75 -1.73 0.86
N SER B 1050 -7.97 -1.94 0.35
CA SER B 1050 -8.52 -3.31 0.19
C SER B 1050 -8.03 -3.93 -1.12
N ILE B 1051 -7.46 -5.13 -1.07
CA ILE B 1051 -6.97 -5.82 -2.29
C ILE B 1051 -8.17 -6.14 -3.20
N GLY B 1052 -9.31 -6.52 -2.61
CA GLY B 1052 -10.52 -6.81 -3.39
C GLY B 1052 -10.99 -5.58 -4.15
N ASP B 1053 -10.93 -4.41 -3.51
CA ASP B 1053 -11.30 -3.14 -4.20
C ASP B 1053 -10.33 -2.92 -5.36
N ILE B 1054 -9.04 -3.22 -5.16
CA ILE B 1054 -8.03 -3.06 -6.25
C ILE B 1054 -8.43 -3.96 -7.43
N ILE B 1055 -8.90 -5.17 -7.15
CA ILE B 1055 -9.24 -6.12 -8.24
C ILE B 1055 -10.36 -5.51 -9.10
N GLN B 1056 -11.39 -4.95 -8.46
CA GLN B 1056 -12.48 -4.27 -9.22
C GLN B 1056 -11.94 -3.03 -9.94
N ARG B 1057 -11.14 -2.21 -9.25
CA ARG B 1057 -10.66 -0.92 -9.82
C ARG B 1057 -9.70 -1.10 -11.01
N LEU B 1058 -8.79 -2.08 -10.97
CA LEU B 1058 -7.75 -2.18 -12.03
C LEU B 1058 -7.73 -3.56 -12.70
N ASP B 1059 -7.15 -3.63 -13.90
CA ASP B 1059 -7.01 -4.93 -14.62
C ASP B 1059 -6.04 -5.80 -13.82
N PRO B 1060 -6.09 -7.15 -13.92
CA PRO B 1060 -5.25 -8.00 -13.06
C PRO B 1060 -3.72 -7.79 -13.07
N PRO B 1061 -3.00 -7.60 -14.21
CA PRO B 1061 -1.56 -7.37 -14.12
C PRO B 1061 -1.24 -6.06 -13.38
N GLU B 1062 -1.97 -4.99 -13.67
CA GLU B 1062 -1.78 -3.70 -12.96
C GLU B 1062 -2.16 -3.88 -11.49
N GLN B 1063 -3.25 -4.61 -11.23
CA GLN B 1063 -3.71 -4.82 -9.84
C GLN B 1063 -2.63 -5.58 -9.07
N ASP B 1064 -1.89 -6.48 -9.74
CA ASP B 1064 -0.88 -7.33 -9.04
C ASP B 1064 0.22 -6.44 -8.44
N ALA B 1065 0.64 -5.40 -9.14
CA ALA B 1065 1.69 -4.49 -8.63
C ALA B 1065 1.19 -3.80 -7.35
N GLN B 1066 -0.07 -3.36 -7.35
CA GLN B 1066 -0.67 -2.72 -6.15
C GLN B 1066 -0.74 -3.74 -5.01
N ILE B 1067 -1.08 -5.00 -5.33
CA ILE B 1067 -1.14 -6.07 -4.29
C ILE B 1067 0.27 -6.22 -3.70
N ASP B 1068 1.29 -6.23 -4.56
CA ASP B 1068 2.69 -6.43 -4.10
C ASP B 1068 3.08 -5.31 -3.13
N ARG B 1069 2.68 -4.07 -3.43
CA ARG B 1069 3.02 -2.92 -2.54
C ARG B 1069 2.39 -3.16 -1.17
N LEU B 1070 1.14 -3.62 -1.13
CA LEU B 1070 0.47 -3.91 0.16
C LEU B 1070 1.22 -5.05 0.88
N ILE B 1071 1.64 -6.08 0.13
CA ILE B 1071 2.33 -7.24 0.75
C ILE B 1071 3.63 -6.73 1.40
N ASN B 1072 4.37 -5.88 0.69
CA ASN B 1072 5.70 -5.44 1.22
C ASN B 1072 5.51 -4.67 2.52
N GLY B 1073 4.51 -3.77 2.57
CA GLY B 1073 4.25 -3.01 3.81
C GLY B 1073 3.80 -3.94 4.93
N ARG B 1074 2.92 -4.89 4.63
CA ARG B 1074 2.42 -5.84 5.66
C ARG B 1074 3.57 -6.74 6.14
N LEU B 1075 4.46 -7.16 5.24
CA LEU B 1075 5.61 -8.01 5.65
C LEU B 1075 6.48 -7.21 6.62
N THR B 1076 6.72 -5.93 6.29
CA THR B 1076 7.58 -5.10 7.16
C THR B 1076 6.91 -4.98 8.52
N THR B 1077 5.60 -4.73 8.53
CA THR B 1077 4.88 -4.55 9.82
C THR B 1077 4.92 -5.84 10.63
N LEU B 1078 4.66 -6.99 10.00
CA LEU B 1078 4.59 -8.26 10.77
C LEU B 1078 5.97 -8.58 11.36
N ASN B 1079 7.03 -8.41 10.56
CA ASN B 1079 8.40 -8.69 11.04
C ASN B 1079 8.72 -7.72 12.18
N ALA B 1080 8.36 -6.44 12.01
CA ALA B 1080 8.63 -5.42 13.06
C ALA B 1080 7.85 -5.76 14.33
N PHE B 1081 6.59 -6.19 14.19
CA PHE B 1081 5.76 -6.52 15.37
C PHE B 1081 6.36 -7.71 16.12
N VAL B 1082 6.82 -8.72 15.37
CA VAL B 1082 7.44 -9.92 16.01
C VAL B 1082 8.72 -9.48 16.74
N ALA B 1083 9.51 -8.61 16.10
CA ALA B 1083 10.75 -8.10 16.73
C ALA B 1083 10.38 -7.31 17.99
N GLN B 1084 9.32 -6.49 17.92
CA GLN B 1084 8.89 -5.68 19.07
C GLN B 1084 8.47 -6.61 20.22
N GLN B 1085 7.71 -7.66 19.89
CA GLN B 1085 7.25 -8.62 20.93
C GLN B 1085 8.45 -9.31 21.56
N LEU B 1086 9.44 -9.67 20.74
CA LEU B 1086 10.67 -10.37 21.25
C LEU B 1086 11.38 -9.45 22.24
N VAL B 1087 11.59 -8.18 21.88
CA VAL B 1087 12.31 -7.23 22.78
C VAL B 1087 11.51 -7.04 24.07
N ARG B 1088 10.18 -6.90 23.95
CA ARG B 1088 9.32 -6.69 25.14
C ARG B 1088 9.37 -7.93 26.04
N SER B 1089 9.32 -9.12 25.44
CA SER B 1089 9.37 -10.38 26.22
C SER B 1089 10.70 -10.50 26.96
N GLU B 1090 11.80 -10.12 26.30
CA GLU B 1090 13.15 -10.19 26.93
C GLU B 1090 13.17 -9.22 28.12
N SER B 1091 12.64 -8.01 27.95
CA SER B 1091 12.63 -7.01 29.03
C SER B 1091 11.79 -7.51 30.21
N ALA B 1092 10.63 -8.11 29.92
CA ALA B 1092 9.73 -8.61 30.98
C ALA B 1092 10.43 -9.73 31.77
N ALA B 1093 11.14 -10.61 31.07
CA ALA B 1093 11.81 -11.76 31.75
C ALA B 1093 12.88 -11.23 32.72
N LEU B 1094 13.67 -10.24 32.29
CA LEU B 1094 14.71 -9.65 33.18
C LEU B 1094 14.01 -8.98 34.37
N SER B 1095 12.91 -8.26 34.11
CA SER B 1095 12.16 -7.57 35.18
C SER B 1095 11.57 -8.60 36.15
N ALA B 1096 11.11 -9.74 35.64
CA ALA B 1096 10.54 -10.81 36.50
C ALA B 1096 11.61 -11.33 37.45
N GLN B 1097 12.85 -11.48 36.97
CA GLN B 1097 13.96 -11.93 37.85
C GLN B 1097 14.18 -10.88 38.95
N LEU B 1098 14.11 -9.60 38.60
CA LEU B 1098 14.25 -8.51 39.62
C LEU B 1098 13.13 -8.63 40.64
N ALA B 1099 11.91 -8.91 40.19
CA ALA B 1099 10.76 -9.03 41.13
C ALA B 1099 10.99 -10.20 42.10
N LYS B 1100 11.54 -11.31 41.60
CA LYS B 1100 11.82 -12.47 42.46
C LYS B 1100 12.84 -12.07 43.53
N ASP B 1101 13.88 -11.33 43.14
CA ASP B 1101 14.92 -10.87 44.09
C ASP B 1101 14.27 -9.95 45.13
N LYS B 1102 13.41 -9.03 44.68
CA LYS B 1102 12.77 -8.06 45.61
C LYS B 1102 11.89 -8.80 46.62
N VAL B 1103 11.14 -9.82 46.16
CA VAL B 1103 10.21 -10.53 47.08
C VAL B 1103 11.03 -11.19 48.20
N ASN B 1104 12.12 -11.86 47.83
CA ASN B 1104 12.99 -12.52 48.85
C ASN B 1104 13.68 -11.48 49.72
N GLU B 1105 14.23 -10.42 49.12
CA GLU B 1105 15.01 -9.41 49.88
C GLU B 1105 14.15 -8.57 50.82
N CYS B 1106 12.98 -8.09 50.37
CA CYS B 1106 12.19 -7.15 51.22
C CYS B 1106 10.95 -7.83 51.82
N VAL B 1107 10.14 -8.51 51.00
CA VAL B 1107 8.87 -9.11 51.51
C VAL B 1107 9.18 -10.26 52.49
N LYS B 1108 10.16 -11.11 52.17
CA LYS B 1108 10.41 -12.31 53.02
C LYS B 1108 11.42 -12.02 54.13
N ALA B 1109 12.07 -10.85 54.13
CA ALA B 1109 13.00 -10.50 55.23
C ALA B 1109 13.21 -8.98 55.30
N GLN B 1110 13.52 -8.45 56.49
CA GLN B 1110 13.84 -7.00 56.58
C GLN B 1110 15.14 -6.78 55.78
N SER B 1111 15.24 -5.68 55.02
CA SER B 1111 16.43 -5.50 54.16
C SER B 1111 17.39 -4.46 54.73
N LYS B 1112 18.63 -4.86 55.02
CA LYS B 1112 19.67 -3.91 55.49
C LYS B 1112 20.01 -2.92 54.37
N ARG B 1113 19.99 -3.38 53.12
CA ARG B 1113 20.38 -2.53 51.97
C ARG B 1113 19.49 -1.29 51.93
N SER B 1114 20.07 -0.12 51.61
CA SER B 1114 19.30 1.15 51.63
C SER B 1114 18.79 1.50 50.24
N GLY B 1115 17.49 1.72 50.09
CA GLY B 1115 16.91 2.16 48.81
C GLY B 1115 16.58 1.01 47.87
N PHE B 1116 16.99 -0.22 48.21
CA PHE B 1116 16.60 -1.37 47.37
C PHE B 1116 15.08 -1.55 47.46
N CYS B 1117 14.52 -1.41 48.67
CA CYS B 1117 13.04 -1.51 48.84
C CYS B 1117 12.46 -0.11 49.04
N GLY B 1118 11.95 0.17 50.24
CA GLY B 1118 11.38 1.49 50.54
C GLY B 1118 12.44 2.53 50.84
N GLN B 1119 12.12 3.82 50.67
CA GLN B 1119 13.07 4.90 51.04
C GLN B 1119 13.17 4.94 52.57
N GLY B 1120 14.32 5.36 53.11
CA GLY B 1120 14.50 5.32 54.57
C GLY B 1120 14.82 3.91 55.03
N THR B 1121 14.62 3.61 56.32
CA THR B 1121 14.97 2.27 56.84
C THR B 1121 13.79 1.33 56.61
N HIS B 1122 13.97 0.30 55.78
CA HIS B 1122 12.85 -0.62 55.45
C HIS B 1122 12.41 -1.39 56.70
N ILE B 1123 11.10 -1.52 56.91
CA ILE B 1123 10.59 -2.32 58.06
C ILE B 1123 9.95 -3.60 57.52
N VAL B 1124 8.95 -3.47 56.65
CA VAL B 1124 8.22 -4.67 56.11
C VAL B 1124 7.73 -4.33 54.70
N SER B 1125 7.50 -5.35 53.86
CA SER B 1125 6.98 -5.12 52.49
C SER B 1125 5.80 -6.06 52.21
N PHE B 1126 4.87 -5.64 51.35
CA PHE B 1126 3.69 -6.48 51.00
C PHE B 1126 3.58 -6.56 49.47
N VAL B 1127 3.17 -7.72 48.94
CA VAL B 1127 3.10 -7.89 47.45
C VAL B 1127 1.66 -8.21 47.04
N VAL B 1128 1.14 -7.49 46.04
CA VAL B 1128 -0.22 -7.80 45.49
C VAL B 1128 -0.07 -7.88 43.96
N ASN B 1129 -0.88 -8.69 43.29
CA ASN B 1129 -0.72 -8.87 41.82
C ASN B 1129 -1.12 -7.60 41.08
N ALA B 1130 -0.52 -7.35 39.91
CA ALA B 1130 -0.84 -6.17 39.09
C ALA B 1130 -1.18 -6.70 37.69
N PRO B 1131 -1.81 -5.94 36.77
CA PRO B 1131 -2.24 -6.49 35.49
C PRO B 1131 -1.09 -7.10 34.67
N ASN B 1132 0.09 -6.47 34.66
CA ASN B 1132 1.21 -6.97 33.85
C ASN B 1132 2.42 -7.27 34.75
N GLY B 1133 2.20 -7.56 36.03
CA GLY B 1133 3.35 -7.74 36.94
C GLY B 1133 2.94 -7.80 38.40
N LEU B 1134 3.84 -7.44 39.30
CA LEU B 1134 3.55 -7.44 40.77
C LEU B 1134 3.65 -6.01 41.30
N TYR B 1135 2.72 -5.61 42.18
CA TYR B 1135 2.78 -4.27 42.80
C TYR B 1135 3.41 -4.42 44.18
N PHE B 1136 4.47 -3.67 44.47
CA PHE B 1136 5.20 -3.81 45.75
C PHE B 1136 4.95 -2.59 46.64
N MET B 1137 4.50 -2.80 47.87
CA MET B 1137 4.33 -1.66 48.81
C MET B 1137 5.31 -1.86 49.96
N HIS B 1138 6.20 -0.88 50.21
CA HIS B 1138 7.23 -1.06 51.26
C HIS B 1138 7.01 -0.07 52.40
N VAL B 1139 6.83 -0.56 53.62
CA VAL B 1139 6.70 0.36 54.79
C VAL B 1139 8.12 0.74 55.25
N GLY B 1140 8.37 2.02 55.49
CA GLY B 1140 9.71 2.48 55.86
C GLY B 1140 9.70 3.34 57.09
N TYR B 1141 10.83 3.40 57.82
CA TYR B 1141 10.94 4.24 59.03
C TYR B 1141 11.58 5.57 58.62
N TYR B 1142 10.90 6.68 58.89
CA TYR B 1142 11.43 8.00 58.47
C TYR B 1142 11.79 8.85 59.70
N PRO B 1143 13.06 9.27 59.84
CA PRO B 1143 13.48 10.12 60.97
C PRO B 1143 12.97 11.56 60.84
N SER B 1144 12.66 12.21 61.97
CA SER B 1144 12.17 13.62 61.96
C SER B 1144 12.59 14.33 63.24
N ASN B 1145 12.58 15.68 63.25
CA ASN B 1145 12.92 16.47 64.45
C ASN B 1145 14.33 16.10 64.97
N HIS B 1146 15.31 16.04 64.08
CA HIS B 1146 16.71 15.69 64.47
C HIS B 1146 17.27 16.74 65.42
N ILE B 1147 18.02 16.31 66.44
CA ILE B 1147 18.69 17.28 67.38
C ILE B 1147 20.16 16.89 67.47
N GLU B 1148 21.03 17.84 67.83
CA GLU B 1148 22.49 17.55 67.88
C GLU B 1148 22.94 17.41 69.34
N VAL B 1149 23.60 16.30 69.68
CA VAL B 1149 24.05 16.05 71.07
C VAL B 1149 25.52 15.62 71.06
N VAL B 1150 26.29 16.01 72.08
CA VAL B 1150 27.72 15.62 72.18
C VAL B 1150 27.79 14.10 72.43
N SER B 1151 28.75 13.41 71.81
CA SER B 1151 28.83 11.93 71.93
C SER B 1151 30.27 11.47 72.10
N ALA B 1152 30.48 10.26 72.65
CA ALA B 1152 31.84 9.70 72.81
C ALA B 1152 31.93 8.37 72.06
N TYR B 1153 33.07 8.11 71.39
CA TYR B 1153 33.27 6.81 70.69
C TYR B 1153 33.23 5.68 71.72
N GLY B 1154 33.87 5.88 72.87
CA GLY B 1154 33.92 4.84 73.91
C GLY B 1154 34.18 5.43 75.29
N LEU B 1155 33.95 4.66 76.36
CA LEU B 1155 34.23 5.13 77.74
C LEU B 1155 35.21 4.17 78.41
N CYS B 1156 36.24 4.71 79.08
CA CYS B 1156 37.22 3.86 79.81
C CYS B 1156 37.33 4.35 81.25
N ASP B 1157 37.48 3.42 82.20
CA ASP B 1157 37.67 3.81 83.62
C ASP B 1157 39.00 4.56 83.75
N ALA B 1158 39.04 5.66 84.50
CA ALA B 1158 40.32 6.36 84.73
C ALA B 1158 41.26 5.44 85.52
N ALA B 1159 40.73 4.77 86.55
CA ALA B 1159 41.55 3.87 87.40
C ALA B 1159 42.09 2.70 86.57
N ASN B 1160 41.24 2.10 85.73
CA ASN B 1160 41.70 0.98 84.85
C ASN B 1160 41.62 1.42 83.39
N PRO B 1161 42.76 1.71 82.72
CA PRO B 1161 42.75 2.08 81.30
C PRO B 1161 42.26 0.94 80.41
N THR B 1162 42.63 -0.31 80.75
CA THR B 1162 42.26 -1.48 79.93
C THR B 1162 40.74 -1.63 79.84
N ASN B 1163 40.02 -1.42 80.95
CA ASN B 1163 38.55 -1.66 80.95
C ASN B 1163 37.89 -0.53 80.14
N CYS B 1164 37.16 -0.88 79.07
CA CYS B 1164 36.51 0.14 78.19
C CYS B 1164 35.24 -0.45 77.59
N ILE B 1165 34.30 0.38 77.14
CA ILE B 1165 33.06 -0.12 76.47
C ILE B 1165 32.77 0.70 75.21
N ALA B 1166 32.08 0.09 74.25
CA ALA B 1166 31.67 0.82 73.02
C ALA B 1166 30.17 0.57 72.82
N PRO B 1167 29.36 1.55 72.42
CA PRO B 1167 27.91 1.36 72.29
C PRO B 1167 27.57 0.38 71.14
N VAL B 1168 26.55 -0.46 71.35
CA VAL B 1168 26.15 -1.45 70.30
C VAL B 1168 24.85 -0.96 69.65
N ASN B 1169 24.84 -0.77 68.32
CA ASN B 1169 23.65 -0.27 67.61
C ASN B 1169 23.16 0.99 68.33
N GLY B 1170 24.09 1.82 68.81
CA GLY B 1170 23.71 3.00 69.59
C GLY B 1170 24.86 3.97 69.78
N TYR B 1171 24.63 5.06 70.50
CA TYR B 1171 25.69 6.07 70.75
C TYR B 1171 25.75 6.43 72.23
N PHE B 1172 26.95 6.72 72.76
CA PHE B 1172 27.05 7.20 74.16
C PHE B 1172 26.82 8.72 74.13
N ILE B 1173 25.87 9.22 74.92
CA ILE B 1173 25.52 10.67 74.84
C ILE B 1173 25.60 11.32 76.23
N LYS B 1174 26.20 12.51 76.31
CA LYS B 1174 26.22 13.25 77.61
C LYS B 1174 24.81 13.72 77.94
N THR B 1175 24.43 13.70 79.22
CA THR B 1175 23.07 14.13 79.65
C THR B 1175 23.07 14.34 81.17
N GLU B 1183 26.06 10.99 83.90
CA GLU B 1183 26.63 11.82 82.81
C GLU B 1183 26.38 11.13 81.46
N TRP B 1184 27.04 10.00 81.24
CA TRP B 1184 26.89 9.27 79.96
C TRP B 1184 25.65 8.36 80.00
N SER B 1185 24.84 8.41 78.95
CA SER B 1185 23.65 7.52 78.87
C SER B 1185 23.72 6.77 77.53
N TYR B 1186 22.80 5.85 77.30
CA TYR B 1186 22.77 5.10 76.02
C TYR B 1186 21.51 5.49 75.24
N THR B 1187 21.68 5.81 73.95
CA THR B 1187 20.49 6.11 73.10
C THR B 1187 20.47 5.15 71.92
N GLY B 1188 19.30 4.65 71.54
CA GLY B 1188 19.21 3.81 70.33
C GLY B 1188 19.54 4.64 69.11
N SER B 1189 20.19 4.06 68.10
CA SER B 1189 20.61 4.88 66.94
C SER B 1189 19.40 5.47 66.22
N SER B 1190 18.35 4.68 66.01
CA SER B 1190 17.15 5.15 65.26
C SER B 1190 16.37 6.23 66.02
N PHE B 1191 16.20 6.09 67.33
CA PHE B 1191 15.33 7.06 68.08
C PHE B 1191 16.09 7.63 69.28
N TYR B 1192 15.92 8.92 69.58
CA TYR B 1192 16.70 9.53 70.67
C TYR B 1192 15.99 9.35 72.02
N ALA B 1193 16.49 8.44 72.86
CA ALA B 1193 15.94 8.29 74.22
C ALA B 1193 17.11 8.02 75.18
N PRO B 1194 17.41 8.92 76.16
CA PRO B 1194 18.46 8.64 77.13
C PRO B 1194 18.04 7.48 78.05
N GLU B 1195 18.94 6.52 78.27
CA GLU B 1195 18.64 5.38 79.18
C GLU B 1195 19.91 5.02 79.94
N PRO B 1196 19.84 4.44 81.16
CA PRO B 1196 21.05 4.15 81.94
C PRO B 1196 21.94 3.14 81.19
N ILE B 1197 23.25 3.37 81.20
CA ILE B 1197 24.20 2.43 80.51
C ILE B 1197 24.19 1.10 81.26
N THR B 1198 24.13 -0.01 80.52
CA THR B 1198 24.07 -1.37 81.14
C THR B 1198 25.04 -2.29 80.39
N SER B 1199 25.38 -3.44 80.99
CA SER B 1199 26.25 -4.43 80.32
C SER B 1199 25.58 -4.89 79.02
N LEU B 1200 24.25 -5.02 79.03
CA LEU B 1200 23.50 -5.52 77.85
C LEU B 1200 23.69 -4.59 76.65
N ASN B 1201 23.72 -3.27 76.85
CA ASN B 1201 23.79 -2.33 75.70
C ASN B 1201 25.24 -1.96 75.35
N THR B 1202 26.23 -2.55 76.02
CA THR B 1202 27.65 -2.16 75.78
C THR B 1202 28.53 -3.38 75.50
N LYS B 1203 29.63 -3.20 74.75
CA LYS B 1203 30.58 -4.32 74.47
C LYS B 1203 31.97 -3.91 74.97
N TYR B 1204 32.65 -4.81 75.69
CA TYR B 1204 34.03 -4.52 76.15
C TYR B 1204 34.95 -4.36 74.95
N VAL B 1205 35.83 -3.34 74.96
CA VAL B 1205 36.72 -3.07 73.79
C VAL B 1205 38.12 -2.69 74.28
N ALA B 1206 39.13 -2.82 73.40
CA ALA B 1206 40.50 -2.42 73.76
C ALA B 1206 40.57 -0.90 73.91
N PRO B 1207 41.41 -0.35 74.83
CA PRO B 1207 41.48 1.11 75.06
C PRO B 1207 41.95 1.93 73.86
N GLN B 1208 41.36 3.11 73.65
CA GLN B 1208 41.80 4.01 72.54
C GLN B 1208 42.06 5.41 73.12
N VAL B 1209 42.90 6.21 72.44
CA VAL B 1209 43.17 7.61 72.88
C VAL B 1209 41.88 8.41 72.81
N THR B 1210 41.06 8.18 71.77
CA THR B 1210 39.78 8.92 71.59
C THR B 1210 38.84 8.62 72.76
N TYR B 1211 38.84 7.38 73.26
CA TYR B 1211 37.88 6.99 74.33
C TYR B 1211 38.10 7.88 75.57
N GLN B 1212 37.01 8.38 76.15
CA GLN B 1212 37.11 9.30 77.32
C GLN B 1212 37.51 8.52 78.58
N ASN B 1213 38.19 9.17 79.52
CA ASN B 1213 38.54 8.51 80.81
C ASN B 1213 37.68 9.17 81.90
N ILE B 1214 36.93 8.37 82.67
CA ILE B 1214 36.00 8.96 83.67
C ILE B 1214 36.53 8.70 85.08
N SER B 1215 36.79 9.77 85.86
CA SER B 1215 37.25 9.61 87.26
C SER B 1215 36.06 9.84 88.21
N THR B 1216 34.87 10.13 87.66
CA THR B 1216 33.68 10.42 88.49
C THR B 1216 32.80 9.16 88.57
N ASN B 1217 31.49 9.30 88.38
CA ASN B 1217 30.60 8.11 88.36
C ASN B 1217 30.98 7.25 87.15
N LEU B 1218 30.99 5.92 87.32
CA LEU B 1218 31.38 4.99 86.23
C LEU B 1218 30.17 4.12 85.87
N PRO B 1219 29.93 3.81 84.58
CA PRO B 1219 28.85 2.90 84.20
C PRO B 1219 29.13 1.48 84.72
N PRO B 1220 28.10 0.65 85.01
CA PRO B 1220 28.32 -0.67 85.61
C PRO B 1220 29.23 -1.66 84.86
N PRO B 1221 29.22 -1.81 83.52
CA PRO B 1221 30.19 -2.69 82.85
C PRO B 1221 31.62 -2.33 83.24
N LEU B 1222 31.92 -1.03 83.42
CA LEU B 1222 33.25 -0.60 83.82
C LEU B 1222 33.49 -0.67 85.33
N LEU B 1223 32.43 -0.90 86.12
CA LEU B 1223 32.62 -0.98 87.57
C LEU B 1223 33.14 -2.35 87.95
N GLY B 1224 34.41 -2.57 87.65
CA GLY B 1224 35.06 -3.86 87.87
C GLY B 1224 36.27 -3.69 88.76
N TYR C 18 38.25 19.82 -43.63
CA TYR C 18 39.61 19.41 -43.20
C TYR C 18 40.46 20.67 -42.93
N VAL C 19 40.82 20.90 -41.66
CA VAL C 19 41.65 22.08 -41.30
C VAL C 19 43.02 21.94 -41.98
N ASP C 20 43.53 23.02 -42.58
CA ASP C 20 44.84 22.97 -43.27
C ASP C 20 45.96 22.78 -42.24
N VAL C 21 46.89 21.86 -42.49
CA VAL C 21 48.04 21.63 -41.57
C VAL C 21 49.28 22.28 -42.17
N GLY C 22 49.13 22.98 -43.30
CA GLY C 22 50.29 23.55 -44.01
C GLY C 22 50.89 22.53 -44.97
N PRO C 23 51.94 22.89 -45.74
CA PRO C 23 52.49 21.96 -46.73
C PRO C 23 53.17 20.73 -46.09
N ASP C 24 52.91 19.54 -46.63
CA ASP C 24 53.59 18.31 -46.12
C ASP C 24 55.05 18.32 -46.58
N SER C 25 55.93 17.63 -45.85
CA SER C 25 57.37 17.67 -46.20
C SER C 25 57.59 17.11 -47.61
N VAL C 26 58.46 17.75 -48.40
CA VAL C 26 58.67 17.32 -49.82
C VAL C 26 59.93 16.43 -49.90
N LYS C 27 60.51 16.04 -48.76
CA LYS C 27 61.77 15.26 -48.80
C LYS C 27 61.54 13.96 -49.57
N SER C 28 62.44 13.63 -50.51
CA SER C 28 62.27 12.41 -51.35
C SER C 28 62.32 11.16 -50.47
N ALA C 29 63.23 11.13 -49.48
CA ALA C 29 63.39 9.92 -48.64
C ALA C 29 63.41 10.28 -47.16
N CYS C 30 62.87 9.42 -46.30
CA CYS C 30 62.91 9.64 -44.83
C CYS C 30 64.33 9.39 -44.32
N ILE C 31 64.70 10.00 -43.18
CA ILE C 31 66.05 9.79 -42.59
C ILE C 31 66.17 8.34 -42.12
N GLU C 32 67.34 7.72 -42.26
CA GLU C 32 67.56 6.30 -41.87
C GLU C 32 67.39 6.14 -40.35
N VAL C 33 66.83 5.03 -39.89
CA VAL C 33 66.60 4.80 -38.43
C VAL C 33 67.29 3.50 -38.00
N ASP C 34 68.00 3.53 -36.88
CA ASP C 34 68.70 2.32 -36.35
C ASP C 34 68.11 1.96 -34.99
N ILE C 35 67.79 0.67 -34.78
CA ILE C 35 67.27 0.22 -33.46
C ILE C 35 68.28 -0.72 -32.81
N GLN C 36 68.77 -0.39 -31.61
CA GLN C 36 69.68 -1.33 -30.89
C GLN C 36 69.08 -1.61 -29.50
N GLN C 37 68.70 -2.86 -29.24
CA GLN C 37 68.05 -3.22 -27.95
C GLN C 37 69.04 -3.08 -26.79
N THR C 38 70.30 -3.51 -26.98
CA THR C 38 71.29 -3.52 -25.86
C THR C 38 71.53 -2.09 -25.35
N PHE C 39 71.64 -1.12 -26.26
CA PHE C 39 71.86 0.30 -25.87
C PHE C 39 70.66 0.80 -25.06
N PHE C 40 69.44 0.38 -25.45
CA PHE C 40 68.21 0.86 -24.78
C PHE C 40 67.88 0.02 -23.55
N ASP C 41 68.71 -0.99 -23.23
CA ASP C 41 68.39 -1.89 -22.09
C ASP C 41 68.85 -1.24 -20.78
N LYS C 42 68.16 -0.19 -20.33
CA LYS C 42 68.47 0.47 -19.04
C LYS C 42 67.21 0.40 -18.18
N THR C 43 67.33 -0.03 -16.92
CA THR C 43 66.10 -0.22 -16.09
C THR C 43 66.06 0.80 -14.95
N TRP C 44 64.98 1.59 -14.87
CA TRP C 44 64.80 2.56 -13.75
C TRP C 44 63.38 2.43 -13.21
N PRO C 45 63.03 1.39 -12.43
CA PRO C 45 61.64 1.20 -12.00
C PRO C 45 61.13 2.35 -11.13
N ARG C 46 59.92 2.83 -11.40
CA ARG C 46 59.32 3.95 -10.61
C ARG C 46 57.90 3.58 -10.18
N PRO C 47 57.73 2.82 -9.07
CA PRO C 47 56.39 2.39 -8.64
C PRO C 47 55.51 3.59 -8.25
N ILE C 48 54.22 3.53 -8.61
CA ILE C 48 53.29 4.65 -8.30
C ILE C 48 53.16 4.79 -6.78
N ASP C 49 53.23 6.01 -6.25
CA ASP C 49 52.98 6.19 -4.80
C ASP C 49 51.64 6.91 -4.64
N VAL C 50 50.60 6.19 -4.21
CA VAL C 50 49.25 6.79 -4.00
C VAL C 50 49.31 7.78 -2.83
N SER C 51 50.13 7.47 -1.81
CA SER C 51 50.28 8.40 -0.65
C SER C 51 50.95 9.70 -1.12
N LYS C 52 51.67 9.65 -2.24
CA LYS C 52 52.31 10.87 -2.81
C LYS C 52 51.38 11.51 -3.84
N ALA C 53 50.17 10.94 -4.02
CA ALA C 53 49.18 11.45 -5.00
C ALA C 53 49.79 11.43 -6.41
N ASP C 54 50.55 10.39 -6.74
CA ASP C 54 51.15 10.27 -8.10
C ASP C 54 50.10 9.70 -9.06
N GLY C 55 49.86 10.37 -10.18
CA GLY C 55 48.90 9.88 -11.19
C GLY C 55 47.47 10.21 -10.82
N ILE C 56 47.27 10.95 -9.72
CA ILE C 56 45.89 11.27 -9.25
C ILE C 56 45.31 12.39 -10.13
N ILE C 57 44.06 12.23 -10.56
CA ILE C 57 43.39 13.29 -11.38
C ILE C 57 42.29 13.92 -10.51
N TYR C 58 42.37 15.25 -10.29
CA TYR C 58 41.33 15.95 -9.50
C TYR C 58 40.03 16.00 -10.32
N PRO C 59 38.84 15.78 -9.72
CA PRO C 59 37.59 15.92 -10.47
C PRO C 59 37.39 17.36 -10.96
N GLN C 60 37.12 17.53 -12.25
CA GLN C 60 36.92 18.89 -12.84
C GLN C 60 35.64 19.53 -12.29
N GLY C 61 34.57 18.74 -12.09
CA GLY C 61 33.28 19.32 -11.67
C GLY C 61 33.27 20.00 -10.31
N ARG C 62 33.90 19.40 -9.29
CA ARG C 62 33.77 19.98 -7.92
C ARG C 62 35.09 19.88 -7.13
N THR C 63 35.21 20.68 -6.06
CA THR C 63 36.43 20.66 -5.21
C THR C 63 36.03 20.36 -3.76
N TYR C 64 36.95 19.78 -2.99
CA TYR C 64 36.68 19.46 -1.55
C TYR C 64 37.79 20.11 -0.71
N SER C 65 37.43 20.74 0.42
CA SER C 65 38.46 21.46 1.21
C SER C 65 38.56 20.94 2.65
N ASN C 66 39.77 20.58 3.11
CA ASN C 66 39.99 20.18 4.52
C ASN C 66 39.07 19.02 4.92
N ILE C 67 38.83 18.06 4.02
CA ILE C 67 37.97 16.88 4.34
C ILE C 67 38.61 15.61 3.76
N THR C 68 38.26 14.44 4.29
CA THR C 68 38.78 13.15 3.73
C THR C 68 37.60 12.27 3.34
N ILE C 69 37.56 11.79 2.08
CA ILE C 69 36.43 10.95 1.58
C ILE C 69 36.97 9.88 0.64
N THR C 70 36.21 8.79 0.41
CA THR C 70 36.64 7.78 -0.59
C THR C 70 35.97 8.11 -1.92
N TYR C 71 36.77 8.29 -2.98
CA TYR C 71 36.19 8.69 -4.30
C TYR C 71 36.58 7.68 -5.38
N GLN C 72 35.60 7.22 -6.17
CA GLN C 72 35.89 6.28 -7.28
C GLN C 72 36.32 7.09 -8.51
N GLY C 73 37.50 6.78 -9.07
CA GLY C 73 38.00 7.49 -10.27
C GLY C 73 39.00 6.64 -11.03
N LEU C 74 39.34 7.03 -12.25
CA LEU C 74 40.38 6.31 -13.03
C LEU C 74 41.75 6.64 -12.43
N PHE C 75 42.38 5.67 -11.75
CA PHE C 75 43.68 5.93 -11.07
C PHE C 75 44.68 4.82 -11.41
N PRO C 76 46.00 5.10 -11.46
CA PRO C 76 47.00 4.05 -11.69
C PRO C 76 47.19 3.11 -10.49
N TYR C 77 47.55 1.86 -10.74
CA TYR C 77 47.76 0.87 -9.64
C TYR C 77 48.94 1.29 -8.76
N GLN C 78 48.82 1.11 -7.44
CA GLN C 78 49.92 1.45 -6.51
C GLN C 78 51.09 0.48 -6.72
N GLY C 79 52.32 0.95 -6.50
CA GLY C 79 53.51 0.08 -6.63
C GLY C 79 53.64 -0.52 -8.02
N ASP C 80 53.28 0.26 -9.05
CA ASP C 80 53.44 -0.22 -10.45
C ASP C 80 54.51 0.61 -11.14
N HIS C 81 55.57 -0.04 -11.62
CA HIS C 81 56.64 0.68 -12.38
C HIS C 81 56.03 1.25 -13.66
N GLY C 82 55.14 0.48 -14.30
CA GLY C 82 54.46 0.95 -15.52
C GLY C 82 55.30 0.71 -16.76
N ASP C 83 54.75 0.99 -17.94
CA ASP C 83 55.53 0.86 -19.19
C ASP C 83 56.64 1.92 -19.17
N MET C 84 57.87 1.54 -19.52
CA MET C 84 58.99 2.51 -19.43
C MET C 84 59.51 2.83 -20.84
N TYR C 85 59.45 4.10 -21.22
CA TYR C 85 60.00 4.52 -22.54
C TYR C 85 60.98 5.66 -22.30
N VAL C 86 62.20 5.55 -22.83
CA VAL C 86 63.20 6.64 -22.68
C VAL C 86 63.61 7.12 -24.08
N TYR C 87 63.56 8.42 -24.35
CA TYR C 87 64.02 8.95 -25.65
C TYR C 87 65.55 8.96 -25.70
N SER C 88 66.14 8.70 -26.87
CA SER C 88 67.63 8.61 -26.97
C SER C 88 68.15 9.46 -28.13
N ALA C 89 69.37 9.98 -28.00
CA ALA C 89 69.98 10.79 -29.08
C ALA C 89 70.33 9.90 -30.28
N GLY C 90 70.21 10.44 -31.49
CA GLY C 90 70.57 9.70 -32.72
C GLY C 90 72.07 9.54 -32.88
N HIS C 91 72.51 8.52 -33.62
CA HIS C 91 73.96 8.26 -33.80
C HIS C 91 74.62 9.46 -34.49
N ALA C 92 75.83 9.83 -34.05
CA ALA C 92 76.54 10.98 -34.65
C ALA C 92 77.67 10.47 -35.57
N THR C 93 77.58 10.77 -36.86
CA THR C 93 78.66 10.40 -37.81
C THR C 93 79.19 11.66 -38.48
N GLY C 94 80.50 11.92 -38.39
CA GLY C 94 81.07 13.15 -38.96
C GLY C 94 80.74 14.37 -38.10
N THR C 95 80.94 15.57 -38.65
CA THR C 95 80.63 16.82 -37.90
C THR C 95 79.12 16.90 -37.61
N THR C 96 78.29 16.53 -38.60
CA THR C 96 76.82 16.58 -38.43
C THR C 96 76.25 15.17 -38.47
N PRO C 97 75.46 14.69 -37.46
CA PRO C 97 75.01 13.27 -37.37
C PRO C 97 73.99 12.74 -38.38
N GLN C 98 74.44 12.12 -39.48
CA GLN C 98 73.51 11.62 -40.52
C GLN C 98 72.59 10.54 -39.96
N LYS C 99 73.13 9.62 -39.13
CA LYS C 99 72.32 8.48 -38.62
C LYS C 99 71.32 8.92 -37.54
N LEU C 100 70.20 8.19 -37.40
CA LEU C 100 69.21 8.48 -36.33
C LEU C 100 69.03 7.21 -35.49
N PHE C 101 69.06 7.31 -34.16
CA PHE C 101 68.99 6.10 -33.30
C PHE C 101 67.79 6.18 -32.34
N VAL C 102 66.83 5.25 -32.46
CA VAL C 102 65.69 5.20 -31.49
C VAL C 102 65.23 3.74 -31.38
N ALA C 103 64.59 3.38 -30.26
CA ALA C 103 64.01 2.02 -30.11
C ALA C 103 62.71 1.95 -30.92
N ASN C 104 62.22 0.74 -31.20
CA ASN C 104 60.98 0.59 -32.01
C ASN C 104 59.75 0.78 -31.11
N TYR C 105 59.60 1.96 -30.52
CA TYR C 105 58.41 2.28 -29.69
C TYR C 105 57.16 2.26 -30.57
N SER C 106 57.28 2.76 -31.80
CA SER C 106 56.13 2.82 -32.74
C SER C 106 55.60 1.42 -33.04
N GLN C 107 56.49 0.45 -33.25
CA GLN C 107 56.07 -0.93 -33.59
C GLN C 107 55.26 -1.50 -32.43
N ASP C 108 55.69 -1.22 -31.19
CA ASP C 108 54.97 -1.71 -30.00
C ASP C 108 53.57 -1.10 -29.97
N VAL C 109 52.54 -1.91 -29.70
CA VAL C 109 51.14 -1.40 -29.61
C VAL C 109 50.60 -1.75 -28.22
N LYS C 110 50.02 -0.76 -27.52
CA LYS C 110 49.43 -1.01 -26.18
C LYS C 110 47.95 -0.61 -26.23
N GLN C 111 47.07 -1.38 -25.58
CA GLN C 111 45.63 -1.08 -25.58
C GLN C 111 45.38 0.25 -24.86
N PHE C 112 44.60 1.15 -25.45
CA PHE C 112 44.27 2.46 -24.81
C PHE C 112 43.47 2.22 -23.53
N ALA C 113 42.54 1.26 -23.56
CA ALA C 113 41.70 0.94 -22.38
C ALA C 113 40.96 2.19 -21.90
N ASN C 114 41.05 2.52 -20.60
CA ASN C 114 40.34 3.69 -20.04
C ASN C 114 41.22 4.94 -20.16
N GLY C 115 42.43 4.79 -20.67
CA GLY C 115 43.36 5.92 -20.77
C GLY C 115 44.61 5.67 -19.94
N PHE C 116 45.60 6.57 -20.03
CA PHE C 116 46.88 6.34 -19.32
C PHE C 116 47.42 7.66 -18.72
N VAL C 117 48.17 7.57 -17.62
CA VAL C 117 48.79 8.77 -17.00
C VAL C 117 50.31 8.67 -17.17
N VAL C 118 50.97 9.77 -17.52
CA VAL C 118 52.42 9.69 -17.83
C VAL C 118 53.24 10.56 -16.86
N ARG C 119 54.31 10.01 -16.28
CA ARG C 119 55.20 10.82 -15.41
C ARG C 119 56.19 11.52 -16.34
N ILE C 120 56.29 12.85 -16.28
CA ILE C 120 57.18 13.60 -17.23
C ILE C 120 58.33 14.24 -16.44
N GLY C 121 59.56 14.11 -16.94
CA GLY C 121 60.74 14.70 -16.27
C GLY C 121 60.91 14.19 -14.84
N ALA C 122 60.65 12.89 -14.64
CA ALA C 122 60.81 12.28 -13.29
C ALA C 122 62.29 12.32 -12.87
N ALA C 123 63.21 12.05 -13.79
CA ALA C 123 64.66 12.00 -13.45
C ALA C 123 65.33 13.33 -13.81
N ALA C 124 64.56 14.35 -14.21
CA ALA C 124 65.15 15.64 -14.64
C ALA C 124 65.90 16.32 -13.50
N ASN C 125 66.99 17.03 -13.80
CA ASN C 125 67.80 17.77 -12.79
C ASN C 125 68.75 16.81 -12.06
N SER C 126 68.85 15.56 -12.51
CA SER C 126 69.82 14.61 -11.89
C SER C 126 70.79 14.12 -12.97
N THR C 127 72.10 14.16 -12.71
CA THR C 127 73.08 13.79 -13.76
C THR C 127 72.90 12.30 -14.09
N GLY C 128 72.88 11.97 -15.39
CA GLY C 128 72.73 10.56 -15.82
C GLY C 128 73.51 10.27 -17.09
N THR C 129 73.91 9.02 -17.31
CA THR C 129 74.60 8.65 -18.57
C THR C 129 73.60 8.71 -19.74
N VAL C 130 74.06 9.16 -20.91
CA VAL C 130 73.17 9.19 -22.12
C VAL C 130 72.91 7.74 -22.54
N ILE C 131 71.70 7.45 -23.04
CA ILE C 131 71.33 6.05 -23.42
C ILE C 131 72.26 5.58 -24.55
N ILE C 132 72.45 6.42 -25.56
CA ILE C 132 73.34 6.04 -26.71
C ILE C 132 74.79 5.92 -26.25
N SER C 133 75.27 6.85 -25.40
CA SER C 133 76.70 6.80 -25.01
C SER C 133 76.85 6.52 -23.51
N PRO C 134 77.34 5.33 -23.10
CA PRO C 134 77.58 5.03 -21.69
C PRO C 134 78.67 5.95 -21.13
N SER C 135 79.72 6.20 -21.89
CA SER C 135 80.87 7.03 -21.41
C SER C 135 80.40 8.46 -21.12
N THR C 136 79.56 9.03 -21.98
CA THR C 136 79.15 10.45 -21.80
C THR C 136 78.11 10.55 -20.66
N SER C 137 78.33 11.45 -19.72
CA SER C 137 77.33 11.69 -18.63
C SER C 137 76.96 13.16 -18.61
N ALA C 138 75.65 13.47 -18.64
CA ALA C 138 75.19 14.88 -18.62
C ALA C 138 74.01 15.01 -17.66
N THR C 139 73.76 16.20 -17.12
CA THR C 139 72.57 16.39 -16.25
C THR C 139 71.33 16.09 -17.10
N ILE C 140 70.39 15.30 -16.57
CA ILE C 140 69.21 14.90 -17.38
C ILE C 140 68.37 16.15 -17.68
N ARG C 141 67.90 16.28 -18.92
CA ARG C 141 67.07 17.44 -19.32
C ARG C 141 65.64 16.94 -19.55
N LYS C 142 64.65 17.64 -18.99
CA LYS C 142 63.25 17.18 -19.11
C LYS C 142 62.86 17.14 -20.59
N ILE C 143 62.26 16.03 -21.04
CA ILE C 143 61.84 15.90 -22.46
C ILE C 143 60.32 15.66 -22.47
N TYR C 144 59.66 15.85 -23.60
CA TYR C 144 58.18 15.71 -23.64
C TYR C 144 57.80 14.47 -24.45
N PRO C 145 56.95 13.58 -23.89
CA PRO C 145 56.56 12.34 -24.57
C PRO C 145 55.66 12.53 -25.80
N ALA C 146 55.78 11.64 -26.79
CA ALA C 146 54.96 11.73 -28.01
C ALA C 146 54.04 10.50 -28.09
N PHE C 147 52.74 10.71 -28.31
CA PHE C 147 51.77 9.57 -28.31
C PHE C 147 51.00 9.52 -29.63
N MET C 148 50.92 8.35 -30.25
CA MET C 148 50.09 8.19 -31.48
C MET C 148 48.95 7.22 -31.12
N LEU C 149 47.70 7.66 -31.24
CA LEU C 149 46.56 6.80 -30.80
C LEU C 149 45.64 6.50 -31.99
N GLY C 150 45.36 5.23 -32.25
CA GLY C 150 44.52 4.86 -33.40
C GLY C 150 43.32 4.02 -33.00
N SER C 151 42.14 4.36 -33.50
CA SER C 151 40.91 3.60 -33.17
C SER C 151 41.05 2.16 -33.67
N SER C 152 41.60 1.98 -34.88
CA SER C 152 41.78 0.62 -35.46
C SER C 152 43.25 0.41 -35.81
N VAL C 153 43.83 -0.74 -35.43
CA VAL C 153 45.24 -1.06 -35.79
C VAL C 153 45.33 -1.28 -37.30
N GLY C 154 46.44 -0.88 -37.93
CA GLY C 154 46.62 -1.09 -39.37
C GLY C 154 47.96 -1.75 -39.67
N ASN C 155 47.98 -2.69 -40.61
CA ASN C 155 49.28 -3.29 -41.03
C ASN C 155 50.05 -2.27 -41.87
N PHE C 156 51.39 -2.23 -41.74
CA PHE C 156 52.21 -1.33 -42.59
C PHE C 156 52.29 -1.91 -44.00
N SER C 157 52.77 -1.13 -44.96
CA SER C 157 52.95 -1.65 -46.34
C SER C 157 53.94 -2.82 -46.31
N ASP C 158 54.99 -2.72 -45.48
CA ASP C 158 55.97 -3.83 -45.33
C ASP C 158 55.44 -4.87 -44.34
N GLY C 159 54.27 -4.61 -43.73
CA GLY C 159 53.65 -5.59 -42.82
C GLY C 159 54.06 -5.42 -41.37
N LYS C 160 54.84 -4.37 -41.06
CA LYS C 160 55.20 -4.09 -39.64
C LYS C 160 53.99 -3.59 -38.85
N MET C 161 53.96 -3.82 -37.54
CA MET C 161 52.85 -3.34 -36.68
C MET C 161 53.08 -1.89 -36.27
N GLY C 162 52.08 -1.25 -35.65
CA GLY C 162 52.21 0.13 -35.16
C GLY C 162 51.51 1.15 -36.04
N ARG C 163 51.15 0.78 -37.28
CA ARG C 163 50.35 1.71 -38.12
C ARG C 163 48.91 1.72 -37.59
N PHE C 164 48.19 2.83 -37.75
CA PHE C 164 46.76 2.85 -37.35
C PHE C 164 45.89 3.19 -38.55
N PHE C 165 44.89 2.34 -38.84
CA PHE C 165 43.97 2.58 -39.98
C PHE C 165 42.99 3.71 -39.65
N ASN C 166 42.47 4.40 -40.67
CA ASN C 166 41.47 5.50 -40.49
C ASN C 166 42.12 6.69 -39.79
N HIS C 167 41.30 7.57 -39.21
CA HIS C 167 41.83 8.78 -38.51
C HIS C 167 42.67 8.35 -37.31
N THR C 168 43.82 9.00 -37.11
CA THR C 168 44.71 8.66 -35.98
C THR C 168 44.98 9.93 -35.16
N LEU C 169 44.78 9.87 -33.84
CA LEU C 169 45.04 11.04 -32.97
C LEU C 169 46.55 11.09 -32.68
N VAL C 170 47.21 12.20 -33.01
CA VAL C 170 48.68 12.27 -32.84
C VAL C 170 49.02 13.43 -31.89
N LEU C 171 49.75 13.15 -30.80
CA LEU C 171 50.20 14.24 -29.90
C LEU C 171 51.73 14.33 -30.10
N LEU C 172 52.22 15.47 -30.58
CA LEU C 172 53.67 15.57 -30.89
C LEU C 172 54.29 16.77 -30.18
N PRO C 173 55.42 16.62 -29.45
CA PRO C 173 56.10 17.77 -28.85
C PRO C 173 56.65 18.61 -30.01
N ASP C 174 56.51 19.92 -29.92
CA ASP C 174 56.95 20.81 -31.04
C ASP C 174 57.74 21.98 -30.47
N GLY C 175 58.66 22.55 -31.26
CA GLY C 175 59.48 23.67 -30.78
C GLY C 175 60.23 23.32 -29.50
N CYS C 176 60.80 22.12 -29.43
CA CYS C 176 61.57 21.67 -28.24
C CYS C 176 60.68 21.71 -27.00
N GLY C 177 59.41 21.31 -27.12
CA GLY C 177 58.51 21.23 -25.96
C GLY C 177 57.85 22.56 -25.62
N THR C 178 58.05 23.60 -26.45
CA THR C 178 57.33 24.88 -26.22
C THR C 178 55.83 24.66 -26.36
N LEU C 179 55.41 23.83 -27.32
CA LEU C 179 53.96 23.58 -27.55
C LEU C 179 53.70 22.10 -27.80
N LEU C 180 52.48 21.64 -27.54
CA LEU C 180 52.10 20.24 -27.85
C LEU C 180 51.02 20.29 -28.93
N ARG C 181 51.20 19.58 -30.04
CA ARG C 181 50.22 19.68 -31.16
C ARG C 181 49.34 18.42 -31.18
N ALA C 182 48.02 18.60 -31.08
CA ALA C 182 47.09 17.46 -31.08
C ALA C 182 46.17 17.53 -32.31
N PHE C 183 46.14 16.47 -33.11
CA PHE C 183 45.25 16.45 -34.31
C PHE C 183 44.72 15.03 -34.55
N TYR C 184 43.47 14.91 -35.02
CA TYR C 184 42.94 13.57 -35.39
C TYR C 184 43.04 13.50 -36.91
N CYS C 185 43.96 12.67 -37.44
CA CYS C 185 44.18 12.71 -38.91
C CYS C 185 44.48 11.32 -39.48
N ILE C 186 43.99 11.04 -40.69
CA ILE C 186 44.35 9.76 -41.36
C ILE C 186 45.84 9.84 -41.71
N LEU C 187 46.59 8.75 -41.50
CA LEU C 187 48.06 8.79 -41.75
C LEU C 187 48.39 7.94 -42.98
N GLU C 188 49.09 8.53 -43.95
CA GLU C 188 49.44 7.80 -45.20
C GLU C 188 50.95 7.54 -45.22
N PRO C 189 51.46 6.28 -45.28
CA PRO C 189 52.91 6.05 -45.39
C PRO C 189 53.49 6.62 -46.70
N ARG C 190 54.56 7.41 -46.61
CA ARG C 190 55.23 7.95 -47.83
C ARG C 190 56.00 6.83 -48.54
N SER C 191 56.18 6.94 -49.86
CA SER C 191 56.84 5.86 -50.65
C SER C 191 58.36 6.03 -50.65
N GLY C 192 58.88 7.06 -49.98
CA GLY C 192 60.34 7.31 -49.96
C GLY C 192 61.09 6.27 -49.15
N ASN C 193 62.41 6.13 -49.40
CA ASN C 193 63.23 5.13 -48.66
C ASN C 193 63.23 5.48 -47.17
N HIS C 194 63.12 4.48 -46.30
CA HIS C 194 63.11 4.68 -44.81
C HIS C 194 61.73 5.16 -44.36
N CYS C 195 60.75 5.23 -45.28
CA CYS C 195 59.36 5.58 -44.91
C CYS C 195 58.56 4.28 -44.96
N PRO C 196 57.42 4.12 -44.26
CA PRO C 196 56.75 2.80 -44.20
C PRO C 196 56.34 2.18 -45.54
N ALA C 197 55.77 2.96 -46.47
CA ALA C 197 55.46 2.41 -47.81
C ALA C 197 56.75 2.06 -48.54
N GLY C 198 57.80 2.89 -48.37
CA GLY C 198 59.08 2.67 -49.07
C GLY C 198 59.77 1.39 -48.64
N ASN C 199 60.49 0.74 -49.58
CA ASN C 199 61.23 -0.51 -49.27
C ASN C 199 62.49 -0.19 -48.46
N SER C 200 63.12 -1.20 -47.86
CA SER C 200 64.34 -0.99 -47.01
C SER C 200 64.01 -0.05 -45.84
N TYR C 201 62.82 -0.22 -45.24
CA TYR C 201 62.43 0.61 -44.06
C TYR C 201 62.48 -0.27 -42.81
N THR C 202 63.25 0.13 -41.82
CA THR C 202 63.30 -0.63 -40.54
C THR C 202 62.36 0.03 -39.53
N SER C 203 62.39 1.35 -39.43
CA SER C 203 61.50 2.09 -38.50
C SER C 203 61.34 3.53 -38.98
N PHE C 204 60.29 4.23 -38.52
CA PHE C 204 60.13 5.66 -38.87
C PHE C 204 60.37 6.46 -37.58
N ALA C 205 61.28 7.43 -37.59
CA ALA C 205 61.58 8.17 -36.34
C ALA C 205 61.58 9.68 -36.58
N THR C 206 60.73 10.42 -35.87
CA THR C 206 60.77 11.90 -35.98
C THR C 206 62.14 12.37 -35.50
N TYR C 207 62.77 13.30 -36.23
CA TYR C 207 64.15 13.72 -35.85
C TYR C 207 64.15 15.19 -35.43
N HIS C 208 64.78 15.48 -34.29
CA HIS C 208 64.83 16.86 -33.77
C HIS C 208 66.30 17.28 -33.64
N THR C 209 66.67 18.45 -34.18
CA THR C 209 68.05 18.96 -33.98
C THR C 209 67.93 20.15 -33.01
N PRO C 210 68.63 20.14 -31.86
CA PRO C 210 68.43 21.20 -30.86
C PRO C 210 68.77 22.60 -31.40
N ALA C 211 69.87 22.73 -32.15
CA ALA C 211 70.27 24.08 -32.62
C ALA C 211 69.22 24.63 -33.58
N THR C 212 68.78 23.83 -34.56
CA THR C 212 67.80 24.31 -35.57
C THR C 212 66.43 24.51 -34.92
N ASP C 213 65.92 23.49 -34.21
CA ASP C 213 64.57 23.56 -33.59
C ASP C 213 64.54 24.67 -32.54
N CYS C 214 65.63 24.84 -31.77
CA CYS C 214 65.64 25.85 -30.67
C CYS C 214 66.84 26.77 -30.82
N SER C 215 66.83 27.66 -31.82
CA SER C 215 67.92 28.66 -31.96
C SER C 215 67.77 29.71 -30.87
N ASP C 216 68.87 30.35 -30.46
CA ASP C 216 68.77 31.44 -29.45
C ASP C 216 67.91 32.57 -30.02
N GLY C 217 68.11 32.92 -31.30
CA GLY C 217 67.34 33.99 -31.94
C GLY C 217 65.85 33.67 -32.05
N ASN C 218 65.51 32.44 -32.44
CA ASN C 218 64.08 32.08 -32.65
C ASN C 218 63.89 30.57 -32.49
N TYR C 219 62.66 30.12 -32.20
CA TYR C 219 62.37 28.67 -32.06
C TYR C 219 61.55 28.22 -33.27
N ASN C 220 61.96 27.13 -33.92
CA ASN C 220 61.18 26.60 -35.07
C ASN C 220 60.11 25.64 -34.52
N ARG C 221 58.89 26.13 -34.34
CA ARG C 221 57.78 25.32 -33.78
C ARG C 221 57.41 24.20 -34.76
N ASN C 222 57.40 24.48 -36.06
CA ASN C 222 56.93 23.46 -37.05
C ASN C 222 58.05 22.50 -37.48
N ALA C 223 59.28 22.68 -37.00
CA ALA C 223 60.38 21.81 -37.47
C ALA C 223 60.10 20.36 -37.11
N SER C 224 59.62 20.10 -35.89
CA SER C 224 59.26 18.72 -35.48
C SER C 224 58.08 18.22 -36.32
N LEU C 225 57.10 19.09 -36.58
CA LEU C 225 55.92 18.71 -37.40
C LEU C 225 56.39 18.33 -38.81
N ASN C 226 57.34 19.10 -39.36
CA ASN C 226 57.85 18.83 -40.74
C ASN C 226 58.52 17.45 -40.78
N SER C 227 59.28 17.10 -39.74
CA SER C 227 59.91 15.76 -39.69
C SER C 227 58.83 14.67 -39.66
N PHE C 228 57.77 14.89 -38.89
CA PHE C 228 56.64 13.92 -38.83
C PHE C 228 56.00 13.80 -40.22
N LYS C 229 55.90 14.92 -40.94
CA LYS C 229 55.25 14.92 -42.28
C LYS C 229 56.00 14.01 -43.25
N GLU C 230 57.34 13.98 -43.19
CA GLU C 230 58.09 13.03 -44.05
C GLU C 230 57.70 11.59 -43.70
N TYR C 231 57.68 11.26 -42.41
CA TYR C 231 57.40 9.85 -42.00
C TYR C 231 55.96 9.46 -42.32
N PHE C 232 55.00 10.34 -42.02
CA PHE C 232 53.57 10.05 -42.36
C PHE C 232 52.94 11.24 -43.05
N ASN C 233 52.32 11.03 -44.22
CA ASN C 233 51.59 12.13 -44.89
C ASN C 233 50.33 12.42 -44.07
N LEU C 234 49.95 13.69 -43.95
CA LEU C 234 48.75 14.06 -43.17
C LEU C 234 47.58 14.23 -44.15
N ARG C 235 46.56 13.39 -44.05
CA ARG C 235 45.44 13.43 -45.03
C ARG C 235 44.11 13.71 -44.35
N ASN C 236 43.40 14.77 -44.77
CA ASN C 236 42.04 15.06 -44.23
C ASN C 236 42.05 15.13 -42.70
N CYS C 237 43.01 15.84 -42.11
CA CYS C 237 43.00 16.00 -40.63
C CYS C 237 41.72 16.75 -40.24
N THR C 238 40.96 16.21 -39.28
CA THR C 238 39.67 16.84 -38.88
C THR C 238 39.92 18.21 -38.24
N PHE C 239 40.94 18.32 -37.38
CA PHE C 239 41.18 19.60 -36.65
C PHE C 239 42.67 19.74 -36.34
N MET C 240 43.14 20.97 -36.10
CA MET C 240 44.55 21.18 -35.65
C MET C 240 44.52 22.00 -34.37
N TYR C 241 45.13 21.48 -33.29
CA TYR C 241 45.13 22.20 -31.98
C TYR C 241 46.56 22.35 -31.47
N THR C 242 46.94 23.57 -31.05
CA THR C 242 48.29 23.77 -30.46
C THR C 242 48.13 24.24 -29.02
N TYR C 243 48.80 23.58 -28.07
CA TYR C 243 48.72 23.99 -26.64
C TYR C 243 50.11 24.41 -26.18
N ASN C 244 50.25 25.64 -25.67
CA ASN C 244 51.59 26.15 -25.30
C ASN C 244 51.98 25.65 -23.91
N ILE C 245 53.17 25.06 -23.79
CA ILE C 245 53.66 24.57 -22.47
C ILE C 245 54.94 25.35 -22.13
N THR C 246 54.98 26.00 -20.97
CA THR C 246 56.22 26.72 -20.56
C THR C 246 57.34 25.69 -20.36
N GLU C 247 58.54 25.98 -20.88
CA GLU C 247 59.67 25.04 -20.69
C GLU C 247 60.08 25.07 -19.20
N ASP C 248 60.25 23.89 -18.60
CA ASP C 248 60.62 23.80 -17.15
C ASP C 248 61.29 22.44 -16.90
N GLU C 249 62.03 22.30 -15.81
CA GLU C 249 62.62 20.99 -15.45
C GLU C 249 61.78 20.35 -14.33
N ILE C 250 60.69 21.03 -13.92
CA ILE C 250 59.83 20.53 -12.79
C ILE C 250 59.06 19.28 -13.27
N LEU C 251 58.75 18.36 -12.34
CA LEU C 251 58.00 17.13 -12.69
C LEU C 251 56.62 17.51 -13.22
N GLU C 252 56.15 16.82 -14.27
CA GLU C 252 54.83 17.14 -14.88
C GLU C 252 54.05 15.83 -15.06
N TRP C 253 52.72 15.89 -15.07
CA TRP C 253 51.89 14.68 -15.31
C TRP C 253 50.97 14.90 -16.51
N PHE C 254 50.95 13.98 -17.47
CA PHE C 254 50.00 14.11 -18.60
C PHE C 254 49.07 12.88 -18.65
N GLY C 255 47.76 13.11 -18.64
CA GLY C 255 46.80 12.01 -18.73
C GLY C 255 45.84 12.20 -19.89
N ILE C 256 45.64 11.17 -20.72
CA ILE C 256 44.64 11.26 -21.82
C ILE C 256 43.59 10.17 -21.63
N THR C 257 42.30 10.53 -21.65
CA THR C 257 41.20 9.54 -21.48
C THR C 257 40.16 9.79 -22.57
N GLN C 258 39.35 8.78 -22.90
CA GLN C 258 38.27 8.93 -23.90
C GLN C 258 36.93 9.08 -23.16
N THR C 259 36.18 10.16 -23.45
CA THR C 259 34.86 10.38 -22.81
C THR C 259 33.83 10.64 -23.92
N ALA C 260 32.53 10.51 -23.60
CA ALA C 260 31.47 10.68 -24.62
C ALA C 260 31.54 12.10 -25.19
N GLN C 261 31.79 13.10 -24.34
CA GLN C 261 31.93 14.50 -24.82
C GLN C 261 33.13 14.57 -25.77
N GLY C 262 34.23 13.93 -25.42
CA GLY C 262 35.41 13.88 -26.30
C GLY C 262 36.64 13.37 -25.55
N VAL C 263 37.78 13.28 -26.23
CA VAL C 263 39.04 12.90 -25.51
C VAL C 263 39.40 14.04 -24.57
N HIS C 264 39.84 13.73 -23.34
CA HIS C 264 40.17 14.78 -22.34
C HIS C 264 41.66 14.73 -22.04
N LEU C 265 42.34 15.88 -22.11
CA LEU C 265 43.81 15.92 -21.81
C LEU C 265 44.00 16.60 -20.46
N PHE C 266 44.69 15.93 -19.53
CA PHE C 266 44.91 16.49 -18.18
C PHE C 266 46.41 16.75 -17.98
N SER C 267 46.79 17.98 -17.61
CA SER C 267 48.21 18.26 -17.32
C SER C 267 48.36 18.87 -15.92
N SER C 268 49.27 18.34 -15.11
CA SER C 268 49.51 18.86 -13.74
C SER C 268 50.06 20.29 -13.81
N ARG C 269 50.91 20.58 -14.79
CA ARG C 269 51.60 21.91 -14.84
C ARG C 269 50.61 23.08 -14.92
N TYR C 270 49.50 22.94 -15.64
CA TYR C 270 48.60 24.09 -15.86
C TYR C 270 48.03 24.63 -14.53
N VAL C 271 47.59 23.74 -13.61
CA VAL C 271 46.95 24.25 -12.37
C VAL C 271 47.82 23.95 -11.14
N ASP C 272 48.29 22.72 -10.99
CA ASP C 272 49.06 22.35 -9.75
C ASP C 272 50.37 21.68 -10.14
N LEU C 273 51.32 22.45 -10.69
CA LEU C 273 52.61 21.87 -11.15
C LEU C 273 53.37 21.27 -9.96
N TYR C 274 53.44 22.01 -8.85
CA TYR C 274 54.18 21.54 -7.64
C TYR C 274 53.46 20.33 -7.04
N GLY C 275 52.13 20.39 -6.94
CA GLY C 275 51.34 19.29 -6.35
C GLY C 275 51.40 18.03 -7.18
N GLY C 276 51.37 18.16 -8.51
CA GLY C 276 51.34 16.98 -9.40
C GLY C 276 49.91 16.52 -9.63
N ASN C 277 48.93 17.20 -9.03
CA ASN C 277 47.50 16.87 -9.27
C ASN C 277 47.18 17.21 -10.74
N MET C 278 46.43 16.36 -11.43
CA MET C 278 46.19 16.59 -12.88
C MET C 278 44.85 17.31 -13.09
N PHE C 279 44.88 18.41 -13.83
CA PHE C 279 43.64 19.18 -14.13
C PHE C 279 43.48 19.29 -15.65
N GLN C 280 42.27 19.06 -16.15
CA GLN C 280 42.06 19.06 -17.63
C GLN C 280 42.39 20.46 -18.17
N PHE C 281 43.23 20.52 -19.21
CA PHE C 281 43.57 21.83 -19.83
C PHE C 281 43.05 21.86 -21.27
N ALA C 282 42.87 20.70 -21.88
CA ALA C 282 42.46 20.66 -23.31
C ALA C 282 41.31 19.68 -23.53
N THR C 283 40.42 20.00 -24.47
CA THR C 283 39.32 19.07 -24.84
C THR C 283 39.43 18.76 -26.34
N LEU C 284 39.42 17.48 -26.71
CA LEU C 284 39.48 17.10 -28.15
C LEU C 284 38.10 16.57 -28.57
N PRO C 285 37.51 17.06 -29.68
CA PRO C 285 36.22 16.57 -30.14
C PRO C 285 36.39 15.28 -30.96
N VAL C 286 36.77 14.19 -30.29
CA VAL C 286 36.89 12.87 -30.98
C VAL C 286 35.72 12.00 -30.52
N TYR C 287 34.86 11.58 -31.45
CA TYR C 287 33.66 10.78 -31.08
C TYR C 287 33.89 9.31 -31.41
N ASP C 288 35.11 8.97 -31.84
CA ASP C 288 35.45 7.55 -32.16
C ASP C 288 36.36 7.01 -31.06
N THR C 289 35.95 5.92 -30.40
CA THR C 289 36.75 5.36 -29.29
C THR C 289 38.10 4.87 -29.82
N ILE C 290 39.19 5.16 -29.10
CA ILE C 290 40.54 4.67 -29.53
C ILE C 290 40.83 3.41 -28.73
N LYS C 291 41.10 2.30 -29.41
CA LYS C 291 41.33 1.00 -28.70
C LYS C 291 42.82 0.70 -28.64
N TYR C 292 43.63 1.36 -29.48
CA TYR C 292 45.08 1.03 -29.54
C TYR C 292 45.91 2.32 -29.57
N TYR C 293 47.10 2.30 -28.95
CA TYR C 293 48.00 3.48 -29.00
C TYR C 293 49.45 3.02 -29.17
N SER C 294 50.30 3.88 -29.74
CA SER C 294 51.74 3.56 -29.89
C SER C 294 52.55 4.79 -29.45
N ILE C 295 53.81 4.59 -29.06
CA ILE C 295 54.67 5.74 -28.67
C ILE C 295 55.47 6.18 -29.90
N ILE C 296 55.37 7.46 -30.28
CA ILE C 296 56.18 7.95 -31.44
C ILE C 296 57.63 8.02 -30.99
N PRO C 297 58.59 7.42 -31.72
CA PRO C 297 60.01 7.53 -31.38
C PRO C 297 60.54 8.95 -31.64
N HIS C 298 61.39 9.44 -30.74
CA HIS C 298 61.97 10.81 -30.88
C HIS C 298 63.49 10.71 -31.04
N SER C 299 64.05 11.36 -32.07
CA SER C 299 65.51 11.25 -32.32
C SER C 299 66.20 12.60 -32.13
N ILE C 300 67.31 12.62 -31.38
CA ILE C 300 68.08 13.87 -31.15
C ILE C 300 69.45 13.73 -31.79
N ARG C 301 69.90 14.72 -32.56
CA ARG C 301 71.23 14.66 -33.22
C ARG C 301 72.19 15.60 -32.49
N SER C 302 73.30 15.06 -31.99
CA SER C 302 74.28 15.89 -31.24
C SER C 302 75.66 15.21 -31.29
N ILE C 303 76.73 15.97 -31.00
CA ILE C 303 78.09 15.37 -30.94
C ILE C 303 78.18 14.54 -29.66
N GLN C 304 79.15 13.62 -29.54
CA GLN C 304 79.20 12.73 -28.36
C GLN C 304 78.98 13.54 -27.07
N SER C 305 79.79 14.59 -26.86
CA SER C 305 79.66 15.44 -25.64
C SER C 305 78.31 16.17 -25.61
N ASP C 306 77.83 16.65 -26.76
CA ASP C 306 76.57 17.42 -26.81
C ASP C 306 75.39 16.55 -26.34
N ARG C 307 75.41 15.25 -26.66
CA ARG C 307 74.26 14.37 -26.31
C ARG C 307 74.00 14.46 -24.81
N LYS C 308 72.73 14.57 -24.41
CA LYS C 308 72.37 14.69 -22.98
C LYS C 308 71.39 13.57 -22.63
N ALA C 309 71.45 13.07 -21.40
CA ALA C 309 70.50 12.03 -20.96
C ALA C 309 69.08 12.61 -20.97
N TRP C 310 68.10 11.81 -21.39
CA TRP C 310 66.68 12.28 -21.42
C TRP C 310 65.88 11.49 -20.39
N ALA C 311 65.06 12.18 -19.58
CA ALA C 311 64.34 11.49 -18.49
C ALA C 311 63.40 10.43 -19.09
N ALA C 312 63.40 9.23 -18.52
CA ALA C 312 62.47 8.17 -19.00
C ALA C 312 61.05 8.60 -18.63
N PHE C 313 60.09 8.37 -19.52
CA PHE C 313 58.67 8.67 -19.18
C PHE C 313 57.94 7.35 -18.94
N TYR C 314 57.19 7.27 -17.84
CA TYR C 314 56.53 5.99 -17.48
C TYR C 314 55.03 6.10 -17.72
N VAL C 315 54.47 5.15 -18.46
CA VAL C 315 53.01 5.18 -18.78
C VAL C 315 52.30 4.23 -17.83
N TYR C 316 51.29 4.74 -17.10
CA TYR C 316 50.53 3.90 -16.16
C TYR C 316 49.08 3.82 -16.62
N LYS C 317 48.55 2.60 -16.77
CA LYS C 317 47.16 2.44 -17.27
C LYS C 317 46.16 2.94 -16.22
N LEU C 318 45.04 3.50 -16.67
CA LEU C 318 44.01 4.02 -15.74
C LEU C 318 42.86 3.01 -15.65
N GLN C 319 42.47 2.65 -14.43
CA GLN C 319 41.35 1.70 -14.22
C GLN C 319 40.47 2.26 -13.09
N PRO C 320 39.14 2.03 -13.07
CA PRO C 320 38.31 2.62 -12.02
C PRO C 320 38.76 2.02 -10.68
N LEU C 321 39.05 2.87 -9.70
CA LEU C 321 39.55 2.39 -8.39
C LEU C 321 38.91 3.23 -7.28
N THR C 322 38.70 2.64 -6.10
CA THR C 322 38.20 3.46 -4.96
C THR C 322 39.42 3.98 -4.22
N PHE C 323 39.59 5.30 -4.16
CA PHE C 323 40.81 5.87 -3.53
C PHE C 323 40.42 6.71 -2.33
N LEU C 324 40.99 6.42 -1.16
CA LEU C 324 40.73 7.31 0.00
C LEU C 324 41.44 8.63 -0.36
N LEU C 325 40.77 9.77 -0.23
CA LEU C 325 41.40 11.04 -0.69
C LEU C 325 41.51 12.02 0.47
N ASP C 326 42.70 12.59 0.68
CA ASP C 326 42.88 13.62 1.74
C ASP C 326 42.93 14.98 1.07
N PHE C 327 42.08 15.92 1.50
CA PHE C 327 42.08 17.28 0.93
C PHE C 327 42.58 18.27 1.99
N SER C 328 43.50 19.16 1.62
CA SER C 328 44.04 20.17 2.57
C SER C 328 43.16 21.42 2.56
N VAL C 329 43.55 22.46 3.31
CA VAL C 329 42.79 23.75 3.27
C VAL C 329 42.86 24.28 1.84
N ASP C 330 44.00 24.11 1.17
CA ASP C 330 44.15 24.52 -0.25
C ASP C 330 43.18 23.69 -1.11
N GLY C 331 42.85 22.48 -0.65
CA GLY C 331 41.88 21.61 -1.37
C GLY C 331 42.55 20.67 -2.33
N TYR C 332 43.85 20.83 -2.56
CA TYR C 332 44.61 19.90 -3.44
C TYR C 332 44.84 18.57 -2.68
N ILE C 333 44.99 17.47 -3.42
CA ILE C 333 45.18 16.13 -2.79
C ILE C 333 46.68 15.88 -2.61
N ARG C 334 47.13 15.72 -1.36
CA ARG C 334 48.56 15.42 -1.10
C ARG C 334 48.71 13.97 -0.63
N ARG C 335 47.64 13.37 -0.10
CA ARG C 335 47.75 11.99 0.44
C ARG C 335 46.56 11.14 -0.02
N ALA C 336 46.80 9.86 -0.34
CA ALA C 336 45.71 8.94 -0.77
C ALA C 336 46.11 7.49 -0.50
N ILE C 337 45.14 6.56 -0.49
CA ILE C 337 45.45 5.12 -0.29
C ILE C 337 44.81 4.29 -1.42
N ASP C 338 45.57 3.35 -2.03
CA ASP C 338 44.98 2.45 -3.05
C ASP C 338 44.68 1.10 -2.39
N CYS C 339 43.40 0.77 -2.24
CA CYS C 339 42.99 -0.49 -1.53
C CYS C 339 43.48 -1.73 -2.26
N GLY C 340 43.48 -1.73 -3.60
CA GLY C 340 43.81 -2.95 -4.36
C GLY C 340 45.20 -3.52 -4.10
N PHE C 341 46.21 -2.67 -3.88
CA PHE C 341 47.60 -3.18 -3.76
C PHE C 341 47.79 -4.15 -2.58
N ASN C 342 47.24 -3.86 -1.40
CA ASN C 342 47.51 -4.73 -0.22
C ASN C 342 46.36 -4.69 0.80
N ASP C 343 46.32 -5.67 1.71
CA ASP C 343 45.24 -5.76 2.74
C ASP C 343 45.28 -4.55 3.68
N LEU C 344 46.47 -4.06 4.04
CA LEU C 344 46.58 -2.86 4.91
C LEU C 344 45.92 -1.69 4.19
N SER C 345 46.16 -1.57 2.88
CA SER C 345 45.52 -0.50 2.09
C SER C 345 44.00 -0.68 2.09
N GLN C 346 43.52 -1.92 2.03
CA GLN C 346 42.06 -2.18 2.08
C GLN C 346 41.52 -1.69 3.42
N LEU C 347 42.26 -1.92 4.51
CA LEU C 347 41.83 -1.48 5.86
C LEU C 347 41.72 0.05 5.88
N HIS C 348 42.71 0.73 5.32
CA HIS C 348 42.71 2.23 5.32
C HIS C 348 41.51 2.73 4.52
N CYS C 349 41.25 2.12 3.36
CA CYS C 349 40.10 2.54 2.52
C CYS C 349 38.79 2.30 3.26
N SER C 350 38.63 1.12 3.87
CA SER C 350 37.35 0.78 4.55
C SER C 350 37.10 1.73 5.71
N TYR C 351 38.09 1.89 6.59
CA TYR C 351 37.97 2.82 7.74
C TYR C 351 37.82 4.26 7.25
N GLU C 352 38.49 4.61 6.14
CA GLU C 352 38.46 5.99 5.57
C GLU C 352 39.42 6.88 6.37
N SER C 353 40.25 6.27 7.22
CA SER C 353 41.27 7.05 7.97
C SER C 353 42.66 6.49 7.66
N PHE C 354 43.59 7.35 7.26
CA PHE C 354 44.99 6.92 6.97
C PHE C 354 45.62 6.40 8.26
N ASP C 355 45.36 7.08 9.38
CA ASP C 355 45.91 6.64 10.69
C ASP C 355 44.75 6.11 11.54
N VAL C 356 44.86 4.88 12.03
CA VAL C 356 43.77 4.25 12.82
C VAL C 356 44.35 3.70 14.12
N GLU C 357 43.53 3.61 15.18
CA GLU C 357 44.02 3.15 16.51
C GLU C 357 44.34 1.65 16.43
N SER C 358 45.17 1.16 17.37
CA SER C 358 45.57 -0.27 17.33
C SER C 358 44.34 -1.14 17.53
N GLY C 359 44.08 -2.08 16.61
CA GLY C 359 42.93 -3.00 16.75
C GLY C 359 42.98 -4.12 15.73
N VAL C 360 42.17 -5.16 15.91
CA VAL C 360 42.09 -6.24 14.86
C VAL C 360 40.82 -5.96 14.07
N TYR C 361 40.93 -5.62 12.78
CA TYR C 361 39.74 -5.23 11.99
C TYR C 361 39.53 -6.17 10.80
N SER C 362 38.33 -6.73 10.66
CA SER C 362 38.03 -7.59 9.49
C SER C 362 37.92 -6.74 8.22
N VAL C 363 38.36 -7.27 7.08
CA VAL C 363 38.30 -6.53 5.78
C VAL C 363 37.71 -7.48 4.74
N SER C 364 37.41 -6.98 3.53
CA SER C 364 36.75 -7.85 2.52
C SER C 364 37.59 -9.10 2.28
N SER C 365 36.95 -10.27 2.27
CA SER C 365 37.68 -11.55 2.10
C SER C 365 38.28 -11.66 0.70
N PHE C 366 39.46 -12.26 0.57
CA PHE C 366 40.05 -12.49 -0.78
C PHE C 366 39.10 -13.42 -1.53
N GLU C 367 38.81 -13.14 -2.81
CA GLU C 367 37.83 -13.96 -3.56
C GLU C 367 38.56 -14.81 -4.60
N ALA C 368 38.33 -16.13 -4.60
CA ALA C 368 38.95 -16.99 -5.64
C ALA C 368 38.36 -16.62 -7.00
N LYS C 369 39.20 -16.53 -8.03
CA LYS C 369 38.72 -16.09 -9.37
C LYS C 369 38.87 -17.23 -10.38
N PRO C 370 37.83 -17.58 -11.16
CA PRO C 370 37.90 -18.70 -12.09
C PRO C 370 38.97 -18.50 -13.18
N SER C 371 39.79 -19.53 -13.43
CA SER C 371 40.80 -19.45 -14.51
C SER C 371 40.28 -20.16 -15.76
N GLY C 372 39.06 -20.71 -15.69
CA GLY C 372 38.50 -21.48 -16.82
C GLY C 372 36.99 -21.49 -16.79
N SER C 373 36.35 -21.91 -17.89
CA SER C 373 34.87 -22.03 -17.91
C SER C 373 34.47 -23.47 -18.25
N VAL C 374 33.53 -24.06 -17.50
CA VAL C 374 33.04 -25.43 -17.82
C VAL C 374 31.63 -25.30 -18.42
N VAL C 375 31.40 -25.88 -19.60
CA VAL C 375 30.09 -25.75 -20.28
C VAL C 375 29.61 -27.14 -20.70
N GLU C 376 29.19 -27.98 -19.75
CA GLU C 376 28.61 -29.30 -20.11
C GLU C 376 27.21 -29.01 -20.68
N GLN C 377 27.10 -28.93 -22.01
CA GLN C 377 25.79 -28.58 -22.64
C GLN C 377 25.62 -29.43 -23.90
N ALA C 378 24.53 -30.18 -24.00
CA ALA C 378 24.27 -31.04 -25.18
C ALA C 378 23.44 -30.27 -26.20
N GLU C 379 24.02 -29.22 -26.80
CA GLU C 379 23.30 -28.42 -27.84
C GLU C 379 24.18 -28.34 -29.09
N ASN C 592 40.33 -29.02 -24.37
CA ASN C 592 40.31 -30.24 -23.52
C ASN C 592 40.39 -29.83 -22.05
N ASP C 593 41.18 -28.78 -21.73
CA ASP C 593 41.19 -28.28 -20.33
C ASP C 593 39.79 -27.79 -19.98
N THR C 594 38.98 -27.45 -21.00
CA THR C 594 37.60 -26.93 -20.80
C THR C 594 36.72 -28.00 -20.13
N LYS C 595 36.94 -29.28 -20.45
CA LYS C 595 36.04 -30.36 -19.94
C LYS C 595 36.04 -30.37 -18.41
N ILE C 596 34.89 -30.69 -17.80
CA ILE C 596 34.76 -30.64 -16.32
C ILE C 596 35.75 -31.63 -15.68
N ALA C 597 35.93 -32.82 -16.26
CA ALA C 597 36.80 -33.84 -15.64
C ALA C 597 38.24 -33.32 -15.55
N SER C 598 38.72 -32.64 -16.60
CA SER C 598 40.10 -32.11 -16.60
C SER C 598 40.20 -30.90 -15.67
N GLN C 599 39.07 -30.24 -15.40
CA GLN C 599 39.07 -29.00 -14.57
C GLN C 599 38.53 -29.29 -13.16
N LEU C 600 38.45 -30.57 -12.77
CA LEU C 600 37.98 -30.94 -11.41
C LEU C 600 38.96 -30.37 -10.38
N GLY C 601 38.43 -29.86 -9.26
CA GLY C 601 39.30 -29.32 -8.18
C GLY C 601 39.73 -27.89 -8.45
N ASN C 602 39.20 -27.27 -9.52
CA ASN C 602 39.59 -25.89 -9.89
C ASN C 602 38.36 -24.99 -9.84
N CYS C 603 38.46 -23.81 -9.21
CA CYS C 603 37.31 -22.86 -9.24
C CYS C 603 37.10 -22.44 -10.70
N VAL C 604 35.87 -22.58 -11.21
CA VAL C 604 35.61 -22.28 -12.65
C VAL C 604 34.19 -21.70 -12.79
N GLU C 605 33.96 -20.88 -13.81
CA GLU C 605 32.57 -20.40 -14.04
C GLU C 605 31.80 -21.57 -14.64
N TYR C 606 30.61 -21.86 -14.12
CA TYR C 606 29.85 -23.04 -14.62
C TYR C 606 28.64 -22.59 -15.42
N SER C 607 28.46 -23.16 -16.62
CA SER C 607 27.29 -22.83 -17.47
C SER C 607 26.61 -24.14 -17.85
N LEU C 608 25.81 -24.69 -16.95
CA LEU C 608 25.18 -26.02 -17.20
C LEU C 608 23.72 -25.84 -17.60
N TYR C 609 23.41 -25.95 -18.89
CA TYR C 609 22.00 -25.87 -19.36
C TYR C 609 21.34 -24.57 -18.90
N GLY C 610 22.02 -23.44 -19.01
CA GLY C 610 21.42 -22.13 -18.66
C GLY C 610 21.57 -21.78 -17.20
N VAL C 611 22.30 -22.56 -16.41
CA VAL C 611 22.57 -22.19 -14.99
C VAL C 611 23.96 -21.57 -14.92
N SER C 612 24.06 -20.30 -14.50
CA SER C 612 25.38 -19.62 -14.49
C SER C 612 25.81 -19.27 -13.07
N GLY C 613 27.01 -19.71 -12.66
CA GLY C 613 27.54 -19.40 -11.32
C GLY C 613 29.04 -19.67 -11.27
N ARG C 614 29.72 -19.24 -10.19
CA ARG C 614 31.16 -19.59 -10.05
C ARG C 614 31.25 -20.74 -9.06
N GLY C 615 31.78 -21.89 -9.48
CA GLY C 615 31.80 -23.08 -8.60
C GLY C 615 33.00 -23.99 -8.80
N VAL C 616 33.36 -24.77 -7.78
CA VAL C 616 34.47 -25.75 -7.90
C VAL C 616 33.82 -27.14 -7.98
N PHE C 617 34.17 -27.91 -9.01
CA PHE C 617 33.60 -29.28 -9.16
C PHE C 617 34.54 -30.29 -8.53
N GLN C 618 34.08 -31.01 -7.51
CA GLN C 618 34.91 -32.07 -6.89
C GLN C 618 34.10 -33.38 -6.92
N ASN C 619 34.67 -34.47 -7.43
CA ASN C 619 33.88 -35.72 -7.58
C ASN C 619 33.45 -36.22 -6.19
N CYS C 620 32.19 -36.63 -6.05
CA CYS C 620 31.67 -37.19 -4.77
C CYS C 620 30.66 -38.29 -5.09
N THR C 621 30.31 -39.12 -4.10
CA THR C 621 29.40 -40.27 -4.35
C THR C 621 28.07 -39.75 -4.90
N ALA C 622 27.49 -40.44 -5.89
CA ALA C 622 26.26 -39.92 -6.54
C ALA C 622 25.11 -39.83 -5.52
N VAL C 623 24.40 -38.70 -5.51
CA VAL C 623 23.23 -38.52 -4.60
C VAL C 623 22.12 -37.84 -5.41
N GLY C 624 20.85 -38.08 -5.07
CA GLY C 624 19.73 -37.51 -5.84
C GLY C 624 19.41 -38.36 -7.04
N VAL C 625 18.44 -37.94 -7.86
CA VAL C 625 18.00 -38.75 -9.03
C VAL C 625 18.91 -38.42 -10.22
N ARG C 626 19.49 -39.45 -10.86
CA ARG C 626 20.40 -39.23 -12.01
C ARG C 626 19.65 -38.59 -13.17
N GLN C 627 18.41 -39.01 -13.42
CA GLN C 627 17.62 -38.49 -14.57
C GLN C 627 17.43 -36.97 -14.41
N GLN C 628 17.15 -36.52 -13.18
CA GLN C 628 16.95 -35.07 -12.90
C GLN C 628 18.24 -34.29 -13.19
N ARG C 629 19.42 -34.88 -12.89
CA ARG C 629 20.73 -34.26 -13.21
C ARG C 629 21.12 -33.17 -12.19
N PHE C 630 20.27 -32.17 -11.96
CA PHE C 630 20.66 -31.06 -11.06
C PHE C 630 20.24 -31.36 -9.63
N VAL C 631 21.20 -31.45 -8.71
CA VAL C 631 20.89 -31.82 -7.29
C VAL C 631 20.97 -30.54 -6.43
N TYR C 632 19.94 -30.28 -5.62
CA TYR C 632 19.90 -29.03 -4.82
C TYR C 632 19.72 -29.38 -3.33
N ASP C 633 20.39 -28.62 -2.45
CA ASP C 633 20.26 -28.85 -0.98
C ASP C 633 19.07 -28.06 -0.42
N ALA C 634 18.88 -28.10 0.90
CA ALA C 634 17.78 -27.33 1.54
C ALA C 634 17.99 -25.83 1.30
N TYR C 635 19.25 -25.39 1.29
CA TYR C 635 19.57 -23.96 1.00
C TYR C 635 19.16 -23.61 -0.42
N GLN C 636 18.96 -24.62 -1.29
CA GLN C 636 18.53 -24.41 -2.72
C GLN C 636 19.75 -24.09 -3.57
N ASN C 637 20.96 -24.22 -3.02
CA ASN C 637 22.19 -24.03 -3.83
C ASN C 637 22.36 -25.26 -4.73
N LEU C 638 23.05 -25.13 -5.86
CA LEU C 638 23.30 -26.31 -6.72
C LEU C 638 24.49 -27.06 -6.13
N VAL C 639 24.24 -28.15 -5.41
CA VAL C 639 25.36 -28.89 -4.72
C VAL C 639 25.72 -30.15 -5.49
N GLY C 640 25.01 -30.46 -6.58
CA GLY C 640 25.41 -31.64 -7.38
C GLY C 640 25.09 -31.50 -8.85
N TYR C 641 25.90 -32.13 -9.71
CA TYR C 641 25.61 -32.12 -11.18
C TYR C 641 25.87 -33.51 -11.75
N TYR C 642 25.01 -33.96 -12.69
CA TYR C 642 25.23 -35.26 -13.37
C TYR C 642 25.63 -34.99 -14.81
N SER C 643 26.74 -35.59 -15.27
CA SER C 643 27.22 -35.40 -16.66
C SER C 643 26.41 -36.27 -17.62
N ASP C 644 26.55 -36.05 -18.93
CA ASP C 644 25.81 -36.85 -19.94
C ASP C 644 26.19 -38.33 -19.81
N ASP C 645 27.48 -38.61 -19.54
CA ASP C 645 27.95 -40.02 -19.35
C ASP C 645 27.40 -40.57 -18.03
N GLY C 646 26.87 -39.72 -17.17
CA GLY C 646 26.33 -40.15 -15.86
C GLY C 646 27.34 -40.00 -14.74
N ASN C 647 28.55 -39.51 -15.04
CA ASN C 647 29.53 -39.24 -13.96
C ASN C 647 28.98 -38.12 -13.08
N TYR C 648 29.14 -38.24 -11.75
CA TYR C 648 28.54 -37.23 -10.84
C TYR C 648 29.65 -36.49 -10.09
N TYR C 649 29.61 -35.15 -10.12
CA TYR C 649 30.60 -34.35 -9.35
C TYR C 649 29.86 -33.46 -8.36
N CYS C 650 30.21 -33.53 -7.07
CA CYS C 650 29.59 -32.61 -6.08
C CYS C 650 30.03 -31.19 -6.44
N LEU C 651 29.11 -30.22 -6.38
CA LEU C 651 29.45 -28.84 -6.79
C LEU C 651 29.54 -27.96 -5.55
N ARG C 652 30.71 -27.35 -5.30
CA ARG C 652 30.87 -26.42 -4.15
C ARG C 652 31.23 -25.05 -4.73
N ALA C 653 30.50 -23.99 -4.34
CA ALA C 653 30.77 -22.65 -4.92
C ALA C 653 32.17 -22.20 -4.53
N CYS C 654 32.84 -21.43 -5.40
CA CYS C 654 34.24 -20.99 -5.15
C CYS C 654 34.33 -20.35 -3.76
N VAL C 655 34.94 -21.06 -2.80
CA VAL C 655 35.06 -20.55 -1.41
C VAL C 655 35.99 -19.33 -1.39
N SER C 656 35.71 -18.36 -0.52
CA SER C 656 36.53 -17.12 -0.44
C SER C 656 37.32 -17.12 0.88
N VAL C 657 38.62 -16.83 0.83
CA VAL C 657 39.47 -16.88 2.05
C VAL C 657 39.23 -15.59 2.86
N PRO C 658 38.80 -15.70 4.14
CA PRO C 658 38.58 -14.52 4.99
C PRO C 658 39.88 -13.74 5.26
N VAL C 659 39.80 -12.40 5.21
CA VAL C 659 41.01 -11.57 5.52
C VAL C 659 40.68 -10.61 6.65
N SER C 660 41.52 -10.55 7.69
CA SER C 660 41.34 -9.57 8.80
C SER C 660 42.67 -8.86 9.02
N VAL C 661 42.66 -7.55 9.25
CA VAL C 661 43.96 -6.83 9.36
C VAL C 661 44.20 -6.41 10.83
N ILE C 662 45.25 -6.96 11.45
CA ILE C 662 45.61 -6.54 12.84
C ILE C 662 46.35 -5.20 12.72
N TYR C 663 46.17 -4.30 13.69
CA TYR C 663 46.91 -3.01 13.66
C TYR C 663 47.38 -2.63 15.06
N ASP C 664 48.54 -1.98 15.19
CA ASP C 664 49.02 -1.45 16.50
C ASP C 664 49.57 -0.03 16.32
N LYS C 665 48.70 0.99 16.31
CA LYS C 665 49.10 2.42 16.10
C LYS C 665 50.09 2.88 17.17
N GLU C 666 50.12 2.25 18.35
CA GLU C 666 51.02 2.75 19.41
C GLU C 666 52.44 2.76 18.84
N THR C 667 52.84 1.68 18.16
CA THR C 667 54.15 1.68 17.46
C THR C 667 53.83 1.78 15.96
N LYS C 668 52.55 1.98 15.62
CA LYS C 668 52.07 2.11 14.21
C LYS C 668 51.99 0.73 13.56
N THR C 669 52.21 -0.37 14.30
CA THR C 669 52.33 -1.76 13.73
C THR C 669 51.06 -2.30 13.05
N HIS C 670 51.22 -3.27 12.11
CA HIS C 670 50.08 -3.90 11.38
C HIS C 670 50.40 -5.37 11.06
N ALA C 671 49.39 -6.24 10.94
CA ALA C 671 49.61 -7.66 10.58
C ALA C 671 48.45 -8.17 9.71
N THR C 672 48.66 -9.28 8.98
CA THR C 672 47.62 -9.86 8.10
C THR C 672 47.11 -11.17 8.69
N LEU C 673 45.79 -11.33 8.83
CA LEU C 673 45.24 -12.54 9.49
C LEU C 673 44.21 -13.25 8.59
N PHE C 674 44.30 -14.59 8.48
CA PHE C 674 43.28 -15.35 7.72
C PHE C 674 42.60 -16.31 8.69
N GLY C 675 41.26 -16.39 8.67
CA GLY C 675 40.55 -17.22 9.67
C GLY C 675 40.15 -18.58 9.15
N SER C 676 40.50 -19.64 9.87
CA SER C 676 40.11 -21.05 9.52
C SER C 676 40.56 -21.40 8.09
N VAL C 677 41.74 -20.95 7.68
CA VAL C 677 42.28 -21.30 6.33
C VAL C 677 43.62 -22.00 6.51
N ALA C 678 43.84 -23.12 5.82
CA ALA C 678 45.15 -23.80 5.89
C ALA C 678 46.20 -22.92 5.21
N CYS C 679 47.42 -22.89 5.75
CA CYS C 679 48.52 -22.09 5.15
C CYS C 679 48.87 -22.64 3.76
N GLU C 680 48.62 -23.93 3.52
CA GLU C 680 48.86 -24.53 2.18
C GLU C 680 48.26 -23.61 1.10
N HIS C 681 47.11 -22.99 1.38
CA HIS C 681 46.47 -22.13 0.40
C HIS C 681 47.05 -20.74 0.36
N ILE C 682 48.03 -20.46 1.21
CA ILE C 682 48.53 -19.11 1.30
C ILE C 682 50.00 -19.09 0.91
N TYR C 704 59.89 -14.23 6.69
CA TYR C 704 59.28 -15.48 7.13
C TYR C 704 58.10 -15.85 6.25
N GLY C 705 57.83 -17.14 6.17
CA GLY C 705 56.70 -17.64 5.40
C GLY C 705 55.48 -17.56 6.27
N PRO C 706 54.29 -18.12 5.89
CA PRO C 706 53.08 -17.95 6.71
C PRO C 706 53.13 -18.84 7.96
N LEU C 707 52.33 -18.53 8.98
CA LEU C 707 52.39 -19.29 10.25
C LEU C 707 51.06 -20.00 10.47
N GLN C 708 51.09 -21.33 10.69
CA GLN C 708 49.84 -22.08 11.00
C GLN C 708 49.52 -21.92 12.48
N THR C 709 48.27 -21.57 12.81
CA THR C 709 47.87 -21.35 14.22
C THR C 709 46.54 -22.05 14.47
N PRO C 710 46.12 -22.30 15.73
CA PRO C 710 44.82 -22.91 16.03
C PRO C 710 43.66 -22.04 15.53
N VAL C 711 43.93 -20.76 15.21
CA VAL C 711 42.84 -19.83 14.77
C VAL C 711 42.80 -19.79 13.23
N GLY C 712 43.82 -20.31 12.56
CA GLY C 712 43.88 -20.23 11.07
C GLY C 712 45.30 -20.01 10.58
N CYS C 713 45.45 -19.38 9.41
CA CYS C 713 46.81 -19.06 8.90
C CYS C 713 47.06 -17.55 9.04
N VAL C 714 48.18 -17.16 9.63
CA VAL C 714 48.47 -15.71 9.85
C VAL C 714 49.71 -15.33 9.03
N LEU C 715 49.64 -14.21 8.31
CA LEU C 715 50.77 -13.76 7.45
C LEU C 715 51.49 -12.60 8.13
N GLY C 716 52.82 -12.64 8.16
CA GLY C 716 53.61 -11.58 8.82
C GLY C 716 53.74 -11.82 10.31
N LEU C 717 53.34 -12.99 10.78
CA LEU C 717 53.45 -13.33 12.23
C LEU C 717 54.51 -14.40 12.45
N VAL C 718 55.45 -14.15 13.37
CA VAL C 718 56.47 -15.20 13.73
C VAL C 718 56.29 -15.47 15.22
N ASN C 719 56.19 -16.74 15.62
CA ASN C 719 55.89 -17.03 17.05
C ASN C 719 57.04 -16.52 17.93
N SER C 720 56.71 -15.75 18.98
CA SER C 720 57.74 -15.27 19.93
C SER C 720 58.35 -16.46 20.68
N SER C 721 57.55 -17.50 20.92
CA SER C 721 57.99 -18.69 21.71
C SER C 721 58.14 -18.30 23.18
N LEU C 722 57.67 -17.11 23.55
CA LEU C 722 57.72 -16.66 24.97
C LEU C 722 56.30 -16.38 25.46
N PHE C 723 55.92 -16.95 26.61
CA PHE C 723 54.57 -16.71 27.18
C PHE C 723 54.48 -15.30 27.75
N VAL C 724 53.38 -14.58 27.49
CA VAL C 724 53.18 -13.23 28.09
C VAL C 724 51.83 -13.20 28.82
N GLU C 725 51.83 -12.75 30.09
CA GLU C 725 50.56 -12.64 30.85
C GLU C 725 49.65 -11.58 30.21
N ASP C 726 50.22 -10.46 29.75
CA ASP C 726 49.40 -9.36 29.19
C ASP C 726 49.37 -9.45 27.66
N CYS C 727 48.18 -9.31 27.07
CA CYS C 727 48.03 -9.41 25.60
C CYS C 727 47.62 -8.04 25.01
N LYS C 728 48.47 -7.48 24.13
CA LYS C 728 48.12 -6.19 23.47
C LYS C 728 46.95 -6.34 22.48
N LEU C 729 46.98 -7.37 21.62
CA LEU C 729 45.93 -7.52 20.58
C LEU C 729 45.40 -8.96 20.58
N PRO C 730 44.10 -9.20 20.85
CA PRO C 730 43.59 -10.58 20.93
C PRO C 730 43.42 -11.27 19.57
N LEU C 731 43.97 -12.48 19.43
CA LEU C 731 43.80 -13.25 18.15
C LEU C 731 42.79 -14.38 18.36
N GLY C 732 42.20 -14.49 19.56
CA GLY C 732 41.27 -15.59 19.86
C GLY C 732 42.01 -16.82 20.37
N GLN C 733 41.28 -17.85 20.82
CA GLN C 733 41.91 -19.06 21.41
C GLN C 733 42.85 -18.61 22.54
N SER C 734 44.10 -19.08 22.55
CA SER C 734 45.07 -18.59 23.56
C SER C 734 46.14 -17.77 22.84
N LEU C 735 45.76 -17.02 21.79
CA LEU C 735 46.79 -16.30 21.00
C LEU C 735 46.65 -14.78 21.06
N CYS C 736 47.78 -14.07 20.89
CA CYS C 736 47.83 -12.61 20.86
C CYS C 736 48.91 -12.09 19.92
N ALA C 737 48.61 -11.03 19.16
CA ALA C 737 49.68 -10.43 18.36
C ALA C 737 50.38 -9.38 19.22
N LEU C 738 51.69 -9.47 19.27
CA LEU C 738 52.47 -8.58 20.09
C LEU C 738 53.47 -7.80 19.25
N PRO C 739 53.35 -6.50 19.09
CA PRO C 739 54.24 -5.72 18.25
C PRO C 739 55.64 -5.73 18.81
N ASP C 740 56.63 -5.71 17.92
CA ASP C 740 58.05 -5.74 18.35
C ASP C 740 58.53 -4.30 18.56
N THR C 741 58.28 -3.72 19.73
CA THR C 741 58.69 -2.33 20.02
C THR C 741 59.69 -2.33 21.19
N PRO C 754 54.26 0.18 9.63
CA PRO C 754 54.04 -0.52 10.90
C PRO C 754 55.08 -1.63 11.11
N GLY C 755 55.56 -1.79 12.35
CA GLY C 755 56.56 -2.83 12.66
C GLY C 755 55.97 -4.23 12.58
N GLU C 756 56.79 -5.22 12.21
CA GLU C 756 56.31 -6.62 12.19
C GLU C 756 55.71 -6.93 13.57
N MET C 757 55.06 -8.08 13.72
CA MET C 757 54.45 -8.46 15.01
C MET C 757 54.90 -9.89 15.36
N ARG C 758 54.88 -10.23 16.65
CA ARG C 758 55.27 -11.59 17.09
C ARG C 758 54.05 -12.30 17.67
N LEU C 759 53.76 -13.52 17.20
CA LEU C 759 52.64 -14.29 17.81
C LEU C 759 52.99 -14.56 19.27
N ALA C 760 52.04 -14.38 20.18
CA ALA C 760 52.33 -14.56 21.62
C ALA C 760 51.33 -15.53 22.23
N SER C 761 51.78 -16.36 23.17
CA SER C 761 50.85 -17.30 23.87
C SER C 761 50.50 -16.72 25.23
N ILE C 762 49.21 -16.53 25.50
CA ILE C 762 48.77 -15.92 26.80
C ILE C 762 49.19 -16.87 27.93
N ALA C 763 49.69 -16.33 29.05
CA ALA C 763 50.19 -17.18 30.15
C ALA C 763 49.22 -17.14 31.33
N PHE C 764 48.76 -18.31 31.78
CA PHE C 764 47.90 -18.36 33.00
C PHE C 764 48.77 -17.98 34.20
N ASN C 765 48.21 -17.16 35.11
CA ASN C 765 48.97 -16.82 36.34
C ASN C 765 48.54 -17.78 37.45
N HIS C 766 49.48 -18.58 37.95
CA HIS C 766 49.13 -19.59 38.98
C HIS C 766 48.89 -18.89 40.33
N PRO C 767 47.83 -19.24 41.07
CA PRO C 767 47.59 -18.67 42.40
C PRO C 767 48.60 -19.21 43.42
N ILE C 768 48.82 -18.47 44.52
CA ILE C 768 49.73 -18.96 45.59
C ILE C 768 49.15 -20.30 46.09
N GLN C 769 50.00 -21.31 46.28
CA GLN C 769 49.47 -22.65 46.65
C GLN C 769 49.73 -22.91 48.13
N VAL C 770 48.67 -23.20 48.90
CA VAL C 770 48.84 -23.54 50.34
C VAL C 770 48.50 -25.03 50.49
N ASP C 771 49.44 -25.82 51.02
CA ASP C 771 49.22 -27.28 51.10
C ASP C 771 48.37 -27.62 52.34
N GLN C 772 47.33 -28.43 52.15
CA GLN C 772 46.49 -28.86 53.31
C GLN C 772 47.31 -29.83 54.18
N LEU C 773 47.10 -29.80 55.49
CA LEU C 773 47.88 -30.67 56.41
C LEU C 773 46.99 -31.80 56.91
N ASN C 774 47.47 -33.04 56.92
CA ASN C 774 46.68 -34.17 57.48
C ASN C 774 46.91 -34.17 59.00
N SER C 775 46.43 -33.13 59.68
CA SER C 775 46.62 -33.00 61.15
C SER C 775 45.55 -32.04 61.69
N SER C 776 45.42 -31.94 63.02
CA SER C 776 44.47 -30.97 63.61
C SER C 776 44.89 -29.55 63.20
N TYR C 777 46.20 -29.28 63.17
CA TYR C 777 46.72 -27.96 62.73
C TYR C 777 46.47 -27.76 61.23
N PHE C 778 46.20 -26.52 60.81
CA PHE C 778 46.01 -26.23 59.37
C PHE C 778 46.93 -25.08 58.94
N LYS C 779 47.45 -25.14 57.71
CA LYS C 779 48.34 -24.06 57.20
C LYS C 779 47.51 -22.84 56.80
N LEU C 780 47.95 -21.64 57.17
CA LEU C 780 47.23 -20.39 56.81
C LEU C 780 48.19 -19.45 56.06
N SER C 781 47.76 -18.92 54.91
CA SER C 781 48.60 -17.92 54.19
C SER C 781 48.07 -16.52 54.52
N ILE C 782 48.87 -15.70 55.20
CA ILE C 782 48.39 -14.36 55.65
C ILE C 782 49.42 -13.29 55.26
N PRO C 783 49.01 -12.14 54.67
CA PRO C 783 49.95 -11.11 54.22
C PRO C 783 50.66 -10.35 55.36
N THR C 784 51.97 -10.12 55.20
CA THR C 784 52.71 -9.32 56.22
C THR C 784 52.85 -7.87 55.74
N ASN C 785 52.34 -7.56 54.55
CA ASN C 785 52.44 -6.19 53.99
C ASN C 785 51.09 -5.79 53.41
N PHE C 786 50.79 -4.49 53.38
CA PHE C 786 49.48 -4.01 52.86
C PHE C 786 49.71 -2.86 51.88
N SER C 787 48.81 -2.71 50.89
CA SER C 787 48.91 -1.59 49.93
C SER C 787 47.51 -1.03 49.66
N PHE C 788 47.42 0.24 49.27
CA PHE C 788 46.10 0.82 48.91
C PHE C 788 46.08 1.14 47.42
N GLY C 789 45.04 0.69 46.72
CA GLY C 789 44.91 0.98 45.27
C GLY C 789 43.51 1.45 44.95
N VAL C 790 43.37 2.30 43.93
CA VAL C 790 42.03 2.85 43.60
C VAL C 790 41.52 2.21 42.30
N THR C 791 40.30 1.64 42.34
CA THR C 791 39.71 1.04 41.13
C THR C 791 38.74 2.08 40.53
N GLN C 792 38.93 2.43 39.26
CA GLN C 792 38.08 3.48 38.64
C GLN C 792 36.99 2.82 37.79
N GLU C 793 35.73 3.22 37.99
CA GLU C 793 34.60 2.62 37.25
C GLU C 793 33.75 3.74 36.65
N TYR C 794 33.22 3.56 35.44
CA TYR C 794 32.31 4.58 34.85
C TYR C 794 30.94 3.95 34.60
N ILE C 795 29.88 4.61 35.07
CA ILE C 795 28.49 4.12 34.80
C ILE C 795 27.76 5.20 33.99
N GLN C 796 27.15 4.82 32.86
CA GLN C 796 26.47 5.81 32.00
C GLN C 796 24.99 5.91 32.42
N THR C 797 24.63 6.96 33.16
CA THR C 797 23.24 7.09 33.67
C THR C 797 22.37 7.88 32.70
N THR C 798 22.97 8.58 31.73
CA THR C 798 22.18 9.46 30.82
C THR C 798 22.68 9.35 29.38
N ILE C 799 21.83 9.72 28.41
CA ILE C 799 22.26 9.76 26.98
C ILE C 799 21.90 11.16 26.45
N GLN C 800 22.56 11.61 25.39
CA GLN C 800 22.19 12.92 24.80
C GLN C 800 20.74 12.85 24.33
N LYS C 801 19.95 13.90 24.59
CA LYS C 801 18.51 13.88 24.23
C LYS C 801 18.37 14.59 22.88
N VAL C 802 17.79 13.93 21.87
CA VAL C 802 17.73 14.54 20.51
C VAL C 802 16.28 14.58 20.01
N THR C 803 15.82 15.74 19.55
CA THR C 803 14.46 15.83 18.95
C THR C 803 14.63 16.20 17.46
N VAL C 804 13.96 15.48 16.57
CA VAL C 804 14.18 15.71 15.11
C VAL C 804 12.98 16.44 14.48
N ASP C 805 13.23 17.47 13.68
CA ASP C 805 12.11 18.13 12.94
C ASP C 805 11.90 17.30 11.68
N CYS C 806 10.86 16.47 11.66
CA CYS C 806 10.62 15.56 10.51
C CYS C 806 10.34 16.35 9.23
N LYS C 807 9.57 17.42 9.31
CA LYS C 807 9.17 18.14 8.06
C LYS C 807 10.39 18.67 7.33
N GLN C 808 11.31 19.34 8.04
CA GLN C 808 12.55 19.83 7.38
C GLN C 808 13.47 18.67 6.99
N TYR C 809 13.67 17.69 7.87
CA TYR C 809 14.64 16.62 7.54
C TYR C 809 14.16 15.73 6.38
N VAL C 810 12.93 15.23 6.45
CA VAL C 810 12.45 14.27 5.41
C VAL C 810 12.17 14.95 4.07
N CYS C 811 11.49 16.11 4.08
CA CYS C 811 11.07 16.71 2.79
C CYS C 811 11.96 17.88 2.35
N ASN C 812 12.89 18.33 3.21
CA ASN C 812 13.73 19.52 2.86
C ASN C 812 12.80 20.69 2.54
N GLY C 813 11.69 20.84 3.29
CA GLY C 813 10.71 21.91 3.03
C GLY C 813 10.12 21.84 1.63
N PHE C 814 9.80 20.65 1.12
CA PHE C 814 9.14 20.54 -0.20
C PHE C 814 7.73 19.96 -0.04
N GLN C 815 6.71 20.64 -0.59
CA GLN C 815 5.30 20.20 -0.43
C GLN C 815 5.04 18.84 -1.08
N LYS C 816 5.66 18.56 -2.24
CA LYS C 816 5.37 17.29 -2.96
C LYS C 816 5.75 16.10 -2.08
N CYS C 817 6.88 16.19 -1.38
CA CYS C 817 7.30 15.10 -0.47
C CYS C 817 6.25 14.94 0.65
N GLU C 818 5.75 16.06 1.17
CA GLU C 818 4.76 16.01 2.28
C GLU C 818 3.51 15.28 1.80
N GLN C 819 3.07 15.54 0.56
CA GLN C 819 1.84 14.90 0.03
C GLN C 819 2.06 13.38 -0.06
N LEU C 820 3.22 12.95 -0.56
CA LEU C 820 3.52 11.49 -0.66
C LEU C 820 3.62 10.88 0.74
N LEU C 821 4.23 11.60 1.67
CA LEU C 821 4.35 11.11 3.07
C LEU C 821 2.95 10.96 3.66
N ARG C 822 2.05 11.91 3.36
CA ARG C 822 0.67 11.88 3.93
C ARG C 822 -0.05 10.62 3.46
N GLU C 823 0.17 10.19 2.20
CA GLU C 823 -0.47 8.97 1.67
C GLU C 823 -0.03 7.78 2.53
N TYR C 824 1.27 7.69 2.87
CA TYR C 824 1.75 6.62 3.77
C TYR C 824 1.11 6.77 5.17
N GLY C 825 1.04 8.01 5.67
CA GLY C 825 0.46 8.27 7.01
C GLY C 825 1.08 9.49 7.67
N GLN C 826 0.72 9.79 8.91
CA GLN C 826 1.36 10.93 9.64
C GLN C 826 2.66 10.45 10.29
N PHE C 827 3.65 10.10 9.47
CA PHE C 827 4.95 9.60 9.99
C PHE C 827 5.65 10.72 10.76
N CYS C 828 5.58 11.95 10.26
CA CYS C 828 6.31 13.09 10.91
C CYS C 828 5.80 13.34 12.34
N SER C 829 4.48 13.30 12.53
CA SER C 829 3.91 13.55 13.88
C SER C 829 4.39 12.47 14.84
N LYS C 830 4.41 11.21 14.38
CA LYS C 830 4.84 10.08 15.24
C LYS C 830 6.31 10.26 15.64
N ILE C 831 7.15 10.70 14.70
CA ILE C 831 8.62 10.83 15.00
C ILE C 831 8.80 11.84 16.13
N ASN C 832 8.13 12.99 16.05
CA ASN C 832 8.34 14.06 17.06
C ASN C 832 7.89 13.56 18.44
N GLN C 833 6.73 12.90 18.51
CA GLN C 833 6.19 12.44 19.82
C GLN C 833 7.11 11.39 20.44
N ALA C 834 7.60 10.45 19.63
CA ALA C 834 8.42 9.34 20.18
C ALA C 834 9.72 9.90 20.78
N LEU C 835 10.36 10.83 20.07
CA LEU C 835 11.63 11.43 20.57
C LEU C 835 11.38 12.21 21.85
N HIS C 836 10.27 12.95 21.91
CA HIS C 836 9.93 13.73 23.12
C HIS C 836 9.75 12.77 24.30
N GLY C 837 9.07 11.64 24.08
CA GLY C 837 8.81 10.68 25.18
C GLY C 837 10.09 10.10 25.74
N ALA C 838 11.03 9.74 24.87
CA ALA C 838 12.33 9.17 25.33
C ALA C 838 13.08 10.24 26.14
N ASN C 839 13.04 11.49 25.67
CA ASN C 839 13.75 12.60 26.37
C ASN C 839 13.12 12.83 27.75
N LEU C 840 11.79 12.79 27.85
CA LEU C 840 11.12 12.93 29.17
C LEU C 840 11.50 11.76 30.07
N ARG C 841 11.60 10.56 29.52
CA ARG C 841 11.99 9.36 30.30
C ARG C 841 13.40 9.57 30.86
N GLN C 842 14.30 10.14 30.05
CA GLN C 842 15.69 10.41 30.51
C GLN C 842 15.65 11.40 31.68
N ASP C 843 14.79 12.42 31.58
CA ASP C 843 14.67 13.42 32.68
C ASP C 843 14.19 12.72 33.95
N ASP C 844 13.21 11.82 33.83
CA ASP C 844 12.68 11.11 35.02
C ASP C 844 13.81 10.28 35.65
N SER C 845 14.62 9.63 34.82
CA SER C 845 15.73 8.80 35.34
C SER C 845 16.74 9.67 36.09
N VAL C 846 17.08 10.84 35.55
CA VAL C 846 18.08 11.74 36.19
C VAL C 846 17.54 12.19 37.55
N ARG C 847 16.26 12.54 37.62
CA ARG C 847 15.67 13.03 38.90
C ARG C 847 15.73 11.92 39.95
N ASN C 848 15.36 10.69 39.57
CA ASN C 848 15.37 9.55 40.51
C ASN C 848 16.80 9.31 41.02
N LEU C 849 17.78 9.28 40.10
CA LEU C 849 19.18 8.95 40.49
C LEU C 849 19.69 10.00 41.47
N PHE C 850 19.47 11.29 41.19
CA PHE C 850 20.01 12.37 42.06
C PHE C 850 19.33 12.35 43.43
N ALA C 851 18.05 12.04 43.49
CA ALA C 851 17.35 11.95 44.79
C ALA C 851 18.00 10.83 45.63
N SER C 852 18.33 9.70 45.00
CA SER C 852 18.99 8.58 45.71
C SER C 852 20.37 9.00 46.24
N VAL C 853 21.16 9.70 45.42
CA VAL C 853 22.54 10.12 45.84
C VAL C 853 22.46 11.12 46.99
N LYS C 854 21.44 11.99 47.01
CA LYS C 854 21.34 13.04 48.05
C LYS C 854 21.27 12.40 49.44
N SER C 855 21.95 12.98 50.43
CA SER C 855 21.96 12.44 51.81
C SER C 855 21.20 13.39 52.74
N SER C 856 20.40 12.85 53.66
CA SER C 856 19.56 13.70 54.57
C SER C 856 20.45 14.59 55.45
N GLN C 857 21.55 14.05 55.98
CA GLN C 857 22.45 14.82 56.88
C GLN C 857 23.88 14.75 56.35
N SER C 858 24.58 15.89 56.31
CA SER C 858 25.98 15.91 55.77
C SER C 858 26.85 16.84 56.61
N SER C 859 28.18 16.66 56.56
CA SER C 859 29.11 17.57 57.28
C SER C 859 29.70 18.56 56.28
N PRO C 860 29.75 19.87 56.57
CA PRO C 860 30.23 20.86 55.59
C PRO C 860 31.69 20.59 55.20
N ILE C 861 31.98 20.66 53.90
CA ILE C 861 33.37 20.44 53.40
C ILE C 861 34.24 21.62 53.84
N ILE C 862 35.45 21.35 54.32
CA ILE C 862 36.38 22.43 54.79
C ILE C 862 37.74 22.19 54.14
N PRO C 863 38.61 23.21 53.98
CA PRO C 863 39.96 22.97 53.46
C PRO C 863 40.72 22.07 54.44
N GLY C 864 41.53 21.14 53.93
CA GLY C 864 42.22 20.18 54.83
C GLY C 864 41.28 19.11 55.33
N PHE C 865 40.17 18.87 54.62
CA PHE C 865 39.20 17.81 55.01
C PHE C 865 39.90 16.46 54.95
N GLY C 866 39.60 15.57 55.90
CA GLY C 866 40.23 14.24 55.94
C GLY C 866 41.52 14.22 56.75
N GLY C 867 41.90 15.36 57.34
CA GLY C 867 43.09 15.40 58.21
C GLY C 867 44.35 14.99 57.46
N ASP C 868 45.08 13.99 57.98
CA ASP C 868 46.34 13.53 57.35
C ASP C 868 46.03 13.02 55.94
N PHE C 869 44.92 12.28 55.79
CA PHE C 869 44.51 11.81 54.44
C PHE C 869 44.19 13.04 53.60
N ASN C 870 44.62 13.07 52.33
CA ASN C 870 44.42 14.28 51.50
C ASN C 870 43.21 14.10 50.60
N LEU C 871 42.17 14.92 50.79
CA LEU C 871 40.94 14.83 49.96
C LEU C 871 40.81 16.08 49.08
N THR C 872 41.90 16.83 48.89
CA THR C 872 41.83 18.12 48.14
C THR C 872 41.35 17.86 46.70
N LEU C 873 41.77 16.75 46.09
CA LEU C 873 41.37 16.41 44.71
C LEU C 873 39.85 16.26 44.65
N LEU C 874 39.25 15.64 45.68
CA LEU C 874 37.79 15.38 45.69
C LEU C 874 37.02 16.62 46.15
N GLU C 875 37.72 17.61 46.71
CA GLU C 875 37.06 18.85 47.21
C GLU C 875 36.52 19.75 46.07
N PRO C 876 35.29 20.34 46.15
CA PRO C 876 34.86 21.28 45.12
C PRO C 876 35.89 22.39 44.98
N VAL C 877 36.16 22.80 43.74
CA VAL C 877 37.11 23.88 43.56
C VAL C 877 36.42 25.23 43.74
N ALA C 886 30.24 24.23 42.01
CA ALA C 886 31.66 23.98 41.80
C ALA C 886 31.97 22.50 41.70
N ARG C 887 32.62 22.11 40.62
CA ARG C 887 33.01 20.72 40.44
C ARG C 887 34.34 20.50 41.14
N SER C 888 34.64 19.24 41.46
CA SER C 888 35.91 18.89 42.08
C SER C 888 37.04 18.90 41.07
N ALA C 889 38.28 18.88 41.53
CA ALA C 889 39.39 18.87 40.60
C ALA C 889 39.41 17.65 39.71
N ILE C 890 39.09 16.47 40.26
CA ILE C 890 39.15 15.27 39.43
C ILE C 890 38.02 15.31 38.44
N GLU C 891 36.90 15.86 38.86
CA GLU C 891 35.73 15.95 38.02
C GLU C 891 36.00 16.87 36.85
N ASP C 892 36.61 18.02 37.13
CA ASP C 892 36.97 19.00 36.05
C ASP C 892 38.03 18.35 35.14
N LEU C 893 38.99 17.65 35.72
CA LEU C 893 40.09 17.04 34.92
C LEU C 893 39.50 16.01 33.94
N LEU C 894 38.54 15.21 34.41
CA LEU C 894 37.94 14.16 33.54
C LEU C 894 37.26 14.83 32.35
N PHE C 895 36.51 15.90 32.59
CA PHE C 895 35.80 16.61 31.50
C PHE C 895 36.82 17.20 30.52
N ASP C 896 37.91 17.77 31.04
CA ASP C 896 38.97 18.37 30.16
C ASP C 896 39.63 17.28 29.32
N LYS C 897 39.94 16.12 29.92
CA LYS C 897 40.64 15.04 29.20
C LYS C 897 39.76 14.50 28.07
N VAL C 898 38.46 14.32 28.34
CA VAL C 898 37.52 13.82 27.30
C VAL C 898 37.31 14.93 26.26
N THR C 899 37.21 14.57 24.98
CA THR C 899 36.97 15.59 23.91
C THR C 899 35.45 15.70 23.69
N ILE C 900 34.86 16.84 24.04
CA ILE C 900 33.38 17.04 23.88
C ILE C 900 33.15 18.31 23.06
N ALA C 901 32.32 18.24 22.02
CA ALA C 901 31.98 19.45 21.24
C ALA C 901 31.13 20.38 22.13
N ASP C 902 31.38 21.68 22.06
CA ASP C 902 30.63 22.67 22.89
C ASP C 902 29.13 22.52 22.65
N PRO C 903 28.31 22.22 23.68
CA PRO C 903 26.86 22.13 23.51
C PRO C 903 26.26 23.47 23.06
N GLY C 904 26.75 24.58 23.63
CA GLY C 904 26.23 25.92 23.27
C GLY C 904 24.72 25.98 23.44
N TYR C 905 24.21 25.52 24.57
CA TYR C 905 22.73 25.47 24.75
C TYR C 905 22.11 26.87 24.65
N MET C 906 22.77 27.89 25.21
CA MET C 906 22.15 29.25 25.20
C MET C 906 22.03 29.82 23.78
N GLN C 907 23.09 29.73 22.96
CA GLN C 907 23.05 30.38 21.62
C GLN C 907 23.80 29.57 20.55
N GLY C 908 23.71 28.23 20.58
CA GLY C 908 24.49 27.41 19.63
C GLY C 908 24.14 27.67 18.18
N TYR C 909 22.84 27.85 17.88
CA TYR C 909 22.40 28.07 16.48
C TYR C 909 23.00 29.37 15.95
N ASP C 910 23.05 30.43 16.77
CA ASP C 910 23.67 31.71 16.36
C ASP C 910 25.16 31.52 16.10
N ASP C 911 25.84 30.75 16.96
CA ASP C 911 27.31 30.55 16.82
C ASP C 911 27.61 29.87 15.49
N CYS C 912 26.81 28.87 15.12
CA CYS C 912 27.01 28.16 13.84
C CYS C 912 26.80 29.12 12.65
N MET C 913 25.83 30.03 12.75
CA MET C 913 25.52 30.94 11.60
C MET C 913 26.58 32.01 11.40
N GLN C 914 26.37 33.21 11.97
CA GLN C 914 27.29 34.35 11.72
C GLN C 914 28.71 34.07 12.21
N GLN C 915 28.85 33.54 13.43
CA GLN C 915 30.21 33.29 13.99
C GLN C 915 30.93 32.25 13.14
N GLY C 916 30.20 31.24 12.65
CA GLY C 916 30.81 30.17 11.84
C GLY C 916 31.11 28.95 12.69
N PRO C 917 31.29 27.75 12.09
CA PRO C 917 31.49 26.52 12.88
C PRO C 917 32.77 26.56 13.72
N ALA C 918 32.69 26.07 14.96
CA ALA C 918 33.89 26.03 15.84
C ALA C 918 34.93 25.10 15.22
N SER C 919 34.48 23.98 14.64
CA SER C 919 35.41 23.02 14.00
C SER C 919 34.87 22.67 12.61
N ALA C 920 35.75 22.24 11.69
CA ALA C 920 35.29 21.84 10.34
C ALA C 920 34.35 20.63 10.48
N ARG C 921 33.28 20.60 9.68
CA ARG C 921 32.28 19.49 9.75
C ARG C 921 31.73 19.40 11.17
N ASP C 922 31.44 20.54 11.80
CA ASP C 922 30.96 20.52 13.21
C ASP C 922 29.62 19.78 13.29
N LEU C 923 29.49 18.85 14.24
CA LEU C 923 28.23 18.09 14.40
C LEU C 923 27.10 19.03 14.83
N ILE C 924 27.37 19.98 15.72
CA ILE C 924 26.29 20.87 16.25
C ILE C 924 25.71 21.68 15.08
N CYS C 925 26.57 22.22 14.21
CA CYS C 925 26.11 23.01 13.04
C CYS C 925 25.32 22.10 12.09
N ALA C 926 25.75 20.85 11.94
CA ALA C 926 25.05 19.90 11.04
C ALA C 926 23.62 19.69 11.55
N GLN C 927 23.45 19.62 12.88
CA GLN C 927 22.10 19.39 13.46
C GLN C 927 21.18 20.54 13.04
N TYR C 928 21.67 21.78 13.13
CA TYR C 928 20.83 22.96 12.81
C TYR C 928 20.44 22.96 11.32
N VAL C 929 21.38 22.60 10.45
CA VAL C 929 21.10 22.57 8.98
C VAL C 929 20.02 21.51 8.73
N ALA C 930 20.14 20.33 9.34
CA ALA C 930 19.10 19.28 9.21
C ALA C 930 17.81 19.73 9.91
N GLY C 931 17.94 20.52 10.98
CA GLY C 931 16.77 20.99 11.75
C GLY C 931 16.57 20.22 13.05
N TYR C 932 17.31 19.12 13.26
CA TYR C 932 17.21 18.41 14.56
C TYR C 932 17.97 19.19 15.65
N LYS C 933 17.52 19.10 16.90
CA LYS C 933 18.14 19.89 18.00
C LYS C 933 18.48 18.95 19.17
N VAL C 934 19.60 19.19 19.85
CA VAL C 934 19.97 18.36 21.04
C VAL C 934 19.48 19.09 22.30
N LEU C 935 18.56 18.47 23.04
CA LEU C 935 17.98 19.12 24.25
C LEU C 935 18.99 19.14 25.41
N PRO C 936 18.95 20.14 26.30
CA PRO C 936 19.84 20.21 27.47
C PRO C 936 19.52 19.19 28.57
N PRO C 937 20.47 18.85 29.47
CA PRO C 937 20.24 17.89 30.56
C PRO C 937 19.23 18.42 31.60
N LEU C 938 18.57 17.51 32.32
CA LEU C 938 17.51 17.94 33.29
C LEU C 938 18.11 18.86 34.36
N MET C 939 19.33 18.59 34.84
CA MET C 939 19.92 19.38 35.95
C MET C 939 21.18 20.10 35.46
N ASP C 940 21.40 21.35 35.91
CA ASP C 940 22.59 22.13 35.51
C ASP C 940 23.84 21.57 36.21
N VAL C 941 25.03 21.91 35.70
CA VAL C 941 26.30 21.35 36.25
C VAL C 941 26.45 21.74 37.73
N ASN C 942 26.12 22.98 38.10
CA ASN C 942 26.34 23.44 39.50
C ASN C 942 25.49 22.60 40.48
N MET C 943 24.23 22.33 40.13
CA MET C 943 23.34 21.56 41.03
C MET C 943 23.89 20.14 41.18
N GLU C 944 24.34 19.53 40.07
CA GLU C 944 24.89 18.15 40.12
C GLU C 944 26.16 18.14 40.99
N ALA C 945 26.98 19.19 40.87
CA ALA C 945 28.21 19.30 41.67
C ALA C 945 27.84 19.40 43.16
N ALA C 946 26.77 20.12 43.48
CA ALA C 946 26.33 20.28 44.89
C ALA C 946 25.94 18.90 45.46
N TYR C 947 25.28 18.07 44.65
CA TYR C 947 24.88 16.72 45.11
C TYR C 947 26.12 15.90 45.47
N THR C 948 27.15 15.94 44.62
CA THR C 948 28.38 15.14 44.88
C THR C 948 29.12 15.69 46.10
N SER C 949 29.13 17.02 46.27
CA SER C 949 29.82 17.65 47.43
C SER C 949 29.15 17.23 48.74
N SER C 950 27.81 17.23 48.76
CA SER C 950 27.06 16.82 49.98
C SER C 950 27.35 15.34 50.27
N LEU C 951 27.44 14.52 49.22
CA LEU C 951 27.69 13.08 49.40
C LEU C 951 29.07 12.89 50.06
N LEU C 952 30.07 13.68 49.65
CA LEU C 952 31.45 13.55 50.20
C LEU C 952 31.41 13.87 51.71
N GLY C 953 30.67 14.91 52.10
CA GLY C 953 30.55 15.26 53.53
C GLY C 953 29.88 14.14 54.31
N SER C 954 28.84 13.54 53.74
CA SER C 954 28.14 12.39 54.40
C SER C 954 29.10 11.20 54.53
N ILE C 955 29.97 10.97 53.54
CA ILE C 955 30.85 9.75 53.55
C ILE C 955 31.69 9.72 54.82
N ALA C 956 32.18 10.88 55.29
CA ALA C 956 33.10 10.87 56.46
C ALA C 956 32.41 10.27 57.69
N GLY C 957 31.14 10.61 57.96
CA GLY C 957 30.51 10.13 59.20
C GLY C 957 29.33 9.17 58.99
N VAL C 958 28.98 8.83 57.75
CA VAL C 958 27.78 7.99 57.51
C VAL C 958 27.96 6.60 58.13
N GLY C 959 29.15 6.01 58.00
CA GLY C 959 29.36 4.63 58.50
C GLY C 959 29.78 4.59 59.97
N TRP C 960 28.89 4.99 60.88
CA TRP C 960 29.21 4.86 62.33
C TRP C 960 28.48 3.63 62.89
N THR C 961 27.19 3.49 62.54
CA THR C 961 26.36 2.37 63.07
C THR C 961 25.25 2.05 62.06
N ALA C 962 24.57 0.91 62.22
CA ALA C 962 23.52 0.50 61.27
C ALA C 962 22.35 1.49 61.29
N GLY C 963 21.75 1.77 60.13
CA GLY C 963 20.62 2.70 60.02
C GLY C 963 21.03 4.07 59.52
N LEU C 964 20.13 4.75 58.80
CA LEU C 964 20.44 6.10 58.25
C LEU C 964 19.75 7.17 59.10
N SER C 965 19.03 6.75 60.15
CA SER C 965 18.26 7.72 60.96
C SER C 965 19.18 8.74 61.63
N SER C 966 20.31 8.28 62.15
CA SER C 966 21.23 9.20 62.90
C SER C 966 22.54 9.38 62.15
N PHE C 967 23.00 10.62 62.00
CA PHE C 967 24.30 10.90 61.34
C PHE C 967 25.28 11.43 62.38
N ALA C 968 26.47 10.84 62.45
CA ALA C 968 27.49 11.30 63.42
C ALA C 968 28.57 12.05 62.66
N ALA C 969 28.92 13.26 63.12
CA ALA C 969 30.01 14.03 62.47
C ALA C 969 31.33 13.59 63.08
N ILE C 970 32.15 12.85 62.32
CA ILE C 970 33.44 12.32 62.85
C ILE C 970 34.53 12.63 61.81
N PRO C 971 35.84 12.71 62.16
CA PRO C 971 36.88 12.91 61.15
C PRO C 971 36.92 11.76 60.13
N PHE C 972 37.36 12.05 58.91
CA PHE C 972 37.48 11.01 57.86
C PHE C 972 38.51 9.97 58.32
N ALA C 973 39.59 10.42 58.96
CA ALA C 973 40.65 9.50 59.41
C ALA C 973 40.09 8.49 60.42
N GLN C 974 39.24 8.95 61.34
CA GLN C 974 38.65 8.05 62.36
C GLN C 974 37.80 6.99 61.66
N SER C 975 37.03 7.39 60.66
CA SER C 975 36.17 6.43 59.91
C SER C 975 37.06 5.39 59.20
N ILE C 976 38.16 5.84 58.61
CA ILE C 976 39.06 4.90 57.86
C ILE C 976 39.60 3.85 58.82
N PHE C 977 40.00 4.27 60.02
CA PHE C 977 40.57 3.32 61.02
C PHE C 977 39.50 2.30 61.41
N TYR C 978 38.26 2.75 61.60
CA TYR C 978 37.15 1.82 61.93
C TYR C 978 36.92 0.83 60.79
N ARG C 979 36.98 1.32 59.54
CA ARG C 979 36.79 0.43 58.36
C ARG C 979 37.92 -0.62 58.32
N LEU C 980 39.16 -0.20 58.59
CA LEU C 980 40.32 -1.13 58.61
C LEU C 980 40.14 -2.15 59.75
N ASN C 981 39.61 -1.71 60.90
CA ASN C 981 39.35 -2.66 62.01
C ASN C 981 38.34 -3.70 61.51
N GLY C 982 37.33 -3.26 60.75
CA GLY C 982 36.32 -4.17 60.19
C GLY C 982 36.91 -5.20 59.24
N VAL C 983 37.86 -4.78 58.40
CA VAL C 983 38.53 -5.72 57.44
C VAL C 983 39.32 -6.76 58.24
N GLY C 984 39.82 -6.41 59.43
CA GLY C 984 40.51 -7.39 60.28
C GLY C 984 41.84 -6.91 60.82
N ILE C 985 42.34 -5.77 60.37
CA ILE C 985 43.60 -5.23 60.98
C ILE C 985 43.31 -4.92 62.45
N THR C 986 44.22 -5.30 63.36
CA THR C 986 44.02 -5.08 64.81
C THR C 986 44.16 -3.59 65.15
N GLN C 987 43.50 -3.13 66.22
CA GLN C 987 43.54 -1.69 66.60
C GLN C 987 44.97 -1.28 66.94
N GLN C 988 45.72 -2.16 67.61
CA GLN C 988 47.11 -1.82 68.03
C GLN C 988 47.96 -1.56 66.79
N VAL C 989 47.81 -2.39 65.75
CA VAL C 989 48.59 -2.20 64.49
C VAL C 989 48.19 -0.85 63.87
N LEU C 990 46.90 -0.53 63.89
CA LEU C 990 46.43 0.73 63.26
C LEU C 990 47.08 1.92 63.97
N SER C 991 47.13 1.89 65.30
CA SER C 991 47.71 3.02 66.07
C SER C 991 49.20 3.17 65.74
N GLU C 992 49.94 2.06 65.67
CA GLU C 992 51.39 2.09 65.36
C GLU C 992 51.61 2.61 63.93
N ASN C 993 50.75 2.22 62.99
CA ASN C 993 50.97 2.56 61.56
C ASN C 993 50.06 3.70 61.10
N GLN C 994 49.57 4.54 62.01
CA GLN C 994 48.63 5.64 61.65
C GLN C 994 49.20 6.43 60.47
N LYS C 995 50.40 6.98 60.64
CA LYS C 995 51.01 7.82 59.57
C LYS C 995 51.24 6.99 58.30
N LEU C 996 51.70 5.75 58.45
CA LEU C 996 52.01 4.89 57.27
C LEU C 996 50.72 4.66 56.47
N ILE C 997 49.60 4.41 57.15
CA ILE C 997 48.30 4.15 56.46
C ILE C 997 47.92 5.42 55.68
N ALA C 998 48.08 6.59 56.30
CA ALA C 998 47.71 7.86 55.63
C ALA C 998 48.58 8.06 54.39
N ASN C 999 49.88 7.78 54.50
CA ASN C 999 50.81 8.00 53.35
C ASN C 999 50.41 7.09 52.18
N LYS C 1000 50.10 5.82 52.47
CA LYS C 1000 49.75 4.86 51.40
C LYS C 1000 48.45 5.28 50.70
N PHE C 1001 47.47 5.76 51.48
CA PHE C 1001 46.19 6.23 50.89
C PHE C 1001 46.46 7.44 50.00
N ASN C 1002 47.33 8.35 50.45
CA ASN C 1002 47.65 9.57 49.67
C ASN C 1002 48.34 9.17 48.36
N GLN C 1003 49.23 8.18 48.42
CA GLN C 1003 49.96 7.73 47.20
C GLN C 1003 48.95 7.18 46.18
N ALA C 1004 47.96 6.42 46.66
CA ALA C 1004 46.94 5.83 45.74
C ALA C 1004 46.14 6.96 45.08
N LEU C 1005 45.75 7.98 45.84
CA LEU C 1005 44.99 9.13 45.29
C LEU C 1005 45.85 9.91 44.28
N GLY C 1006 47.15 10.06 44.56
CA GLY C 1006 48.05 10.74 43.60
C GLY C 1006 48.12 9.98 42.29
N ALA C 1007 48.19 8.63 42.38
CA ALA C 1007 48.19 7.80 41.15
C ALA C 1007 46.87 8.00 40.41
N MET C 1008 45.76 8.12 41.15
CA MET C 1008 44.42 8.33 40.53
C MET C 1008 44.40 9.65 39.76
N GLN C 1009 45.06 10.68 40.30
CA GLN C 1009 45.09 12.01 39.62
C GLN C 1009 45.77 11.86 38.26
N THR C 1010 46.84 11.05 38.17
CA THR C 1010 47.54 10.81 36.89
C THR C 1010 46.92 9.57 36.23
N GLY C 1011 45.87 9.01 36.83
CA GLY C 1011 45.25 7.77 36.32
C GLY C 1011 44.67 7.88 34.92
N PHE C 1012 44.05 9.01 34.57
CA PHE C 1012 43.39 9.07 33.24
C PHE C 1012 44.44 8.89 32.14
N THR C 1013 44.21 7.93 31.24
CA THR C 1013 45.16 7.65 30.13
C THR C 1013 44.44 6.78 29.10
N THR C 1014 45.05 6.60 27.92
CA THR C 1014 44.45 5.72 26.88
C THR C 1014 44.34 4.30 27.44
N THR C 1015 45.35 3.86 28.21
CA THR C 1015 45.35 2.50 28.80
C THR C 1015 44.18 2.32 29.76
N ASN C 1016 43.83 3.35 30.54
CA ASN C 1016 42.76 3.19 31.57
C ASN C 1016 41.44 2.84 30.87
N GLU C 1017 40.81 1.73 31.27
CA GLU C 1017 39.55 1.28 30.63
C GLU C 1017 38.41 2.23 31.01
N ALA C 1018 38.32 2.63 32.28
CA ALA C 1018 37.18 3.48 32.72
C ALA C 1018 37.18 4.83 31.99
N PHE C 1019 38.35 5.45 31.84
CA PHE C 1019 38.44 6.74 31.11
C PHE C 1019 38.03 6.52 29.65
N GLN C 1020 38.45 5.41 29.05
CA GLN C 1020 38.10 5.10 27.64
C GLN C 1020 36.58 4.93 27.51
N LYS C 1021 35.94 4.31 28.51
CA LYS C 1021 34.46 4.11 28.48
C LYS C 1021 33.77 5.46 28.46
N VAL C 1022 34.28 6.44 29.22
CA VAL C 1022 33.69 7.80 29.23
C VAL C 1022 33.80 8.39 27.82
N GLN C 1023 34.96 8.25 27.19
CA GLN C 1023 35.17 8.79 25.82
C GLN C 1023 34.24 8.07 24.85
N ASP C 1024 34.08 6.75 25.01
CA ASP C 1024 33.24 5.94 24.08
C ASP C 1024 31.78 6.43 24.15
N ALA C 1025 31.29 6.73 25.36
CA ALA C 1025 29.89 7.19 25.52
C ALA C 1025 29.70 8.52 24.77
N VAL C 1026 30.67 9.43 24.89
CA VAL C 1026 30.60 10.73 24.16
C VAL C 1026 30.63 10.44 22.65
N ASN C 1027 31.48 9.50 22.23
CA ASN C 1027 31.60 9.14 20.80
C ASN C 1027 30.26 8.59 20.29
N ASN C 1028 29.58 7.78 21.10
CA ASN C 1028 28.29 7.16 20.68
C ASN C 1028 27.26 8.26 20.41
N ASN C 1029 27.21 9.28 21.27
CA ASN C 1029 26.28 10.42 21.05
C ASN C 1029 26.65 11.11 19.73
N ALA C 1030 27.95 11.30 19.50
CA ALA C 1030 28.43 11.97 18.26
C ALA C 1030 28.05 11.13 17.04
N GLN C 1031 28.15 9.80 17.15
CA GLN C 1031 27.86 8.90 16.00
C GLN C 1031 26.41 9.06 15.57
N ALA C 1032 25.48 9.17 16.55
CA ALA C 1032 24.05 9.27 16.20
C ALA C 1032 23.81 10.55 15.39
N LEU C 1033 24.42 11.66 15.81
CA LEU C 1033 24.28 12.94 15.06
C LEU C 1033 24.90 12.79 13.67
N SER C 1034 26.06 12.13 13.59
CA SER C 1034 26.77 12.00 12.29
C SER C 1034 25.90 11.22 11.29
N LYS C 1035 25.22 10.18 11.76
CA LYS C 1035 24.42 9.33 10.83
C LYS C 1035 23.32 10.19 10.20
N LEU C 1036 22.64 11.02 10.99
CA LEU C 1036 21.50 11.79 10.43
C LEU C 1036 22.00 12.74 9.33
N ALA C 1037 23.11 13.44 9.59
CA ALA C 1037 23.65 14.40 8.60
C ALA C 1037 24.09 13.66 7.32
N SER C 1038 24.75 12.51 7.47
CA SER C 1038 25.25 11.73 6.30
C SER C 1038 24.08 11.21 5.46
N GLU C 1039 22.99 10.78 6.12
CA GLU C 1039 21.85 10.17 5.38
C GLU C 1039 21.23 11.16 4.40
N LEU C 1040 21.15 12.43 4.76
CA LEU C 1040 20.49 13.45 3.89
C LEU C 1040 21.16 13.44 2.52
N SER C 1041 22.50 13.43 2.49
CA SER C 1041 23.26 13.46 1.21
C SER C 1041 22.98 12.19 0.39
N ASN C 1042 22.82 11.03 1.05
CA ASN C 1042 22.68 9.77 0.28
C ASN C 1042 21.49 9.86 -0.68
N THR C 1043 21.71 9.51 -1.95
CA THR C 1043 20.62 9.53 -2.97
C THR C 1043 19.57 8.46 -2.68
N PHE C 1044 19.98 7.29 -2.18
CA PHE C 1044 19.04 6.15 -1.97
C PHE C 1044 18.54 5.68 -3.34
N GLY C 1045 19.36 5.85 -4.38
CA GLY C 1045 18.98 5.44 -5.75
C GLY C 1045 18.21 6.52 -6.50
N ALA C 1046 17.96 7.66 -5.85
CA ALA C 1046 17.28 8.80 -6.53
C ALA C 1046 18.25 9.47 -7.51
N ILE C 1047 17.70 10.14 -8.53
CA ILE C 1047 18.56 10.85 -9.52
C ILE C 1047 19.36 11.96 -8.81
N SER C 1048 18.73 12.67 -7.87
CA SER C 1048 19.41 13.78 -7.16
C SER C 1048 19.18 13.68 -5.65
N ALA C 1049 20.15 14.13 -4.85
CA ALA C 1049 20.00 14.14 -3.38
C ALA C 1049 18.86 15.08 -2.99
N SER C 1050 18.76 16.24 -3.65
CA SER C 1050 17.68 17.21 -3.34
C SER C 1050 16.36 16.78 -3.98
N ILE C 1051 15.27 16.81 -3.21
CA ILE C 1051 13.93 16.46 -3.73
C ILE C 1051 13.52 17.48 -4.80
N GLY C 1052 13.83 18.76 -4.58
CA GLY C 1052 13.43 19.83 -5.52
C GLY C 1052 14.04 19.64 -6.89
N ASP C 1053 15.30 19.21 -6.95
CA ASP C 1053 15.98 19.00 -8.25
C ASP C 1053 15.23 17.93 -9.05
N ILE C 1054 14.78 16.87 -8.37
CA ILE C 1054 14.03 15.77 -9.05
C ILE C 1054 12.73 16.35 -9.63
N ILE C 1055 12.05 17.21 -8.88
CA ILE C 1055 10.78 17.83 -9.36
C ILE C 1055 11.08 18.67 -10.60
N GLN C 1056 12.17 19.45 -10.57
CA GLN C 1056 12.54 20.33 -11.70
C GLN C 1056 12.94 19.50 -12.94
N ARG C 1057 13.71 18.42 -12.75
CA ARG C 1057 14.24 17.66 -13.91
C ARG C 1057 13.28 16.58 -14.42
N LEU C 1058 12.22 16.25 -13.69
CA LEU C 1058 11.35 15.10 -14.12
C LEU C 1058 9.87 15.47 -14.09
N ASP C 1059 9.06 14.74 -14.87
CA ASP C 1059 7.58 14.95 -14.87
C ASP C 1059 7.05 14.44 -13.53
N PRO C 1060 5.86 14.85 -13.04
CA PRO C 1060 5.42 14.47 -11.70
C PRO C 1060 5.36 12.96 -11.39
N PRO C 1061 4.82 12.05 -12.24
CA PRO C 1061 4.86 10.62 -11.93
C PRO C 1061 6.32 10.12 -11.88
N GLU C 1062 7.14 10.54 -12.85
CA GLU C 1062 8.57 10.12 -12.91
C GLU C 1062 9.31 10.67 -11.68
N GLN C 1063 9.05 11.93 -11.32
CA GLN C 1063 9.76 12.56 -10.17
C GLN C 1063 9.33 11.84 -8.89
N ASP C 1064 8.09 11.36 -8.83
CA ASP C 1064 7.58 10.74 -7.57
C ASP C 1064 8.40 9.51 -7.21
N ALA C 1065 8.76 8.67 -8.18
CA ALA C 1065 9.48 7.43 -7.85
C ALA C 1065 10.83 7.76 -7.20
N GLN C 1066 11.57 8.71 -7.77
CA GLN C 1066 12.88 9.12 -7.20
C GLN C 1066 12.67 9.81 -5.84
N ILE C 1067 11.63 10.66 -5.74
CA ILE C 1067 11.32 11.33 -4.45
C ILE C 1067 10.95 10.26 -3.43
N ASP C 1068 10.19 9.25 -3.85
CA ASP C 1068 9.75 8.15 -2.93
C ASP C 1068 11.00 7.42 -2.42
N ARG C 1069 12.00 7.21 -3.27
CA ARG C 1069 13.25 6.54 -2.83
C ARG C 1069 13.90 7.39 -1.73
N LEU C 1070 13.97 8.71 -1.92
CA LEU C 1070 14.52 9.60 -0.85
C LEU C 1070 13.62 9.53 0.38
N ILE C 1071 12.30 9.58 0.19
CA ILE C 1071 11.36 9.57 1.35
C ILE C 1071 11.52 8.25 2.10
N ASN C 1072 11.58 7.13 1.37
CA ASN C 1072 11.64 5.81 2.05
C ASN C 1072 12.93 5.72 2.87
N GLY C 1073 14.05 6.15 2.29
CA GLY C 1073 15.33 6.12 3.01
C GLY C 1073 15.32 7.05 4.22
N ARG C 1074 14.80 8.27 4.05
CA ARG C 1074 14.73 9.25 5.17
C ARG C 1074 13.75 8.77 6.26
N LEU C 1075 12.60 8.22 5.86
CA LEU C 1075 11.62 7.69 6.85
C LEU C 1075 12.26 6.53 7.60
N THR C 1076 12.95 5.64 6.87
CA THR C 1076 13.64 4.50 7.52
C THR C 1076 14.71 5.04 8.46
N THR C 1077 15.45 6.06 8.02
CA THR C 1077 16.55 6.62 8.86
C THR C 1077 15.96 7.23 10.13
N LEU C 1078 14.87 8.00 10.01
CA LEU C 1078 14.24 8.63 11.19
C LEU C 1078 13.68 7.56 12.12
N ASN C 1079 13.04 6.54 11.55
CA ASN C 1079 12.50 5.42 12.38
C ASN C 1079 13.66 4.70 13.05
N ALA C 1080 14.75 4.46 12.31
CA ALA C 1080 15.93 3.79 12.87
C ALA C 1080 16.55 4.65 13.97
N PHE C 1081 16.62 5.97 13.76
CA PHE C 1081 17.18 6.89 14.78
C PHE C 1081 16.31 6.86 16.03
N VAL C 1082 14.99 6.86 15.86
CA VAL C 1082 14.06 6.81 17.02
C VAL C 1082 14.27 5.48 17.74
N ALA C 1083 14.40 4.38 16.98
CA ALA C 1083 14.62 3.05 17.59
C ALA C 1083 15.97 3.04 18.31
N GLN C 1084 17.00 3.62 17.70
CA GLN C 1084 18.36 3.66 18.31
C GLN C 1084 18.28 4.46 19.62
N GLN C 1085 17.60 5.61 19.59
CA GLN C 1085 17.50 6.46 20.81
C GLN C 1085 16.73 5.69 21.89
N LEU C 1086 15.68 4.97 21.50
CA LEU C 1086 14.86 4.20 22.47
C LEU C 1086 15.75 3.13 23.14
N VAL C 1087 16.52 2.39 22.35
CA VAL C 1087 17.39 1.31 22.91
C VAL C 1087 18.43 1.95 23.84
N ARG C 1088 19.04 3.06 23.40
CA ARG C 1088 20.07 3.75 24.22
C ARG C 1088 19.45 4.27 25.52
N SER C 1089 18.24 4.85 25.43
CA SER C 1089 17.55 5.40 26.63
C SER C 1089 17.24 4.26 27.61
N GLU C 1090 16.79 3.11 27.09
CA GLU C 1090 16.47 1.95 27.96
C GLU C 1090 17.74 1.48 28.65
N SER C 1091 18.85 1.41 27.92
CA SER C 1091 20.15 0.96 28.51
C SER C 1091 20.59 1.96 29.59
N ALA C 1092 20.45 3.26 29.31
CA ALA C 1092 20.88 4.30 30.28
C ALA C 1092 20.05 4.20 31.55
N ALA C 1093 18.74 3.96 31.43
CA ALA C 1093 17.86 3.88 32.61
C ALA C 1093 18.26 2.69 33.48
N LEU C 1094 18.54 1.53 32.87
CA LEU C 1094 18.97 0.34 33.65
C LEU C 1094 20.32 0.65 34.31
N SER C 1095 21.23 1.29 33.58
CA SER C 1095 22.56 1.65 34.12
C SER C 1095 22.40 2.64 35.28
N ALA C 1096 21.46 3.58 35.17
CA ALA C 1096 21.22 4.57 36.24
C ALA C 1096 20.78 3.85 37.52
N GLN C 1097 19.94 2.82 37.39
CA GLN C 1097 19.50 2.04 38.57
C GLN C 1097 20.73 1.35 39.20
N LEU C 1098 21.63 0.84 38.36
CA LEU C 1098 22.87 0.20 38.87
C LEU C 1098 23.71 1.25 39.61
N ALA C 1099 23.79 2.47 39.08
CA ALA C 1099 24.57 3.55 39.73
C ALA C 1099 23.98 3.86 41.11
N LYS C 1100 22.65 3.89 41.21
CA LYS C 1100 21.98 4.17 42.51
C LYS C 1100 22.36 3.07 43.51
N ASP C 1101 22.34 1.81 43.05
CA ASP C 1101 22.71 0.67 43.95
C ASP C 1101 24.17 0.81 44.38
N LYS C 1102 25.06 1.17 43.43
CA LYS C 1102 26.50 1.28 43.75
C LYS C 1102 26.72 2.41 44.77
N VAL C 1103 26.02 3.53 44.60
CA VAL C 1103 26.25 4.69 45.52
C VAL C 1103 25.88 4.26 46.95
N ASN C 1104 24.73 3.60 47.11
CA ASN C 1104 24.29 3.17 48.45
C ASN C 1104 25.22 2.07 48.99
N GLU C 1105 25.55 1.07 48.16
CA GLU C 1105 26.36 -0.09 48.62
C GLU C 1105 27.81 0.28 48.94
N CYS C 1106 28.46 1.09 48.10
CA CYS C 1106 29.92 1.35 48.31
C CYS C 1106 30.18 2.77 48.82
N VAL C 1107 29.61 3.78 48.15
CA VAL C 1107 29.89 5.20 48.55
C VAL C 1107 29.30 5.50 49.93
N LYS C 1108 28.08 5.03 50.21
CA LYS C 1108 27.41 5.40 51.49
C LYS C 1108 27.70 4.38 52.59
N ALA C 1109 28.34 3.25 52.29
CA ALA C 1109 28.70 2.27 53.34
C ALA C 1109 29.83 1.36 52.86
N GLN C 1110 30.62 0.79 53.78
CA GLN C 1110 31.66 -0.18 53.37
C GLN C 1110 30.94 -1.42 52.82
N SER C 1111 31.46 -2.02 51.75
CA SER C 1111 30.72 -3.15 51.12
C SER C 1111 31.37 -4.50 51.46
N LYS C 1112 30.64 -5.38 52.14
CA LYS C 1112 31.14 -6.75 52.43
C LYS C 1112 31.28 -7.53 51.11
N ARG C 1113 30.37 -7.29 50.16
CA ARG C 1113 30.38 -8.06 48.88
C ARG C 1113 31.73 -7.84 48.18
N SER C 1114 32.27 -8.90 47.57
CA SER C 1114 33.62 -8.81 46.95
C SER C 1114 33.50 -8.58 45.43
N GLY C 1115 34.14 -7.52 44.93
CA GLY C 1115 34.17 -7.26 43.48
C GLY C 1115 32.97 -6.46 43.00
N PHE C 1116 31.97 -6.25 43.86
CA PHE C 1116 30.83 -5.38 43.45
C PHE C 1116 31.35 -3.96 43.25
N CYS C 1117 32.21 -3.49 44.15
CA CYS C 1117 32.79 -2.14 44.04
C CYS C 1117 34.25 -2.25 43.59
N GLY C 1118 35.19 -1.92 44.48
CA GLY C 1118 36.63 -2.00 44.14
C GLY C 1118 37.18 -3.41 44.21
N GLN C 1119 38.25 -3.70 43.47
CA GLN C 1119 38.91 -5.02 43.57
C GLN C 1119 39.60 -5.12 44.93
N GLY C 1120 39.74 -6.34 45.48
CA GLY C 1120 40.30 -6.47 46.84
C GLY C 1120 39.26 -6.11 47.88
N THR C 1121 39.69 -5.80 49.10
CA THR C 1121 38.71 -5.51 50.19
C THR C 1121 38.35 -4.02 50.13
N HIS C 1122 37.08 -3.70 49.87
CA HIS C 1122 36.66 -2.29 49.71
C HIS C 1122 36.82 -1.54 51.04
N ILE C 1123 37.36 -0.32 51.00
CA ILE C 1123 37.48 0.51 52.24
C ILE C 1123 36.51 1.69 52.12
N VAL C 1124 36.63 2.49 51.06
CA VAL C 1124 35.77 3.69 50.89
C VAL C 1124 35.60 3.95 49.38
N SER C 1125 34.52 4.65 48.98
CA SER C 1125 34.31 4.99 47.55
C SER C 1125 33.93 6.47 47.42
N PHE C 1126 34.27 7.10 46.29
CA PHE C 1126 33.94 8.53 46.06
C PHE C 1126 33.24 8.67 44.70
N VAL C 1127 32.28 9.59 44.60
CA VAL C 1127 31.50 9.74 43.33
C VAL C 1127 31.67 11.15 42.76
N VAL C 1128 32.00 11.26 41.47
CA VAL C 1128 32.08 12.59 40.80
C VAL C 1128 31.29 12.49 39.50
N ASN C 1129 30.71 13.59 39.03
CA ASN C 1129 29.87 13.55 37.80
C ASN C 1129 30.73 13.30 36.57
N ALA C 1130 30.17 12.67 35.55
CA ALA C 1130 30.89 12.40 34.28
C ALA C 1130 29.98 12.93 33.17
N PRO C 1131 30.45 13.14 31.92
CA PRO C 1131 29.61 13.78 30.90
C PRO C 1131 28.29 13.04 30.65
N ASN C 1132 28.30 11.70 30.65
CA ASN C 1132 27.04 10.97 30.35
C ASN C 1132 26.68 10.05 31.51
N GLY C 1133 27.14 10.36 32.72
CA GLY C 1133 26.90 9.45 33.86
C GLY C 1133 27.67 9.81 35.10
N LEU C 1134 27.93 8.83 35.97
CA LEU C 1134 28.69 9.08 37.23
C LEU C 1134 30.02 8.32 37.18
N TYR C 1135 31.10 8.97 37.61
CA TYR C 1135 32.42 8.28 37.67
C TYR C 1135 32.64 7.81 39.11
N PHE C 1136 32.93 6.51 39.29
CA PHE C 1136 33.07 5.95 40.65
C PHE C 1136 34.54 5.58 40.90
N MET C 1137 35.12 6.09 41.99
CA MET C 1137 36.51 5.69 42.34
C MET C 1137 36.46 4.93 43.66
N HIS C 1138 36.94 3.69 43.69
CA HIS C 1138 36.84 2.86 44.92
C HIS C 1138 38.22 2.59 45.49
N VAL C 1139 38.47 3.00 46.74
CA VAL C 1139 39.78 2.68 47.40
C VAL C 1139 39.68 1.25 47.93
N GLY C 1140 40.71 0.43 47.69
CA GLY C 1140 40.66 -0.98 48.11
C GLY C 1140 41.89 -1.38 48.90
N TYR C 1141 41.77 -2.41 49.74
CA TYR C 1141 42.92 -2.91 50.54
C TYR C 1141 43.50 -4.12 49.81
N TYR C 1142 44.79 -4.06 49.46
CA TYR C 1142 45.41 -5.17 48.69
C TYR C 1142 46.46 -5.88 49.53
N PRO C 1143 46.30 -7.21 49.78
CA PRO C 1143 47.30 -7.98 50.54
C PRO C 1143 48.60 -8.21 49.75
N SER C 1144 49.74 -8.22 50.44
CA SER C 1144 51.06 -8.45 49.78
C SER C 1144 52.02 -9.19 50.71
N ASN C 1145 53.07 -9.80 50.16
CA ASN C 1145 54.09 -10.50 51.00
C ASN C 1145 53.44 -11.56 51.90
N HIS C 1146 52.56 -12.40 51.33
CA HIS C 1146 51.87 -13.46 52.11
C HIS C 1146 52.89 -14.45 52.68
N ILE C 1147 52.69 -14.90 53.92
CA ILE C 1147 53.58 -15.93 54.53
C ILE C 1147 52.69 -17.05 55.09
N GLU C 1148 53.23 -18.26 55.23
CA GLU C 1148 52.40 -19.40 55.70
C GLU C 1148 52.76 -19.73 57.16
N VAL C 1149 51.76 -19.77 58.04
CA VAL C 1149 51.99 -20.08 59.48
C VAL C 1149 51.03 -21.18 59.92
N VAL C 1150 51.47 -22.05 60.84
CA VAL C 1150 50.58 -23.13 61.36
C VAL C 1150 49.48 -22.49 62.21
N SER C 1151 48.25 -23.01 62.13
CA SER C 1151 47.11 -22.38 62.85
C SER C 1151 46.19 -23.46 63.44
N ALA C 1152 45.38 -23.11 64.45
CA ALA C 1152 44.41 -24.06 65.03
C ALA C 1152 42.99 -23.50 64.91
N TYR C 1153 42.01 -24.36 64.66
CA TYR C 1153 40.59 -23.91 64.57
C TYR C 1153 40.17 -23.34 65.93
N GLY C 1154 40.56 -23.99 67.02
CA GLY C 1154 40.18 -23.53 68.36
C GLY C 1154 41.13 -24.04 69.43
N LEU C 1155 41.09 -23.45 70.63
CA LEU C 1155 41.99 -23.88 71.74
C LEU C 1155 41.13 -24.26 72.95
N CYS C 1156 41.40 -25.43 73.55
CA CYS C 1156 40.64 -25.87 74.75
C CYS C 1156 41.62 -26.24 75.87
N ASP C 1157 41.26 -25.95 77.13
CA ASP C 1157 42.12 -26.32 78.27
C ASP C 1157 42.21 -27.85 78.35
N ALA C 1158 43.39 -28.41 78.59
CA ALA C 1158 43.48 -29.88 78.77
C ALA C 1158 42.72 -30.29 80.03
N ALA C 1159 42.87 -29.52 81.12
CA ALA C 1159 42.19 -29.84 82.39
C ALA C 1159 40.67 -29.75 82.24
N ASN C 1160 40.18 -28.70 81.56
CA ASN C 1160 38.72 -28.57 81.31
C ASN C 1160 38.45 -28.70 79.81
N PRO C 1161 37.90 -29.85 79.35
CA PRO C 1161 37.56 -30.02 77.93
C PRO C 1161 36.47 -29.05 77.48
N THR C 1162 35.49 -28.78 78.35
CA THR C 1162 34.34 -27.91 77.97
C THR C 1162 34.82 -26.50 77.63
N ASN C 1163 35.79 -25.96 78.39
CA ASN C 1163 36.22 -24.56 78.15
C ASN C 1163 37.00 -24.51 76.84
N CYS C 1164 36.57 -23.68 75.88
CA CYS C 1164 37.23 -23.59 74.55
C CYS C 1164 37.03 -22.18 73.98
N ILE C 1165 37.87 -21.76 73.04
CA ILE C 1165 37.71 -20.42 72.38
C ILE C 1165 37.90 -20.52 70.87
N ALA C 1166 37.32 -19.58 70.13
CA ALA C 1166 37.52 -19.54 68.66
C ALA C 1166 37.89 -18.09 68.30
N PRO C 1167 38.76 -17.83 67.30
CA PRO C 1167 39.19 -16.45 67.01
C PRO C 1167 38.06 -15.61 66.39
N VAL C 1168 38.04 -14.31 66.70
CA VAL C 1168 36.98 -13.40 66.16
C VAL C 1168 37.59 -12.54 65.05
N ASN C 1169 37.11 -12.67 63.81
CA ASN C 1169 37.62 -11.89 62.67
C ASN C 1169 39.12 -11.96 62.53
N GLY C 1170 39.67 -13.13 62.79
CA GLY C 1170 41.08 -13.36 62.76
C GLY C 1170 41.37 -14.80 63.01
N TYR C 1171 42.63 -15.07 63.29
CA TYR C 1171 43.10 -16.42 63.45
C TYR C 1171 43.94 -16.62 64.66
N PHE C 1172 43.93 -17.85 65.17
CA PHE C 1172 44.84 -18.27 66.21
C PHE C 1172 46.03 -18.90 65.51
N ILE C 1173 47.21 -18.37 65.73
CA ILE C 1173 48.43 -18.81 65.04
C ILE C 1173 49.53 -19.24 65.98
N LYS C 1174 50.39 -20.13 65.50
CA LYS C 1174 51.52 -20.56 66.32
C LYS C 1174 52.65 -19.58 66.20
N THR C 1175 53.29 -19.30 67.32
CA THR C 1175 54.43 -18.39 67.36
C THR C 1175 55.17 -18.51 68.68
N GLU C 1183 52.80 -19.32 73.09
CA GLU C 1183 52.67 -20.31 72.04
C GLU C 1183 51.66 -19.88 71.00
N TRP C 1184 50.42 -19.67 71.46
CA TRP C 1184 49.35 -19.22 70.55
C TRP C 1184 49.17 -17.70 70.68
N SER C 1185 49.07 -17.00 69.56
CA SER C 1185 48.81 -15.55 69.60
C SER C 1185 47.66 -15.22 68.63
N TYR C 1186 46.77 -14.29 69.00
CA TYR C 1186 45.72 -13.88 68.05
C TYR C 1186 46.35 -13.02 66.95
N THR C 1187 45.89 -13.17 65.70
CA THR C 1187 46.37 -12.28 64.62
C THR C 1187 45.14 -11.74 63.86
N GLY C 1188 45.22 -10.51 63.37
CA GLY C 1188 44.12 -9.98 62.54
C GLY C 1188 44.09 -10.70 61.20
N SER C 1189 42.90 -10.95 60.66
CA SER C 1189 42.82 -11.73 59.39
C SER C 1189 43.50 -10.97 58.26
N SER C 1190 43.25 -9.66 58.16
CA SER C 1190 43.82 -8.84 57.05
C SER C 1190 45.33 -8.67 57.15
N PHE C 1191 45.88 -8.46 58.36
CA PHE C 1191 47.33 -8.17 58.49
C PHE C 1191 47.97 -9.12 59.51
N TYR C 1192 49.19 -9.60 59.24
CA TYR C 1192 49.81 -10.59 60.14
C TYR C 1192 50.56 -9.87 61.26
N ALA C 1193 49.98 -9.87 62.48
CA ALA C 1193 50.69 -9.30 63.65
C ALA C 1193 50.44 -10.22 64.85
N PRO C 1194 51.46 -10.84 65.47
CA PRO C 1194 51.24 -11.64 66.67
C PRO C 1194 50.89 -10.73 67.86
N GLU C 1195 49.82 -11.07 68.59
CA GLU C 1195 49.43 -10.27 69.79
C GLU C 1195 48.93 -11.24 70.86
N PRO C 1196 49.07 -10.94 72.18
CA PRO C 1196 48.66 -11.88 73.22
C PRO C 1196 47.16 -12.16 73.14
N ILE C 1197 46.76 -13.44 73.30
CA ILE C 1197 45.32 -13.81 73.24
C ILE C 1197 44.60 -13.18 74.44
N THR C 1198 43.42 -12.61 74.21
CA THR C 1198 42.65 -11.94 75.30
C THR C 1198 41.17 -12.35 75.18
N SER C 1199 40.39 -12.11 76.24
CA SER C 1199 38.94 -12.42 76.20
C SER C 1199 38.28 -11.60 75.08
N LEU C 1200 38.76 -10.37 74.86
CA LEU C 1200 38.15 -9.46 73.85
C LEU C 1200 38.26 -10.07 72.44
N ASN C 1201 39.39 -10.71 72.12
CA ASN C 1201 39.58 -11.22 70.73
C ASN C 1201 39.11 -12.68 70.57
N THR C 1202 38.51 -13.27 71.61
CA THR C 1202 38.12 -14.70 71.53
C THR C 1202 36.65 -14.90 71.92
N LYS C 1203 36.00 -15.94 71.37
CA LYS C 1203 34.60 -16.26 71.73
C LYS C 1203 34.53 -17.70 72.25
N TYR C 1204 33.85 -17.92 73.37
CA TYR C 1204 33.72 -19.29 73.94
C TYR C 1204 32.91 -20.17 72.98
N VAL C 1205 33.35 -21.42 72.77
CA VAL C 1205 32.68 -22.33 71.80
C VAL C 1205 32.59 -23.74 72.38
N ALA C 1206 31.68 -24.57 71.86
CA ALA C 1206 31.56 -25.97 72.31
C ALA C 1206 32.81 -26.75 71.88
N PRO C 1207 33.30 -27.73 72.68
CA PRO C 1207 34.53 -28.45 72.34
C PRO C 1207 34.46 -29.28 71.05
N GLN C 1208 35.57 -29.32 70.29
CA GLN C 1208 35.63 -30.14 69.04
C GLN C 1208 36.88 -31.01 69.08
N VAL C 1209 36.89 -32.12 68.33
CA VAL C 1209 38.08 -33.02 68.26
C VAL C 1209 39.25 -32.25 67.65
N THR C 1210 38.98 -31.41 66.63
CA THR C 1210 40.04 -30.63 65.95
C THR C 1210 40.70 -29.67 66.94
N TYR C 1211 39.92 -29.10 67.86
CA TYR C 1211 40.48 -28.07 68.78
C TYR C 1211 41.63 -28.67 69.60
N GLN C 1212 42.74 -27.95 69.73
CA GLN C 1212 43.93 -28.46 70.46
C GLN C 1212 43.70 -28.44 71.96
N ASN C 1213 44.35 -29.34 72.70
CA ASN C 1213 44.26 -29.33 74.18
C ASN C 1213 45.61 -28.88 74.74
N ILE C 1214 45.63 -27.85 75.59
CA ILE C 1214 46.94 -27.31 76.08
C ILE C 1214 47.07 -27.60 77.57
N SER C 1215 48.15 -28.32 77.96
CA SER C 1215 48.41 -28.61 79.40
C SER C 1215 49.49 -27.66 79.93
N THR C 1216 50.01 -26.78 79.08
CA THR C 1216 51.10 -25.86 79.49
C THR C 1216 50.51 -24.48 79.82
N ASN C 1217 51.12 -23.41 79.32
CA ASN C 1217 50.55 -22.05 79.53
C ASN C 1217 49.19 -21.97 78.82
N LEU C 1218 48.21 -21.33 79.45
CA LEU C 1218 46.84 -21.23 78.86
C LEU C 1218 46.51 -19.75 78.64
N PRO C 1219 45.80 -19.38 77.55
CA PRO C 1219 45.38 -17.99 77.35
C PRO C 1219 44.38 -17.57 78.43
N PRO C 1220 44.28 -16.27 78.80
CA PRO C 1220 43.40 -15.85 79.89
C PRO C 1220 41.90 -16.19 79.78
N PRO C 1221 41.21 -16.10 78.61
CA PRO C 1221 39.81 -16.53 78.52
C PRO C 1221 39.66 -17.96 79.06
N LEU C 1222 40.66 -18.82 78.81
CA LEU C 1222 40.63 -20.22 79.28
C LEU C 1222 41.15 -20.38 80.71
N LEU C 1223 41.76 -19.33 81.28
CA LEU C 1223 42.27 -19.47 82.64
C LEU C 1223 41.15 -19.28 83.64
N GLY C 1224 40.29 -20.29 83.73
CA GLY C 1224 39.11 -20.26 84.58
C GLY C 1224 39.12 -21.41 85.55
N GLN D 1 -52.77 23.58 -71.04
CA GLN D 1 -54.11 23.34 -71.65
C GLN D 1 -54.01 22.18 -72.64
N VAL D 2 -54.79 21.12 -72.45
CA VAL D 2 -54.81 20.00 -73.43
C VAL D 2 -56.22 19.90 -74.02
N GLN D 3 -56.32 19.94 -75.36
CA GLN D 3 -57.65 19.80 -76.03
C GLN D 3 -58.16 18.38 -75.83
N LEU D 4 -59.47 18.20 -75.62
CA LEU D 4 -60.03 16.85 -75.35
C LEU D 4 -60.88 16.41 -76.55
N VAL D 5 -60.62 15.21 -77.07
CA VAL D 5 -61.36 14.69 -78.24
C VAL D 5 -61.92 13.30 -77.90
N GLN D 6 -63.00 12.89 -78.57
CA GLN D 6 -63.66 11.60 -78.22
C GLN D 6 -63.93 10.80 -79.50
N SER D 7 -64.16 9.48 -79.37
CA SER D 7 -64.36 8.61 -80.56
C SER D 7 -65.67 8.94 -81.28
N GLY D 8 -65.76 8.60 -82.57
CA GLY D 8 -66.98 8.88 -83.34
C GLY D 8 -68.17 8.10 -82.82
N ALA D 9 -69.38 8.66 -82.95
CA ALA D 9 -70.59 8.01 -82.39
C ALA D 9 -70.80 6.64 -83.03
N GLU D 10 -71.18 5.64 -82.22
CA GLU D 10 -71.34 4.25 -82.76
C GLU D 10 -72.68 3.67 -82.27
N VAL D 11 -73.23 2.70 -83.01
CA VAL D 11 -74.52 2.06 -82.62
C VAL D 11 -74.25 0.56 -82.38
N LYS D 12 -74.70 0.03 -81.24
CA LYS D 12 -74.41 -1.38 -80.89
C LYS D 12 -75.71 -2.06 -80.45
N LYS D 13 -75.77 -3.40 -80.52
CA LYS D 13 -76.95 -4.13 -80.00
C LYS D 13 -76.91 -4.06 -78.46
N PRO D 14 -78.05 -4.12 -77.73
CA PRO D 14 -78.01 -4.12 -76.27
C PRO D 14 -77.24 -5.33 -75.73
N GLY D 15 -76.37 -5.11 -74.73
CA GLY D 15 -75.58 -6.20 -74.13
C GLY D 15 -74.27 -6.43 -74.87
N SER D 16 -74.05 -5.71 -75.99
CA SER D 16 -72.76 -5.82 -76.73
C SER D 16 -71.67 -5.06 -75.96
N SER D 17 -70.41 -5.46 -76.15
CA SER D 17 -69.30 -4.70 -75.51
C SER D 17 -68.97 -3.48 -76.37
N VAL D 18 -69.09 -2.27 -75.80
CA VAL D 18 -68.84 -1.03 -76.57
C VAL D 18 -67.73 -0.23 -75.87
N LYS D 19 -66.74 0.25 -76.64
CA LYS D 19 -65.62 1.03 -76.05
C LYS D 19 -65.67 2.47 -76.55
N VAL D 20 -65.64 3.44 -75.63
CA VAL D 20 -65.59 4.88 -76.02
C VAL D 20 -64.17 5.36 -75.72
N SER D 21 -63.50 5.99 -76.70
CA SER D 21 -62.07 6.35 -76.49
C SER D 21 -61.87 7.87 -76.39
N CYS D 22 -61.18 8.33 -75.35
CA CYS D 22 -60.86 9.79 -75.21
C CYS D 22 -59.34 9.91 -75.26
N LYS D 23 -58.79 10.77 -76.13
CA LYS D 23 -57.32 10.81 -76.29
C LYS D 23 -56.75 12.17 -75.89
N ALA D 24 -55.73 12.18 -75.02
CA ALA D 24 -55.06 13.45 -74.68
C ALA D 24 -54.22 13.89 -75.88
N SER D 25 -54.30 15.17 -76.27
CA SER D 25 -53.58 15.65 -77.48
C SER D 25 -52.08 15.80 -77.22
N GLY D 26 -51.28 15.77 -78.29
CA GLY D 26 -49.81 15.95 -78.16
C GLY D 26 -49.08 14.62 -77.98
N GLY D 27 -49.82 13.50 -77.88
CA GLY D 27 -49.19 12.18 -77.78
C GLY D 27 -48.64 11.92 -76.39
N THR D 28 -48.94 12.79 -75.43
CA THR D 28 -48.47 12.63 -74.03
C THR D 28 -49.65 12.90 -73.08
N PHE D 29 -49.60 12.34 -71.87
CA PHE D 29 -50.71 12.53 -70.90
C PHE D 29 -50.26 13.43 -69.76
N SER D 30 -51.03 14.49 -69.46
CA SER D 30 -50.70 15.37 -68.31
C SER D 30 -51.09 14.67 -67.02
N SER D 31 -50.61 15.18 -65.87
CA SER D 31 -50.94 14.54 -64.56
C SER D 31 -52.33 15.02 -64.12
N TYR D 32 -53.37 14.56 -64.83
CA TYR D 32 -54.76 14.96 -64.50
C TYR D 32 -55.66 13.72 -64.52
N GLY D 33 -56.70 13.71 -63.67
CA GLY D 33 -57.65 12.59 -63.68
C GLY D 33 -58.55 12.63 -64.90
N ILE D 34 -59.12 11.49 -65.29
CA ILE D 34 -60.10 11.46 -66.43
C ILE D 34 -61.45 10.98 -65.87
N THR D 35 -62.53 11.70 -66.16
CA THR D 35 -63.86 11.33 -65.64
C THR D 35 -64.79 10.99 -66.81
N TRP D 36 -65.66 10.00 -66.63
CA TRP D 36 -66.64 9.67 -67.69
C TRP D 36 -68.04 10.10 -67.22
N VAL D 37 -68.73 10.89 -68.05
CA VAL D 37 -70.08 11.41 -67.66
C VAL D 37 -71.11 10.89 -68.67
N ARG D 38 -72.21 10.31 -68.17
CA ARG D 38 -73.30 9.84 -69.06
C ARG D 38 -74.46 10.83 -68.93
N GLN D 39 -74.91 11.42 -70.03
CA GLN D 39 -76.11 12.30 -69.94
C GLN D 39 -77.25 11.67 -70.72
N ALA D 40 -78.36 11.33 -70.04
CA ALA D 40 -79.55 10.79 -70.73
C ALA D 40 -80.22 11.94 -71.48
N PRO D 41 -80.91 11.71 -72.63
CA PRO D 41 -81.50 12.81 -73.38
C PRO D 41 -82.54 13.56 -72.52
N GLY D 42 -82.50 14.90 -72.53
CA GLY D 42 -83.42 15.69 -71.70
C GLY D 42 -83.28 15.36 -70.22
N GLN D 43 -82.06 15.09 -69.76
CA GLN D 43 -81.83 14.70 -68.34
C GLN D 43 -80.52 15.32 -67.84
N GLY D 44 -80.35 15.42 -66.52
CA GLY D 44 -79.11 15.97 -65.94
C GLY D 44 -77.93 15.03 -66.14
N LEU D 45 -76.71 15.58 -66.19
CA LEU D 45 -75.49 14.75 -66.39
C LEU D 45 -75.31 13.79 -65.21
N GLU D 46 -74.84 12.56 -65.46
CA GLU D 46 -74.57 11.60 -64.37
C GLU D 46 -73.11 11.12 -64.47
N TRP D 47 -72.35 11.21 -63.37
CA TRP D 47 -70.95 10.70 -63.38
C TRP D 47 -70.96 9.17 -63.46
N MET D 48 -70.13 8.59 -64.35
CA MET D 48 -70.07 7.11 -64.49
C MET D 48 -68.80 6.54 -63.85
N GLY D 49 -67.63 7.10 -64.16
CA GLY D 49 -66.38 6.51 -63.63
C GLY D 49 -65.24 7.52 -63.57
N ARG D 50 -64.26 7.29 -62.68
CA ARG D 50 -63.07 8.17 -62.60
C ARG D 50 -61.81 7.31 -62.74
N ILE D 51 -60.95 7.62 -63.72
CA ILE D 51 -59.65 6.89 -63.87
C ILE D 51 -58.51 7.89 -63.98
N ILE D 52 -57.43 7.70 -63.24
CA ILE D 52 -56.25 8.60 -63.40
C ILE D 52 -55.14 7.75 -64.06
N PRO D 53 -54.64 8.10 -65.25
CA PRO D 53 -53.64 7.29 -65.94
C PRO D 53 -52.32 7.18 -65.16
N ILE D 54 -51.84 8.31 -64.63
CA ILE D 54 -50.54 8.32 -63.89
C ILE D 54 -50.69 7.46 -62.63
N LEU D 55 -51.78 7.62 -61.89
CA LEU D 55 -52.03 6.81 -60.68
C LEU D 55 -52.29 5.35 -61.07
N GLY D 56 -53.06 5.13 -62.14
CA GLY D 56 -53.43 3.76 -62.55
C GLY D 56 -54.64 3.26 -61.78
N ILE D 57 -55.21 4.10 -60.90
CA ILE D 57 -56.37 3.67 -60.06
C ILE D 57 -57.66 3.74 -60.90
N SER D 58 -58.64 2.88 -60.59
CA SER D 58 -59.93 2.88 -61.32
C SER D 58 -61.09 2.98 -60.32
N ARG D 59 -62.05 3.88 -60.59
CA ARG D 59 -63.25 4.00 -59.70
C ARG D 59 -64.50 4.08 -60.56
N SER D 60 -65.63 3.55 -60.07
CA SER D 60 -66.90 3.55 -60.85
C SER D 60 -68.08 3.98 -59.97
N VAL D 61 -69.14 4.51 -60.57
CA VAL D 61 -70.36 4.91 -59.80
C VAL D 61 -71.09 3.64 -59.32
N GLN D 62 -71.81 3.74 -58.20
CA GLN D 62 -72.54 2.58 -57.64
C GLN D 62 -73.60 2.09 -58.65
N LYS D 63 -74.25 3.02 -59.36
CA LYS D 63 -75.33 2.65 -60.31
C LYS D 63 -74.76 1.74 -61.41
N PHE D 64 -73.54 2.03 -61.87
CA PHE D 64 -72.91 1.22 -62.95
C PHE D 64 -71.54 0.75 -62.47
N GLN D 65 -71.51 -0.24 -61.57
CA GLN D 65 -70.23 -0.73 -61.02
C GLN D 65 -70.01 -2.18 -61.43
N GLY D 66 -68.87 -2.48 -62.06
CA GLY D 66 -68.54 -3.87 -62.44
C GLY D 66 -69.08 -4.24 -63.81
N ARG D 67 -69.93 -3.39 -64.40
CA ARG D 67 -70.42 -3.65 -65.78
C ARG D 67 -69.51 -2.89 -66.75
N ILE D 68 -68.66 -2.01 -66.22
CA ILE D 68 -67.76 -1.19 -67.08
C ILE D 68 -66.30 -1.43 -66.66
N THR D 69 -65.42 -1.70 -67.63
CA THR D 69 -63.98 -1.84 -67.30
C THR D 69 -63.27 -0.60 -67.86
N ILE D 70 -62.59 0.16 -67.01
CA ILE D 70 -61.96 1.44 -67.48
C ILE D 70 -60.44 1.31 -67.35
N THR D 71 -59.72 1.52 -68.45
CA THR D 71 -58.23 1.44 -68.45
C THR D 71 -57.63 2.74 -68.98
N ALA D 72 -56.70 3.35 -68.24
CA ALA D 72 -56.02 4.57 -68.72
C ALA D 72 -54.50 4.37 -68.63
N ASP D 73 -53.78 4.64 -69.73
CA ASP D 73 -52.30 4.45 -69.73
C ASP D 73 -51.60 5.75 -70.12
N LYS D 74 -50.60 6.17 -69.34
CA LYS D 74 -49.82 7.39 -69.67
C LYS D 74 -49.07 7.18 -70.99
N SER D 75 -48.47 6.01 -71.17
CA SER D 75 -47.68 5.73 -72.40
C SER D 75 -48.60 5.77 -73.64
N THR D 76 -49.78 5.16 -73.52
CA THR D 76 -50.76 5.19 -74.64
C THR D 76 -51.21 6.64 -74.87
N SER D 77 -51.39 7.42 -73.79
CA SER D 77 -51.86 8.82 -73.88
C SER D 77 -53.34 8.83 -74.22
N THR D 78 -53.99 7.67 -74.11
CA THR D 78 -55.44 7.56 -74.42
C THR D 78 -56.16 6.90 -73.24
N ALA D 79 -57.30 7.45 -72.80
CA ALA D 79 -58.08 6.82 -71.73
C ALA D 79 -59.39 6.30 -72.34
N TYR D 80 -59.71 5.02 -72.15
CA TYR D 80 -60.92 4.45 -72.81
C TYR D 80 -61.80 3.71 -71.81
N MET D 81 -63.11 3.70 -72.04
CA MET D 81 -64.05 2.97 -71.16
C MET D 81 -64.71 1.84 -71.96
N ASP D 82 -64.72 0.62 -71.41
CA ASP D 82 -65.41 -0.50 -72.10
C ASP D 82 -66.67 -0.86 -71.31
N LEU D 83 -67.84 -0.80 -71.96
CA LEU D 83 -69.12 -1.08 -71.26
C LEU D 83 -69.73 -2.35 -71.86
N SER D 84 -70.03 -3.35 -71.02
CA SER D 84 -70.59 -4.64 -71.52
C SER D 84 -71.82 -5.02 -70.72
N GLY D 85 -72.82 -5.64 -71.37
CA GLY D 85 -74.04 -6.09 -70.66
C GLY D 85 -74.98 -4.93 -70.36
N LEU D 86 -74.74 -3.77 -70.97
CA LEU D 86 -75.59 -2.57 -70.70
C LEU D 86 -77.00 -2.80 -71.25
N THR D 87 -78.01 -2.29 -70.55
CA THR D 87 -79.42 -2.44 -70.99
C THR D 87 -79.74 -1.48 -72.14
N SER D 88 -80.84 -1.70 -72.85
CA SER D 88 -81.25 -0.79 -73.96
C SER D 88 -81.48 0.62 -73.42
N ASP D 89 -82.03 0.74 -72.20
CA ASP D 89 -82.32 2.07 -71.59
C ASP D 89 -81.01 2.83 -71.34
N ASP D 90 -79.88 2.13 -71.21
CA ASP D 90 -78.59 2.78 -70.87
C ASP D 90 -78.12 3.75 -71.97
N THR D 91 -78.65 3.65 -73.19
CA THR D 91 -78.11 4.50 -74.29
C THR D 91 -78.13 5.98 -73.88
N ALA D 92 -76.99 6.66 -74.02
CA ALA D 92 -76.91 8.10 -73.70
C ALA D 92 -75.62 8.68 -74.29
N VAL D 93 -75.51 10.00 -74.39
CA VAL D 93 -74.23 10.61 -74.85
C VAL D 93 -73.18 10.45 -73.73
N TYR D 94 -71.92 10.20 -74.10
CA TYR D 94 -70.84 9.99 -73.08
C TYR D 94 -69.78 11.08 -73.24
N TYR D 95 -69.34 11.67 -72.12
CA TYR D 95 -68.34 12.77 -72.16
C TYR D 95 -67.13 12.41 -71.30
N CYS D 96 -65.92 12.81 -71.73
CA CYS D 96 -64.72 12.60 -70.88
C CYS D 96 -64.25 13.96 -70.38
N ALA D 97 -64.06 14.12 -69.07
CA ALA D 97 -63.72 15.46 -68.52
C ALA D 97 -62.47 15.41 -67.65
N ARG D 98 -61.59 16.42 -67.77
CA ARG D 98 -60.34 16.47 -66.98
C ARG D 98 -60.66 16.72 -65.50
N GLU D 99 -59.91 16.11 -64.58
CA GLU D 99 -60.14 16.29 -63.12
C GLU D 99 -58.88 16.89 -62.46
N GLY D 100 -59.04 17.98 -61.70
CA GLY D 100 -57.90 18.54 -60.96
C GLY D 100 -57.39 17.57 -59.90
N GLY D 101 -58.30 16.93 -59.17
CA GLY D 101 -57.91 15.93 -58.14
C GLY D 101 -59.09 15.51 -57.29
N SER D 102 -58.88 14.66 -56.28
CA SER D 102 -59.98 14.31 -55.35
C SER D 102 -60.40 15.58 -54.57
N GLY D 103 -59.44 16.42 -54.20
CA GLY D 103 -59.75 17.67 -53.49
C GLY D 103 -60.33 18.71 -54.44
N TYR D 104 -60.22 18.47 -55.76
CA TYR D 104 -60.71 19.46 -56.76
C TYR D 104 -61.56 18.75 -57.81
N ASP D 105 -62.78 18.34 -57.44
CA ASP D 105 -63.63 17.59 -58.39
C ASP D 105 -64.42 18.56 -59.27
N PHE D 106 -63.72 19.40 -60.05
CA PHE D 106 -64.40 20.30 -61.01
C PHE D 106 -63.75 20.10 -62.38
N PHE D 107 -64.55 20.05 -63.44
CA PHE D 107 -63.97 19.71 -64.76
C PHE D 107 -63.77 21.00 -65.58
N ASP D 108 -62.51 21.42 -65.75
CA ASP D 108 -62.21 22.66 -66.52
C ASP D 108 -62.58 22.45 -67.99
N TYR D 109 -62.29 21.27 -68.54
CA TYR D 109 -62.55 21.02 -69.98
C TYR D 109 -63.35 19.74 -70.16
N TRP D 110 -64.18 19.67 -71.21
CA TRP D 110 -65.03 18.49 -71.46
C TRP D 110 -64.79 17.98 -72.88
N GLY D 111 -64.91 16.66 -73.10
CA GLY D 111 -64.74 16.08 -74.45
C GLY D 111 -65.93 16.41 -75.34
N GLN D 112 -65.75 16.32 -76.67
CA GLN D 112 -66.85 16.64 -77.62
C GLN D 112 -68.02 15.69 -77.35
N GLY D 113 -67.73 14.42 -77.04
CA GLY D 113 -68.80 13.48 -76.66
C GLY D 113 -69.05 12.41 -77.70
N THR D 114 -69.51 11.23 -77.27
CA THR D 114 -69.84 10.12 -78.20
C THR D 114 -71.28 9.68 -77.91
N LEU D 115 -72.11 9.59 -78.94
CA LEU D 115 -73.50 9.09 -78.72
C LEU D 115 -73.54 7.60 -79.06
N VAL D 116 -73.85 6.75 -78.07
CA VAL D 116 -73.97 5.29 -78.33
C VAL D 116 -75.45 4.92 -78.16
N THR D 117 -76.05 4.30 -79.18
CA THR D 117 -77.45 3.86 -79.10
C THR D 117 -77.49 2.34 -79.08
N VAL D 118 -78.11 1.75 -78.05
CA VAL D 118 -78.23 0.26 -78.01
C VAL D 118 -79.65 -0.15 -78.42
N SER D 119 -79.80 -0.67 -79.65
CA SER D 119 -81.12 -1.15 -80.13
C SER D 119 -80.91 -2.39 -81.02
N SER D 120 -81.84 -3.34 -80.98
CA SER D 120 -81.75 -4.52 -81.89
C SER D 120 -82.44 -4.21 -83.23
N ALA D 121 -81.89 -3.29 -84.01
CA ALA D 121 -82.47 -2.95 -85.33
C ALA D 121 -81.35 -2.69 -86.34
N SER D 122 -81.59 -3.00 -87.62
CA SER D 122 -80.57 -2.80 -88.68
C SER D 122 -80.35 -1.29 -88.92
N THR D 123 -79.10 -0.88 -89.13
CA THR D 123 -78.80 0.54 -89.45
C THR D 123 -79.31 0.86 -90.87
N LYS D 124 -79.78 2.09 -91.09
CA LYS D 124 -80.31 2.47 -92.43
C LYS D 124 -79.43 3.59 -93.01
N GLY D 125 -79.01 3.44 -94.26
CA GLY D 125 -78.18 4.48 -94.92
C GLY D 125 -78.96 5.78 -95.10
N PRO D 126 -78.36 6.98 -94.89
CA PRO D 126 -79.13 8.22 -94.98
C PRO D 126 -79.45 8.61 -96.43
N SER D 127 -80.63 9.20 -96.66
CA SER D 127 -81.01 9.64 -98.03
C SER D 127 -81.17 11.16 -98.02
N VAL D 128 -80.52 11.87 -98.95
CA VAL D 128 -80.58 13.37 -98.91
C VAL D 128 -81.75 13.84 -99.78
N PHE D 129 -82.71 14.56 -99.19
CA PHE D 129 -83.88 15.06 -99.95
C PHE D 129 -83.45 16.19 -100.89
N PRO D 130 -84.14 16.41 -102.03
CA PRO D 130 -83.74 17.44 -102.99
C PRO D 130 -83.85 18.84 -102.37
N LEU D 131 -82.94 19.73 -102.78
CA LEU D 131 -82.93 21.10 -102.21
C LEU D 131 -84.26 21.80 -102.53
N ALA D 132 -84.78 21.60 -103.74
CA ALA D 132 -86.11 22.14 -104.08
C ALA D 132 -86.21 23.62 -103.71
N PRO D 133 -85.34 24.52 -104.23
CA PRO D 133 -85.34 25.93 -103.80
C PRO D 133 -86.72 26.56 -103.98
N SER D 134 -87.15 27.39 -103.02
CA SER D 134 -88.53 27.94 -103.08
C SER D 134 -88.75 28.72 -104.37
N SER D 135 -89.89 28.52 -105.03
CA SER D 135 -90.22 29.25 -106.28
C SER D 135 -90.32 30.74 -105.96
N LYS D 136 -90.92 31.08 -104.81
CA LYS D 136 -91.02 32.51 -104.39
C LYS D 136 -89.76 32.84 -103.58
N SER D 137 -88.97 33.82 -104.04
CA SER D 137 -87.71 34.17 -103.36
C SER D 137 -87.52 35.69 -103.36
N THR D 138 -86.71 36.21 -102.43
CA THR D 138 -86.43 37.67 -102.38
C THR D 138 -85.68 38.07 -103.66
N SER D 139 -85.91 39.28 -104.17
CA SER D 139 -85.29 39.68 -105.46
C SER D 139 -83.86 40.16 -105.23
N GLY D 140 -82.95 39.21 -104.98
CA GLY D 140 -81.52 39.54 -104.76
C GLY D 140 -81.20 39.77 -103.30
N GLY D 141 -82.23 39.90 -102.45
CA GLY D 141 -81.96 40.01 -100.99
C GLY D 141 -81.41 38.72 -100.43
N THR D 142 -82.04 37.58 -100.78
CA THR D 142 -81.55 36.25 -100.33
C THR D 142 -82.22 35.13 -101.14
N ALA D 143 -81.64 33.92 -101.14
CA ALA D 143 -82.27 32.77 -101.80
C ALA D 143 -82.24 31.58 -100.83
N ALA D 144 -83.35 30.88 -100.65
CA ALA D 144 -83.38 29.78 -99.64
C ALA D 144 -83.33 28.42 -100.33
N LEU D 145 -82.24 27.67 -100.13
CA LEU D 145 -82.14 26.29 -100.68
C LEU D 145 -81.64 25.36 -99.57
N GLY D 146 -82.32 24.25 -99.32
CA GLY D 146 -81.91 23.37 -98.22
C GLY D 146 -81.90 21.89 -98.57
N CYS D 147 -80.80 21.18 -98.29
CA CYS D 147 -80.79 19.71 -98.50
C CYS D 147 -80.98 19.05 -97.14
N LEU D 148 -82.02 18.22 -96.99
CA LEU D 148 -82.33 17.64 -95.65
C LEU D 148 -82.05 16.14 -95.66
N VAL D 149 -81.19 15.67 -94.75
CA VAL D 149 -80.90 14.21 -94.64
C VAL D 149 -82.16 13.53 -94.10
N LYS D 150 -82.57 12.41 -94.70
CA LYS D 150 -83.85 11.75 -94.28
C LYS D 150 -83.68 10.24 -94.20
N ASP D 151 -84.56 9.55 -93.47
CA ASP D 151 -84.54 8.06 -93.41
C ASP D 151 -83.20 7.53 -92.92
N TYR D 152 -82.61 8.13 -91.87
CA TYR D 152 -81.37 7.56 -91.29
C TYR D 152 -81.69 6.96 -89.92
N PHE D 153 -81.44 5.65 -89.76
CA PHE D 153 -81.70 4.97 -88.45
C PHE D 153 -80.79 5.48 -87.32
N PRO D 154 -79.46 5.65 -87.48
CA PRO D 154 -78.59 6.02 -86.36
C PRO D 154 -78.14 7.49 -86.25
N GLU D 155 -78.45 8.12 -85.11
CA GLU D 155 -78.04 9.53 -84.87
C GLU D 155 -76.53 9.58 -84.58
N PRO D 156 -75.83 10.71 -84.79
CA PRO D 156 -76.31 11.82 -85.62
C PRO D 156 -75.55 12.09 -86.94
N VAL D 157 -76.28 12.16 -88.05
CA VAL D 157 -75.63 12.52 -89.36
C VAL D 157 -75.24 14.00 -89.29
N THR D 158 -74.09 14.37 -89.86
CA THR D 158 -73.69 15.80 -89.90
C THR D 158 -73.70 16.30 -91.35
N VAL D 159 -74.40 17.40 -91.61
CA VAL D 159 -74.49 17.95 -93.00
C VAL D 159 -73.83 19.33 -93.03
N SER D 160 -72.86 19.52 -93.93
CA SER D 160 -72.17 20.85 -94.07
CA SER D 160 -72.17 20.85 -94.07
C SER D 160 -72.10 21.57 -95.45
N TRP D 161 -72.51 22.84 -95.40
CA TRP D 161 -72.50 23.61 -96.68
C TRP D 161 -71.07 23.94 -97.09
N ASN D 162 -70.71 23.66 -98.34
CA ASN D 162 -69.34 23.93 -98.86
C ASN D 162 -68.31 23.20 -97.98
N SER D 163 -68.64 22.00 -97.51
CA SER D 163 -67.73 21.22 -96.63
C SER D 163 -67.39 22.02 -95.37
N GLY D 164 -68.36 22.78 -94.85
CA GLY D 164 -68.15 23.57 -93.61
C GLY D 164 -67.49 24.91 -93.86
N ALA D 165 -67.17 25.24 -95.12
CA ALA D 165 -66.61 26.57 -95.44
C ALA D 165 -67.65 27.66 -95.14
N LEU D 166 -68.92 27.39 -95.47
CA LEU D 166 -69.99 28.41 -95.26
C LEU D 166 -70.65 28.16 -93.90
N THR D 167 -70.39 29.04 -92.94
CA THR D 167 -70.99 28.92 -91.58
C THR D 167 -72.03 30.04 -91.39
N SER D 168 -72.37 30.75 -92.45
CA SER D 168 -73.29 31.92 -92.32
C SER D 168 -74.61 31.66 -93.06
N GLY D 169 -75.74 31.93 -92.40
CA GLY D 169 -77.06 31.76 -93.04
C GLY D 169 -77.55 30.32 -93.00
N VAL D 170 -76.84 29.45 -92.27
CA VAL D 170 -77.22 28.00 -92.23
C VAL D 170 -78.06 27.74 -90.98
N HIS D 171 -79.22 27.12 -91.15
CA HIS D 171 -80.09 26.77 -89.99
C HIS D 171 -80.19 25.26 -89.88
N THR D 172 -79.84 24.70 -88.73
CA THR D 172 -79.90 23.22 -88.52
C THR D 172 -80.98 22.92 -87.46
N PHE D 173 -81.89 22.00 -87.76
CA PHE D 173 -83.02 21.70 -86.84
C PHE D 173 -82.82 20.31 -86.26
N PRO D 174 -82.97 20.12 -84.92
CA PRO D 174 -82.72 18.81 -84.29
C PRO D 174 -83.68 17.73 -84.81
N ALA D 175 -83.20 16.49 -84.92
CA ALA D 175 -84.04 15.41 -85.48
C ALA D 175 -85.29 15.22 -84.61
N VAL D 176 -86.45 15.09 -85.26
CA VAL D 176 -87.73 14.88 -84.51
C VAL D 176 -88.30 13.52 -84.93
N LEU D 177 -88.67 12.68 -83.96
CA LEU D 177 -89.15 11.32 -84.30
C LEU D 177 -90.49 11.42 -85.04
N GLN D 178 -90.61 10.73 -86.18
CA GLN D 178 -91.90 10.68 -86.92
C GLN D 178 -92.67 9.43 -86.48
N SER D 179 -93.81 9.14 -87.10
CA SER D 179 -94.56 7.90 -86.78
C SER D 179 -93.67 6.69 -87.10
N SER D 180 -92.92 6.75 -88.21
CA SER D 180 -91.98 5.66 -88.57
C SER D 180 -90.80 5.64 -87.59
N GLY D 181 -90.20 4.48 -87.38
CA GLY D 181 -89.05 4.36 -86.46
C GLY D 181 -87.87 5.19 -86.95
N LEU D 182 -87.64 5.22 -88.26
CA LEU D 182 -86.54 6.05 -88.83
C LEU D 182 -86.85 7.52 -88.56
N TYR D 183 -85.83 8.33 -88.28
CA TYR D 183 -86.03 9.77 -87.96
C TYR D 183 -85.12 10.61 -88.86
N SER D 184 -85.47 11.88 -89.08
CA SER D 184 -84.69 12.74 -90.01
C SER D 184 -84.43 14.11 -89.38
N LEU D 185 -83.37 14.79 -89.80
CA LEU D 185 -83.09 16.17 -89.31
C LEU D 185 -83.07 17.13 -90.49
N SER D 186 -83.32 18.42 -90.24
CA SER D 186 -83.33 19.44 -91.33
CA SER D 186 -83.31 19.43 -91.33
C SER D 186 -82.24 20.56 -91.45
N SER D 187 -81.69 20.62 -92.67
CA SER D 187 -80.63 21.65 -92.89
C SER D 187 -81.02 22.58 -94.05
N VAL D 188 -80.95 23.89 -93.84
CA VAL D 188 -81.25 24.87 -94.92
C VAL D 188 -80.19 25.98 -94.88
N VAL D 189 -79.89 26.61 -96.02
CA VAL D 189 -78.92 27.75 -96.04
C VAL D 189 -79.54 28.91 -96.82
N THR D 190 -79.15 30.15 -96.48
CA THR D 190 -79.64 31.32 -97.25
C THR D 190 -78.43 31.97 -97.95
N VAL D 191 -78.51 32.16 -99.27
CA VAL D 191 -77.39 32.77 -100.04
C VAL D 191 -77.88 34.09 -100.64
N PRO D 192 -77.12 35.21 -100.56
CA PRO D 192 -77.61 36.50 -101.03
C PRO D 192 -77.93 36.48 -102.53
N SER D 193 -77.09 35.84 -103.34
CA SER D 193 -77.36 35.74 -104.80
C SER D 193 -78.63 34.90 -105.02
N SER D 194 -79.54 35.38 -105.87
CA SER D 194 -80.79 34.63 -106.18
C SER D 194 -80.44 33.32 -106.91
N SER D 195 -79.43 33.35 -107.79
CA SER D 195 -78.99 32.11 -108.49
C SER D 195 -77.50 31.89 -108.22
N LEU D 196 -77.00 30.66 -108.46
CA LEU D 196 -75.56 30.31 -108.26
C LEU D 196 -75.23 30.21 -106.77
N GLY D 197 -75.45 31.28 -106.00
CA GLY D 197 -75.11 31.29 -104.56
C GLY D 197 -73.65 31.67 -104.34
N THR D 198 -73.21 31.67 -103.08
CA THR D 198 -71.81 32.06 -102.76
C THR D 198 -70.84 31.06 -103.41
N GLN D 199 -71.14 29.76 -103.34
CA GLN D 199 -70.30 28.74 -104.00
C GLN D 199 -71.19 27.73 -104.74
N THR D 200 -70.79 27.30 -105.94
CA THR D 200 -71.56 26.29 -106.69
C THR D 200 -71.56 24.96 -105.92
N TYR D 201 -70.41 24.59 -105.34
CA TYR D 201 -70.32 23.33 -104.56
C TYR D 201 -70.77 23.59 -103.12
N ILE D 202 -71.76 22.83 -102.64
CA ILE D 202 -72.31 23.01 -101.26
C ILE D 202 -72.96 21.69 -100.84
N CYS D 203 -73.54 21.63 -99.62
CA CYS D 203 -74.27 20.43 -99.16
C CYS D 203 -73.36 19.19 -99.08
N ASN D 204 -72.12 19.35 -98.64
CA ASN D 204 -71.27 18.14 -98.41
C ASN D 204 -71.93 17.35 -97.27
N VAL D 205 -72.08 16.03 -97.41
CA VAL D 205 -72.82 15.25 -96.37
C VAL D 205 -71.93 14.13 -95.82
N ASN D 206 -71.85 14.02 -94.48
CA ASN D 206 -71.07 12.93 -93.85
C ASN D 206 -71.96 12.21 -92.83
N HIS D 207 -72.01 10.88 -92.87
CA HIS D 207 -72.80 10.13 -91.85
C HIS D 207 -71.80 9.59 -90.81
N LYS D 208 -72.00 9.89 -89.53
CA LYS D 208 -70.99 9.49 -88.51
C LYS D 208 -70.85 7.97 -88.43
N PRO D 209 -71.92 7.14 -88.36
CA PRO D 209 -71.76 5.68 -88.38
C PRO D 209 -71.18 5.18 -89.72
N SER D 210 -71.66 5.73 -90.84
CA SER D 210 -71.17 5.31 -92.18
C SER D 210 -69.70 5.68 -92.36
N ASN D 211 -69.28 6.84 -91.84
CA ASN D 211 -67.89 7.33 -92.03
C ASN D 211 -67.64 7.55 -93.53
N THR D 212 -68.66 7.97 -94.26
CA THR D 212 -68.52 8.23 -95.72
C THR D 212 -68.79 9.71 -96.01
N LYS D 213 -67.89 10.38 -96.72
CA LYS D 213 -68.04 11.83 -97.01
C LYS D 213 -68.37 12.01 -98.50
N VAL D 214 -69.51 12.65 -98.81
CA VAL D 214 -69.93 12.82 -100.23
C VAL D 214 -70.09 14.32 -100.52
N ASP D 215 -69.49 14.81 -101.60
CA ASP D 215 -69.65 16.24 -101.98
C ASP D 215 -70.46 16.31 -103.29
N LYS D 216 -71.54 17.09 -103.29
CA LYS D 216 -72.41 17.19 -104.49
C LYS D 216 -72.48 18.66 -104.95
N ARG D 217 -72.24 18.93 -106.23
CA ARG D 217 -72.38 20.32 -106.74
C ARG D 217 -73.86 20.68 -106.71
N VAL D 218 -74.19 21.91 -106.29
CA VAL D 218 -75.63 22.29 -106.13
C VAL D 218 -75.96 23.47 -107.07
N GLU D 219 -77.03 23.34 -107.87
CA GLU D 219 -77.46 24.46 -108.74
C GLU D 219 -78.87 24.88 -108.30
N PRO D 220 -79.11 26.18 -107.99
CA PRO D 220 -80.45 26.65 -107.62
C PRO D 220 -81.43 26.52 -108.78
N LYS D 221 -82.67 26.09 -108.49
CA LYS D 221 -83.70 25.92 -109.55
C LYS D 221 -84.87 26.87 -109.28
N GLU E 1 -73.81 10.84 -52.50
CA GLU E 1 -75.02 11.15 -53.31
C GLU E 1 -75.94 12.07 -52.51
N ILE E 2 -76.11 13.31 -52.96
CA ILE E 2 -77.05 14.26 -52.28
C ILE E 2 -78.13 14.68 -53.27
N VAL E 3 -79.41 14.51 -52.91
CA VAL E 3 -80.51 15.01 -53.79
C VAL E 3 -80.52 16.53 -53.69
N LEU E 4 -80.61 17.24 -54.82
CA LEU E 4 -80.53 18.72 -54.78
C LEU E 4 -81.71 19.35 -55.52
N THR E 5 -82.37 20.34 -54.90
CA THR E 5 -83.48 21.06 -55.59
C THR E 5 -82.88 22.01 -56.63
N GLN E 6 -83.65 22.35 -57.66
CA GLN E 6 -83.12 23.23 -58.75
C GLN E 6 -84.16 24.30 -59.08
N SER E 7 -83.73 25.39 -59.74
CA SER E 7 -84.66 26.45 -60.17
C SER E 7 -85.60 25.88 -61.25
N PRO E 8 -86.81 26.46 -61.48
CA PRO E 8 -87.78 25.85 -62.41
C PRO E 8 -87.24 25.64 -63.83
N GLY E 9 -86.44 26.58 -64.34
CA GLY E 9 -85.84 26.37 -65.66
C GLY E 9 -86.11 27.50 -66.64
N THR E 10 -86.89 27.24 -67.70
CA THR E 10 -87.09 28.27 -68.75
C THR E 10 -87.72 29.53 -68.14
N LEU E 11 -87.12 30.70 -68.41
CA LEU E 11 -87.65 31.99 -67.90
C LEU E 11 -87.46 33.02 -69.01
N SER E 12 -88.33 34.04 -69.07
CA SER E 12 -88.14 35.13 -70.06
C SER E 12 -87.33 36.25 -69.41
N LEU E 13 -86.09 36.47 -69.86
CA LEU E 13 -85.22 37.47 -69.20
C LEU E 13 -84.77 38.52 -70.23
N SER E 14 -84.99 39.80 -69.93
CA SER E 14 -84.52 40.88 -70.83
C SER E 14 -83.00 41.05 -70.68
N PRO E 15 -82.26 41.49 -71.72
CA PRO E 15 -80.82 41.74 -71.59
C PRO E 15 -80.53 42.86 -70.58
N GLY E 16 -79.45 42.74 -69.81
CA GLY E 16 -79.07 43.77 -68.83
C GLY E 16 -79.81 43.60 -67.50
N GLU E 17 -80.52 42.48 -67.33
CA GLU E 17 -81.24 42.22 -66.06
C GLU E 17 -80.54 41.08 -65.31
N ARG E 18 -80.29 41.26 -64.01
CA ARG E 18 -79.57 40.22 -63.22
C ARG E 18 -80.41 38.94 -63.18
N ALA E 19 -79.76 37.78 -63.30
CA ALA E 19 -80.48 36.48 -63.28
C ALA E 19 -79.98 35.64 -62.10
N THR E 20 -80.90 35.11 -61.30
CA THR E 20 -80.50 34.32 -60.09
C THR E 20 -80.97 32.86 -60.25
N LEU E 21 -80.07 31.90 -60.01
CA LEU E 21 -80.42 30.46 -60.13
C LEU E 21 -80.30 29.82 -58.75
N SER E 22 -81.32 29.06 -58.32
CA SER E 22 -81.31 28.49 -56.95
C SER E 22 -80.85 27.03 -56.96
N CYS E 23 -79.90 26.67 -56.07
CA CYS E 23 -79.41 25.28 -55.99
C CYS E 23 -79.44 24.82 -54.53
N ARG E 24 -80.64 24.61 -53.98
CA ARG E 24 -80.77 24.13 -52.58
C ARG E 24 -80.36 22.65 -52.50
N ALA E 25 -79.79 22.23 -51.36
CA ALA E 25 -79.41 20.81 -51.17
C ALA E 25 -80.26 20.21 -50.05
N SER E 26 -80.93 19.08 -50.31
CA SER E 26 -81.73 18.40 -49.26
C SER E 26 -80.81 17.91 -48.14
N GLN E 27 -79.63 17.40 -48.50
CA GLN E 27 -78.66 16.90 -47.49
C GLN E 27 -77.52 17.92 -47.36
N SER E 28 -77.00 18.13 -46.14
CA SER E 28 -75.96 19.16 -45.93
C SER E 28 -74.72 18.86 -46.77
N VAL E 29 -74.12 19.89 -47.37
CA VAL E 29 -72.93 19.71 -48.25
C VAL E 29 -71.87 20.73 -47.82
N SER E 30 -70.63 20.58 -48.30
CA SER E 30 -69.53 21.48 -47.86
C SER E 30 -69.87 22.93 -48.22
N SER E 31 -69.46 23.88 -47.38
CA SER E 31 -69.85 25.31 -47.59
C SER E 31 -69.36 25.83 -48.94
N SER E 32 -68.16 25.44 -49.37
CA SER E 32 -67.69 25.87 -50.71
C SER E 32 -67.20 24.67 -51.53
N TYR E 33 -68.11 23.76 -51.90
CA TYR E 33 -67.74 22.62 -52.78
C TYR E 33 -68.81 22.45 -53.86
N LEU E 34 -68.97 23.45 -54.73
CA LEU E 34 -70.02 23.38 -55.78
C LEU E 34 -69.48 23.89 -57.12
N ALA E 35 -69.75 23.17 -58.20
CA ALA E 35 -69.24 23.57 -59.54
C ALA E 35 -70.39 23.93 -60.46
N TRP E 36 -70.32 25.08 -61.12
CA TRP E 36 -71.40 25.51 -62.07
C TRP E 36 -70.97 25.18 -63.50
N TYR E 37 -71.83 24.48 -64.25
CA TYR E 37 -71.50 24.11 -65.65
C TYR E 37 -72.52 24.74 -66.60
N GLN E 38 -72.06 25.44 -67.63
CA GLN E 38 -72.97 26.06 -68.63
C GLN E 38 -72.79 25.32 -69.96
N GLN E 39 -73.88 24.80 -70.54
CA GLN E 39 -73.76 24.15 -71.88
C GLN E 39 -74.60 24.91 -72.90
N ARG E 40 -73.98 25.34 -74.00
CA ARG E 40 -74.74 25.99 -75.10
C ARG E 40 -75.50 24.89 -75.85
N PRO E 41 -76.57 25.17 -76.62
CA PRO E 41 -77.29 24.09 -77.29
C PRO E 41 -76.31 23.33 -78.19
N GLY E 42 -76.32 22.00 -78.12
CA GLY E 42 -75.37 21.19 -78.91
C GLY E 42 -73.91 21.51 -78.59
N GLN E 43 -73.61 21.81 -77.32
CA GLN E 43 -72.21 22.09 -76.90
C GLN E 43 -71.93 21.41 -75.55
N ALA E 44 -70.68 21.00 -75.32
CA ALA E 44 -70.31 20.36 -74.04
C ALA E 44 -70.35 21.38 -72.90
N PRO E 45 -70.73 20.98 -71.66
CA PRO E 45 -70.75 21.90 -70.52
C PRO E 45 -69.36 22.46 -70.19
N ARG E 46 -69.28 23.73 -69.82
CA ARG E 46 -67.98 24.34 -69.43
C ARG E 46 -68.07 24.89 -68.00
N LEU E 47 -67.07 24.62 -67.16
CA LEU E 47 -67.09 25.08 -65.75
C LEU E 47 -67.09 26.60 -65.71
N LEU E 48 -67.97 27.22 -64.92
CA LEU E 48 -67.97 28.69 -64.76
C LEU E 48 -67.37 29.07 -63.41
N ILE E 49 -67.85 28.44 -62.33
CA ILE E 49 -67.37 28.78 -60.95
C ILE E 49 -66.92 27.49 -60.28
N TYR E 50 -65.73 27.49 -59.66
CA TYR E 50 -65.28 26.29 -58.91
C TYR E 50 -65.36 26.56 -57.41
N GLY E 51 -66.08 25.70 -56.67
CA GLY E 51 -66.26 25.90 -55.22
C GLY E 51 -67.33 26.95 -54.95
N ALA E 52 -67.99 27.44 -56.00
CA ALA E 52 -69.02 28.50 -55.87
C ALA E 52 -68.41 29.73 -55.20
N SER E 53 -67.12 29.97 -55.44
CA SER E 53 -66.41 31.12 -54.81
C SER E 53 -65.73 31.99 -55.87
N SER E 54 -64.97 31.39 -56.78
CA SER E 54 -64.21 32.18 -57.78
C SER E 54 -64.45 31.67 -59.19
N ARG E 55 -64.50 32.58 -60.17
CA ARG E 55 -64.74 32.21 -61.59
C ARG E 55 -63.55 31.41 -62.12
N ALA E 56 -63.81 30.44 -63.00
CA ALA E 56 -62.72 29.66 -63.63
C ALA E 56 -61.97 30.56 -64.62
N THR E 57 -60.73 30.20 -64.95
CA THR E 57 -59.94 30.98 -65.94
C THR E 57 -60.72 31.09 -67.26
N GLY E 58 -60.82 32.28 -67.83
CA GLY E 58 -61.52 32.47 -69.12
C GLY E 58 -63.03 32.59 -68.96
N ILE E 59 -63.51 32.74 -67.71
CA ILE E 59 -64.98 32.87 -67.45
C ILE E 59 -65.28 34.30 -67.01
N PRO E 60 -66.32 34.97 -67.57
CA PRO E 60 -66.60 36.38 -67.24
C PRO E 60 -66.89 36.63 -65.76
N ASP E 61 -66.44 37.76 -65.23
CA ASP E 61 -66.63 38.09 -63.79
C ASP E 61 -68.12 38.28 -63.46
N ARG E 62 -68.95 38.59 -64.44
CA ARG E 62 -70.38 38.88 -64.16
C ARG E 62 -71.02 37.65 -63.50
N PHE E 63 -70.71 36.43 -63.97
CA PHE E 63 -71.21 35.22 -63.29
C PHE E 63 -70.56 35.15 -61.91
N SER E 64 -71.36 34.93 -60.85
CA SER E 64 -70.80 34.91 -59.48
C SER E 64 -71.48 33.81 -58.66
N GLY E 65 -70.74 33.20 -57.72
CA GLY E 65 -71.30 32.14 -56.86
C GLY E 65 -71.53 32.65 -55.46
N SER E 66 -72.75 32.50 -54.94
CA SER E 66 -73.10 33.01 -53.58
C SER E 66 -73.89 31.96 -52.82
N GLY E 67 -73.89 32.04 -51.48
CA GLY E 67 -74.61 31.06 -50.64
C GLY E 67 -73.69 29.93 -50.20
N SER E 68 -74.04 29.24 -49.10
CA SER E 68 -73.14 28.18 -48.56
C SER E 68 -73.92 27.11 -47.81
N GLY E 69 -73.34 25.92 -47.65
CA GLY E 69 -73.96 24.84 -46.86
C GLY E 69 -75.13 24.15 -47.54
N THR E 70 -76.22 24.89 -47.83
CA THR E 70 -77.43 24.24 -48.41
C THR E 70 -77.84 24.93 -49.71
N ASP E 71 -78.04 26.26 -49.68
CA ASP E 71 -78.55 26.96 -50.88
C ASP E 71 -77.40 27.67 -51.60
N PHE E 72 -77.25 27.42 -52.91
CA PHE E 72 -76.20 28.10 -53.70
C PHE E 72 -76.87 28.89 -54.83
N THR E 73 -76.52 30.17 -54.98
CA THR E 73 -77.19 31.01 -56.00
C THR E 73 -76.17 31.53 -57.01
N LEU E 74 -76.47 31.38 -58.31
CA LEU E 74 -75.57 31.94 -59.35
C LEU E 74 -76.21 33.24 -59.86
N THR E 75 -75.49 34.36 -59.70
CA THR E 75 -76.06 35.68 -60.11
C THR E 75 -75.19 36.26 -61.23
N ILE E 76 -75.82 36.71 -62.31
CA ILE E 76 -75.07 37.27 -63.48
C ILE E 76 -75.30 38.79 -63.50
N GLY E 77 -74.22 39.58 -63.49
CA GLY E 77 -74.36 41.05 -63.44
C GLY E 77 -75.07 41.60 -64.67
N ARG E 78 -74.75 41.07 -65.85
CA ARG E 78 -75.39 41.53 -67.11
C ARG E 78 -75.86 40.29 -67.88
N LEU E 79 -76.97 40.42 -68.62
CA LEU E 79 -77.50 39.28 -69.41
C LEU E 79 -77.31 39.55 -70.90
N GLU E 80 -76.82 38.56 -71.65
CA GLU E 80 -76.58 38.72 -73.11
C GLU E 80 -77.24 37.53 -73.84
N PRO E 81 -77.43 37.57 -75.18
CA PRO E 81 -77.95 36.41 -75.90
C PRO E 81 -77.00 35.23 -75.75
N GLU E 82 -75.69 35.48 -75.75
CA GLU E 82 -74.67 34.42 -75.55
C GLU E 82 -74.85 33.79 -74.16
N ASP E 83 -75.22 34.59 -73.17
CA ASP E 83 -75.37 34.08 -71.78
C ASP E 83 -76.44 32.98 -71.73
N SER E 84 -77.52 33.10 -72.50
CA SER E 84 -78.62 32.10 -72.38
C SER E 84 -78.07 30.69 -72.64
N ALA E 85 -78.36 29.75 -71.72
CA ALA E 85 -77.84 28.36 -71.83
C ALA E 85 -78.45 27.51 -70.71
N VAL E 86 -78.09 26.23 -70.64
CA VAL E 86 -78.57 25.36 -69.52
C VAL E 86 -77.48 25.34 -68.44
N TYR E 87 -77.86 25.60 -67.17
CA TYR E 87 -76.84 25.70 -66.09
C TYR E 87 -77.02 24.58 -65.07
N TYR E 88 -75.95 23.86 -64.74
CA TYR E 88 -76.02 22.72 -63.79
C TYR E 88 -75.12 23.00 -62.58
N CYS E 89 -75.63 22.81 -61.36
CA CYS E 89 -74.76 22.96 -60.16
C CYS E 89 -74.39 21.58 -59.63
N GLN E 90 -73.09 21.27 -59.59
CA GLN E 90 -72.64 19.92 -59.17
C GLN E 90 -72.06 20.01 -57.75
N GLN E 91 -72.58 19.19 -56.83
CA GLN E 91 -72.04 19.18 -55.45
C GLN E 91 -71.05 18.02 -55.33
N TYR E 92 -69.77 18.33 -55.13
CA TYR E 92 -68.73 17.27 -55.07
C TYR E 92 -68.33 16.99 -53.62
N GLY E 93 -69.06 17.58 -52.66
CA GLY E 93 -68.80 17.31 -51.23
C GLY E 93 -69.04 15.85 -50.90
N SER E 94 -70.09 15.26 -51.47
CA SER E 94 -70.42 13.83 -51.21
C SER E 94 -70.24 13.01 -52.50
N SER E 95 -69.59 11.85 -52.40
CA SER E 95 -69.35 10.98 -53.58
C SER E 95 -70.29 9.77 -53.51
N PRO E 96 -71.00 9.38 -54.61
CA PRO E 96 -70.83 9.99 -55.94
C PRO E 96 -71.34 11.44 -56.06
N TRP E 97 -70.59 12.28 -56.77
CA TRP E 97 -70.99 13.71 -56.92
C TRP E 97 -72.25 13.79 -57.76
N THR E 98 -73.17 14.69 -57.40
CA THR E 98 -74.48 14.77 -58.13
C THR E 98 -74.56 16.08 -58.90
N PHE E 99 -74.76 15.99 -60.23
CA PHE E 99 -74.92 17.22 -61.06
C PHE E 99 -76.32 17.79 -60.84
N GLY E 100 -76.50 19.09 -61.13
CA GLY E 100 -77.82 19.73 -60.98
C GLY E 100 -78.79 19.25 -62.04
N GLN E 101 -80.10 19.37 -61.77
CA GLN E 101 -81.12 19.00 -62.79
C GLN E 101 -80.91 19.92 -63.99
N GLY E 102 -80.57 21.20 -63.74
CA GLY E 102 -80.28 22.15 -64.82
C GLY E 102 -81.41 23.14 -65.03
N THR E 103 -81.06 24.37 -65.45
CA THR E 103 -82.07 25.44 -65.66
C THR E 103 -81.81 26.11 -67.02
N LYS E 104 -82.67 25.85 -68.00
CA LYS E 104 -82.53 26.52 -69.33
C LYS E 104 -82.75 28.02 -69.14
N VAL E 105 -81.94 28.85 -69.81
CA VAL E 105 -82.13 30.34 -69.73
C VAL E 105 -82.49 30.83 -71.13
N GLU E 106 -83.55 31.64 -71.25
CA GLU E 106 -83.98 32.16 -72.57
C GLU E 106 -83.87 33.69 -72.56
N ILE E 107 -83.20 34.26 -73.57
CA ILE E 107 -83.13 35.75 -73.68
C ILE E 107 -83.88 36.15 -74.94
N LYS E 108 -84.88 37.02 -74.83
CA LYS E 108 -85.58 37.51 -76.05
C LYS E 108 -85.25 39.00 -76.21
N ARG E 109 -84.39 39.34 -77.17
CA ARG E 109 -84.04 40.76 -77.42
C ARG E 109 -85.28 41.49 -77.93
N THR E 110 -86.00 40.89 -78.89
CA THR E 110 -87.24 41.50 -79.45
C THR E 110 -88.09 40.41 -80.10
N VAL E 111 -89.39 40.66 -80.30
CA VAL E 111 -90.23 39.68 -81.05
C VAL E 111 -89.78 39.69 -82.51
N ALA E 112 -89.68 38.52 -83.14
CA ALA E 112 -89.19 38.46 -84.54
C ALA E 112 -90.31 38.00 -85.47
N ALA E 113 -90.59 38.78 -86.52
CA ALA E 113 -91.65 38.41 -87.49
C ALA E 113 -91.20 37.16 -88.27
N PRO E 114 -92.07 36.14 -88.44
CA PRO E 114 -91.68 34.91 -89.13
C PRO E 114 -91.50 35.09 -90.65
N SER E 115 -90.50 34.42 -91.23
CA SER E 115 -90.35 34.45 -92.70
C SER E 115 -90.76 33.07 -93.22
N VAL E 116 -91.75 32.99 -94.11
CA VAL E 116 -92.26 31.65 -94.51
C VAL E 116 -91.81 31.31 -95.94
N PHE E 117 -91.17 30.14 -96.11
CA PHE E 117 -90.73 29.68 -97.45
C PHE E 117 -91.37 28.32 -97.72
N ILE E 118 -91.94 28.12 -98.91
CA ILE E 118 -92.52 26.79 -99.27
C ILE E 118 -91.57 26.11 -100.25
N PHE E 119 -91.12 24.89 -99.92
CA PHE E 119 -90.23 24.15 -100.84
C PHE E 119 -91.08 23.12 -101.61
N PRO E 120 -91.28 23.32 -102.93
CA PRO E 120 -92.10 22.41 -103.74
C PRO E 120 -91.39 21.07 -103.95
N PRO E 121 -92.07 19.92 -103.90
CA PRO E 121 -91.40 18.62 -104.01
C PRO E 121 -90.69 18.47 -105.37
N SER E 122 -89.43 18.05 -105.38
CA SER E 122 -88.67 17.97 -106.64
C SER E 122 -89.05 16.72 -107.45
N ASP E 123 -88.77 16.74 -108.76
CA ASP E 123 -89.09 15.58 -109.64
C ASP E 123 -88.28 14.36 -109.21
N GLU E 124 -87.03 14.55 -108.78
CA GLU E 124 -86.15 13.41 -108.39
C GLU E 124 -86.79 12.69 -107.21
N GLN E 125 -87.33 13.44 -106.24
CA GLN E 125 -88.00 12.83 -105.07
C GLN E 125 -89.24 12.04 -105.54
N LEU E 126 -89.94 12.54 -106.56
CA LEU E 126 -91.09 11.78 -107.13
C LEU E 126 -90.56 10.47 -107.73
N LYS E 127 -89.46 10.53 -108.46
CA LYS E 127 -88.94 9.31 -109.15
C LYS E 127 -88.54 8.25 -108.10
N SER E 128 -87.86 8.66 -107.03
CA SER E 128 -87.44 7.70 -105.98
C SER E 128 -87.91 8.16 -104.60
N GLY E 129 -88.68 7.32 -103.89
CA GLY E 129 -89.18 7.67 -102.55
C GLY E 129 -90.46 8.50 -102.60
N THR E 130 -90.95 8.92 -101.43
CA THR E 130 -92.18 9.78 -101.38
C THR E 130 -91.75 11.25 -101.52
N ALA E 131 -92.39 12.00 -102.42
CA ALA E 131 -91.96 13.39 -102.67
C ALA E 131 -92.12 14.25 -101.41
N SER E 132 -93.27 14.15 -100.72
CA SER E 132 -93.52 14.90 -99.45
C SER E 132 -93.63 16.41 -99.73
N VAL E 133 -93.74 17.23 -98.68
CA VAL E 133 -93.75 18.71 -98.87
C VAL E 133 -92.97 19.36 -97.71
N VAL E 134 -92.31 20.50 -97.96
CA VAL E 134 -91.45 21.14 -96.91
C VAL E 134 -91.89 22.60 -96.71
N CYS E 135 -92.01 23.05 -95.46
CA CYS E 135 -92.34 24.48 -95.17
C CYS E 135 -91.30 25.03 -94.20
N LEU E 136 -90.90 26.29 -94.36
CA LEU E 136 -89.85 26.88 -93.49
C LEU E 136 -90.41 28.10 -92.75
N LEU E 137 -90.04 28.28 -91.49
CA LEU E 137 -90.49 29.46 -90.71
C LEU E 137 -89.24 30.10 -90.08
N ASN E 138 -88.40 30.73 -90.91
CA ASN E 138 -87.13 31.30 -90.42
C ASN E 138 -87.38 32.52 -89.52
N ASN E 139 -86.55 32.71 -88.48
CA ASN E 139 -86.64 33.91 -87.62
C ASN E 139 -88.03 34.08 -86.99
N PHE E 140 -88.65 32.99 -86.53
CA PHE E 140 -89.95 33.14 -85.81
C PHE E 140 -89.69 33.07 -84.31
N TYR E 141 -89.72 34.22 -83.63
CA TYR E 141 -89.49 34.27 -82.15
C TYR E 141 -90.70 34.91 -81.48
N PRO E 142 -91.32 34.30 -80.45
CA PRO E 142 -90.73 33.21 -79.65
C PRO E 142 -90.91 31.79 -80.21
N ARG E 143 -90.58 30.78 -79.40
CA ARG E 143 -90.67 29.36 -79.84
C ARG E 143 -92.11 29.00 -80.19
N GLU E 144 -93.10 29.70 -79.63
CA GLU E 144 -94.52 29.31 -79.85
C GLU E 144 -94.98 29.84 -81.21
N ALA E 145 -94.60 29.15 -82.29
CA ALA E 145 -95.06 29.51 -83.64
C ALA E 145 -95.84 28.32 -84.20
N LYS E 146 -97.06 28.54 -84.70
CA LYS E 146 -97.91 27.39 -85.13
C LYS E 146 -98.09 27.42 -86.65
N VAL E 147 -97.75 26.33 -87.34
CA VAL E 147 -97.96 26.25 -88.81
C VAL E 147 -98.91 25.08 -89.10
N GLN E 148 -99.96 25.32 -89.88
CA GLN E 148 -100.89 24.22 -90.27
C GLN E 148 -100.82 24.02 -91.78
N TRP E 149 -100.71 22.76 -92.23
CA TRP E 149 -100.59 22.48 -93.68
C TRP E 149 -101.96 22.56 -94.36
N LYS E 150 -101.99 23.05 -95.61
CA LYS E 150 -103.26 23.15 -96.38
C LYS E 150 -103.08 22.35 -97.68
N VAL E 151 -103.99 21.43 -97.99
CA VAL E 151 -103.83 20.58 -99.20
C VAL E 151 -104.94 20.91 -100.19
N ASP E 152 -104.58 21.29 -101.43
CA ASP E 152 -105.59 21.63 -102.47
C ASP E 152 -106.51 22.75 -101.94
N ASN E 153 -105.96 23.70 -101.20
CA ASN E 153 -106.77 24.82 -100.62
C ASN E 153 -107.90 24.24 -99.76
N ALA E 154 -107.64 23.15 -99.05
CA ALA E 154 -108.66 22.54 -98.16
C ALA E 154 -108.00 22.19 -96.83
N LEU E 155 -108.78 22.13 -95.75
CA LEU E 155 -108.19 21.89 -94.40
C LEU E 155 -107.47 20.54 -94.39
N GLN E 156 -106.27 20.49 -93.81
CA GLN E 156 -105.48 19.23 -93.75
C GLN E 156 -105.17 18.91 -92.29
N SER E 157 -105.33 17.64 -91.90
CA SER E 157 -105.07 17.22 -90.49
C SER E 157 -103.59 17.47 -90.16
N GLY E 158 -103.28 17.86 -88.93
CA GLY E 158 -101.89 18.20 -88.57
C GLY E 158 -101.08 16.97 -88.23
N ASN E 159 -100.82 16.12 -89.23
CA ASN E 159 -99.94 14.93 -89.02
C ASN E 159 -98.52 15.31 -89.40
N SER E 160 -98.32 16.56 -89.83
CA SER E 160 -96.98 17.04 -90.24
C SER E 160 -96.02 17.05 -89.04
N GLN E 161 -94.74 16.75 -89.28
CA GLN E 161 -93.73 16.75 -88.20
C GLN E 161 -92.96 18.07 -88.25
N GLU E 162 -92.91 18.80 -87.14
CA GLU E 162 -92.26 20.14 -87.15
C GLU E 162 -91.10 20.18 -86.15
N SER E 163 -89.93 20.70 -86.58
CA SER E 163 -88.77 20.83 -85.67
C SER E 163 -88.38 22.30 -85.54
N VAL E 164 -88.22 22.79 -84.30
CA VAL E 164 -87.82 24.21 -84.08
C VAL E 164 -86.40 24.24 -83.48
N THR E 165 -85.49 24.97 -84.12
CA THR E 165 -84.08 25.06 -83.64
C THR E 165 -83.99 25.93 -82.38
N GLU E 166 -82.98 25.70 -81.55
CA GLU E 166 -82.77 26.52 -80.32
C GLU E 166 -82.24 27.90 -80.72
N GLN E 167 -82.34 28.89 -79.83
CA GLN E 167 -81.92 30.28 -80.17
C GLN E 167 -80.41 30.30 -80.48
N ASP E 168 -80.03 31.08 -81.50
CA ASP E 168 -78.59 31.19 -81.89
C ASP E 168 -77.83 31.96 -80.80
N SER E 169 -76.52 31.74 -80.69
CA SER E 169 -75.73 32.40 -79.61
C SER E 169 -75.80 33.92 -79.74
N LYS E 170 -75.67 34.44 -80.97
CA LYS E 170 -75.74 35.91 -81.18
C LYS E 170 -77.15 36.32 -81.67
N ASP E 171 -77.71 35.59 -82.64
CA ASP E 171 -79.02 35.96 -83.22
C ASP E 171 -80.12 35.87 -82.15
N SER E 172 -80.05 34.86 -81.29
CA SER E 172 -81.09 34.66 -80.24
C SER E 172 -82.48 34.61 -80.90
N THR E 173 -82.61 33.86 -81.99
CA THR E 173 -83.91 33.75 -82.71
C THR E 173 -84.23 32.27 -82.96
N TYR E 174 -85.51 31.93 -83.11
CA TYR E 174 -85.91 30.51 -83.30
C TYR E 174 -86.40 30.31 -84.72
N SER E 175 -85.96 29.23 -85.37
CA SER E 175 -86.42 28.91 -86.75
C SER E 175 -87.15 27.58 -86.73
N LEU E 176 -88.28 27.46 -87.45
CA LEU E 176 -89.09 26.22 -87.43
C LEU E 176 -89.14 25.64 -88.85
N SER E 177 -89.12 24.31 -88.96
CA SER E 177 -89.17 23.64 -90.29
C SER E 177 -90.24 22.56 -90.31
N SER E 178 -91.51 22.95 -90.40
CA SER E 178 -92.62 21.95 -90.49
C SER E 178 -92.55 21.23 -91.84
N THR E 179 -92.64 19.90 -91.84
CA THR E 179 -92.66 19.15 -93.11
C THR E 179 -93.86 18.20 -93.13
N LEU E 180 -94.61 18.19 -94.23
CA LEU E 180 -95.77 17.26 -94.37
C LEU E 180 -95.32 16.05 -95.18
N THR E 181 -95.57 14.85 -94.66
CA THR E 181 -95.18 13.61 -95.39
C THR E 181 -96.37 13.17 -96.26
N LEU E 182 -96.21 13.21 -97.59
CA LEU E 182 -97.29 12.77 -98.51
C LEU E 182 -96.73 11.72 -99.46
N SER E 183 -97.46 10.62 -99.64
CA SER E 183 -97.00 9.52 -100.54
C SER E 183 -96.89 10.05 -101.97
N LYS E 184 -95.85 9.65 -102.70
CA LYS E 184 -95.66 10.09 -104.11
C LYS E 184 -96.85 9.61 -104.95
N ALA E 185 -97.33 8.39 -104.68
CA ALA E 185 -98.46 7.82 -105.44
C ALA E 185 -99.69 8.71 -105.23
N ASP E 186 -99.90 9.21 -104.02
CA ASP E 186 -101.06 10.11 -103.75
C ASP E 186 -100.71 11.55 -104.13
N TYR E 187 -100.52 11.81 -105.42
CA TYR E 187 -100.26 13.19 -105.91
C TYR E 187 -101.13 13.44 -107.14
N GLU E 188 -102.45 13.50 -106.97
CA GLU E 188 -103.35 13.65 -108.15
C GLU E 188 -104.28 14.86 -107.97
N LYS E 189 -105.29 14.73 -107.12
CA LYS E 189 -106.28 15.82 -106.94
C LYS E 189 -105.61 17.08 -106.39
N HIS E 190 -104.69 16.93 -105.43
CA HIS E 190 -104.06 18.11 -104.79
C HIS E 190 -103.18 18.84 -105.81
N LYS E 191 -103.36 20.15 -105.94
CA LYS E 191 -102.54 20.95 -106.88
C LYS E 191 -101.76 22.03 -106.11
N VAL E 192 -102.21 22.37 -104.90
CA VAL E 192 -101.55 23.47 -104.13
C VAL E 192 -101.22 22.99 -102.71
N TYR E 193 -99.99 23.24 -102.24
CA TYR E 193 -99.62 22.91 -100.84
C TYR E 193 -99.18 24.20 -100.14
N ALA E 194 -99.75 24.49 -98.97
CA ALA E 194 -99.44 25.77 -98.29
C ALA E 194 -99.32 25.58 -96.78
N CYS E 195 -98.53 26.41 -96.10
CA CYS E 195 -98.45 26.32 -94.62
C CYS E 195 -98.86 27.65 -93.98
N GLU E 196 -100.13 27.81 -93.64
CA GLU E 196 -100.60 29.05 -92.96
C GLU E 196 -99.92 29.12 -91.60
N VAL E 197 -99.42 30.31 -91.21
CA VAL E 197 -98.67 30.43 -89.93
C VAL E 197 -99.37 31.42 -89.01
N THR E 198 -99.67 31.02 -87.77
CA THR E 198 -100.25 31.98 -86.79
C THR E 198 -99.17 32.29 -85.75
N HIS E 199 -98.82 33.57 -85.60
CA HIS E 199 -97.71 33.96 -84.68
C HIS E 199 -97.91 35.41 -84.22
N GLN E 200 -97.22 35.81 -83.15
CA GLN E 200 -97.28 37.23 -82.70
C GLN E 200 -96.75 38.11 -83.82
N GLY E 201 -95.67 37.68 -84.49
CA GLY E 201 -95.11 38.43 -85.63
C GLY E 201 -96.07 38.46 -86.80
N LEU E 202 -96.15 39.59 -87.52
CA LEU E 202 -97.03 39.77 -88.72
C LEU E 202 -98.42 40.27 -88.29
N SER E 203 -99.08 41.05 -89.15
CA SER E 203 -100.44 41.56 -88.84
C SER E 203 -101.46 40.41 -88.81
N SER E 204 -101.38 39.48 -89.77
CA SER E 204 -102.37 38.39 -89.87
C SER E 204 -101.69 37.10 -90.37
N PRO E 205 -102.25 35.89 -90.12
CA PRO E 205 -101.67 34.66 -90.67
C PRO E 205 -101.71 34.71 -92.21
N VAL E 206 -100.63 34.26 -92.86
CA VAL E 206 -100.56 34.36 -94.35
C VAL E 206 -100.51 32.95 -94.95
N THR E 207 -101.45 32.63 -95.85
CA THR E 207 -101.42 31.31 -96.55
C THR E 207 -100.36 31.36 -97.65
N LYS E 208 -99.81 30.21 -98.04
CA LYS E 208 -98.76 30.17 -99.09
C LYS E 208 -99.34 29.66 -100.41
N SER E 209 -98.48 29.23 -101.35
CA SER E 209 -98.96 28.82 -102.69
C SER E 209 -97.88 28.00 -103.43
N PHE E 210 -98.29 26.88 -104.04
CA PHE E 210 -97.35 25.96 -104.74
C PHE E 210 -97.65 25.94 -106.24
N ASN E 211 -98.84 25.48 -106.63
CA ASN E 211 -99.23 25.40 -108.07
C ASN E 211 -98.18 24.55 -108.81
N ARG E 212 -97.30 25.20 -109.57
CA ARG E 212 -96.22 24.51 -110.32
C ARG E 212 -96.80 23.26 -111.02
#